data_2JNA
#
_entry.id   2JNA
#
_cell.length_a   1.000
_cell.length_b   1.000
_cell.length_c   1.000
_cell.angle_alpha   90.00
_cell.angle_beta   90.00
_cell.angle_gamma   90.00
#
_symmetry.space_group_name_H-M   'P 1'
#
_entity_poly.entity_id   1
_entity_poly.type   'polypeptide(L)'
_entity_poly.pdbx_seq_one_letter_code
;MKKRIIAAALLATVASFSTLAAEQVSKQEISHFKLVKVGTINVSQSGGQISSPSDLREKLSELADAKGGKYYHIIAAREH
GPNFEAVAEVYNDATKLEHHHHHH
;
_entity_poly.pdbx_strand_id   A,B
#
# COMPACT_ATOMS: atom_id res chain seq x y z
N MET A 1 45.88 -40.45 -6.30
CA MET A 1 47.16 -40.69 -5.58
C MET A 1 47.65 -39.42 -4.90
N LYS A 2 47.34 -38.27 -5.48
CA LYS A 2 47.76 -36.99 -4.91
C LYS A 2 46.76 -36.57 -3.84
N LYS A 3 47.13 -36.78 -2.59
CA LYS A 3 46.23 -36.51 -1.47
C LYS A 3 46.46 -35.11 -0.92
N ARG A 4 45.50 -34.22 -1.15
CA ARG A 4 45.57 -32.87 -0.63
C ARG A 4 44.31 -32.58 0.19
N ILE A 5 44.46 -32.50 1.50
CA ILE A 5 43.34 -32.20 2.37
C ILE A 5 42.94 -30.73 2.27
N ILE A 6 41.95 -30.46 1.42
CA ILE A 6 41.52 -29.10 1.14
C ILE A 6 40.01 -28.95 1.32
N ALA A 7 39.51 -27.75 1.01
CA ALA A 7 38.08 -27.46 1.02
C ALA A 7 37.49 -27.47 2.44
N ALA A 8 37.18 -26.28 2.94
CA ALA A 8 36.60 -26.12 4.26
C ALA A 8 35.60 -24.98 4.27
N ALA A 9 34.32 -25.33 4.37
CA ALA A 9 33.26 -24.33 4.29
C ALA A 9 32.49 -24.23 5.61
N LEU A 10 32.62 -23.10 6.28
CA LEU A 10 31.94 -22.88 7.56
C LEU A 10 30.70 -22.01 7.36
N LEU A 11 30.04 -22.18 6.22
CA LEU A 11 28.86 -21.40 5.90
C LEU A 11 27.72 -21.72 6.86
N ALA A 12 27.19 -20.69 7.50
CA ALA A 12 26.13 -20.87 8.49
C ALA A 12 25.17 -19.69 8.48
N THR A 13 23.88 -19.99 8.69
CA THR A 13 22.83 -18.99 8.83
C THR A 13 22.47 -18.33 7.48
N VAL A 14 21.24 -18.57 7.06
CA VAL A 14 20.68 -17.89 5.91
C VAL A 14 19.20 -17.62 6.17
N ALA A 15 18.93 -16.47 6.77
CA ALA A 15 17.59 -16.14 7.22
C ALA A 15 16.84 -15.34 6.16
N SER A 16 15.73 -15.89 5.71
CA SER A 16 14.91 -15.22 4.72
C SER A 16 13.68 -14.61 5.36
N PHE A 17 13.80 -13.38 5.83
CA PHE A 17 12.67 -12.68 6.43
C PHE A 17 12.18 -11.58 5.50
N SER A 18 12.88 -10.45 5.52
CA SER A 18 12.55 -9.29 4.68
C SER A 18 11.09 -8.85 4.88
N THR A 19 10.53 -9.21 6.02
CA THR A 19 9.14 -8.88 6.31
C THR A 19 9.04 -7.47 6.87
N LEU A 20 8.87 -6.50 5.98
CA LEU A 20 8.83 -5.11 6.36
C LEU A 20 7.39 -4.60 6.47
N ALA A 21 7.23 -3.29 6.47
CA ALA A 21 5.92 -2.67 6.52
C ALA A 21 5.86 -1.53 5.51
N ALA A 22 4.64 -1.14 5.14
CA ALA A 22 4.41 -0.08 4.15
C ALA A 22 4.81 -0.56 2.75
N GLU A 23 3.80 -0.80 1.92
CA GLU A 23 4.02 -1.32 0.57
C GLU A 23 2.95 -0.73 -0.35
N GLN A 24 2.39 -1.55 -1.26
CA GLN A 24 1.30 -1.12 -2.15
C GLN A 24 1.81 -0.18 -3.25
N VAL A 25 1.08 -0.10 -4.36
CA VAL A 25 1.47 0.78 -5.47
C VAL A 25 0.43 1.88 -5.67
N SER A 26 0.89 3.04 -6.10
CA SER A 26 0.04 4.20 -6.27
C SER A 26 -0.36 4.38 -7.74
N LYS A 27 -0.91 5.56 -8.05
CA LYS A 27 -1.46 5.85 -9.37
C LYS A 27 -0.38 5.89 -10.44
N GLN A 28 0.73 6.53 -10.12
CA GLN A 28 1.78 6.76 -11.09
C GLN A 28 2.40 5.45 -11.58
N GLU A 29 2.68 4.53 -10.67
CA GLU A 29 3.27 3.24 -11.05
C GLU A 29 2.32 2.46 -11.95
N ILE A 30 1.03 2.50 -11.62
CA ILE A 30 0.02 1.80 -12.39
C ILE A 30 0.00 2.29 -13.84
N SER A 31 -0.05 3.60 -14.00
CA SER A 31 -0.10 4.22 -15.32
C SER A 31 1.25 4.12 -16.03
N HIS A 32 2.32 4.02 -15.26
CA HIS A 32 3.67 4.04 -15.82
C HIS A 32 4.11 2.64 -16.28
N PHE A 33 4.10 1.70 -15.34
CA PHE A 33 4.59 0.35 -15.61
C PHE A 33 3.53 -0.50 -16.30
N LYS A 34 2.31 0.03 -16.35
CA LYS A 34 1.16 -0.69 -16.89
C LYS A 34 0.94 -1.99 -16.11
N LEU A 35 0.37 -1.84 -14.92
CA LEU A 35 0.15 -2.97 -14.04
C LEU A 35 -1.13 -3.72 -14.41
N VAL A 36 -1.20 -4.97 -13.97
CA VAL A 36 -2.33 -5.81 -14.32
C VAL A 36 -3.53 -5.54 -13.41
N LYS A 37 -4.57 -4.98 -14.00
CA LYS A 37 -5.82 -4.75 -13.30
C LYS A 37 -6.52 -6.07 -13.07
N VAL A 38 -6.61 -6.49 -11.81
CA VAL A 38 -7.20 -7.78 -11.49
C VAL A 38 -8.59 -7.61 -10.87
N GLY A 39 -9.09 -6.39 -10.88
CA GLY A 39 -10.44 -6.16 -10.42
C GLY A 39 -10.54 -4.98 -9.47
N THR A 40 -11.68 -4.84 -8.83
CA THR A 40 -11.91 -3.76 -7.89
C THR A 40 -12.62 -4.30 -6.64
N ILE A 41 -12.13 -3.94 -5.46
CA ILE A 41 -12.74 -4.39 -4.22
C ILE A 41 -13.39 -3.23 -3.49
N ASN A 42 -14.60 -3.46 -3.02
CA ASN A 42 -15.33 -2.46 -2.27
C ASN A 42 -15.52 -2.93 -0.84
N VAL A 43 -15.02 -2.17 0.11
CA VAL A 43 -15.19 -2.50 1.50
C VAL A 43 -16.43 -1.77 2.01
N SER A 44 -17.49 -2.52 2.23
CA SER A 44 -18.75 -1.95 2.65
C SER A 44 -19.03 -2.34 4.09
N GLN A 45 -18.96 -1.36 4.98
CA GLN A 45 -19.14 -1.61 6.40
C GLN A 45 -20.37 -0.89 6.92
N SER A 46 -20.98 -1.41 7.96
CA SER A 46 -22.10 -0.74 8.59
C SER A 46 -21.85 -0.56 10.07
N GLY A 47 -21.93 0.68 10.54
CA GLY A 47 -21.69 0.96 11.94
C GLY A 47 -20.21 1.07 12.26
N GLY A 48 -19.86 0.63 13.46
CA GLY A 48 -18.48 0.78 13.91
C GLY A 48 -17.72 -0.53 13.88
N GLN A 49 -17.72 -1.20 12.74
CA GLN A 49 -16.94 -2.42 12.56
C GLN A 49 -15.45 -2.07 12.49
N ILE A 50 -15.16 -1.00 11.76
CA ILE A 50 -13.79 -0.52 11.61
C ILE A 50 -13.53 0.60 12.59
N SER A 51 -12.49 0.46 13.39
CA SER A 51 -12.17 1.41 14.42
C SER A 51 -11.01 2.30 14.01
N SER A 52 -10.01 1.70 13.37
CA SER A 52 -8.82 2.42 12.97
C SER A 52 -8.48 2.15 11.51
N PRO A 53 -7.63 2.99 10.89
CA PRO A 53 -7.17 2.78 9.51
C PRO A 53 -6.48 1.43 9.36
N SER A 54 -5.91 0.95 10.46
CA SER A 54 -5.26 -0.34 10.51
C SER A 54 -6.25 -1.44 10.13
N ASP A 55 -7.45 -1.39 10.70
CA ASP A 55 -8.47 -2.40 10.46
C ASP A 55 -8.92 -2.38 9.01
N LEU A 56 -8.96 -1.18 8.44
CA LEU A 56 -9.28 -1.01 7.03
C LEU A 56 -8.23 -1.72 6.17
N ARG A 57 -6.97 -1.49 6.50
CA ARG A 57 -5.85 -2.13 5.84
C ARG A 57 -5.95 -3.66 5.93
N GLU A 58 -6.34 -4.16 7.09
CA GLU A 58 -6.53 -5.58 7.32
C GLU A 58 -7.52 -6.15 6.30
N LYS A 59 -8.66 -5.50 6.17
CA LYS A 59 -9.72 -5.97 5.28
C LYS A 59 -9.33 -5.80 3.82
N LEU A 60 -8.59 -4.75 3.52
CA LEU A 60 -8.10 -4.52 2.16
C LEU A 60 -7.16 -5.65 1.74
N SER A 61 -6.26 -6.03 2.64
CA SER A 61 -5.34 -7.12 2.38
C SER A 61 -6.10 -8.45 2.28
N GLU A 62 -7.10 -8.61 3.14
CA GLU A 62 -7.92 -9.81 3.16
C GLU A 62 -8.58 -10.06 1.81
N LEU A 63 -9.19 -9.01 1.26
CA LEU A 63 -9.92 -9.12 -0.01
C LEU A 63 -8.95 -9.29 -1.18
N ALA A 64 -7.85 -8.56 -1.17
CA ALA A 64 -6.90 -8.57 -2.28
C ALA A 64 -6.25 -9.94 -2.45
N ASP A 65 -5.96 -10.60 -1.33
CA ASP A 65 -5.36 -11.94 -1.37
C ASP A 65 -6.27 -12.92 -2.11
N ALA A 66 -7.57 -12.81 -1.83
CA ALA A 66 -8.56 -13.72 -2.41
C ALA A 66 -8.92 -13.30 -3.83
N LYS A 67 -8.44 -12.13 -4.25
CA LYS A 67 -8.69 -11.64 -5.60
C LYS A 67 -7.51 -11.94 -6.52
N GLY A 68 -6.36 -12.21 -5.94
CA GLY A 68 -5.18 -12.50 -6.73
C GLY A 68 -4.40 -11.25 -7.10
N GLY A 69 -4.40 -10.28 -6.19
CA GLY A 69 -3.66 -9.06 -6.42
C GLY A 69 -2.78 -8.74 -5.24
N LYS A 70 -1.56 -8.29 -5.51
CA LYS A 70 -0.59 -8.05 -4.45
C LYS A 70 -0.77 -6.67 -3.85
N TYR A 71 -1.24 -5.74 -4.64
CA TYR A 71 -1.37 -4.35 -4.20
C TYR A 71 -2.79 -3.86 -4.51
N TYR A 72 -3.34 -3.08 -3.61
CA TYR A 72 -4.60 -2.42 -3.87
C TYR A 72 -4.33 -0.95 -4.14
N HIS A 73 -5.31 -0.23 -4.63
CA HIS A 73 -5.17 1.21 -4.76
C HIS A 73 -6.47 1.89 -4.36
N ILE A 74 -6.45 2.50 -3.19
CA ILE A 74 -7.61 3.20 -2.66
C ILE A 74 -7.88 4.46 -3.47
N ILE A 75 -9.09 4.58 -4.00
CA ILE A 75 -9.45 5.75 -4.77
C ILE A 75 -10.48 6.59 -4.02
N ALA A 76 -11.14 5.99 -3.03
CA ALA A 76 -12.11 6.70 -2.21
C ALA A 76 -12.57 5.86 -1.03
N ALA A 77 -12.03 6.15 0.14
CA ALA A 77 -12.52 5.55 1.38
C ALA A 77 -13.28 6.60 2.18
N ARG A 78 -14.60 6.54 2.12
CA ARG A 78 -15.42 7.59 2.70
C ARG A 78 -16.61 7.00 3.46
N GLU A 79 -17.27 7.83 4.24
CA GLU A 79 -18.43 7.42 5.00
C GLU A 79 -19.68 7.65 4.17
N HIS A 80 -20.66 6.78 4.32
CA HIS A 80 -21.95 6.97 3.68
C HIS A 80 -23.06 6.81 4.71
N GLY A 81 -23.28 7.88 5.47
CA GLY A 81 -24.28 7.86 6.52
C GLY A 81 -23.89 6.93 7.65
N PRO A 82 -24.69 5.87 7.88
CA PRO A 82 -24.39 4.88 8.91
C PRO A 82 -23.42 3.81 8.41
N ASN A 83 -23.04 3.92 7.15
CA ASN A 83 -22.17 2.93 6.52
C ASN A 83 -20.81 3.54 6.19
N PHE A 84 -19.86 2.68 5.91
CA PHE A 84 -18.54 3.08 5.50
C PHE A 84 -18.20 2.40 4.18
N GLU A 85 -17.90 3.19 3.15
CA GLU A 85 -17.64 2.64 1.84
C GLU A 85 -16.21 2.95 1.40
N ALA A 86 -15.39 1.93 1.32
CA ALA A 86 -14.03 2.10 0.83
C ALA A 86 -13.85 1.44 -0.53
N VAL A 87 -13.56 2.25 -1.53
CA VAL A 87 -13.39 1.75 -2.88
C VAL A 87 -11.90 1.68 -3.23
N ALA A 88 -11.43 0.48 -3.51
CA ALA A 88 -10.04 0.27 -3.87
C ALA A 88 -9.93 -0.68 -5.05
N GLU A 89 -9.09 -0.35 -6.00
CA GLU A 89 -8.88 -1.21 -7.16
C GLU A 89 -7.73 -2.16 -6.87
N VAL A 90 -7.75 -3.35 -7.46
CA VAL A 90 -6.72 -4.34 -7.18
C VAL A 90 -5.79 -4.49 -8.38
N TYR A 91 -4.49 -4.47 -8.13
CA TYR A 91 -3.50 -4.57 -9.20
C TYR A 91 -2.42 -5.59 -8.85
N ASN A 92 -1.92 -6.26 -9.86
CA ASN A 92 -0.82 -7.21 -9.69
C ASN A 92 0.33 -6.82 -10.61
N ASP A 93 1.53 -7.31 -10.30
CA ASP A 93 2.73 -6.97 -11.08
C ASP A 93 2.55 -7.30 -12.54
N ALA A 94 3.13 -6.50 -13.41
CA ALA A 94 3.09 -6.74 -14.85
C ALA A 94 4.00 -7.91 -15.22
N THR A 95 3.59 -9.10 -14.83
CA THR A 95 4.38 -10.31 -15.05
C THR A 95 3.60 -11.55 -14.60
N LYS A 96 2.68 -11.35 -13.63
CA LYS A 96 1.78 -12.41 -13.14
C LYS A 96 2.51 -13.44 -12.27
N LEU A 97 3.81 -13.24 -12.09
CA LEU A 97 4.61 -14.14 -11.28
C LEU A 97 4.81 -13.55 -9.89
N GLU A 98 5.70 -14.17 -9.13
CA GLU A 98 5.97 -13.74 -7.77
C GLU A 98 7.47 -13.82 -7.49
N HIS A 99 7.84 -13.59 -6.24
CA HIS A 99 9.23 -13.64 -5.81
C HIS A 99 9.66 -15.08 -5.55
N HIS A 100 8.73 -16.00 -5.78
CA HIS A 100 8.98 -17.43 -5.62
C HIS A 100 8.88 -18.12 -6.97
N HIS A 101 9.53 -19.28 -7.12
CA HIS A 101 9.52 -19.99 -8.38
C HIS A 101 8.82 -21.35 -8.24
N HIS A 102 7.71 -21.50 -8.97
CA HIS A 102 6.98 -22.76 -9.06
C HIS A 102 6.19 -23.09 -7.79
N HIS A 103 4.91 -23.30 -7.97
CA HIS A 103 4.04 -23.87 -6.94
C HIS A 103 3.09 -24.84 -7.61
N HIS A 104 2.59 -24.41 -8.75
CA HIS A 104 1.75 -25.24 -9.60
C HIS A 104 2.62 -25.88 -10.68
N MET B 1 17.63 -19.66 -13.86
CA MET B 1 17.53 -19.98 -12.42
C MET B 1 16.38 -20.94 -12.17
N LYS B 2 16.67 -22.02 -11.43
CA LYS B 2 15.70 -23.05 -11.12
C LYS B 2 15.30 -23.80 -12.41
N LYS B 3 14.45 -24.82 -12.27
CA LYS B 3 13.96 -25.56 -13.42
C LYS B 3 12.45 -25.48 -13.47
N ARG B 4 11.88 -25.98 -14.58
CA ARG B 4 10.43 -25.91 -14.81
C ARG B 4 9.97 -24.45 -14.89
N ILE B 5 9.88 -23.92 -16.10
CA ILE B 5 9.53 -22.53 -16.30
C ILE B 5 8.08 -22.39 -16.78
N ILE B 6 7.65 -23.34 -17.62
CA ILE B 6 6.31 -23.32 -18.20
C ILE B 6 6.15 -22.17 -19.20
N ALA B 7 6.08 -22.52 -20.48
CA ALA B 7 5.94 -21.53 -21.53
C ALA B 7 4.50 -21.01 -21.61
N ALA B 8 4.26 -20.05 -22.49
CA ALA B 8 2.95 -19.44 -22.63
C ALA B 8 2.04 -20.27 -23.52
N ALA B 9 2.24 -21.59 -23.50
CA ALA B 9 1.42 -22.51 -24.26
C ALA B 9 0.11 -22.77 -23.53
N LEU B 10 0.14 -22.58 -22.21
CA LEU B 10 -1.05 -22.71 -21.39
C LEU B 10 -1.85 -21.41 -21.45
N LEU B 11 -3.03 -21.48 -22.04
CA LEU B 11 -3.85 -20.29 -22.24
C LEU B 11 -4.36 -19.74 -20.92
N ALA B 12 -4.54 -20.62 -19.94
CA ALA B 12 -5.04 -20.21 -18.64
C ALA B 12 -4.03 -20.51 -17.54
N THR B 13 -3.33 -19.47 -17.10
CA THR B 13 -2.41 -19.59 -15.99
C THR B 13 -2.96 -18.85 -14.77
N VAL B 14 -3.50 -19.58 -13.82
CA VAL B 14 -4.13 -18.96 -12.66
C VAL B 14 -3.36 -19.23 -11.38
N ALA B 15 -3.18 -18.19 -10.58
CA ALA B 15 -2.47 -18.30 -9.32
C ALA B 15 -3.17 -17.48 -8.24
N SER B 16 -3.61 -18.13 -7.18
CA SER B 16 -4.22 -17.46 -6.05
C SER B 16 -3.18 -17.20 -4.97
N PHE B 17 -3.63 -16.65 -3.83
CA PHE B 17 -2.75 -16.28 -2.71
C PHE B 17 -1.45 -15.62 -3.16
N SER B 18 -0.36 -16.38 -3.20
CA SER B 18 0.94 -15.88 -3.65
C SER B 18 1.46 -14.77 -2.73
N THR B 19 1.03 -14.80 -1.46
CA THR B 19 1.43 -13.84 -0.42
C THR B 19 1.53 -12.39 -0.94
N LEU B 20 0.41 -11.70 -0.89
CA LEU B 20 0.34 -10.32 -1.37
C LEU B 20 1.13 -9.38 -0.48
N ALA B 21 1.38 -8.17 -0.97
CA ALA B 21 2.06 -7.14 -0.22
C ALA B 21 1.32 -5.82 -0.41
N ALA B 22 0.13 -5.74 0.16
CA ALA B 22 -0.72 -4.58 -0.01
C ALA B 22 -0.90 -3.85 1.31
N GLU B 23 -0.45 -2.60 1.35
CA GLU B 23 -0.50 -1.82 2.60
C GLU B 23 -0.10 -0.36 2.38
N GLN B 24 -1.09 0.53 2.32
CA GLN B 24 -0.88 1.97 2.20
C GLN B 24 -2.21 2.71 2.31
N VAL B 25 -2.16 3.99 2.66
CA VAL B 25 -3.38 4.80 2.76
C VAL B 25 -3.34 5.95 1.74
N SER B 26 -4.51 6.32 1.23
CA SER B 26 -4.59 7.35 0.21
C SER B 26 -4.79 8.72 0.84
N LYS B 27 -5.15 9.70 0.01
CA LYS B 27 -5.30 11.08 0.46
C LYS B 27 -6.50 11.21 1.42
N GLN B 28 -7.49 10.35 1.24
CA GLN B 28 -8.73 10.44 2.01
C GLN B 28 -8.52 10.01 3.45
N GLU B 29 -7.92 8.83 3.63
CA GLU B 29 -7.70 8.27 4.96
C GLU B 29 -6.84 9.19 5.81
N ILE B 30 -5.83 9.81 5.19
CA ILE B 30 -4.95 10.73 5.88
C ILE B 30 -5.74 11.92 6.43
N SER B 31 -6.57 12.51 5.58
CA SER B 31 -7.33 13.69 5.97
C SER B 31 -8.48 13.31 6.92
N HIS B 32 -9.01 12.11 6.75
CA HIS B 32 -10.16 11.66 7.52
C HIS B 32 -9.76 11.21 8.91
N PHE B 33 -8.82 10.27 8.99
CA PHE B 33 -8.43 9.67 10.27
C PHE B 33 -7.42 10.54 11.01
N LYS B 34 -6.69 11.36 10.25
CA LYS B 34 -5.63 12.21 10.81
C LYS B 34 -4.51 11.34 11.36
N LEU B 35 -3.66 10.88 10.46
CA LEU B 35 -2.58 9.96 10.81
C LEU B 35 -1.37 10.72 11.35
N VAL B 36 -0.33 9.97 11.67
CA VAL B 36 0.91 10.55 12.17
C VAL B 36 1.94 10.64 11.05
N LYS B 37 2.23 11.86 10.60
CA LYS B 37 3.16 12.07 9.51
C LYS B 37 4.59 12.04 10.05
N VAL B 38 5.36 11.04 9.64
CA VAL B 38 6.66 10.79 10.23
C VAL B 38 7.83 11.23 9.33
N GLY B 39 7.52 11.91 8.24
CA GLY B 39 8.58 12.45 7.40
C GLY B 39 8.41 12.14 5.93
N THR B 40 9.53 12.09 5.22
CA THR B 40 9.52 11.89 3.78
C THR B 40 10.62 10.91 3.36
N ILE B 41 10.32 10.05 2.39
CA ILE B 41 11.32 9.21 1.78
C ILE B 41 11.26 9.37 0.26
N ASN B 42 12.39 9.23 -0.41
CA ASN B 42 12.42 9.41 -1.84
C ASN B 42 13.41 8.45 -2.50
N VAL B 43 13.00 7.94 -3.65
CA VAL B 43 13.82 7.07 -4.46
C VAL B 43 14.58 7.90 -5.48
N SER B 44 15.87 7.69 -5.54
CA SER B 44 16.72 8.40 -6.49
C SER B 44 17.92 7.53 -6.80
N GLN B 45 17.70 6.50 -7.60
CA GLN B 45 18.77 5.55 -7.94
C GLN B 45 19.06 5.59 -9.43
N SER B 46 20.16 4.96 -9.81
CA SER B 46 20.58 4.96 -11.20
C SER B 46 19.88 3.88 -12.01
N GLY B 47 18.88 4.32 -12.78
CA GLY B 47 18.25 3.50 -13.81
C GLY B 47 17.98 2.06 -13.45
N GLY B 48 18.93 1.20 -13.77
CA GLY B 48 18.72 -0.25 -13.72
C GLY B 48 18.62 -0.83 -12.33
N GLN B 49 18.50 0.02 -11.31
CA GLN B 49 18.30 -0.47 -9.95
C GLN B 49 16.87 -0.99 -9.79
N ILE B 50 15.99 -0.54 -10.67
CA ILE B 50 14.61 -0.98 -10.65
C ILE B 50 14.32 -1.76 -11.94
N SER B 51 14.26 -3.08 -11.84
CA SER B 51 14.05 -3.92 -13.01
C SER B 51 12.56 -4.15 -13.28
N SER B 52 11.73 -3.88 -12.27
CA SER B 52 10.29 -4.10 -12.39
C SER B 52 9.57 -3.35 -11.27
N PRO B 53 8.24 -3.19 -11.37
CA PRO B 53 7.43 -2.54 -10.33
C PRO B 53 7.66 -3.17 -8.96
N SER B 54 7.93 -4.47 -8.95
CA SER B 54 8.24 -5.18 -7.71
C SER B 54 9.45 -4.56 -7.02
N ASP B 55 10.51 -4.33 -7.82
CA ASP B 55 11.76 -3.74 -7.32
C ASP B 55 11.49 -2.41 -6.63
N LEU B 56 10.65 -1.60 -7.26
CA LEU B 56 10.36 -0.26 -6.76
C LEU B 56 9.84 -0.29 -5.34
N ARG B 57 8.75 -1.03 -5.12
CA ARG B 57 8.13 -1.07 -3.80
C ARG B 57 9.04 -1.73 -2.77
N GLU B 58 9.86 -2.69 -3.21
CA GLU B 58 10.80 -3.35 -2.31
C GLU B 58 11.82 -2.35 -1.77
N LYS B 59 12.08 -1.29 -2.52
CA LYS B 59 13.00 -0.25 -2.09
C LYS B 59 12.27 0.81 -1.28
N LEU B 60 10.97 0.90 -1.50
CA LEU B 60 10.14 1.86 -0.77
C LEU B 60 9.93 1.40 0.68
N SER B 61 9.56 0.15 0.85
CA SER B 61 9.40 -0.43 2.18
C SER B 61 10.75 -0.50 2.89
N GLU B 62 11.81 -0.67 2.11
CA GLU B 62 13.17 -0.67 2.63
C GLU B 62 13.46 0.64 3.38
N LEU B 63 13.05 1.74 2.76
CA LEU B 63 13.24 3.05 3.35
C LEU B 63 12.25 3.29 4.48
N ALA B 64 11.05 2.75 4.32
CA ALA B 64 9.99 2.90 5.32
C ALA B 64 10.37 2.23 6.64
N ASP B 65 11.02 1.07 6.53
CA ASP B 65 11.49 0.34 7.72
C ASP B 65 12.53 1.17 8.48
N ALA B 66 13.44 1.77 7.74
CA ALA B 66 14.48 2.60 8.34
C ALA B 66 13.88 3.81 9.03
N LYS B 67 12.79 4.33 8.45
CA LYS B 67 12.08 5.45 9.03
C LYS B 67 11.29 5.02 10.26
N GLY B 68 10.58 3.90 10.13
CA GLY B 68 9.73 3.45 11.21
C GLY B 68 8.29 3.83 10.98
N GLY B 69 7.90 3.87 9.71
CA GLY B 69 6.54 4.25 9.36
C GLY B 69 5.71 3.04 8.96
N LYS B 70 4.42 3.24 8.78
CA LYS B 70 3.53 2.15 8.45
C LYS B 70 2.99 2.27 7.03
N TYR B 71 2.96 3.48 6.52
CA TYR B 71 2.48 3.74 5.15
C TYR B 71 3.29 4.86 4.54
N TYR B 72 3.29 4.95 3.23
CA TYR B 72 3.92 6.07 2.54
C TYR B 72 3.03 6.55 1.41
N HIS B 73 2.77 7.84 1.38
CA HIS B 73 1.90 8.43 0.38
C HIS B 73 2.74 9.02 -0.75
N ILE B 74 2.80 8.30 -1.86
CA ILE B 74 3.58 8.76 -3.02
C ILE B 74 2.96 9.99 -3.63
N ILE B 75 3.79 11.01 -3.85
CA ILE B 75 3.32 12.28 -4.38
C ILE B 75 3.94 12.59 -5.74
N ALA B 76 5.13 12.05 -6.00
CA ALA B 76 5.84 12.33 -7.24
C ALA B 76 6.60 11.10 -7.71
N ALA B 77 6.58 10.88 -9.02
CA ALA B 77 7.31 9.78 -9.62
C ALA B 77 7.63 10.10 -11.08
N ARG B 78 8.92 10.18 -11.40
CA ARG B 78 9.35 10.52 -12.75
C ARG B 78 10.75 9.97 -13.03
N GLU B 79 11.06 9.79 -14.30
CA GLU B 79 12.43 9.53 -14.71
C GLU B 79 13.09 10.88 -14.97
N HIS B 80 14.12 11.18 -14.20
CA HIS B 80 14.77 12.49 -14.30
C HIS B 80 15.94 12.42 -15.27
N GLY B 81 15.97 11.35 -16.04
CA GLY B 81 17.06 11.08 -16.95
C GLY B 81 17.57 9.68 -16.77
N PRO B 82 18.84 9.51 -16.42
CA PRO B 82 19.40 8.21 -16.07
C PRO B 82 19.01 7.78 -14.65
N ASN B 83 18.49 8.72 -13.88
CA ASN B 83 18.08 8.45 -12.51
C ASN B 83 16.56 8.42 -12.40
N PHE B 84 16.04 7.52 -11.58
CA PHE B 84 14.61 7.41 -11.36
C PHE B 84 14.24 8.01 -10.01
N GLU B 85 13.24 8.88 -10.00
CA GLU B 85 12.86 9.60 -8.79
C GLU B 85 11.43 9.27 -8.38
N ALA B 86 11.26 8.75 -7.17
CA ALA B 86 9.94 8.50 -6.61
C ALA B 86 9.86 9.05 -5.19
N VAL B 87 9.00 10.03 -4.97
CA VAL B 87 8.91 10.70 -3.68
C VAL B 87 7.64 10.33 -2.94
N ALA B 88 7.78 9.89 -1.71
CA ALA B 88 6.64 9.50 -0.89
C ALA B 88 6.80 9.97 0.55
N GLU B 89 5.76 10.56 1.10
CA GLU B 89 5.80 11.01 2.48
C GLU B 89 5.26 9.93 3.40
N VAL B 90 5.94 9.68 4.50
CA VAL B 90 5.68 8.51 5.32
C VAL B 90 4.69 8.84 6.43
N TYR B 91 3.77 7.92 6.67
CA TYR B 91 2.75 8.08 7.70
C TYR B 91 2.69 6.84 8.59
N ASN B 92 2.33 7.05 9.84
CA ASN B 92 2.06 5.95 10.76
C ASN B 92 0.58 5.99 11.13
N ASP B 93 0.04 4.87 11.61
CA ASP B 93 -1.41 4.77 11.90
C ASP B 93 -1.88 5.84 12.90
N ALA B 94 -1.91 5.46 14.17
CA ALA B 94 -2.27 6.38 15.24
C ALA B 94 -1.24 6.28 16.35
N THR B 95 -0.23 5.48 16.07
CA THR B 95 0.85 5.23 16.99
C THR B 95 2.02 4.65 16.18
N LYS B 96 3.10 4.27 16.84
CA LYS B 96 4.27 3.80 16.11
C LYS B 96 4.18 2.31 15.82
N LEU B 97 3.77 1.99 14.59
CA LEU B 97 3.79 0.62 14.06
C LEU B 97 2.71 -0.27 14.68
N GLU B 98 1.69 -0.57 13.89
CA GLU B 98 0.67 -1.54 14.28
C GLU B 98 1.15 -2.93 13.90
N HIS B 99 0.61 -3.95 14.55
CA HIS B 99 1.06 -5.34 14.41
C HIS B 99 2.41 -5.52 15.08
N HIS B 100 2.35 -5.83 16.38
CA HIS B 100 3.52 -5.88 17.25
C HIS B 100 4.35 -7.15 17.09
N HIS B 101 4.46 -7.65 15.86
CA HIS B 101 5.37 -8.76 15.57
C HIS B 101 5.91 -8.64 14.17
N HIS B 102 6.88 -7.74 14.00
CA HIS B 102 7.56 -7.53 12.72
C HIS B 102 8.96 -6.98 12.96
N HIS B 103 9.46 -7.16 14.17
CA HIS B 103 10.79 -6.66 14.52
C HIS B 103 11.87 -7.61 14.01
N HIS B 104 12.92 -7.04 13.47
CA HIS B 104 14.01 -7.83 12.90
C HIS B 104 15.36 -7.20 13.25
N MET A 1 -6.82 -19.02 30.89
CA MET A 1 -7.04 -20.29 30.17
C MET A 1 -8.33 -20.20 29.35
N LYS A 2 -9.47 -20.25 30.02
CA LYS A 2 -10.75 -20.09 29.33
C LYS A 2 -11.41 -18.81 29.78
N LYS A 3 -11.29 -18.50 31.07
CA LYS A 3 -11.85 -17.27 31.61
C LYS A 3 -10.98 -16.08 31.18
N ARG A 4 -11.36 -15.46 30.08
CA ARG A 4 -10.63 -14.31 29.55
C ARG A 4 -10.76 -13.11 30.46
N ILE A 5 -9.64 -12.63 30.97
CA ILE A 5 -9.61 -11.42 31.77
C ILE A 5 -9.55 -10.20 30.87
N ILE A 6 -9.80 -9.02 31.43
CA ILE A 6 -9.82 -7.80 30.65
C ILE A 6 -8.59 -6.94 30.94
N ALA A 7 -7.61 -7.01 30.05
CA ALA A 7 -6.39 -6.23 30.17
C ALA A 7 -5.98 -5.69 28.81
N ALA A 8 -5.62 -4.42 28.76
CA ALA A 8 -5.27 -3.76 27.51
C ALA A 8 -3.84 -4.08 27.10
N ALA A 9 -2.98 -4.19 28.11
CA ALA A 9 -1.55 -4.45 27.91
C ALA A 9 -0.91 -3.34 27.07
N LEU A 10 -0.79 -2.16 27.66
CA LEU A 10 -0.19 -1.03 26.99
C LEU A 10 1.32 -1.08 27.12
N LEU A 11 1.97 -1.61 26.10
CA LEU A 11 3.43 -1.77 26.11
C LEU A 11 4.13 -0.44 25.84
N ALA A 12 3.63 0.28 24.85
CA ALA A 12 4.23 1.55 24.42
C ALA A 12 5.71 1.38 24.07
N THR A 13 5.97 0.73 22.95
CA THR A 13 7.33 0.42 22.55
C THR A 13 7.63 0.95 21.15
N VAL A 14 8.85 1.46 20.98
CA VAL A 14 9.29 1.99 19.69
C VAL A 14 9.28 0.91 18.61
N ALA A 15 8.87 1.28 17.40
CA ALA A 15 8.87 0.36 16.27
C ALA A 15 10.30 0.06 15.85
N SER A 16 10.74 -1.15 16.11
CA SER A 16 12.11 -1.55 15.82
C SER A 16 12.26 -2.00 14.37
N PHE A 17 11.26 -2.68 13.85
CA PHE A 17 11.29 -3.18 12.49
C PHE A 17 9.88 -3.37 11.95
N SER A 18 9.74 -3.32 10.64
CA SER A 18 8.47 -3.55 10.00
C SER A 18 8.58 -4.65 8.95
N THR A 19 7.98 -5.79 9.24
CA THR A 19 7.98 -6.92 8.33
C THR A 19 6.99 -6.71 7.19
N LEU A 20 5.83 -6.18 7.53
CA LEU A 20 4.80 -5.85 6.56
C LEU A 20 4.28 -4.44 6.82
N ALA A 21 4.64 -3.51 5.95
CA ALA A 21 4.23 -2.13 6.11
C ALA A 21 4.52 -1.32 4.85
N ALA A 22 3.53 -0.55 4.43
CA ALA A 22 3.67 0.39 3.34
C ALA A 22 3.97 -0.30 2.01
N GLU A 23 2.90 -0.71 1.32
CA GLU A 23 3.04 -1.40 0.04
C GLU A 23 1.86 -1.11 -0.89
N GLN A 24 2.10 -0.29 -1.89
CA GLN A 24 1.07 0.06 -2.86
C GLN A 24 1.71 0.65 -4.12
N VAL A 25 1.00 0.56 -5.24
CA VAL A 25 1.49 1.10 -6.50
C VAL A 25 0.82 2.43 -6.81
N SER A 26 1.63 3.44 -7.10
CA SER A 26 1.14 4.77 -7.43
C SER A 26 0.35 4.75 -8.73
N LYS A 27 -0.61 5.67 -8.86
CA LYS A 27 -1.39 5.79 -10.09
C LYS A 27 -0.46 6.06 -11.26
N GLN A 28 0.54 6.91 -11.01
CA GLN A 28 1.55 7.22 -12.02
C GLN A 28 2.31 5.97 -12.43
N GLU A 29 2.59 5.10 -11.47
CA GLU A 29 3.35 3.89 -11.73
C GLU A 29 2.50 2.83 -12.40
N ILE A 30 1.19 2.88 -12.17
CA ILE A 30 0.26 2.01 -12.86
C ILE A 30 0.34 2.28 -14.36
N SER A 31 0.35 3.56 -14.71
CA SER A 31 0.51 3.97 -16.09
C SER A 31 1.97 3.78 -16.55
N HIS A 32 2.90 3.92 -15.62
CA HIS A 32 4.33 3.82 -15.91
C HIS A 32 4.71 2.39 -16.33
N PHE A 33 4.37 1.42 -15.51
CA PHE A 33 4.74 0.03 -15.80
C PHE A 33 3.61 -0.68 -16.55
N LYS A 34 2.46 -0.02 -16.65
CA LYS A 34 1.29 -0.59 -17.31
C LYS A 34 0.86 -1.88 -16.63
N LEU A 35 0.33 -1.75 -15.42
CA LEU A 35 -0.04 -2.89 -14.61
C LEU A 35 -1.35 -3.51 -15.11
N VAL A 36 -1.60 -4.73 -14.67
CA VAL A 36 -2.77 -5.49 -15.10
C VAL A 36 -3.93 -5.30 -14.14
N LYS A 37 -5.07 -4.89 -14.67
CA LYS A 37 -6.30 -4.77 -13.91
C LYS A 37 -6.81 -6.16 -13.53
N VAL A 38 -6.85 -6.43 -12.23
CA VAL A 38 -7.21 -7.76 -11.76
C VAL A 38 -8.41 -7.75 -10.82
N GLY A 39 -9.26 -6.74 -10.95
CA GLY A 39 -10.49 -6.72 -10.19
C GLY A 39 -10.66 -5.46 -9.36
N THR A 40 -11.71 -5.43 -8.57
CA THR A 40 -12.03 -4.28 -7.74
C THR A 40 -12.41 -4.75 -6.33
N ILE A 41 -11.80 -4.16 -5.32
CA ILE A 41 -12.15 -4.45 -3.95
C ILE A 41 -12.97 -3.31 -3.38
N ASN A 42 -14.00 -3.64 -2.63
CA ASN A 42 -14.93 -2.63 -2.15
C ASN A 42 -15.24 -2.83 -0.68
N VAL A 43 -14.97 -1.81 0.12
CA VAL A 43 -15.29 -1.82 1.53
C VAL A 43 -16.65 -1.18 1.73
N SER A 44 -17.56 -1.94 2.31
CA SER A 44 -18.91 -1.47 2.52
C SER A 44 -19.40 -1.96 3.87
N GLN A 45 -18.47 -2.09 4.80
CA GLN A 45 -18.77 -2.65 6.11
C GLN A 45 -19.15 -1.55 7.08
N SER A 46 -19.83 -1.95 8.16
CA SER A 46 -20.19 -1.03 9.22
C SER A 46 -18.93 -0.49 9.89
N GLY A 47 -19.07 0.67 10.55
CA GLY A 47 -17.95 1.31 11.20
C GLY A 47 -17.27 0.43 12.23
N GLY A 48 -17.97 -0.59 12.70
CA GLY A 48 -17.41 -1.50 13.68
C GLY A 48 -16.30 -2.36 13.10
N GLN A 49 -16.29 -2.51 11.77
CA GLN A 49 -15.29 -3.35 11.10
C GLN A 49 -14.18 -2.50 10.50
N ILE A 50 -14.33 -1.18 10.63
CA ILE A 50 -13.28 -0.24 10.28
C ILE A 50 -13.10 0.72 11.45
N SER A 51 -12.46 0.23 12.49
CA SER A 51 -12.42 0.93 13.76
C SER A 51 -11.14 1.75 13.92
N SER A 52 -10.16 1.49 13.07
CA SER A 52 -8.87 2.17 13.18
C SER A 52 -8.16 2.19 11.83
N PRO A 53 -7.18 3.11 11.65
CA PRO A 53 -6.37 3.16 10.44
C PRO A 53 -5.59 1.87 10.23
N SER A 54 -5.14 1.28 11.33
CA SER A 54 -4.50 -0.02 11.31
C SER A 54 -5.47 -1.08 10.82
N ASP A 55 -6.68 -0.98 11.35
CA ASP A 55 -7.76 -1.93 11.05
C ASP A 55 -8.17 -1.84 9.58
N LEU A 56 -7.97 -0.68 8.98
CA LEU A 56 -8.34 -0.45 7.58
C LEU A 56 -7.56 -1.37 6.64
N ARG A 57 -6.23 -1.37 6.76
CA ARG A 57 -5.40 -2.18 5.86
C ARG A 57 -5.66 -3.67 6.08
N GLU A 58 -6.05 -4.03 7.29
CA GLU A 58 -6.32 -5.42 7.63
C GLU A 58 -7.45 -5.97 6.78
N LYS A 59 -8.43 -5.11 6.49
CA LYS A 59 -9.55 -5.49 5.64
C LYS A 59 -9.17 -5.35 4.17
N LEU A 60 -8.41 -4.30 3.85
CA LEU A 60 -8.01 -4.04 2.47
C LEU A 60 -7.16 -5.18 1.91
N SER A 61 -6.16 -5.60 2.69
CA SER A 61 -5.29 -6.70 2.27
C SER A 61 -6.08 -8.00 2.18
N GLU A 62 -7.04 -8.17 3.08
CA GLU A 62 -7.88 -9.35 3.12
C GLU A 62 -8.73 -9.43 1.86
N LEU A 63 -9.24 -8.28 1.42
CA LEU A 63 -10.03 -8.21 0.20
C LEU A 63 -9.16 -8.45 -1.03
N ALA A 64 -7.99 -7.82 -1.06
CA ALA A 64 -7.07 -7.99 -2.17
C ALA A 64 -6.62 -9.43 -2.28
N ASP A 65 -6.43 -10.08 -1.13
CA ASP A 65 -6.06 -11.48 -1.08
C ASP A 65 -7.18 -12.36 -1.62
N ALA A 66 -8.42 -11.99 -1.32
CA ALA A 66 -9.58 -12.76 -1.76
C ALA A 66 -9.72 -12.69 -3.27
N LYS A 67 -9.38 -11.54 -3.85
CA LYS A 67 -9.48 -11.36 -5.29
C LYS A 67 -8.28 -11.98 -6.01
N GLY A 68 -7.08 -11.74 -5.47
CA GLY A 68 -5.88 -12.29 -6.07
C GLY A 68 -4.92 -11.21 -6.55
N GLY A 69 -4.76 -10.17 -5.74
CA GLY A 69 -3.90 -9.07 -6.14
C GLY A 69 -2.81 -8.78 -5.12
N LYS A 70 -1.70 -8.25 -5.62
CA LYS A 70 -0.60 -7.85 -4.75
C LYS A 70 -0.87 -6.48 -4.15
N TYR A 71 -1.36 -5.57 -4.98
CA TYR A 71 -1.56 -4.19 -4.58
C TYR A 71 -2.89 -3.67 -5.11
N TYR A 72 -3.22 -2.45 -4.74
CA TYR A 72 -4.48 -1.84 -5.11
C TYR A 72 -4.28 -0.34 -5.21
N HIS A 73 -5.25 0.37 -5.77
CA HIS A 73 -5.20 1.82 -5.75
C HIS A 73 -6.56 2.37 -5.37
N ILE A 74 -6.58 3.22 -4.34
CA ILE A 74 -7.82 3.80 -3.85
C ILE A 74 -8.35 4.84 -4.83
N ILE A 75 -9.57 4.64 -5.29
CA ILE A 75 -10.16 5.57 -6.25
C ILE A 75 -11.19 6.48 -5.58
N ALA A 76 -11.86 5.95 -4.55
CA ALA A 76 -12.92 6.70 -3.88
C ALA A 76 -13.22 6.11 -2.51
N ALA A 77 -13.00 6.88 -1.45
CA ALA A 77 -13.28 6.43 -0.10
C ALA A 77 -14.06 7.48 0.65
N ARG A 78 -15.23 7.11 1.16
CA ARG A 78 -16.09 8.03 1.88
C ARG A 78 -17.03 7.27 2.82
N GLU A 79 -17.28 7.85 3.98
CA GLU A 79 -18.18 7.26 4.96
C GLU A 79 -19.63 7.41 4.48
N HIS A 80 -20.46 6.43 4.79
CA HIS A 80 -21.86 6.45 4.39
C HIS A 80 -22.75 5.93 5.51
N GLY A 81 -23.36 6.85 6.24
CA GLY A 81 -24.19 6.47 7.36
C GLY A 81 -23.41 5.76 8.44
N PRO A 82 -23.82 4.54 8.81
CA PRO A 82 -23.12 3.74 9.79
C PRO A 82 -22.03 2.86 9.18
N ASN A 83 -21.78 3.05 7.89
CA ASN A 83 -20.82 2.22 7.18
C ASN A 83 -19.68 3.05 6.62
N PHE A 84 -18.57 2.39 6.34
CA PHE A 84 -17.43 3.05 5.71
C PHE A 84 -17.22 2.48 4.31
N GLU A 85 -17.47 3.29 3.31
CA GLU A 85 -17.39 2.86 1.92
C GLU A 85 -16.03 3.21 1.32
N ALA A 86 -15.23 2.20 1.04
CA ALA A 86 -13.94 2.44 0.42
C ALA A 86 -13.80 1.61 -0.86
N VAL A 87 -13.70 2.30 -1.99
CA VAL A 87 -13.60 1.63 -3.27
C VAL A 87 -12.17 1.72 -3.81
N ALA A 88 -11.59 0.57 -4.11
CA ALA A 88 -10.24 0.52 -4.65
C ALA A 88 -10.14 -0.56 -5.72
N GLU A 89 -9.28 -0.34 -6.70
CA GLU A 89 -9.14 -1.31 -7.77
C GLU A 89 -7.81 -2.04 -7.65
N VAL A 90 -7.82 -3.32 -7.99
CA VAL A 90 -6.66 -4.18 -7.77
C VAL A 90 -5.79 -4.25 -9.02
N TYR A 91 -4.47 -4.17 -8.83
CA TYR A 91 -3.54 -4.21 -9.93
C TYR A 91 -2.40 -5.17 -9.65
N ASN A 92 -2.03 -5.95 -10.65
CA ASN A 92 -0.91 -6.88 -10.55
C ASN A 92 0.12 -6.59 -11.63
N ASP A 93 1.26 -7.27 -11.54
CA ASP A 93 2.32 -7.15 -12.53
C ASP A 93 1.82 -7.58 -13.90
N ALA A 94 2.54 -7.17 -14.93
CA ALA A 94 2.21 -7.56 -16.29
C ALA A 94 2.79 -8.93 -16.63
N THR A 95 3.19 -9.66 -15.59
CA THR A 95 3.80 -10.96 -15.77
C THR A 95 3.16 -11.97 -14.81
N LYS A 96 2.91 -13.18 -15.31
CA LYS A 96 2.31 -14.24 -14.53
C LYS A 96 3.21 -15.46 -14.55
N LEU A 97 3.59 -15.97 -13.39
CA LEU A 97 4.63 -16.97 -13.32
C LEU A 97 4.32 -18.07 -12.32
N GLU A 98 3.13 -18.02 -11.76
CA GLU A 98 2.70 -19.05 -10.83
C GLU A 98 2.00 -20.19 -11.56
N HIS A 99 2.80 -21.05 -12.17
CA HIS A 99 2.28 -22.18 -12.93
C HIS A 99 1.59 -23.18 -12.00
N HIS A 100 0.33 -23.47 -12.29
CA HIS A 100 -0.43 -24.40 -11.47
C HIS A 100 -1.38 -25.23 -12.32
N HIS A 101 -2.14 -26.10 -11.66
CA HIS A 101 -3.04 -27.02 -12.34
C HIS A 101 -4.03 -26.29 -13.25
N HIS A 102 -4.17 -26.80 -14.46
CA HIS A 102 -5.15 -26.28 -15.40
C HIS A 102 -6.55 -26.72 -14.98
N HIS A 103 -7.11 -26.00 -14.03
CA HIS A 103 -8.41 -26.32 -13.46
C HIS A 103 -9.54 -25.81 -14.36
N HIS A 104 -10.61 -26.58 -14.44
CA HIS A 104 -11.80 -26.14 -15.16
C HIS A 104 -12.88 -25.71 -14.17
N MET B 1 -25.21 -24.22 -8.42
CA MET B 1 -24.38 -25.25 -7.75
C MET B 1 -23.26 -25.70 -8.66
N LYS B 2 -22.04 -25.27 -8.36
CA LYS B 2 -20.91 -25.51 -9.23
C LYS B 2 -19.73 -26.07 -8.42
N LYS B 3 -20.03 -26.66 -7.27
CA LYS B 3 -19.00 -27.26 -6.42
C LYS B 3 -18.48 -28.54 -7.05
N ARG B 4 -17.29 -28.45 -7.63
CA ARG B 4 -16.65 -29.57 -8.30
C ARG B 4 -15.14 -29.47 -8.13
N ILE B 5 -14.59 -30.30 -7.26
CA ILE B 5 -13.17 -30.21 -6.94
C ILE B 5 -12.46 -31.52 -7.29
N ILE B 6 -11.33 -31.38 -7.97
CA ILE B 6 -10.49 -32.52 -8.30
C ILE B 6 -9.09 -32.32 -7.70
N ALA B 7 -8.62 -33.32 -6.99
CA ALA B 7 -7.33 -33.25 -6.31
C ALA B 7 -6.22 -33.87 -7.14
N ALA B 8 -6.56 -34.21 -8.38
CA ALA B 8 -5.59 -34.80 -9.29
C ALA B 8 -4.45 -33.82 -9.59
N ALA B 9 -3.22 -34.31 -9.52
CA ALA B 9 -2.06 -33.46 -9.73
C ALA B 9 -1.70 -33.39 -11.21
N LEU B 10 -0.58 -32.72 -11.50
CA LEU B 10 -0.08 -32.60 -12.87
C LEU B 10 -1.03 -31.74 -13.69
N LEU B 11 -0.82 -31.70 -15.01
CA LEU B 11 -1.63 -30.91 -15.93
C LEU B 11 -1.56 -29.42 -15.58
N ALA B 12 -0.35 -28.96 -15.30
CA ALA B 12 -0.11 -27.54 -15.09
C ALA B 12 0.10 -26.87 -16.44
N THR B 13 -0.37 -25.65 -16.59
CA THR B 13 -0.27 -24.98 -17.89
C THR B 13 -0.13 -23.47 -17.73
N VAL B 14 -1.19 -22.82 -17.27
CA VAL B 14 -1.20 -21.36 -17.20
C VAL B 14 -1.14 -20.86 -15.76
N ALA B 15 -0.99 -19.56 -15.63
CA ALA B 15 -0.98 -18.91 -14.33
C ALA B 15 -2.33 -18.25 -14.08
N SER B 16 -2.44 -17.43 -13.03
CA SER B 16 -3.71 -16.81 -12.70
C SER B 16 -3.53 -15.52 -11.90
N PHE B 17 -3.33 -15.66 -10.59
CA PHE B 17 -3.24 -14.51 -9.70
C PHE B 17 -2.22 -14.74 -8.59
N SER B 18 -1.80 -13.66 -7.94
CA SER B 18 -0.88 -13.74 -6.83
C SER B 18 -1.13 -12.59 -5.86
N THR B 19 -1.27 -12.91 -4.58
CA THR B 19 -1.50 -11.91 -3.57
C THR B 19 -0.21 -11.59 -2.80
N LEU B 20 -0.15 -10.41 -2.19
CA LEU B 20 1.05 -10.02 -1.47
C LEU B 20 0.70 -9.23 -0.21
N ALA B 21 0.30 -7.96 -0.39
CA ALA B 21 0.00 -7.11 0.75
C ALA B 21 -1.15 -6.16 0.44
N ALA B 22 -0.84 -5.09 -0.29
CA ALA B 22 -1.83 -4.08 -0.68
C ALA B 22 -2.25 -3.23 0.52
N GLU B 23 -1.56 -2.11 0.70
CA GLU B 23 -1.86 -1.18 1.79
C GLU B 23 -1.27 0.20 1.54
N GLN B 24 -2.12 1.22 1.59
CA GLN B 24 -1.70 2.61 1.44
C GLN B 24 -2.74 3.54 2.04
N VAL B 25 -2.39 4.81 2.20
CA VAL B 25 -3.32 5.82 2.66
C VAL B 25 -3.20 7.09 1.81
N SER B 26 -4.30 7.51 1.22
CA SER B 26 -4.31 8.71 0.41
C SER B 26 -5.00 9.85 1.15
N LYS B 27 -5.23 10.95 0.44
CA LYS B 27 -5.79 12.18 1.02
C LYS B 27 -7.12 11.94 1.72
N GLN B 28 -7.91 11.01 1.21
CA GLN B 28 -9.23 10.76 1.75
C GLN B 28 -9.13 10.09 3.12
N GLU B 29 -8.33 9.04 3.17
CA GLU B 29 -8.17 8.24 4.38
C GLU B 29 -7.38 8.99 5.45
N ILE B 30 -6.25 9.57 5.05
CA ILE B 30 -5.33 10.21 6.00
C ILE B 30 -6.02 11.26 6.86
N SER B 31 -6.75 12.17 6.21
CA SER B 31 -7.40 13.27 6.92
C SER B 31 -8.59 12.80 7.75
N HIS B 32 -9.15 11.64 7.42
CA HIS B 32 -10.32 11.15 8.13
C HIS B 32 -9.91 10.31 9.34
N PHE B 33 -8.83 9.55 9.20
CA PHE B 33 -8.35 8.68 10.28
C PHE B 33 -7.36 9.43 11.18
N LYS B 34 -6.86 10.57 10.71
CA LYS B 34 -5.89 11.38 11.45
C LYS B 34 -4.62 10.59 11.74
N LEU B 35 -3.78 10.47 10.72
CA LEU B 35 -2.53 9.71 10.85
C LEU B 35 -1.40 10.60 11.35
N VAL B 36 -0.33 9.96 11.81
CA VAL B 36 0.84 10.68 12.29
C VAL B 36 1.89 10.75 11.18
N LYS B 37 2.23 11.97 10.76
CA LYS B 37 3.16 12.14 9.67
C LYS B 37 4.59 12.25 10.20
N VAL B 38 5.40 11.26 9.92
CA VAL B 38 6.76 11.22 10.44
C VAL B 38 7.77 11.91 9.52
N GLY B 39 7.45 11.97 8.23
CA GLY B 39 8.33 12.63 7.30
C GLY B 39 8.08 12.25 5.85
N THR B 40 9.09 12.41 5.02
CA THR B 40 9.00 12.09 3.61
C THR B 40 10.28 11.42 3.12
N ILE B 41 10.15 10.31 2.42
CA ILE B 41 11.29 9.59 1.89
C ILE B 41 11.42 9.84 0.39
N ASN B 42 12.65 9.94 -0.08
CA ASN B 42 12.89 10.22 -1.48
C ASN B 42 13.62 9.05 -2.14
N VAL B 43 13.06 8.60 -3.25
CA VAL B 43 13.66 7.53 -4.03
C VAL B 43 14.48 8.12 -5.17
N SER B 44 15.75 7.75 -5.23
CA SER B 44 16.64 8.26 -6.27
C SER B 44 17.76 7.26 -6.54
N GLN B 45 17.51 6.33 -7.46
CA GLN B 45 18.50 5.34 -7.84
C GLN B 45 18.42 5.07 -9.33
N SER B 46 19.50 4.57 -9.92
CA SER B 46 19.51 4.23 -11.33
C SER B 46 18.50 3.13 -11.62
N GLY B 47 18.01 3.10 -12.86
CA GLY B 47 17.01 2.11 -13.26
C GLY B 47 17.50 0.68 -13.11
N GLY B 48 18.82 0.52 -13.01
CA GLY B 48 19.39 -0.79 -12.79
C GLY B 48 19.00 -1.37 -11.45
N GLN B 49 18.65 -0.51 -10.50
CA GLN B 49 18.25 -0.95 -9.18
C GLN B 49 16.75 -1.22 -9.13
N ILE B 50 15.98 -0.28 -9.64
CA ILE B 50 14.52 -0.41 -9.67
C ILE B 50 14.05 -0.68 -11.10
N SER B 51 13.77 -1.94 -11.40
CA SER B 51 13.42 -2.34 -12.76
C SER B 51 11.95 -2.78 -12.83
N SER B 52 11.32 -2.95 -11.68
CA SER B 52 9.93 -3.39 -11.62
C SER B 52 9.25 -2.82 -10.38
N PRO B 53 7.91 -2.84 -10.33
CA PRO B 53 7.14 -2.40 -9.15
C PRO B 53 7.50 -3.21 -7.92
N SER B 54 7.84 -4.48 -8.14
CA SER B 54 8.23 -5.37 -7.06
C SER B 54 9.53 -4.89 -6.43
N ASP B 55 10.47 -4.43 -7.26
CA ASP B 55 11.73 -3.89 -6.78
C ASP B 55 11.48 -2.62 -5.97
N LEU B 56 10.53 -1.82 -6.44
CA LEU B 56 10.18 -0.57 -5.81
C LEU B 56 9.71 -0.79 -4.38
N ARG B 57 8.86 -1.79 -4.17
CA ARG B 57 8.30 -2.05 -2.85
C ARG B 57 9.38 -2.50 -1.88
N GLU B 58 10.36 -3.26 -2.39
CA GLU B 58 11.47 -3.73 -1.56
C GLU B 58 12.21 -2.53 -0.98
N LYS B 59 12.47 -1.55 -1.83
CA LYS B 59 13.19 -0.36 -1.46
C LYS B 59 12.33 0.55 -0.58
N LEU B 60 11.05 0.66 -0.93
CA LEU B 60 10.13 1.51 -0.18
C LEU B 60 9.94 0.99 1.24
N SER B 61 9.67 -0.30 1.38
CA SER B 61 9.50 -0.90 2.70
C SER B 61 10.81 -0.83 3.49
N GLU B 62 11.93 -0.85 2.78
CA GLU B 62 13.24 -0.67 3.40
C GLU B 62 13.35 0.73 4.00
N LEU B 63 13.05 1.73 3.18
CA LEU B 63 13.12 3.12 3.60
C LEU B 63 12.09 3.41 4.71
N ALA B 64 10.93 2.79 4.59
CA ALA B 64 9.87 2.96 5.59
C ALA B 64 10.26 2.31 6.91
N ASP B 65 10.90 1.15 6.82
CA ASP B 65 11.39 0.45 8.00
C ASP B 65 12.44 1.28 8.73
N ALA B 66 13.24 2.00 7.96
CA ALA B 66 14.31 2.81 8.51
C ALA B 66 13.79 4.10 9.15
N LYS B 67 12.52 4.41 8.92
CA LYS B 67 11.94 5.63 9.46
C LYS B 67 10.84 5.31 10.47
N GLY B 68 10.21 4.17 10.31
CA GLY B 68 9.21 3.74 11.25
C GLY B 68 7.81 4.18 10.86
N GLY B 69 7.32 3.66 9.76
CA GLY B 69 5.96 3.94 9.33
C GLY B 69 5.27 2.70 8.82
N LYS B 70 3.94 2.69 8.85
CA LYS B 70 3.17 1.54 8.42
C LYS B 70 2.54 1.77 7.05
N TYR B 71 2.55 3.01 6.60
CA TYR B 71 1.99 3.36 5.30
C TYR B 71 2.80 4.49 4.70
N TYR B 72 2.69 4.66 3.39
CA TYR B 72 3.27 5.81 2.73
C TYR B 72 2.25 6.43 1.78
N HIS B 73 2.52 7.66 1.38
CA HIS B 73 1.69 8.34 0.41
C HIS B 73 2.57 8.89 -0.70
N ILE B 74 2.60 8.20 -1.83
CA ILE B 74 3.43 8.60 -2.94
C ILE B 74 2.74 9.69 -3.76
N ILE B 75 3.38 10.85 -3.81
CA ILE B 75 2.83 11.99 -4.51
C ILE B 75 3.52 12.21 -5.85
N ALA B 76 4.83 12.00 -5.90
CA ALA B 76 5.60 12.27 -7.10
C ALA B 76 6.29 11.02 -7.60
N ALA B 77 6.37 10.90 -8.93
CA ALA B 77 7.03 9.78 -9.57
C ALA B 77 7.42 10.17 -10.99
N ARG B 78 8.71 10.22 -11.25
CA ARG B 78 9.20 10.67 -12.54
C ARG B 78 10.54 10.03 -12.88
N GLU B 79 10.79 9.87 -14.17
CA GLU B 79 12.06 9.34 -14.63
C GLU B 79 13.02 10.49 -14.95
N HIS B 80 14.04 10.65 -14.13
CA HIS B 80 15.02 11.71 -14.32
C HIS B 80 15.85 11.41 -15.57
N GLY B 81 15.89 10.14 -15.92
CA GLY B 81 16.63 9.68 -17.06
C GLY B 81 17.11 8.26 -16.85
N PRO B 82 18.42 8.06 -16.67
CA PRO B 82 18.97 6.76 -16.28
C PRO B 82 18.60 6.43 -14.83
N ASN B 83 18.17 7.43 -14.09
CA ASN B 83 17.77 7.27 -12.70
C ASN B 83 16.27 7.48 -12.54
N PHE B 84 15.70 6.83 -11.54
CA PHE B 84 14.26 6.94 -11.26
C PHE B 84 14.04 7.76 -9.99
N GLU B 85 13.10 8.69 -10.06
CA GLU B 85 12.82 9.61 -8.97
C GLU B 85 11.39 9.43 -8.45
N ALA B 86 11.27 9.13 -7.16
CA ALA B 86 9.94 8.98 -6.56
C ALA B 86 9.91 9.67 -5.19
N VAL B 87 8.76 10.24 -4.85
CA VAL B 87 8.60 10.95 -3.60
C VAL B 87 7.41 10.41 -2.82
N ALA B 88 7.67 9.87 -1.64
CA ALA B 88 6.63 9.28 -0.82
C ALA B 88 6.66 9.82 0.60
N GLU B 89 5.50 10.14 1.14
CA GLU B 89 5.38 10.64 2.50
C GLU B 89 5.17 9.46 3.45
N VAL B 90 5.85 9.47 4.58
CA VAL B 90 5.77 8.34 5.51
C VAL B 90 4.79 8.65 6.62
N TYR B 91 3.84 7.74 6.83
CA TYR B 91 2.84 7.92 7.86
C TYR B 91 2.88 6.79 8.87
N ASN B 92 2.82 7.17 10.15
CA ASN B 92 2.78 6.19 11.21
C ASN B 92 1.34 5.96 11.61
N ASP B 93 1.08 4.84 12.25
CA ASP B 93 -0.29 4.44 12.57
C ASP B 93 -0.75 5.14 13.84
N ALA B 94 -2.05 5.36 13.95
CA ALA B 94 -2.61 6.03 15.12
C ALA B 94 -2.74 5.04 16.27
N THR B 95 -1.59 4.71 16.86
CA THR B 95 -1.54 3.78 17.98
C THR B 95 -0.11 3.69 18.51
N LYS B 96 0.87 3.66 17.59
CA LYS B 96 2.29 3.59 17.95
C LYS B 96 2.60 2.32 18.73
N LEU B 97 1.73 1.32 18.60
CA LEU B 97 1.91 0.07 19.31
C LEU B 97 2.17 -1.07 18.33
N GLU B 98 3.39 -1.60 18.38
CA GLU B 98 3.75 -2.75 17.57
C GLU B 98 3.16 -4.01 18.20
N HIS B 99 3.00 -5.06 17.39
CA HIS B 99 2.38 -6.29 17.86
C HIS B 99 3.18 -6.96 18.98
N HIS B 100 4.42 -7.36 18.67
CA HIS B 100 5.24 -8.05 19.65
C HIS B 100 6.69 -8.17 19.17
N HIS B 101 7.63 -7.77 20.02
CA HIS B 101 9.05 -7.90 19.73
C HIS B 101 9.87 -7.57 20.97
N HIS B 102 10.96 -8.29 21.17
CA HIS B 102 11.88 -7.97 22.25
C HIS B 102 13.02 -7.13 21.71
N HIS B 103 13.19 -5.95 22.27
CA HIS B 103 14.23 -5.02 21.81
C HIS B 103 15.14 -4.65 22.98
N HIS B 104 16.04 -5.56 23.32
CA HIS B 104 16.99 -5.35 24.42
C HIS B 104 17.87 -6.58 24.56
N MET A 1 0.84 -49.75 23.48
CA MET A 1 1.22 -49.30 22.12
C MET A 1 2.12 -48.08 22.23
N LYS A 2 2.55 -47.52 21.10
CA LYS A 2 3.41 -46.34 21.14
C LYS A 2 2.58 -45.07 21.29
N LYS A 3 2.08 -44.55 20.16
CA LYS A 3 1.45 -43.22 20.12
C LYS A 3 2.37 -42.24 20.86
N ARG A 4 3.62 -42.23 20.42
CA ARG A 4 4.72 -41.63 21.16
C ARG A 4 4.75 -40.10 21.07
N ILE A 5 3.75 -39.52 20.42
CA ILE A 5 3.70 -38.07 20.28
C ILE A 5 2.92 -37.47 21.45
N ILE A 6 3.64 -37.10 22.50
CA ILE A 6 3.03 -36.49 23.67
C ILE A 6 3.74 -35.17 24.00
N ALA A 7 2.95 -34.12 24.12
CA ALA A 7 3.48 -32.80 24.41
C ALA A 7 2.38 -31.87 24.93
N ALA A 8 1.49 -31.45 24.02
CA ALA A 8 0.34 -30.58 24.35
C ALA A 8 0.77 -29.16 24.71
N ALA A 9 1.91 -29.03 25.38
CA ALA A 9 2.42 -27.72 25.78
C ALA A 9 2.99 -26.96 24.60
N LEU A 10 2.17 -26.09 24.01
CA LEU A 10 2.63 -25.22 22.94
C LEU A 10 2.81 -23.82 23.48
N LEU A 11 4.04 -23.49 23.83
CA LEU A 11 4.35 -22.20 24.44
C LEU A 11 4.71 -21.20 23.35
N ALA A 12 3.97 -20.09 23.29
CA ALA A 12 4.21 -19.08 22.28
C ALA A 12 5.34 -18.14 22.70
N THR A 13 6.55 -18.50 22.32
CA THR A 13 7.69 -17.64 22.51
C THR A 13 8.12 -17.08 21.16
N VAL A 14 7.71 -15.85 20.86
CA VAL A 14 7.99 -15.25 19.57
C VAL A 14 8.37 -13.79 19.73
N ALA A 15 9.34 -13.35 18.95
CA ALA A 15 9.79 -11.97 18.97
C ALA A 15 8.91 -11.10 18.07
N SER A 16 8.68 -9.87 18.48
CA SER A 16 7.90 -8.94 17.70
C SER A 16 8.72 -8.40 16.53
N PHE A 17 8.64 -9.10 15.40
CA PHE A 17 9.43 -8.75 14.23
C PHE A 17 8.78 -7.60 13.46
N SER A 18 9.64 -6.77 12.86
CA SER A 18 9.19 -5.60 12.10
C SER A 18 8.32 -6.01 10.91
N THR A 19 7.65 -5.04 10.29
CA THR A 19 6.73 -5.34 9.21
C THR A 19 7.38 -5.11 7.86
N LEU A 20 7.08 -6.00 6.91
CA LEU A 20 7.62 -5.90 5.55
C LEU A 20 6.48 -5.91 4.54
N ALA A 21 5.32 -5.42 4.97
CA ALA A 21 4.14 -5.38 4.11
C ALA A 21 3.97 -4.01 3.48
N ALA A 22 5.06 -3.26 3.40
CA ALA A 22 5.02 -1.93 2.81
C ALA A 22 5.11 -2.01 1.30
N GLU A 23 3.95 -1.96 0.63
CA GLU A 23 3.91 -2.00 -0.82
C GLU A 23 2.58 -1.47 -1.36
N GLN A 24 2.70 -0.49 -2.25
CA GLN A 24 1.56 0.24 -2.78
C GLN A 24 1.77 0.54 -4.26
N VAL A 25 0.72 0.49 -5.04
CA VAL A 25 0.81 0.82 -6.45
C VAL A 25 0.25 2.21 -6.73
N SER A 26 1.06 3.02 -7.39
CA SER A 26 0.69 4.38 -7.76
C SER A 26 0.10 4.40 -9.17
N LYS A 27 -0.67 5.43 -9.50
CA LYS A 27 -1.25 5.55 -10.83
C LYS A 27 -0.15 5.83 -11.85
N GLN A 28 0.92 6.43 -11.36
CA GLN A 28 2.10 6.68 -12.18
C GLN A 28 2.65 5.35 -12.69
N GLU A 29 2.81 4.42 -11.76
CA GLU A 29 3.38 3.10 -12.04
C GLU A 29 2.43 2.23 -12.86
N ILE A 30 1.12 2.48 -12.76
CA ILE A 30 0.13 1.73 -13.53
C ILE A 30 0.49 1.76 -15.02
N SER A 31 0.64 2.95 -15.57
CA SER A 31 1.04 3.11 -16.96
C SER A 31 2.52 2.79 -17.14
N HIS A 32 3.30 3.06 -16.09
CA HIS A 32 4.75 2.95 -16.13
C HIS A 32 5.20 1.51 -16.36
N PHE A 33 4.69 0.58 -15.58
CA PHE A 33 5.12 -0.82 -15.67
C PHE A 33 4.00 -1.71 -16.21
N LYS A 34 2.90 -1.08 -16.59
CA LYS A 34 1.71 -1.79 -17.08
C LYS A 34 1.22 -2.81 -16.05
N LEU A 35 0.52 -2.33 -15.05
CA LEU A 35 0.03 -3.18 -13.99
C LEU A 35 -1.17 -3.99 -14.46
N VAL A 36 -1.35 -5.15 -13.85
CA VAL A 36 -2.44 -6.05 -14.21
C VAL A 36 -3.67 -5.77 -13.35
N LYS A 37 -4.63 -5.06 -13.93
CA LYS A 37 -5.87 -4.75 -13.25
C LYS A 37 -6.76 -5.98 -13.21
N VAL A 38 -6.99 -6.50 -12.02
CA VAL A 38 -7.81 -7.70 -11.85
C VAL A 38 -9.24 -7.35 -11.44
N GLY A 39 -9.45 -6.09 -11.11
CA GLY A 39 -10.78 -5.64 -10.73
C GLY A 39 -10.74 -4.62 -9.61
N THR A 40 -11.91 -4.16 -9.20
CA THR A 40 -12.03 -3.16 -8.15
C THR A 40 -13.05 -3.62 -7.11
N ILE A 41 -12.64 -3.63 -5.85
CA ILE A 41 -13.52 -4.02 -4.77
C ILE A 41 -13.94 -2.80 -3.96
N ASN A 42 -15.01 -2.92 -3.21
CA ASN A 42 -15.49 -1.81 -2.40
C ASN A 42 -16.01 -2.28 -1.04
N VAL A 43 -15.71 -1.48 -0.04
CA VAL A 43 -16.14 -1.74 1.32
C VAL A 43 -17.44 -1.01 1.61
N SER A 44 -18.38 -1.69 2.24
CA SER A 44 -19.65 -1.09 2.60
C SER A 44 -20.20 -1.73 3.86
N GLN A 45 -19.79 -1.22 5.01
CA GLN A 45 -20.26 -1.71 6.29
C GLN A 45 -20.98 -0.60 7.04
N SER A 46 -21.97 -0.97 7.83
CA SER A 46 -22.77 0.01 8.55
C SER A 46 -22.32 0.11 10.00
N GLY A 47 -21.98 1.31 10.42
CA GLY A 47 -21.65 1.54 11.81
C GLY A 47 -20.16 1.46 12.08
N GLY A 48 -19.82 1.19 13.33
CA GLY A 48 -18.43 1.27 13.77
C GLY A 48 -17.66 -0.02 13.57
N GLN A 49 -17.73 -0.57 12.36
CA GLN A 49 -16.89 -1.71 12.02
C GLN A 49 -15.47 -1.23 11.79
N ILE A 50 -15.35 -0.07 11.17
CA ILE A 50 -14.06 0.56 10.96
C ILE A 50 -13.90 1.72 11.92
N SER A 51 -13.25 1.46 13.04
CA SER A 51 -13.05 2.48 14.05
C SER A 51 -11.58 2.90 14.10
N SER A 52 -10.69 1.93 13.89
CA SER A 52 -9.27 2.19 13.95
C SER A 52 -8.66 2.16 12.55
N PRO A 53 -7.66 3.02 12.29
CA PRO A 53 -6.99 3.09 10.98
C PRO A 53 -6.40 1.75 10.58
N SER A 54 -5.82 1.05 11.56
CA SER A 54 -5.23 -0.26 11.35
C SER A 54 -6.29 -1.26 10.88
N ASP A 55 -7.48 -1.19 11.48
CA ASP A 55 -8.52 -2.17 11.21
C ASP A 55 -9.03 -2.05 9.79
N LEU A 56 -9.08 -0.82 9.28
CA LEU A 56 -9.54 -0.57 7.92
C LEU A 56 -8.70 -1.33 6.90
N ARG A 57 -7.39 -1.14 6.91
CA ARG A 57 -6.53 -1.79 5.94
C ARG A 57 -6.42 -3.29 6.21
N GLU A 58 -6.65 -3.69 7.45
CA GLU A 58 -6.77 -5.13 7.79
C GLU A 58 -7.89 -5.78 6.98
N LYS A 59 -8.96 -5.01 6.74
CA LYS A 59 -10.06 -5.49 5.91
C LYS A 59 -9.70 -5.39 4.44
N LEU A 60 -8.97 -4.33 4.08
CA LEU A 60 -8.58 -4.08 2.70
C LEU A 60 -7.70 -5.21 2.17
N SER A 61 -6.67 -5.57 2.94
CA SER A 61 -5.78 -6.65 2.55
C SER A 61 -6.49 -7.99 2.58
N GLU A 62 -7.29 -8.21 3.61
CA GLU A 62 -8.04 -9.45 3.77
C GLU A 62 -8.89 -9.73 2.52
N LEU A 63 -9.53 -8.70 2.00
CA LEU A 63 -10.34 -8.83 0.80
C LEU A 63 -9.48 -8.92 -0.47
N ALA A 64 -8.55 -7.97 -0.61
CA ALA A 64 -7.77 -7.84 -1.85
C ALA A 64 -6.79 -8.99 -2.03
N ASP A 65 -6.08 -9.35 -0.97
CA ASP A 65 -5.05 -10.40 -1.04
C ASP A 65 -5.70 -11.74 -1.35
N ALA A 66 -6.83 -11.99 -0.70
CA ALA A 66 -7.56 -13.25 -0.87
C ALA A 66 -8.27 -13.29 -2.22
N LYS A 67 -8.36 -12.14 -2.88
CA LYS A 67 -8.94 -12.06 -4.22
C LYS A 67 -7.91 -12.56 -5.23
N GLY A 68 -6.65 -12.51 -4.85
CA GLY A 68 -5.58 -12.92 -5.73
C GLY A 68 -4.85 -11.73 -6.32
N GLY A 69 -4.28 -10.90 -5.45
CA GLY A 69 -3.56 -9.73 -5.92
C GLY A 69 -2.24 -9.57 -5.19
N LYS A 70 -1.46 -8.56 -5.58
CA LYS A 70 -0.20 -8.28 -4.91
C LYS A 70 -0.22 -6.91 -4.26
N TYR A 71 -0.97 -5.98 -4.84
CA TYR A 71 -1.08 -4.62 -4.31
C TYR A 71 -2.51 -4.13 -4.48
N TYR A 72 -2.87 -3.07 -3.77
CA TYR A 72 -4.17 -2.45 -3.99
C TYR A 72 -4.05 -0.92 -4.00
N HIS A 73 -4.96 -0.28 -4.73
CA HIS A 73 -4.92 1.16 -4.95
C HIS A 73 -6.28 1.77 -4.67
N ILE A 74 -6.39 2.51 -3.59
CA ILE A 74 -7.65 3.16 -3.22
C ILE A 74 -7.87 4.42 -4.04
N ILE A 75 -9.03 4.52 -4.68
CA ILE A 75 -9.35 5.67 -5.50
C ILE A 75 -10.28 6.64 -4.76
N ALA A 76 -11.11 6.11 -3.86
CA ALA A 76 -12.06 6.93 -3.13
C ALA A 76 -12.52 6.24 -1.85
N ALA A 77 -12.68 7.02 -0.80
CA ALA A 77 -13.19 6.52 0.47
C ALA A 77 -14.09 7.57 1.10
N ARG A 78 -15.31 7.19 1.45
CA ARG A 78 -16.27 8.15 1.96
C ARG A 78 -17.15 7.55 3.06
N GLU A 79 -17.54 8.40 3.99
CA GLU A 79 -18.56 8.05 4.97
C GLU A 79 -19.89 8.54 4.45
N HIS A 80 -20.71 7.61 3.98
CA HIS A 80 -21.95 7.96 3.28
C HIS A 80 -23.09 8.13 4.28
N GLY A 81 -22.74 8.17 5.54
CA GLY A 81 -23.74 8.31 6.59
C GLY A 81 -23.68 7.14 7.54
N PRO A 82 -24.73 6.31 7.57
CA PRO A 82 -24.76 5.10 8.39
C PRO A 82 -23.88 3.99 7.81
N ASN A 83 -23.42 4.19 6.58
CA ASN A 83 -22.56 3.21 5.92
C ASN A 83 -21.23 3.85 5.51
N PHE A 84 -20.16 3.09 5.67
CA PHE A 84 -18.84 3.54 5.24
C PHE A 84 -18.48 2.84 3.95
N GLU A 85 -18.04 3.61 2.97
CA GLU A 85 -17.74 3.06 1.64
C GLU A 85 -16.31 3.38 1.22
N ALA A 86 -15.49 2.35 1.08
CA ALA A 86 -14.11 2.52 0.62
C ALA A 86 -13.88 1.72 -0.65
N VAL A 87 -13.48 2.39 -1.72
CA VAL A 87 -13.30 1.74 -3.01
C VAL A 87 -11.82 1.57 -3.33
N ALA A 88 -11.39 0.33 -3.52
CA ALA A 88 -9.99 0.03 -3.76
C ALA A 88 -9.83 -0.91 -4.96
N GLU A 89 -8.85 -0.62 -5.79
CA GLU A 89 -8.55 -1.45 -6.95
C GLU A 89 -7.51 -2.49 -6.57
N VAL A 90 -7.61 -3.67 -7.15
CA VAL A 90 -6.61 -4.71 -6.92
C VAL A 90 -5.71 -4.83 -8.14
N TYR A 91 -4.41 -4.81 -7.93
CA TYR A 91 -3.46 -4.85 -9.02
C TYR A 91 -2.46 -5.99 -8.86
N ASN A 92 -2.24 -6.69 -9.95
CA ASN A 92 -1.16 -7.66 -10.05
C ASN A 92 -0.10 -7.13 -10.99
N ASP A 93 0.96 -7.90 -11.18
CA ASP A 93 1.99 -7.54 -12.14
C ASP A 93 2.20 -8.66 -13.15
N ALA A 94 3.04 -8.41 -14.14
CA ALA A 94 3.23 -9.35 -15.26
C ALA A 94 4.05 -10.58 -14.87
N THR A 95 4.11 -10.89 -13.58
CA THR A 95 4.84 -12.07 -13.13
C THR A 95 3.90 -12.99 -12.36
N LYS A 96 2.65 -12.60 -12.31
CA LYS A 96 1.61 -13.41 -11.68
C LYS A 96 1.14 -14.52 -12.63
N LEU A 97 0.07 -15.18 -12.26
CA LEU A 97 -0.42 -16.33 -13.01
C LEU A 97 -1.54 -15.92 -13.97
N GLU A 98 -1.58 -14.64 -14.27
CA GLU A 98 -2.67 -14.05 -15.08
C GLU A 98 -2.42 -14.27 -16.57
N HIS A 99 -1.83 -15.42 -16.91
CA HIS A 99 -1.39 -15.74 -18.30
C HIS A 99 -0.74 -14.52 -18.97
N HIS A 100 0.55 -14.38 -18.72
CA HIS A 100 1.30 -13.19 -19.13
C HIS A 100 1.64 -13.21 -20.63
N HIS A 101 1.69 -12.03 -21.21
CA HIS A 101 2.21 -11.85 -22.55
C HIS A 101 3.73 -11.98 -22.52
N HIS A 102 4.31 -12.55 -23.56
CA HIS A 102 5.76 -12.72 -23.64
C HIS A 102 6.44 -11.35 -23.57
N HIS A 103 7.28 -11.17 -22.56
CA HIS A 103 7.89 -9.88 -22.29
C HIS A 103 9.35 -10.03 -21.89
N HIS A 104 10.17 -9.08 -22.31
CA HIS A 104 11.56 -9.02 -21.84
C HIS A 104 11.65 -8.00 -20.71
N MET B 1 -5.55 11.82 -10.64
CA MET B 1 -5.86 10.41 -10.96
C MET B 1 -7.19 10.31 -11.68
N LYS B 2 -7.60 9.09 -12.02
CA LYS B 2 -8.84 8.87 -12.73
C LYS B 2 -9.94 8.39 -11.79
N LYS B 3 -10.93 9.24 -11.58
CA LYS B 3 -12.07 8.90 -10.74
C LYS B 3 -13.33 8.77 -11.59
N ARG B 4 -14.41 8.31 -10.97
CA ARG B 4 -15.73 8.24 -11.61
C ARG B 4 -15.76 7.28 -12.79
N ILE B 5 -14.78 6.39 -12.85
CA ILE B 5 -14.72 5.39 -13.92
C ILE B 5 -15.82 4.35 -13.72
N ILE B 6 -15.88 3.79 -12.52
CA ILE B 6 -16.86 2.75 -12.21
C ILE B 6 -18.05 3.33 -11.47
N ALA B 7 -19.19 2.66 -11.62
CA ALA B 7 -20.39 3.03 -10.91
C ALA B 7 -21.19 1.78 -10.56
N ALA B 8 -21.37 0.92 -11.56
CA ALA B 8 -22.07 -0.34 -11.36
C ALA B 8 -21.09 -1.41 -10.90
N ALA B 9 -20.84 -1.44 -9.60
CA ALA B 9 -19.91 -2.39 -9.02
C ALA B 9 -20.11 -2.49 -7.52
N LEU B 10 -20.21 -3.72 -7.03
CA LEU B 10 -20.31 -3.99 -5.61
C LEU B 10 -19.77 -5.39 -5.35
N LEU B 11 -18.51 -5.46 -4.94
CA LEU B 11 -17.84 -6.75 -4.85
C LEU B 11 -17.36 -7.04 -3.43
N ALA B 12 -18.14 -7.85 -2.72
CA ALA B 12 -17.73 -8.35 -1.42
C ALA B 12 -17.23 -9.78 -1.57
N THR B 13 -15.92 -9.93 -1.73
CA THR B 13 -15.34 -11.23 -1.98
C THR B 13 -15.22 -12.05 -0.70
N VAL B 14 -15.07 -13.36 -0.86
CA VAL B 14 -14.91 -14.25 0.26
C VAL B 14 -13.54 -14.04 0.90
N ALA B 15 -13.52 -13.30 1.99
CA ALA B 15 -12.27 -12.97 2.68
C ALA B 15 -11.69 -14.19 3.36
N SER B 16 -10.41 -14.45 3.12
CA SER B 16 -9.71 -15.53 3.78
C SER B 16 -9.21 -15.05 5.15
N PHE B 17 -8.90 -15.99 6.03
CA PHE B 17 -8.52 -15.64 7.39
C PHE B 17 -7.14 -15.01 7.45
N SER B 18 -7.13 -13.69 7.30
CA SER B 18 -5.93 -12.88 7.45
C SER B 18 -4.84 -13.26 6.44
N THR B 19 -4.86 -12.62 5.28
CA THR B 19 -3.83 -12.82 4.28
C THR B 19 -3.08 -11.50 4.09
N LEU B 20 -1.78 -11.51 4.36
CA LEU B 20 -1.01 -10.27 4.44
C LEU B 20 0.07 -10.20 3.38
N ALA B 21 -0.11 -9.31 2.41
CA ALA B 21 0.91 -8.98 1.44
C ALA B 21 0.69 -7.57 0.92
N ALA B 22 -0.49 -7.35 0.35
CA ALA B 22 -0.87 -6.03 -0.14
C ALA B 22 -1.34 -5.13 1.00
N GLU B 23 -0.64 -4.02 1.21
CA GLU B 23 -0.99 -3.08 2.27
C GLU B 23 -0.65 -1.64 1.88
N GLN B 24 -1.65 -0.77 1.95
CA GLN B 24 -1.51 0.60 1.49
C GLN B 24 -2.37 1.54 2.34
N VAL B 25 -1.82 2.70 2.68
CA VAL B 25 -2.55 3.71 3.40
C VAL B 25 -3.16 4.72 2.42
N SER B 26 -4.40 5.08 2.66
CA SER B 26 -5.15 5.94 1.76
C SER B 26 -4.84 7.42 2.04
N LYS B 27 -4.89 8.22 0.99
CA LYS B 27 -4.66 9.66 1.11
C LYS B 27 -5.83 10.29 1.85
N GLN B 28 -7.02 9.77 1.59
CA GLN B 28 -8.22 10.24 2.27
C GLN B 28 -8.13 9.91 3.75
N GLU B 29 -7.53 8.75 4.03
CA GLU B 29 -7.39 8.26 5.41
C GLU B 29 -6.42 9.12 6.21
N ILE B 30 -5.50 9.77 5.51
CA ILE B 30 -4.58 10.71 6.15
C ILE B 30 -5.38 11.79 6.89
N SER B 31 -6.29 12.43 6.18
CA SER B 31 -7.16 13.44 6.77
C SER B 31 -8.24 12.79 7.66
N HIS B 32 -8.64 11.58 7.28
CA HIS B 32 -9.74 10.89 7.95
C HIS B 32 -9.35 10.41 9.35
N PHE B 33 -8.19 9.77 9.45
CA PHE B 33 -7.77 9.18 10.72
C PHE B 33 -6.58 9.93 11.32
N LYS B 34 -6.20 11.05 10.70
CA LYS B 34 -5.08 11.86 11.18
C LYS B 34 -3.80 11.02 11.28
N LEU B 35 -3.49 10.32 10.19
CA LEU B 35 -2.34 9.42 10.15
C LEU B 35 -1.04 10.12 10.51
N VAL B 36 -0.21 9.43 11.27
CA VAL B 36 1.06 9.99 11.70
C VAL B 36 2.11 9.89 10.59
N LYS B 37 2.55 11.05 10.16
CA LYS B 37 3.56 11.16 9.12
C LYS B 37 4.96 10.95 9.72
N VAL B 38 5.55 9.79 9.48
CA VAL B 38 6.84 9.46 10.09
C VAL B 38 8.01 9.98 9.27
N GLY B 39 7.75 10.34 8.02
CA GLY B 39 8.80 10.88 7.20
C GLY B 39 8.49 10.80 5.72
N THR B 40 8.93 11.81 4.99
CA THR B 40 8.83 11.82 3.54
C THR B 40 10.15 11.37 2.94
N ILE B 41 10.11 10.32 2.14
CA ILE B 41 11.34 9.78 1.57
C ILE B 41 11.48 10.19 0.11
N ASN B 42 12.65 10.67 -0.25
CA ASN B 42 12.95 11.02 -1.62
C ASN B 42 13.79 9.94 -2.26
N VAL B 43 13.22 9.24 -3.21
CA VAL B 43 13.92 8.22 -3.94
C VAL B 43 14.46 8.81 -5.24
N SER B 44 15.76 8.98 -5.31
CA SER B 44 16.39 9.55 -6.49
C SER B 44 17.51 8.63 -6.96
N GLN B 45 17.18 7.75 -7.89
CA GLN B 45 18.12 6.76 -8.39
C GLN B 45 18.93 7.34 -9.54
N SER B 46 20.17 6.90 -9.66
CA SER B 46 21.02 7.35 -10.74
C SER B 46 21.07 6.27 -11.82
N GLY B 47 20.34 6.49 -12.89
CA GLY B 47 20.20 5.50 -13.93
C GLY B 47 18.97 4.65 -13.72
N GLY B 48 18.72 3.73 -14.64
CA GLY B 48 17.55 2.87 -14.53
C GLY B 48 17.80 1.73 -13.55
N GLN B 49 17.95 2.07 -12.28
CA GLN B 49 18.24 1.08 -11.24
C GLN B 49 16.99 0.30 -10.88
N ILE B 50 15.83 0.87 -11.18
CA ILE B 50 14.56 0.21 -10.96
C ILE B 50 14.07 -0.41 -12.25
N SER B 51 13.85 -1.71 -12.23
CA SER B 51 13.47 -2.44 -13.43
C SER B 51 12.02 -2.89 -13.32
N SER B 52 11.72 -3.59 -12.23
CA SER B 52 10.38 -4.06 -11.97
C SER B 52 9.82 -3.37 -10.72
N PRO B 53 8.50 -3.40 -10.51
CA PRO B 53 7.88 -2.83 -9.29
C PRO B 53 8.49 -3.41 -8.02
N SER B 54 8.97 -4.64 -8.11
CA SER B 54 9.62 -5.31 -7.00
C SER B 54 10.86 -4.55 -6.54
N ASP B 55 11.68 -4.09 -7.50
CA ASP B 55 12.91 -3.36 -7.20
C ASP B 55 12.60 -2.15 -6.34
N LEU B 56 11.56 -1.42 -6.75
CA LEU B 56 11.14 -0.23 -6.03
C LEU B 56 10.58 -0.59 -4.66
N ARG B 57 9.82 -1.69 -4.61
CA ARG B 57 9.20 -2.13 -3.37
C ARG B 57 10.25 -2.42 -2.31
N GLU B 58 11.29 -3.16 -2.71
CA GLU B 58 12.36 -3.54 -1.78
C GLU B 58 12.99 -2.31 -1.16
N LYS B 59 13.24 -1.29 -1.99
CA LYS B 59 13.83 -0.04 -1.53
C LYS B 59 12.90 0.66 -0.54
N LEU B 60 11.63 0.77 -0.93
CA LEU B 60 10.64 1.49 -0.14
C LEU B 60 10.38 0.78 1.18
N SER B 61 10.33 -0.54 1.16
CA SER B 61 10.11 -1.32 2.37
C SER B 61 11.28 -1.15 3.33
N GLU B 62 12.49 -1.10 2.78
CA GLU B 62 13.70 -0.86 3.56
C GLU B 62 13.64 0.52 4.21
N LEU B 63 13.29 1.52 3.41
CA LEU B 63 13.20 2.90 3.88
C LEU B 63 12.12 3.03 4.94
N ALA B 64 10.97 2.40 4.70
CA ALA B 64 9.85 2.47 5.64
C ALA B 64 10.22 1.96 7.01
N ASP B 65 10.85 0.79 7.06
CA ASP B 65 11.26 0.19 8.32
C ASP B 65 12.28 1.06 9.05
N ALA B 66 13.25 1.58 8.32
CA ALA B 66 14.30 2.39 8.92
C ALA B 66 13.75 3.72 9.43
N LYS B 67 12.82 4.29 8.69
CA LYS B 67 12.23 5.57 9.05
C LYS B 67 11.18 5.42 10.15
N GLY B 68 10.91 4.18 10.54
CA GLY B 68 9.96 3.92 11.59
C GLY B 68 8.53 4.08 11.12
N GLY B 69 8.22 3.46 9.99
CA GLY B 69 6.88 3.51 9.47
C GLY B 69 6.35 2.14 9.15
N LYS B 70 5.13 2.08 8.66
CA LYS B 70 4.50 0.81 8.34
C LYS B 70 4.24 0.69 6.85
N TYR B 71 3.39 1.58 6.33
CA TYR B 71 3.05 1.58 4.91
C TYR B 71 3.38 2.95 4.33
N TYR B 72 3.24 3.11 3.02
CA TYR B 72 3.61 4.36 2.38
C TYR B 72 2.59 4.74 1.32
N HIS B 73 2.67 5.98 0.86
CA HIS B 73 1.81 6.44 -0.22
C HIS B 73 2.60 7.36 -1.15
N ILE B 74 2.60 7.04 -2.43
CA ILE B 74 3.32 7.83 -3.42
C ILE B 74 2.49 9.03 -3.85
N ILE B 75 3.15 10.18 -4.02
CA ILE B 75 2.46 11.40 -4.42
C ILE B 75 3.07 12.01 -5.68
N ALA B 76 4.32 11.68 -5.96
CA ALA B 76 5.00 12.21 -7.13
C ALA B 76 6.07 11.24 -7.61
N ALA B 77 5.83 10.61 -8.74
CA ALA B 77 6.77 9.67 -9.30
C ALA B 77 6.98 9.96 -10.78
N ARG B 78 8.21 10.23 -11.16
CA ARG B 78 8.51 10.57 -12.55
C ARG B 78 9.83 9.96 -12.98
N GLU B 79 9.81 9.30 -14.14
CA GLU B 79 11.01 8.77 -14.75
C GLU B 79 11.79 9.92 -15.36
N HIS B 80 12.88 10.31 -14.72
CA HIS B 80 13.62 11.51 -15.11
C HIS B 80 14.52 11.21 -16.30
N GLY B 81 14.89 9.95 -16.44
CA GLY B 81 15.78 9.55 -17.52
C GLY B 81 17.13 9.10 -16.99
N PRO B 82 18.09 10.02 -16.83
CA PRO B 82 19.38 9.71 -16.21
C PRO B 82 19.23 9.45 -14.71
N ASN B 83 18.07 9.79 -14.19
CA ASN B 83 17.75 9.58 -12.79
C ASN B 83 16.31 9.13 -12.66
N PHE B 84 15.92 8.70 -11.47
CA PHE B 84 14.55 8.30 -11.19
C PHE B 84 14.08 8.96 -9.91
N GLU B 85 13.03 9.76 -10.01
CA GLU B 85 12.55 10.53 -8.86
C GLU B 85 11.21 9.98 -8.36
N ALA B 86 11.22 9.38 -7.18
CA ALA B 86 9.99 8.91 -6.56
C ALA B 86 9.81 9.52 -5.18
N VAL B 87 8.75 10.31 -5.01
CA VAL B 87 8.43 10.94 -3.74
C VAL B 87 7.27 10.23 -3.07
N ALA B 88 7.51 9.68 -1.90
CA ALA B 88 6.48 8.99 -1.14
C ALA B 88 6.63 9.31 0.34
N GLU B 89 5.52 9.30 1.05
CA GLU B 89 5.54 9.52 2.49
C GLU B 89 5.22 8.24 3.22
N VAL B 90 5.88 8.02 4.35
CA VAL B 90 5.66 6.82 5.13
C VAL B 90 4.77 7.14 6.33
N TYR B 91 3.86 6.24 6.67
CA TYR B 91 2.94 6.47 7.76
C TYR B 91 2.97 5.28 8.73
N ASN B 92 2.73 5.56 10.00
CA ASN B 92 2.79 4.53 11.04
C ASN B 92 1.39 4.10 11.48
N ASP B 93 0.43 4.28 10.60
CA ASP B 93 -0.97 3.93 10.87
C ASP B 93 -1.56 4.78 11.99
N ALA B 94 -0.81 5.80 12.41
CA ALA B 94 -1.22 6.73 13.45
C ALA B 94 -1.27 6.07 14.84
N THR B 95 -0.60 4.94 15.00
CA THR B 95 -0.62 4.24 16.28
C THR B 95 0.76 4.26 16.96
N LYS B 96 1.83 4.21 16.17
CA LYS B 96 3.21 4.16 16.66
C LYS B 96 3.54 2.78 17.24
N LEU B 97 2.50 2.04 17.60
CA LEU B 97 2.66 0.71 18.14
C LEU B 97 2.27 -0.33 17.09
N GLU B 98 2.12 -1.58 17.53
CA GLU B 98 1.68 -2.68 16.65
C GLU B 98 2.78 -3.02 15.63
N HIS B 99 2.50 -4.00 14.78
CA HIS B 99 3.41 -4.38 13.70
C HIS B 99 2.75 -5.41 12.78
N HIS B 100 1.94 -6.30 13.36
CA HIS B 100 1.24 -7.35 12.61
C HIS B 100 2.18 -8.08 11.67
N HIS B 101 3.05 -8.89 12.26
CA HIS B 101 4.05 -9.65 11.52
C HIS B 101 4.85 -10.47 12.51
N HIS B 102 4.56 -11.76 12.57
CA HIS B 102 5.13 -12.64 13.59
C HIS B 102 6.60 -12.92 13.36
N HIS B 103 6.98 -13.18 12.11
CA HIS B 103 8.36 -13.54 11.81
C HIS B 103 8.71 -13.18 10.37
N HIS B 104 9.82 -13.73 9.89
CA HIS B 104 10.27 -13.46 8.53
C HIS B 104 10.36 -14.77 7.75
N MET A 1 9.63 20.01 -9.01
CA MET A 1 10.17 21.21 -8.33
C MET A 1 10.09 21.06 -6.82
N LYS A 2 11.26 21.20 -6.18
CA LYS A 2 11.43 21.11 -4.72
C LYS A 2 11.12 19.70 -4.20
N LYS A 3 11.91 19.26 -3.22
CA LYS A 3 11.70 17.99 -2.56
C LYS A 3 12.01 18.08 -1.07
N ARG A 4 12.90 19.01 -0.72
CA ARG A 4 13.35 19.20 0.66
C ARG A 4 14.10 17.97 1.18
N ILE A 5 14.39 17.96 2.47
CA ILE A 5 15.08 16.84 3.09
C ILE A 5 14.78 16.77 4.59
N ILE A 6 14.12 15.71 5.00
CA ILE A 6 13.84 15.49 6.40
C ILE A 6 14.82 14.46 6.95
N ALA A 7 15.86 14.93 7.61
CA ALA A 7 16.89 14.06 8.14
C ALA A 7 16.59 13.69 9.58
N ALA A 8 16.73 12.40 9.88
CA ALA A 8 16.44 11.83 11.20
C ALA A 8 14.93 11.80 11.46
N ALA A 9 14.53 11.01 12.45
CA ALA A 9 13.13 10.88 12.81
C ALA A 9 12.99 10.12 14.13
N LEU A 10 11.79 10.09 14.67
CA LEU A 10 11.53 9.36 15.89
C LEU A 10 10.89 8.01 15.56
N LEU A 11 11.72 7.03 15.28
CA LEU A 11 11.27 5.70 14.86
C LEU A 11 10.69 4.92 16.04
N ALA A 12 11.33 5.11 17.21
CA ALA A 12 11.07 4.31 18.40
C ALA A 12 11.60 2.88 18.21
N THR A 13 11.90 2.21 19.32
CA THR A 13 12.43 0.86 19.25
C THR A 13 11.34 -0.15 18.91
N VAL A 14 10.92 -0.14 17.65
CA VAL A 14 9.92 -1.07 17.15
C VAL A 14 10.34 -1.55 15.77
N ALA A 15 10.48 -0.58 14.84
CA ALA A 15 10.86 -0.86 13.46
C ALA A 15 9.82 -1.74 12.77
N SER A 16 10.16 -2.25 11.60
CA SER A 16 9.29 -3.19 10.90
C SER A 16 10.00 -4.55 10.81
N PHE A 17 11.14 -4.56 10.12
CA PHE A 17 12.00 -5.73 9.96
C PHE A 17 11.22 -6.98 9.55
N SER A 18 10.75 -7.73 10.53
CA SER A 18 10.07 -9.00 10.27
C SER A 18 8.62 -8.76 9.88
N THR A 19 8.11 -7.58 10.18
CA THR A 19 6.76 -7.21 9.85
C THR A 19 6.68 -6.84 8.36
N LEU A 20 6.06 -7.72 7.58
CA LEU A 20 5.89 -7.47 6.15
C LEU A 20 4.88 -6.34 5.95
N ALA A 21 5.39 -5.17 5.61
CA ALA A 21 4.57 -4.00 5.41
C ALA A 21 5.24 -3.07 4.41
N ALA A 22 4.64 -1.89 4.21
CA ALA A 22 5.18 -0.89 3.30
C ALA A 22 5.25 -1.41 1.87
N GLU A 23 4.10 -1.65 1.27
CA GLU A 23 4.05 -2.24 -0.07
C GLU A 23 2.81 -1.79 -0.84
N GLN A 24 2.99 -0.81 -1.71
CA GLN A 24 1.89 -0.34 -2.56
C GLN A 24 2.41 0.63 -3.62
N VAL A 25 1.67 0.74 -4.71
CA VAL A 25 2.01 1.67 -5.79
C VAL A 25 0.85 2.62 -6.04
N SER A 26 1.18 3.87 -6.35
CA SER A 26 0.17 4.88 -6.54
C SER A 26 -0.23 4.99 -8.02
N LYS A 27 -0.95 6.06 -8.35
CA LYS A 27 -1.48 6.26 -9.70
C LYS A 27 -0.36 6.37 -10.73
N GLN A 28 0.71 7.04 -10.37
CA GLN A 28 1.82 7.28 -11.29
C GLN A 28 2.45 5.97 -11.75
N GLU A 29 2.76 5.12 -10.77
CA GLU A 29 3.40 3.83 -11.05
C GLU A 29 2.51 2.94 -11.90
N ILE A 30 1.22 2.94 -11.61
CA ILE A 30 0.27 2.13 -12.37
C ILE A 30 0.36 2.45 -13.86
N SER A 31 0.33 3.73 -14.18
CA SER A 31 0.38 4.17 -15.56
C SER A 31 1.78 3.99 -16.16
N HIS A 32 2.81 4.31 -15.39
CA HIS A 32 4.18 4.35 -15.92
C HIS A 32 4.76 2.95 -16.09
N PHE A 33 4.38 2.03 -15.22
CA PHE A 33 4.90 0.67 -15.26
C PHE A 33 3.91 -0.29 -15.90
N LYS A 34 2.74 0.23 -16.26
CA LYS A 34 1.61 -0.56 -16.73
C LYS A 34 1.36 -1.82 -15.90
N LEU A 35 0.38 -1.69 -15.04
CA LEU A 35 0.05 -2.75 -14.10
C LEU A 35 -1.22 -3.47 -14.52
N VAL A 36 -1.32 -4.73 -14.12
CA VAL A 36 -2.42 -5.58 -14.53
C VAL A 36 -3.59 -5.45 -13.57
N LYS A 37 -4.64 -4.75 -14.02
CA LYS A 37 -5.85 -4.56 -13.23
C LYS A 37 -6.65 -5.86 -13.19
N VAL A 38 -6.85 -6.41 -12.01
CA VAL A 38 -7.59 -7.67 -11.87
C VAL A 38 -9.03 -7.43 -11.45
N GLY A 39 -9.29 -6.29 -10.84
CA GLY A 39 -10.64 -5.97 -10.41
C GLY A 39 -10.67 -4.97 -9.30
N THR A 40 -11.85 -4.75 -8.74
CA THR A 40 -12.04 -3.78 -7.68
C THR A 40 -12.67 -4.43 -6.45
N ILE A 41 -12.19 -4.05 -5.29
CA ILE A 41 -12.77 -4.51 -4.02
C ILE A 41 -13.38 -3.33 -3.28
N ASN A 42 -14.49 -3.56 -2.60
CA ASN A 42 -15.23 -2.47 -1.98
C ASN A 42 -15.46 -2.74 -0.50
N VAL A 43 -15.16 -1.75 0.32
CA VAL A 43 -15.46 -1.80 1.73
C VAL A 43 -16.80 -1.14 1.99
N SER A 44 -17.70 -1.86 2.64
CA SER A 44 -19.01 -1.33 2.93
C SER A 44 -19.59 -1.99 4.18
N GLN A 45 -19.30 -1.42 5.33
CA GLN A 45 -19.82 -1.92 6.60
C GLN A 45 -20.26 -0.77 7.47
N SER A 46 -21.05 -1.07 8.49
CA SER A 46 -21.57 -0.05 9.39
C SER A 46 -20.46 0.61 10.22
N GLY A 47 -20.66 1.88 10.55
CA GLY A 47 -19.70 2.62 11.35
C GLY A 47 -19.47 1.97 12.69
N GLY A 48 -18.26 1.49 12.90
CA GLY A 48 -17.94 0.76 14.11
C GLY A 48 -17.09 -0.46 13.81
N GLN A 49 -17.41 -1.14 12.71
CA GLN A 49 -16.63 -2.28 12.28
C GLN A 49 -15.27 -1.81 11.76
N ILE A 50 -15.27 -0.59 11.25
CA ILE A 50 -14.05 0.08 10.82
C ILE A 50 -13.87 1.34 11.66
N SER A 51 -12.90 1.34 12.55
CA SER A 51 -12.67 2.48 13.41
C SER A 51 -11.30 3.09 13.13
N SER A 52 -10.30 2.25 12.99
CA SER A 52 -8.94 2.69 12.72
C SER A 52 -8.59 2.45 11.26
N PRO A 53 -7.61 3.20 10.72
CA PRO A 53 -7.13 2.98 9.35
C PRO A 53 -6.56 1.58 9.19
N SER A 54 -6.04 1.06 10.29
CA SER A 54 -5.52 -0.29 10.36
C SER A 54 -6.62 -1.29 10.02
N ASP A 55 -7.80 -1.09 10.60
CA ASP A 55 -8.95 -1.97 10.37
C ASP A 55 -9.24 -2.07 8.89
N LEU A 56 -9.26 -0.92 8.24
CA LEU A 56 -9.55 -0.82 6.82
C LEU A 56 -8.57 -1.67 6.01
N ARG A 57 -7.29 -1.53 6.31
CA ARG A 57 -6.25 -2.22 5.57
C ARG A 57 -6.28 -3.71 5.85
N GLU A 58 -6.67 -4.09 7.07
CA GLU A 58 -6.79 -5.50 7.42
C GLU A 58 -7.86 -6.17 6.55
N LYS A 59 -8.99 -5.47 6.38
CA LYS A 59 -10.08 -5.97 5.56
C LYS A 59 -9.67 -6.02 4.10
N LEU A 60 -9.04 -4.95 3.63
CA LEU A 60 -8.62 -4.85 2.24
C LEU A 60 -7.55 -5.89 1.90
N SER A 61 -6.64 -6.13 2.84
CA SER A 61 -5.58 -7.12 2.65
C SER A 61 -6.18 -8.52 2.51
N GLU A 62 -7.26 -8.75 3.25
CA GLU A 62 -7.98 -10.02 3.17
C GLU A 62 -8.48 -10.26 1.75
N LEU A 63 -9.02 -9.21 1.16
CA LEU A 63 -9.55 -9.27 -0.20
C LEU A 63 -8.43 -9.32 -1.22
N ALA A 64 -7.32 -8.64 -0.92
CA ALA A 64 -6.15 -8.65 -1.80
C ALA A 64 -5.56 -10.05 -1.88
N ASP A 65 -5.52 -10.72 -0.74
CA ASP A 65 -5.05 -12.11 -0.68
C ASP A 65 -5.93 -13.00 -1.55
N ALA A 66 -7.22 -12.70 -1.58
CA ALA A 66 -8.17 -13.47 -2.36
C ALA A 66 -8.18 -13.06 -3.83
N LYS A 67 -7.29 -12.14 -4.17
CA LYS A 67 -7.14 -11.71 -5.57
C LYS A 67 -5.70 -11.92 -6.04
N GLY A 68 -4.88 -12.44 -5.14
CA GLY A 68 -3.49 -12.69 -5.46
C GLY A 68 -2.74 -11.44 -5.85
N GLY A 69 -3.01 -10.36 -5.15
CA GLY A 69 -2.37 -9.09 -5.45
C GLY A 69 -1.35 -8.71 -4.42
N LYS A 70 -0.18 -8.26 -4.88
CA LYS A 70 0.89 -7.80 -3.99
C LYS A 70 0.56 -6.41 -3.46
N TYR A 71 -0.23 -5.67 -4.23
CA TYR A 71 -0.62 -4.33 -3.86
C TYR A 71 -1.96 -3.97 -4.50
N TYR A 72 -2.45 -2.80 -4.13
CA TYR A 72 -3.74 -2.31 -4.57
C TYR A 72 -3.69 -0.80 -4.69
N HIS A 73 -4.71 -0.19 -5.27
CA HIS A 73 -4.75 1.25 -5.31
C HIS A 73 -6.14 1.76 -4.95
N ILE A 74 -6.22 2.45 -3.82
CA ILE A 74 -7.47 3.04 -3.36
C ILE A 74 -7.75 4.33 -4.12
N ILE A 75 -8.94 4.44 -4.70
CA ILE A 75 -9.28 5.61 -5.48
C ILE A 75 -10.15 6.58 -4.69
N ALA A 76 -11.03 6.05 -3.84
CA ALA A 76 -11.93 6.89 -3.08
C ALA A 76 -12.40 6.18 -1.82
N ALA A 77 -12.60 6.96 -0.76
CA ALA A 77 -13.09 6.44 0.51
C ALA A 77 -13.92 7.50 1.18
N ARG A 78 -15.15 7.17 1.52
CA ARG A 78 -16.08 8.16 2.07
C ARG A 78 -16.98 7.54 3.12
N GLU A 79 -17.41 8.37 4.06
CA GLU A 79 -18.43 7.96 5.01
C GLU A 79 -19.83 8.18 4.40
N HIS A 80 -20.57 7.11 4.26
CA HIS A 80 -21.92 7.17 3.70
C HIS A 80 -22.89 7.63 4.77
N GLY A 81 -22.48 7.43 6.02
CA GLY A 81 -23.33 7.74 7.15
C GLY A 81 -23.41 6.55 8.07
N PRO A 82 -24.33 5.62 7.82
CA PRO A 82 -24.40 4.36 8.55
C PRO A 82 -23.29 3.41 8.12
N ASN A 83 -22.80 3.61 6.90
CA ASN A 83 -21.79 2.74 6.31
C ASN A 83 -20.53 3.52 6.00
N PHE A 84 -19.40 2.85 6.06
CA PHE A 84 -18.14 3.40 5.59
C PHE A 84 -17.74 2.70 4.29
N GLU A 85 -17.58 3.45 3.22
CA GLU A 85 -17.33 2.86 1.93
C GLU A 85 -15.98 3.28 1.37
N ALA A 86 -15.13 2.29 1.15
CA ALA A 86 -13.83 2.51 0.56
C ALA A 86 -13.69 1.68 -0.72
N VAL A 87 -13.23 2.32 -1.79
CA VAL A 87 -13.10 1.66 -3.08
C VAL A 87 -11.62 1.49 -3.44
N ALA A 88 -11.16 0.25 -3.46
CA ALA A 88 -9.78 -0.05 -3.79
C ALA A 88 -9.72 -1.04 -4.93
N GLU A 89 -8.85 -0.78 -5.89
CA GLU A 89 -8.71 -1.68 -7.03
C GLU A 89 -7.43 -2.47 -6.89
N VAL A 90 -7.50 -3.77 -7.15
CA VAL A 90 -6.35 -4.64 -6.97
C VAL A 90 -5.55 -4.72 -8.26
N TYR A 91 -4.25 -4.56 -8.14
CA TYR A 91 -3.37 -4.61 -9.29
C TYR A 91 -2.31 -5.66 -9.09
N ASN A 92 -2.21 -6.57 -10.03
CA ASN A 92 -1.16 -7.57 -10.01
C ASN A 92 0.06 -7.01 -10.70
N ASP A 93 1.24 -7.42 -10.23
CA ASP A 93 2.50 -6.96 -10.77
C ASP A 93 2.56 -7.16 -12.28
N ALA A 94 3.26 -6.26 -12.96
CA ALA A 94 3.63 -6.49 -14.35
C ALA A 94 4.74 -7.53 -14.38
N THR A 95 4.52 -8.59 -13.64
CA THR A 95 5.51 -9.62 -13.39
C THR A 95 4.79 -10.95 -13.14
N LYS A 96 3.82 -10.91 -12.24
CA LYS A 96 3.04 -12.08 -11.84
C LYS A 96 2.13 -12.54 -12.97
N LEU A 97 1.65 -11.59 -13.76
CA LEU A 97 0.78 -11.90 -14.88
C LEU A 97 1.45 -11.49 -16.18
N GLU A 98 2.78 -11.43 -16.15
CA GLU A 98 3.57 -11.13 -17.33
C GLU A 98 4.43 -12.34 -17.66
N HIS A 99 4.59 -12.65 -18.93
CA HIS A 99 5.31 -13.85 -19.31
C HIS A 99 6.07 -13.65 -20.62
N HIS A 100 7.19 -12.93 -20.55
CA HIS A 100 8.11 -12.86 -21.68
C HIS A 100 9.14 -13.98 -21.56
N HIS A 101 9.75 -14.09 -20.38
CA HIS A 101 10.70 -15.17 -20.11
C HIS A 101 10.12 -16.12 -19.07
N HIS A 102 10.29 -15.78 -17.80
CA HIS A 102 9.69 -16.55 -16.72
C HIS A 102 8.94 -15.60 -15.80
N HIS A 103 9.55 -14.46 -15.56
CA HIS A 103 8.90 -13.35 -14.88
C HIS A 103 9.38 -12.06 -15.50
N HIS A 104 8.65 -10.99 -15.30
CA HIS A 104 9.12 -9.69 -15.71
C HIS A 104 9.59 -8.93 -14.48
N MET B 1 -1.46 11.96 -23.05
CA MET B 1 -0.51 12.96 -23.61
C MET B 1 0.81 12.30 -23.98
N LYS B 2 1.42 11.60 -23.04
CA LYS B 2 2.69 10.95 -23.28
C LYS B 2 2.67 9.51 -22.77
N LYS B 3 2.92 8.57 -23.67
CA LYS B 3 2.99 7.14 -23.35
C LYS B 3 1.68 6.60 -22.77
N ARG B 4 0.66 6.55 -23.60
CA ARG B 4 -0.58 5.87 -23.24
C ARG B 4 -1.04 5.03 -24.43
N ILE B 5 -0.78 3.72 -24.36
CA ILE B 5 -1.14 2.80 -25.42
C ILE B 5 -2.11 1.75 -24.90
N ILE B 6 -1.60 0.82 -24.09
CA ILE B 6 -2.44 -0.23 -23.51
C ILE B 6 -2.24 -0.30 -22.00
N ALA B 7 -3.04 -1.14 -21.35
CA ALA B 7 -2.90 -1.35 -19.92
C ALA B 7 -2.55 -2.81 -19.62
N ALA B 8 -2.66 -3.66 -20.66
CA ALA B 8 -2.34 -5.08 -20.55
C ALA B 8 -3.27 -5.79 -19.57
N ALA B 9 -4.40 -5.17 -19.28
CA ALA B 9 -5.36 -5.71 -18.34
C ALA B 9 -6.37 -6.61 -19.04
N LEU B 10 -6.73 -7.71 -18.39
CA LEU B 10 -7.75 -8.64 -18.88
C LEU B 10 -7.31 -9.34 -20.17
N LEU B 11 -6.00 -9.45 -20.38
CA LEU B 11 -5.47 -10.22 -21.50
C LEU B 11 -5.82 -11.69 -21.31
N ALA B 12 -5.35 -12.25 -20.20
CA ALA B 12 -5.74 -13.58 -19.78
C ALA B 12 -6.13 -13.54 -18.31
N THR B 13 -5.17 -13.14 -17.48
CA THR B 13 -5.42 -12.89 -16.06
C THR B 13 -5.82 -14.19 -15.34
N VAL B 14 -6.46 -14.06 -14.18
CA VAL B 14 -6.89 -15.20 -13.38
C VAL B 14 -5.70 -15.98 -12.83
N ALA B 15 -5.31 -15.64 -11.60
CA ALA B 15 -4.23 -16.33 -10.92
C ALA B 15 -4.40 -16.18 -9.41
N SER B 16 -5.19 -17.07 -8.83
CA SER B 16 -5.57 -16.99 -7.43
C SER B 16 -4.44 -17.48 -6.53
N PHE B 17 -3.51 -16.59 -6.23
CA PHE B 17 -2.38 -16.91 -5.38
C PHE B 17 -2.56 -16.24 -4.03
N SER B 18 -2.00 -16.82 -2.99
CA SER B 18 -2.16 -16.28 -1.65
C SER B 18 -1.03 -15.31 -1.31
N THR B 19 -1.39 -14.09 -0.93
CA THR B 19 -0.44 -13.08 -0.49
C THR B 19 -1.14 -12.01 0.34
N LEU B 20 -0.88 -11.99 1.64
CA LEU B 20 -1.40 -10.92 2.49
C LEU B 20 -0.46 -9.73 2.46
N ALA B 21 -0.76 -8.77 1.61
CA ALA B 21 0.05 -7.57 1.47
C ALA B 21 -0.85 -6.35 1.29
N ALA B 22 -0.44 -5.44 0.40
CA ALA B 22 -1.19 -4.21 0.12
C ALA B 22 -1.14 -3.26 1.32
N GLU B 23 -0.15 -2.38 1.33
CA GLU B 23 0.10 -1.49 2.46
C GLU B 23 0.17 -0.03 2.05
N GLN B 24 -0.98 0.65 2.04
CA GLN B 24 -1.02 2.11 1.88
C GLN B 24 -2.46 2.60 1.99
N VAL B 25 -2.60 3.86 2.38
CA VAL B 25 -3.90 4.51 2.44
C VAL B 25 -3.87 5.79 1.62
N SER B 26 -5.01 6.19 1.07
CA SER B 26 -5.07 7.38 0.25
C SER B 26 -5.21 8.61 1.14
N LYS B 27 -5.10 9.79 0.53
CA LYS B 27 -5.09 11.04 1.29
C LYS B 27 -6.45 11.32 1.94
N GLN B 28 -7.49 10.68 1.42
CA GLN B 28 -8.83 10.83 1.99
C GLN B 28 -8.84 10.23 3.39
N GLU B 29 -8.36 9.01 3.50
CA GLU B 29 -8.28 8.31 4.77
C GLU B 29 -7.32 9.02 5.71
N ILE B 30 -6.19 9.48 5.16
CA ILE B 30 -5.20 10.22 5.93
C ILE B 30 -5.82 11.45 6.58
N SER B 31 -6.59 12.19 5.80
CA SER B 31 -7.24 13.40 6.29
C SER B 31 -8.41 13.08 7.21
N HIS B 32 -8.93 11.86 7.10
CA HIS B 32 -10.10 11.45 7.87
C HIS B 32 -9.70 10.94 9.26
N PHE B 33 -8.70 10.06 9.29
CA PHE B 33 -8.24 9.46 10.54
C PHE B 33 -7.12 10.28 11.17
N LYS B 34 -6.65 11.28 10.43
CA LYS B 34 -5.56 12.15 10.88
C LYS B 34 -4.32 11.35 11.21
N LEU B 35 -3.75 10.72 10.19
CA LEU B 35 -2.56 9.88 10.36
C LEU B 35 -1.31 10.73 10.55
N VAL B 36 -0.39 10.21 11.34
CA VAL B 36 0.83 10.93 11.69
C VAL B 36 1.93 10.68 10.66
N LYS B 37 2.37 11.76 10.02
CA LYS B 37 3.48 11.68 9.10
C LYS B 37 4.80 11.69 9.86
N VAL B 38 5.56 10.61 9.73
CA VAL B 38 6.85 10.54 10.37
C VAL B 38 7.91 11.28 9.56
N GLY B 39 7.82 11.16 8.25
CA GLY B 39 8.76 11.82 7.36
C GLY B 39 8.49 11.52 5.91
N THR B 40 9.38 11.97 5.05
CA THR B 40 9.25 11.75 3.62
C THR B 40 10.38 10.87 3.11
N ILE B 41 10.05 9.81 2.38
CA ILE B 41 11.06 8.97 1.77
C ILE B 41 11.17 9.26 0.29
N ASN B 42 12.38 9.43 -0.18
CA ASN B 42 12.62 9.73 -1.59
C ASN B 42 13.42 8.63 -2.26
N VAL B 43 12.85 8.08 -3.31
CA VAL B 43 13.53 7.10 -4.13
C VAL B 43 14.22 7.83 -5.27
N SER B 44 15.53 7.70 -5.35
CA SER B 44 16.29 8.38 -6.37
C SER B 44 17.54 7.56 -6.70
N GLN B 45 17.37 6.64 -7.64
CA GLN B 45 18.46 5.77 -8.07
C GLN B 45 18.41 5.62 -9.59
N SER B 46 19.42 4.96 -10.14
CA SER B 46 19.52 4.82 -11.58
C SER B 46 18.71 3.62 -12.05
N GLY B 47 18.66 3.42 -13.36
CA GLY B 47 17.91 2.30 -13.94
C GLY B 47 18.59 0.96 -13.73
N GLY B 48 18.90 0.67 -12.48
CA GLY B 48 19.48 -0.61 -12.12
C GLY B 48 18.93 -1.10 -10.79
N GLN B 49 18.76 -0.17 -9.86
CA GLN B 49 18.15 -0.47 -8.58
C GLN B 49 16.62 -0.51 -8.70
N ILE B 50 16.12 0.02 -9.80
CA ILE B 50 14.69 -0.03 -10.13
C ILE B 50 14.52 -0.52 -11.57
N SER B 51 14.00 -1.72 -11.73
CA SER B 51 13.83 -2.28 -13.05
C SER B 51 12.35 -2.57 -13.35
N SER B 52 11.58 -2.83 -12.31
CA SER B 52 10.17 -3.21 -12.48
C SER B 52 9.35 -2.79 -11.26
N PRO B 53 8.00 -2.77 -11.37
CA PRO B 53 7.12 -2.42 -10.24
C PRO B 53 7.34 -3.31 -9.02
N SER B 54 7.46 -4.60 -9.26
CA SER B 54 7.73 -5.57 -8.20
C SER B 54 9.08 -5.32 -7.56
N ASP B 55 10.00 -4.80 -8.36
CA ASP B 55 11.34 -4.44 -7.91
C ASP B 55 11.30 -3.15 -7.10
N LEU B 56 10.45 -2.23 -7.52
CA LEU B 56 10.30 -0.92 -6.88
C LEU B 56 9.82 -1.06 -5.43
N ARG B 57 8.79 -1.87 -5.22
CA ARG B 57 8.18 -2.01 -3.90
C ARG B 57 9.19 -2.49 -2.86
N GLU B 58 10.22 -3.20 -3.31
CA GLU B 58 11.29 -3.66 -2.43
C GLU B 58 12.01 -2.46 -1.81
N LYS B 59 12.36 -1.51 -2.66
CA LYS B 59 13.14 -0.35 -2.23
C LYS B 59 12.27 0.61 -1.43
N LEU B 60 10.98 0.57 -1.69
CA LEU B 60 10.02 1.38 -0.95
C LEU B 60 9.93 0.91 0.51
N SER B 61 9.77 -0.39 0.69
CA SER B 61 9.72 -0.99 2.02
C SER B 61 11.08 -0.82 2.72
N GLU B 62 12.14 -0.95 1.93
CA GLU B 62 13.51 -0.75 2.41
C GLU B 62 13.64 0.60 3.13
N LEU B 63 13.15 1.66 2.50
CA LEU B 63 13.25 3.00 3.06
C LEU B 63 12.26 3.20 4.20
N ALA B 64 11.12 2.50 4.13
CA ALA B 64 10.07 2.66 5.13
C ALA B 64 10.49 2.11 6.48
N ASP B 65 11.17 0.96 6.49
CA ASP B 65 11.68 0.38 7.72
C ASP B 65 12.71 1.31 8.37
N ALA B 66 13.49 1.97 7.53
CA ALA B 66 14.54 2.87 7.99
C ALA B 66 13.96 4.18 8.51
N LYS B 67 12.66 4.35 8.35
CA LYS B 67 11.97 5.53 8.89
C LYS B 67 10.95 5.12 9.95
N GLY B 68 10.82 3.81 10.17
CA GLY B 68 9.91 3.30 11.18
C GLY B 68 8.46 3.59 10.86
N GLY B 69 8.03 3.23 9.66
CA GLY B 69 6.65 3.44 9.26
C GLY B 69 6.11 2.26 8.48
N LYS B 70 4.79 2.25 8.26
CA LYS B 70 4.15 1.17 7.52
C LYS B 70 3.76 1.63 6.11
N TYR B 71 2.83 2.55 6.03
CA TYR B 71 2.30 2.98 4.74
C TYR B 71 3.07 4.18 4.23
N TYR B 72 3.11 4.33 2.92
CA TYR B 72 3.74 5.49 2.31
C TYR B 72 2.85 6.05 1.21
N HIS B 73 2.41 7.28 1.36
CA HIS B 73 1.55 7.89 0.38
C HIS B 73 2.41 8.57 -0.68
N ILE B 74 2.54 7.90 -1.81
CA ILE B 74 3.36 8.41 -2.91
C ILE B 74 2.65 9.57 -3.60
N ILE B 75 3.14 10.78 -3.36
CA ILE B 75 2.51 11.98 -3.88
C ILE B 75 2.98 12.29 -5.29
N ALA B 76 4.23 11.98 -5.58
CA ALA B 76 4.81 12.27 -6.87
C ALA B 76 5.89 11.29 -7.24
N ALA B 77 5.73 10.65 -8.39
CA ALA B 77 6.75 9.76 -8.91
C ALA B 77 7.01 10.12 -10.37
N ARG B 78 8.24 10.50 -10.66
CA ARG B 78 8.58 10.96 -11.99
C ARG B 78 9.87 10.33 -12.47
N GLU B 79 10.11 10.43 -13.77
CA GLU B 79 11.31 9.91 -14.37
C GLU B 79 12.31 11.05 -14.57
N HIS B 80 13.49 10.89 -14.00
CA HIS B 80 14.49 11.96 -14.01
C HIS B 80 15.56 11.64 -15.06
N GLY B 81 15.16 10.92 -16.10
CA GLY B 81 16.09 10.53 -17.14
C GLY B 81 16.68 9.16 -16.86
N PRO B 82 17.96 9.09 -16.48
CA PRO B 82 18.61 7.84 -16.09
C PRO B 82 18.33 7.49 -14.63
N ASN B 83 17.49 8.32 -14.00
CA ASN B 83 17.16 8.15 -12.59
C ASN B 83 15.66 8.09 -12.40
N PHE B 84 15.22 7.25 -11.48
CA PHE B 84 13.81 7.19 -11.11
C PHE B 84 13.62 7.88 -9.76
N GLU B 85 12.67 8.81 -9.70
CA GLU B 85 12.43 9.56 -8.46
C GLU B 85 11.00 9.39 -7.97
N ALA B 86 10.86 8.74 -6.82
CA ALA B 86 9.55 8.60 -6.19
C ALA B 86 9.53 9.30 -4.83
N VAL B 87 8.54 10.16 -4.63
CA VAL B 87 8.40 10.88 -3.36
C VAL B 87 7.19 10.36 -2.59
N ALA B 88 7.43 9.78 -1.42
CA ALA B 88 6.36 9.20 -0.64
C ALA B 88 6.36 9.70 0.80
N GLU B 89 5.17 9.97 1.31
CA GLU B 89 5.00 10.42 2.70
C GLU B 89 4.76 9.20 3.59
N VAL B 90 5.58 9.01 4.61
CA VAL B 90 5.47 7.84 5.46
C VAL B 90 4.54 8.13 6.63
N TYR B 91 3.55 7.26 6.81
CA TYR B 91 2.56 7.44 7.87
C TYR B 91 2.51 6.23 8.79
N ASN B 92 2.38 6.48 10.08
CA ASN B 92 2.16 5.42 11.06
C ASN B 92 0.72 5.46 11.54
N ASP B 93 0.29 4.39 12.21
CA ASP B 93 -1.05 4.35 12.79
C ASP B 93 -1.19 5.46 13.82
N ALA B 94 -2.42 5.93 14.02
CA ALA B 94 -2.67 6.99 14.99
C ALA B 94 -2.57 6.44 16.41
N THR B 95 -1.33 6.25 16.86
CA THR B 95 -1.06 5.70 18.18
C THR B 95 0.45 5.60 18.43
N LYS B 96 1.22 5.43 17.35
CA LYS B 96 2.66 5.31 17.48
C LYS B 96 3.30 6.68 17.64
N LEU B 97 3.44 7.07 18.91
CA LEU B 97 4.16 8.27 19.29
C LEU B 97 3.38 9.55 19.01
N GLU B 98 2.61 10.00 19.99
CA GLU B 98 2.03 11.33 19.98
C GLU B 98 2.87 12.23 20.88
N HIS B 99 4.18 11.97 20.86
CA HIS B 99 5.13 12.65 21.71
C HIS B 99 5.18 14.14 21.37
N HIS B 100 5.21 14.97 22.41
CA HIS B 100 5.24 16.42 22.20
C HIS B 100 6.58 16.83 21.62
N HIS B 101 6.59 17.13 20.34
CA HIS B 101 7.79 17.56 19.65
C HIS B 101 8.22 18.96 20.09
N HIS B 102 9.20 18.99 20.99
CA HIS B 102 9.77 20.25 21.46
C HIS B 102 10.87 20.70 20.50
N HIS B 103 11.28 19.78 19.63
CA HIS B 103 12.27 20.09 18.60
C HIS B 103 11.66 19.83 17.22
N HIS B 104 11.30 20.90 16.55
CA HIS B 104 10.65 20.82 15.25
C HIS B 104 10.66 22.18 14.56
N MET A 1 -3.67 14.67 -8.25
CA MET A 1 -4.77 15.63 -7.99
C MET A 1 -4.84 15.95 -6.50
N LYS A 2 -5.10 17.22 -6.18
CA LYS A 2 -5.19 17.68 -4.80
C LYS A 2 -3.87 17.51 -4.06
N LYS A 3 -2.99 18.48 -4.23
CA LYS A 3 -1.70 18.43 -3.59
C LYS A 3 -1.69 19.26 -2.32
N ARG A 4 -1.64 18.59 -1.18
CA ARG A 4 -1.58 19.25 0.10
C ARG A 4 -0.37 18.74 0.88
N ILE A 5 0.58 19.65 1.13
CA ILE A 5 1.86 19.29 1.75
C ILE A 5 2.67 18.37 0.85
N ILE A 6 3.53 18.96 0.03
CA ILE A 6 4.35 18.19 -0.90
C ILE A 6 5.77 18.74 -0.93
N ALA A 7 6.62 18.10 -1.74
CA ALA A 7 8.00 18.55 -1.96
C ALA A 7 8.77 18.67 -0.67
N ALA A 8 8.74 17.61 0.14
CA ALA A 8 9.47 17.59 1.40
C ALA A 8 10.59 16.55 1.35
N ALA A 9 11.69 16.83 2.01
CA ALA A 9 12.83 15.92 2.03
C ALA A 9 13.50 15.90 3.40
N LEU A 10 13.37 14.77 4.10
CA LEU A 10 13.98 14.61 5.40
C LEU A 10 14.59 13.22 5.51
N LEU A 11 15.24 12.79 4.43
CA LEU A 11 15.84 11.47 4.35
C LEU A 11 17.18 11.40 5.08
N ALA A 12 17.13 10.97 6.33
CA ALA A 12 18.34 10.81 7.14
C ALA A 12 18.11 9.76 8.23
N THR A 13 18.85 8.68 8.16
CA THR A 13 18.78 7.62 9.16
C THR A 13 19.87 6.57 8.90
N VAL A 14 20.57 6.16 9.94
CA VAL A 14 21.59 5.14 9.82
C VAL A 14 21.12 3.83 10.45
N ALA A 15 20.70 2.90 9.60
CA ALA A 15 20.23 1.60 10.05
C ALA A 15 20.17 0.63 8.88
N SER A 16 19.96 -0.64 9.16
CA SER A 16 19.86 -1.64 8.12
C SER A 16 18.49 -2.32 8.15
N PHE A 17 17.48 -1.63 7.62
CA PHE A 17 16.13 -2.16 7.56
C PHE A 17 15.58 -1.98 6.16
N SER A 18 14.74 -2.89 5.70
CA SER A 18 14.23 -2.83 4.33
C SER A 18 12.89 -3.56 4.19
N THR A 19 12.64 -4.54 5.05
CA THR A 19 11.44 -5.36 4.91
C THR A 19 10.81 -5.70 6.26
N LEU A 20 9.58 -5.22 6.44
CA LEU A 20 8.81 -5.50 7.64
C LEU A 20 7.35 -5.14 7.40
N ALA A 21 7.15 -3.90 6.98
CA ALA A 21 5.83 -3.39 6.63
C ALA A 21 5.97 -2.27 5.61
N ALA A 22 4.91 -1.50 5.43
CA ALA A 22 4.92 -0.33 4.54
C ALA A 22 4.93 -0.74 3.08
N GLU A 23 3.73 -0.85 2.52
CA GLU A 23 3.54 -1.18 1.12
C GLU A 23 2.50 -0.24 0.52
N GLN A 24 2.50 -0.12 -0.82
CA GLN A 24 1.55 0.75 -1.52
C GLN A 24 1.87 0.79 -3.01
N VAL A 25 0.83 0.82 -3.83
CA VAL A 25 0.99 1.07 -5.25
C VAL A 25 0.15 2.28 -5.66
N SER A 26 0.78 3.27 -6.27
CA SER A 26 0.11 4.50 -6.63
C SER A 26 -0.29 4.49 -8.11
N LYS A 27 -0.68 5.66 -8.61
CA LYS A 27 -1.19 5.80 -9.97
C LYS A 27 -0.06 5.63 -10.98
N GLN A 28 1.11 6.13 -10.63
CA GLN A 28 2.24 6.16 -11.54
C GLN A 28 2.70 4.76 -11.92
N GLU A 29 2.90 3.92 -10.92
CA GLU A 29 3.39 2.57 -11.12
C GLU A 29 2.45 1.76 -12.02
N ILE A 30 1.16 2.00 -11.87
CA ILE A 30 0.15 1.30 -12.67
C ILE A 30 0.39 1.52 -14.16
N SER A 31 0.45 2.77 -14.57
CA SER A 31 0.65 3.12 -15.98
C SER A 31 2.08 2.86 -16.43
N HIS A 32 3.03 3.00 -15.50
CA HIS A 32 4.46 2.91 -15.83
C HIS A 32 4.91 1.45 -15.98
N PHE A 33 4.62 0.63 -14.99
CA PHE A 33 5.12 -0.74 -14.99
C PHE A 33 4.10 -1.70 -15.59
N LYS A 34 2.91 -1.18 -15.88
CA LYS A 34 1.81 -1.99 -16.41
C LYS A 34 1.45 -3.12 -15.45
N LEU A 35 0.96 -2.74 -14.28
CA LEU A 35 0.55 -3.70 -13.27
C LEU A 35 -0.64 -4.51 -13.76
N VAL A 36 -0.68 -5.79 -13.38
CA VAL A 36 -1.78 -6.66 -13.77
C VAL A 36 -3.04 -6.31 -12.98
N LYS A 37 -4.03 -5.81 -13.69
CA LYS A 37 -5.30 -5.45 -13.07
C LYS A 37 -6.14 -6.69 -12.85
N VAL A 38 -6.35 -7.04 -11.59
CA VAL A 38 -7.12 -8.24 -11.26
C VAL A 38 -8.58 -7.90 -10.93
N GLY A 39 -8.86 -6.62 -10.72
CA GLY A 39 -10.21 -6.21 -10.41
C GLY A 39 -10.26 -5.04 -9.45
N THR A 40 -11.46 -4.73 -8.96
CA THR A 40 -11.66 -3.60 -8.06
C THR A 40 -12.60 -3.99 -6.92
N ILE A 41 -12.28 -3.55 -5.72
CA ILE A 41 -13.11 -3.83 -4.55
C ILE A 41 -13.58 -2.53 -3.91
N ASN A 42 -14.68 -2.57 -3.19
CA ASN A 42 -15.17 -1.40 -2.49
C ASN A 42 -15.75 -1.77 -1.14
N VAL A 43 -15.48 -0.92 -0.16
CA VAL A 43 -16.05 -1.07 1.16
C VAL A 43 -17.30 -0.20 1.24
N SER A 44 -18.40 -0.82 1.63
CA SER A 44 -19.66 -0.14 1.79
C SER A 44 -20.34 -0.64 3.06
N GLN A 45 -19.52 -0.93 4.07
CA GLN A 45 -19.98 -1.52 5.30
C GLN A 45 -20.15 -0.47 6.39
N SER A 46 -20.94 -0.81 7.38
CA SER A 46 -21.19 0.09 8.51
C SER A 46 -19.95 0.16 9.43
N GLY A 47 -20.01 1.07 10.40
CA GLY A 47 -18.88 1.28 11.30
C GLY A 47 -18.75 0.18 12.34
N GLY A 48 -19.30 -0.98 12.06
CA GLY A 48 -19.11 -2.14 12.91
C GLY A 48 -18.13 -3.11 12.29
N GLN A 49 -17.97 -3.00 10.98
CA GLN A 49 -17.03 -3.84 10.25
C GLN A 49 -15.77 -3.05 9.94
N ILE A 50 -15.92 -1.72 9.97
CA ILE A 50 -14.79 -0.81 9.84
C ILE A 50 -14.78 0.14 11.02
N SER A 51 -13.96 -0.19 11.99
CA SER A 51 -13.89 0.57 13.20
C SER A 51 -12.64 1.45 13.20
N SER A 52 -11.48 0.81 13.24
CA SER A 52 -10.21 1.52 13.27
C SER A 52 -9.51 1.35 11.92
N PRO A 53 -8.48 2.16 11.62
CA PRO A 53 -7.72 2.05 10.37
C PRO A 53 -7.16 0.65 10.17
N SER A 54 -6.82 0.01 11.28
CA SER A 54 -6.31 -1.35 11.27
C SER A 54 -7.33 -2.32 10.66
N ASP A 55 -8.60 -2.16 11.05
CA ASP A 55 -9.68 -3.02 10.57
C ASP A 55 -9.85 -2.88 9.07
N LEU A 56 -9.66 -1.66 8.57
CA LEU A 56 -9.78 -1.37 7.15
C LEU A 56 -8.75 -2.18 6.36
N ARG A 57 -7.51 -2.18 6.84
CA ARG A 57 -6.44 -2.91 6.17
C ARG A 57 -6.75 -4.40 6.13
N GLU A 58 -7.26 -4.92 7.25
CA GLU A 58 -7.58 -6.33 7.35
C GLU A 58 -8.68 -6.71 6.36
N LYS A 59 -9.61 -5.80 6.11
CA LYS A 59 -10.71 -6.05 5.17
C LYS A 59 -10.21 -5.97 3.74
N LEU A 60 -9.40 -4.95 3.46
CA LEU A 60 -8.87 -4.74 2.12
C LEU A 60 -8.00 -5.90 1.67
N SER A 61 -7.10 -6.34 2.55
CA SER A 61 -6.20 -7.45 2.24
C SER A 61 -6.99 -8.74 2.04
N GLU A 62 -7.99 -8.96 2.88
CA GLU A 62 -8.86 -10.14 2.77
C GLU A 62 -9.53 -10.19 1.39
N LEU A 63 -10.03 -9.05 0.94
CA LEU A 63 -10.72 -8.98 -0.35
C LEU A 63 -9.73 -9.04 -1.52
N ALA A 64 -8.57 -8.44 -1.33
CA ALA A 64 -7.54 -8.44 -2.36
C ALA A 64 -7.00 -9.85 -2.61
N ASP A 65 -6.69 -10.55 -1.52
CA ASP A 65 -6.15 -11.90 -1.61
C ASP A 65 -7.19 -12.84 -2.22
N ALA A 66 -8.46 -12.60 -1.90
CA ALA A 66 -9.55 -13.40 -2.42
C ALA A 66 -9.91 -13.00 -3.86
N LYS A 67 -9.12 -12.10 -4.43
CA LYS A 67 -9.32 -11.70 -5.82
C LYS A 67 -8.08 -12.00 -6.66
N GLY A 68 -7.09 -12.63 -6.05
CA GLY A 68 -5.93 -13.07 -6.79
C GLY A 68 -4.79 -12.07 -6.77
N GLY A 69 -5.10 -10.83 -6.42
CA GLY A 69 -4.08 -9.80 -6.39
C GLY A 69 -3.47 -9.66 -5.02
N LYS A 70 -2.53 -8.74 -4.88
CA LYS A 70 -1.87 -8.52 -3.60
C LYS A 70 -2.05 -7.08 -3.15
N TYR A 71 -1.57 -6.15 -3.97
CA TYR A 71 -1.59 -4.74 -3.61
C TYR A 71 -2.86 -4.08 -4.12
N TYR A 72 -3.13 -2.87 -3.66
CA TYR A 72 -4.32 -2.16 -4.06
C TYR A 72 -4.06 -0.66 -4.12
N HIS A 73 -4.89 0.03 -4.89
CA HIS A 73 -4.80 1.47 -5.02
C HIS A 73 -6.15 2.11 -4.75
N ILE A 74 -6.28 2.69 -3.55
CA ILE A 74 -7.48 3.41 -3.16
C ILE A 74 -7.69 4.62 -4.05
N ILE A 75 -8.88 4.74 -4.63
CA ILE A 75 -9.21 5.87 -5.49
C ILE A 75 -10.30 6.73 -4.84
N ALA A 76 -10.96 6.18 -3.83
CA ALA A 76 -12.03 6.88 -3.15
C ALA A 76 -12.13 6.44 -1.70
N ALA A 77 -12.04 7.40 -0.80
CA ALA A 77 -12.18 7.14 0.62
C ALA A 77 -13.08 8.18 1.25
N ARG A 78 -14.28 7.77 1.62
CA ARG A 78 -15.28 8.70 2.13
C ARG A 78 -16.20 8.00 3.13
N GLU A 79 -17.05 8.77 3.78
CA GLU A 79 -17.98 8.21 4.75
C GLU A 79 -19.41 8.52 4.30
N HIS A 80 -20.30 7.55 4.48
CA HIS A 80 -21.68 7.71 4.06
C HIS A 80 -22.62 7.32 5.19
N GLY A 81 -23.08 8.32 5.94
CA GLY A 81 -23.90 8.07 7.10
C GLY A 81 -23.16 7.24 8.13
N PRO A 82 -23.75 6.11 8.56
CA PRO A 82 -23.11 5.19 9.48
C PRO A 82 -22.30 4.11 8.76
N ASN A 83 -21.95 4.38 7.50
CA ASN A 83 -21.18 3.43 6.69
C ASN A 83 -19.90 4.09 6.19
N PHE A 84 -18.89 3.27 5.96
CA PHE A 84 -17.62 3.75 5.46
C PHE A 84 -17.40 3.26 4.03
N GLU A 85 -17.26 4.20 3.11
CA GLU A 85 -17.10 3.86 1.70
C GLU A 85 -15.64 3.98 1.28
N ALA A 86 -15.01 2.85 0.99
CA ALA A 86 -13.62 2.86 0.53
C ALA A 86 -13.48 2.06 -0.74
N VAL A 87 -13.13 2.73 -1.83
CA VAL A 87 -12.99 2.07 -3.12
C VAL A 87 -11.52 1.92 -3.47
N ALA A 88 -11.07 0.68 -3.60
CA ALA A 88 -9.68 0.40 -3.90
C ALA A 88 -9.58 -0.61 -5.03
N GLU A 89 -8.72 -0.33 -5.99
CA GLU A 89 -8.53 -1.23 -7.11
C GLU A 89 -7.39 -2.19 -6.81
N VAL A 90 -7.57 -3.47 -7.09
CA VAL A 90 -6.59 -4.47 -6.75
C VAL A 90 -5.63 -4.66 -7.92
N TYR A 91 -4.34 -4.57 -7.63
CA TYR A 91 -3.32 -4.69 -8.65
C TYR A 91 -2.27 -5.72 -8.26
N ASN A 92 -1.90 -6.53 -9.22
CA ASN A 92 -0.82 -7.48 -9.03
C ASN A 92 0.48 -6.86 -9.55
N ASP A 93 1.57 -7.62 -9.51
CA ASP A 93 2.85 -7.15 -10.05
C ASP A 93 2.76 -7.14 -11.59
N ALA A 94 3.90 -6.99 -12.27
CA ALA A 94 3.91 -6.95 -13.72
C ALA A 94 4.28 -8.31 -14.29
N THR A 95 4.37 -9.30 -13.42
CA THR A 95 4.75 -10.64 -13.81
C THR A 95 3.57 -11.60 -13.65
N LYS A 96 3.65 -12.71 -14.35
CA LYS A 96 2.63 -13.75 -14.25
C LYS A 96 3.30 -15.11 -14.06
N LEU A 97 4.60 -15.09 -13.81
CA LEU A 97 5.38 -16.30 -13.73
C LEU A 97 5.66 -16.68 -12.27
N GLU A 98 4.92 -17.64 -11.78
CA GLU A 98 5.11 -18.15 -10.43
C GLU A 98 5.51 -19.62 -10.52
N HIS A 99 4.54 -20.49 -10.32
CA HIS A 99 4.73 -21.93 -10.46
C HIS A 99 3.38 -22.57 -10.77
N HIS A 100 2.39 -22.16 -10.00
CA HIS A 100 1.03 -22.66 -10.15
C HIS A 100 0.07 -21.48 -10.22
N HIS A 101 -0.26 -21.05 -11.43
CA HIS A 101 -1.07 -19.85 -11.61
C HIS A 101 -2.31 -20.15 -12.45
N HIS A 102 -2.91 -21.32 -12.22
CA HIS A 102 -4.08 -21.79 -12.96
C HIS A 102 -3.69 -22.15 -14.39
N HIS A 103 -4.68 -22.41 -15.24
CA HIS A 103 -4.42 -22.79 -16.62
C HIS A 103 -5.00 -21.74 -17.57
N HIS A 104 -4.50 -21.73 -18.80
CA HIS A 104 -4.97 -20.80 -19.80
C HIS A 104 -4.96 -21.48 -21.16
N MET B 1 -10.51 5.49 -18.83
CA MET B 1 -10.82 4.06 -18.72
C MET B 1 -12.32 3.85 -18.57
N LYS B 2 -13.00 3.63 -19.69
CA LYS B 2 -14.42 3.33 -19.68
C LYS B 2 -14.66 2.02 -20.43
N LYS B 3 -13.78 1.73 -21.38
CA LYS B 3 -13.84 0.48 -22.12
C LYS B 3 -13.35 -0.68 -21.26
N ARG B 4 -14.27 -1.56 -20.90
CA ARG B 4 -13.97 -2.72 -20.07
C ARG B 4 -15.08 -3.75 -20.21
N ILE B 5 -14.85 -4.76 -21.03
CA ILE B 5 -15.84 -5.79 -21.27
C ILE B 5 -15.64 -6.97 -20.31
N ILE B 6 -16.75 -7.56 -19.87
CA ILE B 6 -16.75 -8.73 -18.99
C ILE B 6 -16.32 -8.38 -17.57
N ALA B 7 -17.25 -8.53 -16.62
CA ALA B 7 -16.96 -8.34 -15.22
C ALA B 7 -17.69 -9.39 -14.38
N ALA B 8 -16.93 -10.33 -13.84
CA ALA B 8 -17.50 -11.38 -13.03
C ALA B 8 -17.53 -10.97 -11.56
N ALA B 9 -18.72 -10.57 -11.09
CA ALA B 9 -18.86 -10.05 -9.74
C ALA B 9 -19.13 -11.14 -8.73
N LEU B 10 -20.06 -12.05 -9.06
CA LEU B 10 -20.45 -13.10 -8.13
C LEU B 10 -19.49 -14.27 -8.20
N LEU B 11 -18.31 -14.08 -7.63
CA LEU B 11 -17.32 -15.14 -7.54
C LEU B 11 -16.77 -15.23 -6.13
N ALA B 12 -17.21 -16.23 -5.39
CA ALA B 12 -16.72 -16.46 -4.04
C ALA B 12 -15.42 -17.24 -4.09
N THR B 13 -14.49 -16.86 -3.23
CA THR B 13 -13.19 -17.49 -3.20
C THR B 13 -12.80 -17.81 -1.76
N VAL B 14 -12.38 -19.05 -1.51
CA VAL B 14 -12.03 -19.46 -0.16
C VAL B 14 -10.56 -19.15 0.15
N ALA B 15 -9.94 -18.37 -0.72
CA ALA B 15 -8.57 -17.93 -0.51
C ALA B 15 -8.56 -16.75 0.44
N SER B 16 -8.25 -17.02 1.69
CA SER B 16 -8.12 -15.98 2.71
C SER B 16 -7.02 -16.35 3.69
N PHE B 17 -5.85 -15.78 3.48
CA PHE B 17 -4.71 -16.04 4.35
C PHE B 17 -4.06 -14.71 4.73
N SER B 18 -3.46 -14.67 5.91
CA SER B 18 -2.76 -13.47 6.36
C SER B 18 -1.54 -13.21 5.49
N THR B 19 -1.72 -12.41 4.46
CA THR B 19 -0.67 -12.15 3.49
C THR B 19 -0.01 -10.80 3.76
N LEU B 20 1.30 -10.75 3.57
CA LEU B 20 2.05 -9.51 3.74
C LEU B 20 2.45 -8.97 2.38
N ALA B 21 1.52 -8.26 1.76
CA ALA B 21 1.74 -7.67 0.44
C ALA B 21 0.57 -6.76 0.08
N ALA B 22 0.01 -6.09 1.09
CA ALA B 22 -1.24 -5.35 0.89
C ALA B 22 -1.44 -4.25 1.93
N GLU B 23 -0.80 -3.10 1.72
CA GLU B 23 -1.03 -1.93 2.56
C GLU B 23 -1.09 -0.68 1.69
N GLN B 24 -1.59 0.43 2.26
CA GLN B 24 -1.62 1.72 1.56
C GLN B 24 -2.25 2.80 2.44
N VAL B 25 -1.76 4.02 2.28
CA VAL B 25 -2.41 5.21 2.82
C VAL B 25 -2.27 6.36 1.82
N SER B 26 -3.32 7.15 1.65
CA SER B 26 -3.28 8.25 0.71
C SER B 26 -3.26 9.61 1.43
N LYS B 27 -4.44 10.16 1.69
CA LYS B 27 -4.57 11.44 2.37
C LYS B 27 -5.92 11.51 3.08
N GLN B 28 -6.95 11.04 2.39
CA GLN B 28 -8.32 11.07 2.90
C GLN B 28 -8.43 10.21 4.15
N GLU B 29 -7.82 9.03 4.08
CA GLU B 29 -7.83 8.08 5.18
C GLU B 29 -7.04 8.67 6.36
N ILE B 30 -5.94 9.33 6.02
CA ILE B 30 -5.09 9.96 7.02
C ILE B 30 -5.81 11.12 7.69
N SER B 31 -6.57 11.85 6.90
CA SER B 31 -7.37 12.97 7.40
C SER B 31 -8.54 12.47 8.24
N HIS B 32 -8.98 11.25 7.99
CA HIS B 32 -10.15 10.71 8.66
C HIS B 32 -9.76 10.02 9.97
N PHE B 33 -8.72 9.20 9.91
CA PHE B 33 -8.29 8.46 11.10
C PHE B 33 -7.19 9.20 11.84
N LYS B 34 -6.70 10.28 11.24
CA LYS B 34 -5.72 11.18 11.86
C LYS B 34 -4.42 10.44 12.19
N LEU B 35 -3.63 10.15 11.16
CA LEU B 35 -2.37 9.40 11.34
C LEU B 35 -1.21 10.35 11.64
N VAL B 36 -0.04 9.78 11.89
CA VAL B 36 1.13 10.55 12.23
C VAL B 36 2.08 10.68 11.04
N LYS B 37 2.39 11.91 10.68
CA LYS B 37 3.32 12.18 9.58
C LYS B 37 4.75 12.11 10.11
N VAL B 38 5.49 11.10 9.66
CA VAL B 38 6.84 10.87 10.16
C VAL B 38 7.91 11.30 9.14
N GLY B 39 7.49 12.05 8.13
CA GLY B 39 8.45 12.61 7.19
C GLY B 39 8.12 12.32 5.75
N THR B 40 9.10 12.48 4.88
CA THR B 40 8.93 12.25 3.46
C THR B 40 10.25 11.76 2.85
N ILE B 41 10.17 10.74 2.02
CA ILE B 41 11.34 10.16 1.39
C ILE B 41 11.36 10.49 -0.09
N ASN B 42 12.55 10.67 -0.64
CA ASN B 42 12.72 11.02 -2.03
C ASN B 42 13.75 10.10 -2.68
N VAL B 43 13.29 9.30 -3.62
CA VAL B 43 14.14 8.37 -4.32
C VAL B 43 14.65 8.99 -5.61
N SER B 44 15.94 9.31 -5.65
CA SER B 44 16.55 9.82 -6.85
C SER B 44 17.67 8.89 -7.29
N GLN B 45 17.41 8.13 -8.35
CA GLN B 45 18.32 7.08 -8.77
C GLN B 45 18.99 7.40 -10.09
N SER B 46 19.75 6.44 -10.61
CA SER B 46 20.45 6.59 -11.86
C SER B 46 20.63 5.24 -12.54
N GLY B 47 19.83 4.97 -13.55
CA GLY B 47 19.95 3.72 -14.28
C GLY B 47 18.88 2.72 -13.89
N GLY B 48 19.10 1.46 -14.26
CA GLY B 48 18.12 0.42 -14.01
C GLY B 48 18.22 -0.15 -12.62
N GLN B 49 18.08 0.71 -11.61
CA GLN B 49 18.11 0.28 -10.23
C GLN B 49 16.77 -0.31 -9.81
N ILE B 50 15.74 -0.03 -10.62
CA ILE B 50 14.43 -0.62 -10.44
C ILE B 50 14.12 -1.54 -11.61
N SER B 51 14.02 -2.83 -11.33
CA SER B 51 13.81 -3.81 -12.39
C SER B 51 12.38 -4.37 -12.34
N SER B 52 11.67 -4.13 -11.24
CA SER B 52 10.33 -4.67 -11.07
C SER B 52 9.51 -3.76 -10.14
N PRO B 53 8.17 -3.84 -10.21
CA PRO B 53 7.27 -3.11 -9.31
C PRO B 53 7.53 -3.45 -7.84
N SER B 54 7.56 -4.75 -7.54
CA SER B 54 7.92 -5.20 -6.20
C SER B 54 9.32 -4.71 -5.82
N ASP B 55 10.22 -4.67 -6.79
CA ASP B 55 11.58 -4.19 -6.56
C ASP B 55 11.55 -2.73 -6.10
N LEU B 56 10.71 -1.92 -6.75
CA LEU B 56 10.55 -0.52 -6.37
C LEU B 56 10.03 -0.38 -4.95
N ARG B 57 9.04 -1.18 -4.59
CA ARG B 57 8.45 -1.08 -3.27
C ARG B 57 9.46 -1.49 -2.19
N GLU B 58 10.36 -2.40 -2.53
CA GLU B 58 11.40 -2.84 -1.59
C GLU B 58 12.40 -1.72 -1.34
N LYS B 59 12.54 -0.84 -2.32
CA LYS B 59 13.37 0.36 -2.17
C LYS B 59 12.66 1.38 -1.29
N LEU B 60 11.34 1.43 -1.42
CA LEU B 60 10.53 2.34 -0.63
C LEU B 60 10.42 1.85 0.80
N SER B 61 10.15 0.56 0.96
CA SER B 61 10.12 -0.06 2.28
C SER B 61 11.48 0.08 2.96
N GLU B 62 12.54 0.02 2.16
CA GLU B 62 13.90 0.20 2.67
C GLU B 62 14.02 1.52 3.42
N LEU B 63 13.54 2.59 2.79
CA LEU B 63 13.62 3.92 3.38
C LEU B 63 12.64 4.08 4.53
N ALA B 64 11.45 3.51 4.37
CA ALA B 64 10.40 3.64 5.38
C ALA B 64 10.71 2.81 6.64
N ASP B 65 11.15 1.59 6.43
CA ASP B 65 11.44 0.66 7.54
C ASP B 65 12.65 1.15 8.32
N ALA B 66 13.66 1.66 7.60
CA ALA B 66 14.84 2.21 8.24
C ALA B 66 14.53 3.55 8.91
N LYS B 67 13.49 4.21 8.44
CA LYS B 67 13.06 5.48 9.04
C LYS B 67 12.27 5.22 10.32
N GLY B 68 11.29 4.33 10.23
CA GLY B 68 10.48 4.01 11.39
C GLY B 68 9.02 4.35 11.19
N GLY B 69 8.55 4.21 9.96
CA GLY B 69 7.15 4.43 9.66
C GLY B 69 6.61 3.29 8.81
N LYS B 70 5.44 2.77 9.20
CA LYS B 70 4.96 1.53 8.62
C LYS B 70 4.03 1.75 7.43
N TYR B 71 3.92 2.99 6.96
CA TYR B 71 3.07 3.30 5.81
C TYR B 71 3.68 4.42 4.98
N TYR B 72 3.48 4.37 3.67
CA TYR B 72 3.97 5.43 2.80
C TYR B 72 2.96 5.74 1.70
N HIS B 73 3.09 6.92 1.11
CA HIS B 73 2.18 7.38 0.07
C HIS B 73 2.95 8.03 -1.07
N ILE B 74 2.96 7.39 -2.24
CA ILE B 74 3.67 7.93 -3.38
C ILE B 74 2.86 9.04 -4.04
N ILE B 75 3.38 10.26 -3.96
CA ILE B 75 2.70 11.42 -4.51
C ILE B 75 3.23 11.76 -5.90
N ALA B 76 4.48 11.41 -6.15
CA ALA B 76 5.09 11.68 -7.44
C ALA B 76 6.14 10.62 -7.76
N ALA B 77 6.07 10.08 -8.97
CA ALA B 77 7.02 9.09 -9.42
C ALA B 77 7.13 9.12 -10.95
N ARG B 78 8.31 9.44 -11.45
CA ARG B 78 8.52 9.55 -12.88
C ARG B 78 9.99 9.37 -13.23
N GLU B 79 10.28 9.36 -14.52
CA GLU B 79 11.64 9.22 -15.00
C GLU B 79 12.12 10.53 -15.60
N HIS B 80 13.24 11.04 -15.12
CA HIS B 80 13.85 12.23 -15.70
C HIS B 80 15.18 11.82 -16.33
N GLY B 81 15.12 11.39 -17.59
CA GLY B 81 16.30 10.89 -18.25
C GLY B 81 16.72 9.56 -17.68
N PRO B 82 17.98 9.43 -17.24
CA PRO B 82 18.47 8.22 -16.58
C PRO B 82 18.14 8.20 -15.09
N ASN B 83 17.54 9.29 -14.61
CA ASN B 83 17.26 9.46 -13.20
C ASN B 83 15.81 9.14 -12.88
N PHE B 84 15.59 8.11 -12.07
CA PHE B 84 14.26 7.76 -11.62
C PHE B 84 13.95 8.50 -10.32
N GLU B 85 12.84 9.21 -10.31
CA GLU B 85 12.46 10.02 -9.17
C GLU B 85 11.16 9.50 -8.54
N ALA B 86 11.25 8.93 -7.34
CA ALA B 86 10.06 8.52 -6.60
C ALA B 86 9.95 9.26 -5.28
N VAL B 87 8.90 10.07 -5.14
CA VAL B 87 8.69 10.84 -3.92
C VAL B 87 7.48 10.30 -3.16
N ALA B 88 7.69 9.95 -1.89
CA ALA B 88 6.64 9.35 -1.10
C ALA B 88 6.58 9.95 0.31
N GLU B 89 5.39 10.01 0.87
CA GLU B 89 5.19 10.50 2.22
C GLU B 89 5.29 9.33 3.18
N VAL B 90 5.86 9.56 4.36
CA VAL B 90 5.96 8.50 5.34
C VAL B 90 5.00 8.76 6.49
N TYR B 91 4.12 7.80 6.74
CA TYR B 91 3.15 7.92 7.82
C TYR B 91 3.22 6.70 8.72
N ASN B 92 2.93 6.90 9.98
CA ASN B 92 2.90 5.80 10.93
C ASN B 92 1.53 5.77 11.60
N ASP B 93 1.18 4.65 12.23
CA ASP B 93 -0.16 4.50 12.79
C ASP B 93 -0.43 5.50 13.92
N ALA B 94 -1.70 5.84 14.08
CA ALA B 94 -2.12 6.76 15.11
C ALA B 94 -2.35 6.05 16.43
N THR B 95 -1.30 5.40 16.90
CA THR B 95 -1.33 4.67 18.16
C THR B 95 0.09 4.43 18.65
N LYS B 96 1.04 4.41 17.70
CA LYS B 96 2.47 4.39 18.01
C LYS B 96 2.92 3.04 18.54
N LEU B 97 2.98 2.07 17.66
CA LEU B 97 3.43 0.75 18.03
C LEU B 97 4.42 0.22 17.02
N GLU B 98 5.69 0.38 17.33
CA GLU B 98 6.78 -0.11 16.49
C GLU B 98 7.12 -1.53 16.94
N HIS B 99 7.72 -2.31 16.06
CA HIS B 99 7.95 -3.72 16.33
C HIS B 99 9.03 -3.89 17.41
N HIS B 100 9.93 -2.94 17.48
CA HIS B 100 10.90 -2.87 18.57
C HIS B 100 10.54 -1.72 19.50
N HIS B 101 11.31 -0.65 19.41
CA HIS B 101 11.12 0.56 20.21
C HIS B 101 11.73 1.74 19.46
N HIS B 102 10.91 2.48 18.75
CA HIS B 102 11.41 3.52 17.87
C HIS B 102 11.71 4.80 18.64
N HIS B 103 12.80 5.46 18.27
CA HIS B 103 13.15 6.75 18.86
C HIS B 103 12.18 7.82 18.38
N HIS B 104 11.50 8.46 19.30
CA HIS B 104 10.59 9.54 18.98
C HIS B 104 11.25 10.88 19.23
N MET A 1 9.82 23.92 -7.94
CA MET A 1 10.09 22.88 -8.96
C MET A 1 11.24 21.98 -8.52
N LYS A 2 11.44 21.84 -7.21
CA LYS A 2 12.54 21.05 -6.69
C LYS A 2 12.04 20.05 -5.68
N LYS A 3 12.82 19.00 -5.44
CA LYS A 3 12.47 18.00 -4.43
C LYS A 3 13.59 17.93 -3.40
N ARG A 4 14.67 17.25 -3.78
CA ARG A 4 15.85 17.12 -2.93
C ARG A 4 17.10 17.20 -3.78
N ILE A 5 17.02 16.68 -5.01
CA ILE A 5 18.14 16.62 -5.94
C ILE A 5 19.23 15.70 -5.39
N ILE A 6 19.10 14.40 -5.70
CA ILE A 6 20.00 13.37 -5.18
C ILE A 6 19.81 13.21 -3.68
N ALA A 7 20.44 14.11 -2.91
CA ALA A 7 20.32 14.14 -1.44
C ALA A 7 20.94 12.91 -0.77
N ALA A 8 21.47 13.13 0.42
CA ALA A 8 21.97 12.04 1.24
C ALA A 8 21.02 11.81 2.40
N ALA A 9 20.19 10.78 2.27
CA ALA A 9 19.16 10.51 3.27
C ALA A 9 19.76 9.90 4.53
N LEU A 10 19.28 10.35 5.67
CA LEU A 10 19.70 9.81 6.95
C LEU A 10 18.78 8.67 7.34
N LEU A 11 19.34 7.65 7.98
CA LEU A 11 18.57 6.48 8.35
C LEU A 11 18.67 6.25 9.86
N ALA A 12 17.57 5.83 10.47
CA ALA A 12 17.54 5.54 11.89
C ALA A 12 17.81 4.06 12.14
N THR A 13 18.97 3.78 12.72
CA THR A 13 19.35 2.40 13.00
C THR A 13 18.75 1.91 14.33
N VAL A 14 17.52 1.41 14.25
CA VAL A 14 16.81 0.90 15.41
C VAL A 14 16.20 -0.47 15.09
N ALA A 15 15.35 -0.96 15.99
CA ALA A 15 14.68 -2.24 15.82
C ALA A 15 13.58 -2.16 14.76
N SER A 16 13.98 -1.96 13.51
CA SER A 16 13.05 -1.93 12.40
C SER A 16 13.40 -3.03 11.40
N PHE A 17 12.54 -4.03 11.31
CA PHE A 17 12.78 -5.17 10.44
C PHE A 17 11.53 -5.52 9.66
N SER A 18 10.59 -6.17 10.36
CA SER A 18 9.36 -6.66 9.76
C SER A 18 9.68 -7.60 8.59
N THR A 19 9.52 -7.09 7.37
CA THR A 19 9.80 -7.83 6.14
C THR A 19 9.15 -7.10 4.96
N LEU A 20 7.92 -6.63 5.19
CA LEU A 20 7.15 -5.93 4.19
C LEU A 20 6.27 -4.88 4.89
N ALA A 21 4.97 -4.93 4.65
CA ALA A 21 4.02 -4.03 5.31
C ALA A 21 4.29 -2.58 4.95
N ALA A 22 4.44 -2.36 3.66
CA ALA A 22 4.68 -1.03 3.10
C ALA A 22 4.74 -1.14 1.59
N GLU A 23 3.60 -0.99 0.91
CA GLU A 23 3.52 -1.31 -0.50
C GLU A 23 2.27 -0.75 -1.20
N GLN A 24 2.48 0.00 -2.26
CA GLN A 24 1.39 0.51 -3.09
C GLN A 24 1.91 0.95 -4.45
N VAL A 25 1.00 1.02 -5.42
CA VAL A 25 1.32 1.54 -6.75
C VAL A 25 0.32 2.61 -7.15
N SER A 26 0.82 3.74 -7.61
CA SER A 26 -0.03 4.84 -8.04
C SER A 26 -0.20 4.82 -9.56
N LYS A 27 -1.06 5.70 -10.08
CA LYS A 27 -1.41 5.69 -11.50
C LYS A 27 -0.20 6.07 -12.36
N GLN A 28 0.83 6.63 -11.75
CA GLN A 28 2.05 6.98 -12.47
C GLN A 28 2.80 5.70 -12.84
N GLU A 29 3.01 4.86 -11.83
CA GLU A 29 3.72 3.60 -11.99
C GLU A 29 2.90 2.61 -12.80
N ILE A 30 1.60 2.56 -12.53
CA ILE A 30 0.69 1.64 -13.21
C ILE A 30 0.74 1.83 -14.73
N SER A 31 0.64 3.08 -15.17
CA SER A 31 0.63 3.39 -16.59
C SER A 31 2.03 3.19 -17.20
N HIS A 32 3.04 3.41 -16.38
CA HIS A 32 4.43 3.31 -16.83
C HIS A 32 4.86 1.85 -17.01
N PHE A 33 4.46 0.99 -16.10
CA PHE A 33 4.87 -0.41 -16.12
C PHE A 33 3.83 -1.30 -16.79
N LYS A 34 2.72 -0.70 -17.24
CA LYS A 34 1.65 -1.45 -17.90
C LYS A 34 1.13 -2.55 -16.97
N LEU A 35 0.79 -2.16 -15.74
CA LEU A 35 0.41 -3.12 -14.70
C LEU A 35 -0.91 -3.82 -14.98
N VAL A 36 -1.18 -4.84 -14.19
CA VAL A 36 -2.36 -5.67 -14.37
C VAL A 36 -3.47 -5.27 -13.40
N LYS A 37 -4.60 -4.84 -13.95
CA LYS A 37 -5.76 -4.50 -13.15
C LYS A 37 -6.56 -5.78 -12.85
N VAL A 38 -6.50 -6.23 -11.61
CA VAL A 38 -7.14 -7.49 -11.25
C VAL A 38 -8.59 -7.28 -10.78
N GLY A 39 -8.96 -6.03 -10.54
CA GLY A 39 -10.32 -5.76 -10.14
C GLY A 39 -10.42 -4.73 -9.02
N THR A 40 -11.61 -4.62 -8.45
CA THR A 40 -11.88 -3.66 -7.39
C THR A 40 -12.40 -4.38 -6.15
N ILE A 41 -12.03 -3.89 -4.98
CA ILE A 41 -12.50 -4.47 -3.72
C ILE A 41 -13.46 -3.52 -3.02
N ASN A 42 -14.31 -4.06 -2.14
CA ASN A 42 -15.38 -3.27 -1.54
C ASN A 42 -15.24 -3.18 -0.03
N VAL A 43 -15.46 -1.98 0.48
CA VAL A 43 -15.58 -1.77 1.92
C VAL A 43 -16.94 -1.13 2.20
N SER A 44 -17.80 -1.86 2.89
CA SER A 44 -19.13 -1.38 3.19
C SER A 44 -19.63 -1.98 4.50
N GLN A 45 -19.12 -1.46 5.61
CA GLN A 45 -19.51 -1.96 6.93
C GLN A 45 -19.73 -0.80 7.88
N SER A 46 -20.40 -1.07 8.99
CA SER A 46 -20.69 -0.05 9.98
C SER A 46 -19.43 0.34 10.75
N GLY A 47 -19.48 1.48 11.44
CA GLY A 47 -18.34 1.95 12.21
C GLY A 47 -17.96 1.01 13.34
N GLY A 48 -18.88 0.12 13.68
CA GLY A 48 -18.61 -0.89 14.69
C GLY A 48 -17.55 -1.89 14.24
N GLN A 49 -17.34 -1.97 12.92
CA GLN A 49 -16.33 -2.87 12.38
C GLN A 49 -15.07 -2.10 11.99
N ILE A 50 -15.23 -0.83 11.65
CA ILE A 50 -14.10 0.01 11.26
C ILE A 50 -13.98 1.19 12.21
N SER A 51 -12.97 1.14 13.05
CA SER A 51 -12.75 2.18 14.04
C SER A 51 -11.31 2.68 13.99
N SER A 52 -10.40 1.82 13.58
CA SER A 52 -9.00 2.18 13.48
C SER A 52 -8.51 1.96 12.05
N PRO A 53 -7.44 2.67 11.64
CA PRO A 53 -6.84 2.50 10.30
C PRO A 53 -6.35 1.07 10.06
N SER A 54 -6.05 0.37 11.16
CA SER A 54 -5.62 -1.01 11.09
C SER A 54 -6.73 -1.89 10.51
N ASP A 55 -7.97 -1.60 10.90
CA ASP A 55 -9.11 -2.39 10.50
C ASP A 55 -9.28 -2.35 8.98
N LEU A 56 -9.29 -1.14 8.43
CA LEU A 56 -9.44 -0.94 7.00
C LEU A 56 -8.34 -1.67 6.24
N ARG A 57 -7.12 -1.55 6.73
CA ARG A 57 -5.96 -2.19 6.12
C ARG A 57 -6.18 -3.69 5.93
N GLU A 58 -6.54 -4.36 7.02
CA GLU A 58 -6.60 -5.81 7.05
C GLU A 58 -7.71 -6.36 6.16
N LYS A 59 -8.75 -5.56 5.96
CA LYS A 59 -9.83 -5.98 5.08
C LYS A 59 -9.34 -5.96 3.63
N LEU A 60 -8.66 -4.86 3.29
CA LEU A 60 -8.18 -4.66 1.93
C LEU A 60 -7.13 -5.68 1.55
N SER A 61 -6.20 -5.95 2.46
CA SER A 61 -5.13 -6.91 2.20
C SER A 61 -5.69 -8.32 1.97
N GLU A 62 -6.68 -8.70 2.77
CA GLU A 62 -7.30 -10.01 2.66
C GLU A 62 -8.02 -10.13 1.30
N LEU A 63 -8.78 -9.11 0.96
CA LEU A 63 -9.55 -9.10 -0.28
C LEU A 63 -8.64 -9.06 -1.50
N ALA A 64 -7.52 -8.35 -1.38
CA ALA A 64 -6.58 -8.19 -2.49
C ALA A 64 -5.93 -9.51 -2.86
N ASP A 65 -5.47 -10.26 -1.86
CA ASP A 65 -4.77 -11.52 -2.10
C ASP A 65 -5.72 -12.57 -2.68
N ALA A 66 -7.01 -12.43 -2.39
CA ALA A 66 -8.02 -13.31 -2.94
C ALA A 66 -8.14 -13.11 -4.45
N LYS A 67 -7.86 -11.89 -4.88
CA LYS A 67 -7.89 -11.55 -6.30
C LYS A 67 -6.55 -11.88 -6.96
N GLY A 68 -5.55 -12.13 -6.14
CA GLY A 68 -4.23 -12.44 -6.64
C GLY A 68 -3.35 -11.21 -6.73
N GLY A 69 -3.96 -10.05 -6.52
CA GLY A 69 -3.25 -8.80 -6.62
C GLY A 69 -2.37 -8.54 -5.42
N LYS A 70 -1.56 -7.51 -5.47
CA LYS A 70 -0.62 -7.20 -4.41
C LYS A 70 -0.93 -5.86 -3.76
N TYR A 71 -0.83 -4.80 -4.56
CA TYR A 71 -1.02 -3.44 -4.05
C TYR A 71 -2.44 -2.98 -4.37
N TYR A 72 -3.01 -2.15 -3.52
CA TYR A 72 -4.34 -1.61 -3.76
C TYR A 72 -4.29 -0.09 -3.79
N HIS A 73 -5.26 0.52 -4.45
CA HIS A 73 -5.30 1.97 -4.59
C HIS A 73 -6.70 2.50 -4.32
N ILE A 74 -6.84 3.30 -3.27
CA ILE A 74 -8.12 3.90 -2.92
C ILE A 74 -8.46 5.01 -3.91
N ILE A 75 -9.68 5.00 -4.43
CA ILE A 75 -10.11 6.03 -5.36
C ILE A 75 -11.26 6.85 -4.81
N ALA A 76 -12.06 6.24 -3.94
CA ALA A 76 -13.20 6.94 -3.35
C ALA A 76 -13.53 6.35 -1.99
N ALA A 77 -13.74 7.21 -1.02
CA ALA A 77 -14.11 6.79 0.33
C ALA A 77 -14.95 7.86 1.00
N ARG A 78 -15.94 7.42 1.77
CA ARG A 78 -16.82 8.35 2.47
C ARG A 78 -17.60 7.63 3.56
N GLU A 79 -17.90 8.37 4.63
CA GLU A 79 -18.82 7.91 5.64
C GLU A 79 -20.24 8.11 5.12
N HIS A 80 -20.94 7.03 4.83
CA HIS A 80 -22.26 7.13 4.22
C HIS A 80 -23.32 6.61 5.18
N GLY A 81 -23.74 7.46 6.10
CA GLY A 81 -24.72 7.06 7.09
C GLY A 81 -24.11 6.24 8.19
N PRO A 82 -24.69 5.08 8.50
CA PRO A 82 -24.18 4.20 9.55
C PRO A 82 -23.01 3.34 9.10
N ASN A 83 -22.70 3.40 7.80
CA ASN A 83 -21.65 2.56 7.23
C ASN A 83 -20.55 3.40 6.60
N PHE A 84 -19.36 2.82 6.53
CA PHE A 84 -18.23 3.45 5.88
C PHE A 84 -17.98 2.80 4.52
N GLU A 85 -18.10 3.59 3.47
CA GLU A 85 -17.98 3.08 2.11
C GLU A 85 -16.60 3.43 1.55
N ALA A 86 -15.86 2.44 1.09
CA ALA A 86 -14.56 2.68 0.49
C ALA A 86 -14.36 1.85 -0.76
N VAL A 87 -13.95 2.51 -1.83
CA VAL A 87 -13.71 1.86 -3.10
C VAL A 87 -12.22 1.90 -3.44
N ALA A 88 -11.62 0.74 -3.55
CA ALA A 88 -10.20 0.63 -3.88
C ALA A 88 -9.99 -0.47 -4.91
N GLU A 89 -9.13 -0.22 -5.89
CA GLU A 89 -8.82 -1.21 -6.88
C GLU A 89 -7.51 -1.90 -6.54
N VAL A 90 -7.36 -3.13 -7.01
CA VAL A 90 -6.15 -3.90 -6.76
C VAL A 90 -5.39 -4.10 -8.06
N TYR A 91 -4.08 -3.96 -8.01
CA TYR A 91 -3.25 -4.09 -9.19
C TYR A 91 -2.16 -5.14 -8.97
N ASN A 92 -1.80 -5.82 -10.05
CA ASN A 92 -0.78 -6.85 -9.99
C ASN A 92 0.41 -6.47 -10.87
N ASP A 93 1.54 -7.16 -10.67
CA ASP A 93 2.73 -6.92 -11.49
C ASP A 93 2.50 -7.54 -12.87
N ALA A 94 3.13 -6.97 -13.88
CA ALA A 94 2.86 -7.35 -15.28
C ALA A 94 3.65 -8.60 -15.68
N THR A 95 3.97 -9.43 -14.70
CA THR A 95 4.78 -10.62 -14.94
C THR A 95 3.91 -11.88 -14.95
N LYS A 96 2.68 -11.74 -14.49
CA LYS A 96 1.77 -12.88 -14.39
C LYS A 96 1.04 -13.13 -15.70
N LEU A 97 0.19 -14.16 -15.71
CA LEU A 97 -0.37 -14.68 -16.96
C LEU A 97 -1.62 -13.95 -17.41
N GLU A 98 -2.06 -12.98 -16.62
CA GLU A 98 -3.22 -12.16 -16.98
C GLU A 98 -3.00 -11.52 -18.35
N HIS A 99 -3.96 -11.73 -19.24
CA HIS A 99 -3.81 -11.34 -20.64
C HIS A 99 -3.74 -9.82 -20.80
N HIS A 100 -2.53 -9.34 -21.10
CA HIS A 100 -2.31 -7.92 -21.33
C HIS A 100 -1.33 -7.71 -22.49
N HIS A 101 -0.60 -8.78 -22.83
CA HIS A 101 0.37 -8.75 -23.94
C HIS A 101 1.53 -7.83 -23.67
N HIS A 102 2.48 -7.79 -24.60
CA HIS A 102 3.58 -6.85 -24.53
C HIS A 102 3.95 -6.37 -25.93
N HIS A 103 3.44 -5.20 -26.29
CA HIS A 103 3.70 -4.58 -27.58
C HIS A 103 5.19 -4.43 -27.81
N HIS A 104 5.67 -4.93 -28.95
CA HIS A 104 7.06 -4.76 -29.34
C HIS A 104 7.25 -3.43 -30.04
N MET B 1 -3.62 10.54 -13.55
CA MET B 1 -4.38 11.06 -14.70
C MET B 1 -5.81 10.54 -14.64
N LYS B 2 -6.75 11.46 -14.45
CA LYS B 2 -8.19 11.14 -14.29
C LYS B 2 -8.47 10.51 -12.93
N LYS B 3 -9.52 10.98 -12.29
CA LYS B 3 -10.05 10.35 -11.09
C LYS B 3 -11.33 9.59 -11.42
N ARG B 4 -11.20 8.53 -12.20
CA ARG B 4 -12.36 7.71 -12.55
C ARG B 4 -12.75 6.83 -11.36
N ILE B 5 -14.04 6.59 -11.20
CA ILE B 5 -14.52 5.78 -10.10
C ILE B 5 -15.37 4.61 -10.60
N ILE B 6 -15.15 3.45 -10.00
CA ILE B 6 -15.97 2.29 -10.28
C ILE B 6 -16.59 1.80 -8.97
N ALA B 7 -17.77 2.31 -8.66
CA ALA B 7 -18.43 1.98 -7.40
C ALA B 7 -19.37 0.81 -7.57
N ALA B 8 -18.80 -0.39 -7.55
CA ALA B 8 -19.59 -1.62 -7.64
C ALA B 8 -19.44 -2.43 -6.36
N ALA B 9 -20.35 -2.23 -5.43
CA ALA B 9 -20.31 -2.94 -4.16
C ALA B 9 -21.51 -3.86 -4.03
N LEU B 10 -21.29 -5.16 -4.14
CA LEU B 10 -22.37 -6.12 -4.13
C LEU B 10 -22.15 -7.20 -3.08
N LEU B 11 -22.83 -7.05 -1.94
CA LEU B 11 -22.78 -8.01 -0.83
C LEU B 11 -21.43 -8.03 -0.13
N ALA B 12 -21.47 -8.20 1.19
CA ALA B 12 -20.25 -8.25 1.98
C ALA B 12 -19.68 -9.66 2.02
N THR B 13 -18.53 -9.82 2.65
CA THR B 13 -17.90 -11.11 2.79
C THR B 13 -17.85 -11.51 4.26
N VAL B 14 -17.48 -12.76 4.53
CA VAL B 14 -17.34 -13.24 5.90
C VAL B 14 -16.21 -12.50 6.59
N ALA B 15 -16.46 -12.06 7.82
CA ALA B 15 -15.48 -11.26 8.55
C ALA B 15 -14.32 -12.12 9.05
N SER B 16 -13.32 -12.23 8.20
CA SER B 16 -12.10 -12.95 8.56
C SER B 16 -10.90 -12.24 7.92
N PHE B 17 -9.73 -12.37 8.52
CA PHE B 17 -8.54 -11.72 8.00
C PHE B 17 -7.29 -12.52 8.37
N SER B 18 -6.28 -12.45 7.54
CA SER B 18 -5.02 -13.14 7.77
C SER B 18 -3.89 -12.12 7.90
N THR B 19 -2.79 -12.54 8.51
CA THR B 19 -1.62 -11.67 8.63
C THR B 19 -0.87 -11.61 7.30
N LEU B 20 -1.38 -10.81 6.38
CA LEU B 20 -0.82 -10.69 5.05
C LEU B 20 -0.05 -9.38 4.92
N ALA B 21 0.53 -9.16 3.74
CA ALA B 21 1.28 -7.95 3.48
C ALA B 21 0.76 -7.25 2.22
N ALA B 22 0.07 -6.14 2.44
CA ALA B 22 -0.51 -5.34 1.37
C ALA B 22 -1.25 -4.17 2.01
N GLU B 23 -0.73 -2.96 1.88
CA GLU B 23 -1.24 -1.85 2.69
C GLU B 23 -0.66 -0.49 2.31
N GLN B 24 -1.53 0.51 2.32
CA GLN B 24 -1.15 1.91 2.14
C GLN B 24 -2.37 2.80 2.33
N VAL B 25 -2.13 4.08 2.66
CA VAL B 25 -3.21 5.04 2.82
C VAL B 25 -3.09 6.16 1.79
N SER B 26 -4.24 6.59 1.28
CA SER B 26 -4.28 7.60 0.24
C SER B 26 -4.20 9.01 0.83
N LYS B 27 -5.35 9.63 1.09
CA LYS B 27 -5.36 10.99 1.64
C LYS B 27 -6.62 11.22 2.48
N GLN B 28 -7.74 10.69 2.01
CA GLN B 28 -8.99 10.83 2.72
C GLN B 28 -8.92 10.14 4.08
N GLU B 29 -8.20 9.02 4.12
CA GLU B 29 -8.00 8.29 5.37
C GLU B 29 -7.10 9.10 6.30
N ILE B 30 -6.10 9.76 5.70
CA ILE B 30 -5.16 10.59 6.46
C ILE B 30 -5.89 11.69 7.22
N SER B 31 -6.81 12.34 6.53
CA SER B 31 -7.59 13.42 7.12
C SER B 31 -8.62 12.86 8.10
N HIS B 32 -9.21 11.72 7.77
CA HIS B 32 -10.26 11.13 8.58
C HIS B 32 -9.73 10.59 9.90
N PHE B 33 -8.64 9.83 9.84
CA PHE B 33 -8.10 9.18 11.02
C PHE B 33 -7.00 10.03 11.66
N LYS B 34 -6.79 11.22 11.11
CA LYS B 34 -5.78 12.15 11.62
C LYS B 34 -4.39 11.49 11.65
N LEU B 35 -4.06 10.81 10.56
CA LEU B 35 -2.82 10.05 10.47
C LEU B 35 -1.59 10.93 10.70
N VAL B 36 -0.56 10.33 11.27
CA VAL B 36 0.63 11.06 11.66
C VAL B 36 1.72 10.94 10.60
N LYS B 37 2.10 12.08 10.03
CA LYS B 37 3.14 12.12 9.01
C LYS B 37 4.52 12.10 9.67
N VAL B 38 5.26 11.02 9.45
CA VAL B 38 6.55 10.84 10.08
C VAL B 38 7.66 11.52 9.28
N GLY B 39 7.55 11.51 7.96
CA GLY B 39 8.56 12.13 7.13
C GLY B 39 8.44 11.72 5.67
N THR B 40 9.33 12.25 4.86
CA THR B 40 9.33 11.99 3.43
C THR B 40 10.59 11.20 3.03
N ILE B 41 10.41 10.19 2.20
CA ILE B 41 11.54 9.48 1.63
C ILE B 41 11.65 9.84 0.16
N ASN B 42 12.85 10.20 -0.27
CA ASN B 42 13.06 10.67 -1.62
C ASN B 42 14.05 9.78 -2.35
N VAL B 43 13.56 9.10 -3.37
CA VAL B 43 14.37 8.15 -4.11
C VAL B 43 14.96 8.78 -5.35
N SER B 44 16.29 8.80 -5.41
CA SER B 44 16.99 9.19 -6.61
C SER B 44 17.77 7.98 -7.12
N GLN B 45 17.10 7.15 -7.91
CA GLN B 45 17.67 5.88 -8.35
C GLN B 45 18.59 6.09 -9.53
N SER B 46 19.89 5.98 -9.30
CA SER B 46 20.87 6.12 -10.35
C SER B 46 21.13 4.76 -11.02
N GLY B 47 20.57 4.58 -12.21
CA GLY B 47 20.85 3.39 -12.98
C GLY B 47 19.82 2.29 -12.77
N GLY B 48 20.19 1.08 -13.15
CA GLY B 48 19.26 -0.04 -13.13
C GLY B 48 19.11 -0.68 -11.78
N GLN B 49 18.60 0.07 -10.81
CA GLN B 49 18.25 -0.49 -9.51
C GLN B 49 16.77 -0.85 -9.48
N ILE B 50 16.08 -0.54 -10.56
CA ILE B 50 14.66 -0.83 -10.70
C ILE B 50 14.40 -1.58 -11.99
N SER B 51 13.75 -2.73 -11.87
CA SER B 51 13.41 -3.54 -13.03
C SER B 51 11.90 -3.56 -13.22
N SER B 52 11.21 -4.00 -12.19
CA SER B 52 9.75 -4.01 -12.17
C SER B 52 9.25 -3.30 -10.91
N PRO B 53 7.92 -3.12 -10.75
CA PRO B 53 7.36 -2.53 -9.52
C PRO B 53 7.79 -3.27 -8.26
N SER B 54 8.05 -4.57 -8.41
CA SER B 54 8.50 -5.40 -7.31
C SER B 54 9.89 -4.97 -6.80
N ASP B 55 10.70 -4.36 -7.68
CA ASP B 55 12.00 -3.85 -7.29
C ASP B 55 11.84 -2.63 -6.40
N LEU B 56 11.01 -1.70 -6.86
CA LEU B 56 10.72 -0.49 -6.10
C LEU B 56 10.05 -0.84 -4.78
N ARG B 57 9.30 -1.93 -4.81
CA ARG B 57 8.66 -2.47 -3.61
C ARG B 57 9.68 -2.66 -2.48
N GLU B 58 10.78 -3.33 -2.79
CA GLU B 58 11.82 -3.59 -1.80
C GLU B 58 12.36 -2.28 -1.24
N LYS B 59 12.76 -1.40 -2.15
CA LYS B 59 13.41 -0.15 -1.79
C LYS B 59 12.51 0.70 -0.89
N LEU B 60 11.24 0.78 -1.23
CA LEU B 60 10.30 1.60 -0.47
C LEU B 60 9.94 0.94 0.86
N SER B 61 9.69 -0.37 0.83
CA SER B 61 9.35 -1.10 2.05
C SER B 61 10.51 -1.07 3.03
N GLU B 62 11.73 -1.17 2.51
CA GLU B 62 12.94 -1.12 3.33
C GLU B 62 13.04 0.20 4.07
N LEU B 63 12.94 1.29 3.33
CA LEU B 63 13.08 2.62 3.91
C LEU B 63 11.91 2.96 4.83
N ALA B 64 10.70 2.58 4.42
CA ALA B 64 9.49 2.91 5.16
C ALA B 64 9.50 2.33 6.56
N ASP B 65 9.74 1.02 6.67
CA ASP B 65 9.69 0.37 7.97
C ASP B 65 10.87 0.80 8.83
N ALA B 66 12.00 1.09 8.18
CA ALA B 66 13.19 1.56 8.88
C ALA B 66 12.97 2.95 9.46
N LYS B 67 12.03 3.69 8.88
CA LYS B 67 11.67 5.02 9.38
C LYS B 67 10.62 4.90 10.49
N GLY B 68 10.25 3.67 10.79
CA GLY B 68 9.25 3.43 11.81
C GLY B 68 7.86 3.77 11.31
N GLY B 69 7.63 3.52 10.02
CA GLY B 69 6.34 3.79 9.43
C GLY B 69 5.78 2.59 8.69
N LYS B 70 4.49 2.62 8.40
CA LYS B 70 3.86 1.53 7.67
C LYS B 70 3.51 1.96 6.26
N TYR B 71 2.56 2.88 6.14
CA TYR B 71 2.06 3.26 4.83
C TYR B 71 2.84 4.45 4.28
N TYR B 72 3.11 4.44 2.99
CA TYR B 72 3.78 5.56 2.34
C TYR B 72 2.93 6.04 1.17
N HIS B 73 2.71 7.33 1.08
CA HIS B 73 1.90 7.86 0.00
C HIS B 73 2.79 8.53 -1.04
N ILE B 74 2.92 7.87 -2.19
CA ILE B 74 3.72 8.39 -3.28
C ILE B 74 3.03 9.61 -3.90
N ILE B 75 3.73 10.73 -3.92
CA ILE B 75 3.18 11.94 -4.51
C ILE B 75 3.71 12.16 -5.92
N ALA B 76 4.90 11.62 -6.18
CA ALA B 76 5.54 11.77 -7.48
C ALA B 76 6.49 10.62 -7.76
N ALA B 77 6.28 9.93 -8.87
CA ALA B 77 7.14 8.82 -9.27
C ALA B 77 7.31 8.79 -10.78
N ARG B 78 8.54 8.96 -11.25
CA ARG B 78 8.82 9.01 -12.68
C ARG B 78 10.31 8.88 -12.96
N GLU B 79 10.63 8.48 -14.18
CA GLU B 79 12.02 8.47 -14.63
C GLU B 79 12.41 9.85 -15.13
N HIS B 80 13.60 10.29 -14.80
CA HIS B 80 14.13 11.53 -15.34
C HIS B 80 15.35 11.20 -16.21
N GLY B 81 15.35 10.00 -16.75
CA GLY B 81 16.48 9.52 -17.52
C GLY B 81 17.14 8.35 -16.83
N PRO B 82 18.47 8.41 -16.59
CA PRO B 82 19.19 7.38 -15.85
C PRO B 82 18.87 7.45 -14.35
N ASN B 83 18.22 8.53 -13.96
CA ASN B 83 17.84 8.75 -12.56
C ASN B 83 16.33 8.61 -12.41
N PHE B 84 15.91 7.73 -11.50
CA PHE B 84 14.50 7.52 -11.24
C PHE B 84 14.08 8.25 -9.97
N GLU B 85 13.11 9.15 -10.10
CA GLU B 85 12.63 9.95 -8.98
C GLU B 85 11.36 9.34 -8.38
N ALA B 86 11.45 8.87 -7.15
CA ALA B 86 10.27 8.41 -6.43
C ALA B 86 10.16 9.12 -5.09
N VAL B 87 9.11 9.91 -4.93
CA VAL B 87 8.90 10.66 -3.71
C VAL B 87 7.68 10.15 -2.97
N ALA B 88 7.90 9.58 -1.79
CA ALA B 88 6.83 9.04 -0.99
C ALA B 88 6.90 9.57 0.43
N GLU B 89 5.77 10.00 0.95
CA GLU B 89 5.72 10.51 2.31
C GLU B 89 5.04 9.49 3.21
N VAL B 90 5.68 9.14 4.31
CA VAL B 90 5.23 8.04 5.15
C VAL B 90 4.25 8.53 6.22
N TYR B 91 3.17 7.78 6.40
CA TYR B 91 2.15 8.12 7.38
C TYR B 91 1.87 6.94 8.29
N ASN B 92 1.80 7.21 9.59
CA ASN B 92 1.44 6.20 10.57
C ASN B 92 0.02 6.44 11.08
N ASP B 93 -0.57 5.41 11.67
CA ASP B 93 -1.93 5.53 12.19
C ASP B 93 -1.98 6.55 13.34
N ALA B 94 -1.26 6.26 14.41
CA ALA B 94 -1.15 7.15 15.57
C ALA B 94 -0.33 6.52 16.70
N THR B 95 0.28 5.37 16.47
CA THR B 95 0.98 4.67 17.53
C THR B 95 2.49 4.98 17.53
N LYS B 96 3.12 4.88 16.36
CA LYS B 96 4.59 5.04 16.23
C LYS B 96 5.33 3.87 16.87
N LEU B 97 4.99 3.59 18.11
CA LEU B 97 5.60 2.52 18.87
C LEU B 97 4.89 1.21 18.60
N GLU B 98 5.35 0.14 19.25
CA GLU B 98 4.86 -1.21 19.01
C GLU B 98 5.13 -1.63 17.57
N HIS B 99 6.28 -2.23 17.34
CA HIS B 99 6.61 -2.73 16.00
C HIS B 99 5.93 -4.07 15.81
N HIS B 100 4.61 -4.01 15.64
CA HIS B 100 3.72 -5.16 15.51
C HIS B 100 3.53 -5.86 16.86
N HIS B 101 4.61 -6.19 17.53
CA HIS B 101 4.52 -6.85 18.83
C HIS B 101 5.76 -6.58 19.67
N HIS B 102 5.60 -5.78 20.71
CA HIS B 102 6.67 -5.54 21.66
C HIS B 102 6.08 -5.27 23.04
N HIS B 103 5.74 -6.35 23.74
CA HIS B 103 5.04 -6.27 25.03
C HIS B 103 3.67 -5.63 24.85
N HIS B 104 2.72 -6.42 24.41
CA HIS B 104 1.37 -5.96 24.14
C HIS B 104 0.45 -7.16 24.00
N MET A 1 -21.90 -3.66 40.87
CA MET A 1 -22.54 -4.77 40.12
C MET A 1 -21.80 -6.08 40.41
N LYS A 2 -22.45 -7.20 40.17
CA LYS A 2 -21.88 -8.52 40.45
C LYS A 2 -20.82 -8.91 39.42
N LYS A 3 -20.37 -7.95 38.64
CA LYS A 3 -19.32 -8.17 37.66
C LYS A 3 -18.51 -6.89 37.47
N ARG A 4 -17.22 -6.98 37.75
CA ARG A 4 -16.32 -5.85 37.53
C ARG A 4 -15.43 -6.13 36.33
N ILE A 5 -14.46 -5.27 36.10
CA ILE A 5 -13.60 -5.39 34.94
C ILE A 5 -12.13 -5.42 35.37
N ILE A 6 -11.37 -6.31 34.76
CA ILE A 6 -9.95 -6.41 35.03
C ILE A 6 -9.15 -6.40 33.73
N ALA A 7 -8.35 -5.36 33.55
CA ALA A 7 -7.56 -5.20 32.35
C ALA A 7 -6.08 -5.17 32.69
N ALA A 8 -5.24 -4.91 31.68
CA ALA A 8 -3.79 -4.84 31.85
C ALA A 8 -3.23 -6.17 32.34
N ALA A 9 -3.39 -7.21 31.51
CA ALA A 9 -2.88 -8.52 31.84
C ALA A 9 -1.35 -8.55 31.78
N LEU A 10 -0.74 -9.03 32.85
CA LEU A 10 0.71 -9.07 32.96
C LEU A 10 1.27 -10.26 32.20
N LEU A 11 1.25 -10.17 30.88
CA LEU A 11 1.79 -11.20 30.02
C LEU A 11 2.91 -10.64 29.17
N ALA A 12 4.05 -11.31 29.17
CA ALA A 12 5.21 -10.88 28.39
C ALA A 12 5.08 -11.35 26.95
N THR A 13 5.03 -10.41 26.02
CA THR A 13 4.87 -10.72 24.61
C THR A 13 6.01 -11.61 24.11
N VAL A 14 5.65 -12.63 23.34
CA VAL A 14 6.63 -13.52 22.74
C VAL A 14 7.06 -12.97 21.38
N ALA A 15 8.05 -13.63 20.77
CA ALA A 15 8.51 -13.24 19.45
C ALA A 15 7.44 -13.52 18.40
N SER A 16 6.80 -12.47 17.94
CA SER A 16 5.74 -12.59 16.95
C SER A 16 6.00 -11.63 15.80
N PHE A 17 5.49 -11.96 14.62
CA PHE A 17 5.76 -11.19 13.43
C PHE A 17 4.81 -10.00 13.31
N SER A 18 5.28 -8.95 12.66
CA SER A 18 4.45 -7.79 12.36
C SER A 18 4.02 -7.87 10.90
N THR A 19 3.16 -6.95 10.47
CA THR A 19 2.70 -6.95 9.09
C THR A 19 3.76 -6.35 8.16
N LEU A 20 3.90 -6.93 6.99
CA LEU A 20 4.81 -6.41 5.98
C LEU A 20 4.12 -5.28 5.23
N ALA A 21 4.11 -4.11 5.84
CA ALA A 21 3.40 -2.97 5.32
C ALA A 21 4.32 -2.06 4.50
N ALA A 22 3.89 -0.81 4.35
CA ALA A 22 4.61 0.19 3.58
C ALA A 22 4.61 -0.15 2.11
N GLU A 23 3.46 0.04 1.48
CA GLU A 23 3.30 -0.17 0.04
C GLU A 23 2.41 0.92 -0.54
N GLN A 24 2.40 1.05 -1.86
CA GLN A 24 1.47 1.92 -2.57
C GLN A 24 1.81 1.94 -4.05
N VAL A 25 0.79 1.85 -4.90
CA VAL A 25 0.97 2.01 -6.33
C VAL A 25 -0.03 3.04 -6.89
N SER A 26 0.50 4.14 -7.40
CA SER A 26 -0.34 5.20 -7.92
C SER A 26 -0.58 4.98 -9.42
N LYS A 27 -1.49 5.75 -9.99
CA LYS A 27 -1.83 5.60 -11.39
C LYS A 27 -0.69 6.02 -12.31
N GLN A 28 0.22 6.83 -11.77
CA GLN A 28 1.39 7.25 -12.52
C GLN A 28 2.28 6.05 -12.81
N GLU A 29 2.56 5.27 -11.77
CA GLU A 29 3.35 4.05 -11.89
C GLU A 29 2.59 3.02 -12.71
N ILE A 30 1.30 2.88 -12.41
CA ILE A 30 0.44 1.92 -13.10
C ILE A 30 0.40 2.17 -14.60
N SER A 31 0.22 3.43 -14.99
CA SER A 31 0.17 3.79 -16.40
C SER A 31 1.56 3.72 -17.02
N HIS A 32 2.58 3.90 -16.20
CA HIS A 32 3.96 3.90 -16.68
C HIS A 32 4.43 2.49 -17.02
N PHE A 33 4.25 1.57 -16.08
CA PHE A 33 4.68 0.19 -16.26
C PHE A 33 3.63 -0.63 -16.99
N LYS A 34 2.43 -0.07 -17.09
CA LYS A 34 1.28 -0.75 -17.69
C LYS A 34 0.93 -2.00 -16.89
N LEU A 35 0.45 -1.78 -15.67
CA LEU A 35 0.13 -2.86 -14.75
C LEU A 35 -1.21 -3.50 -15.09
N VAL A 36 -1.42 -4.71 -14.57
CA VAL A 36 -2.63 -5.45 -14.80
C VAL A 36 -3.63 -5.24 -13.66
N LYS A 37 -4.87 -4.94 -14.01
CA LYS A 37 -5.91 -4.78 -13.02
C LYS A 37 -6.52 -6.13 -12.68
N VAL A 38 -6.41 -6.51 -11.43
CA VAL A 38 -7.00 -7.75 -10.96
C VAL A 38 -8.49 -7.54 -10.73
N GLY A 39 -8.84 -6.30 -10.44
CA GLY A 39 -10.23 -5.92 -10.27
C GLY A 39 -10.37 -4.66 -9.45
N THR A 40 -11.54 -4.05 -9.49
CA THR A 40 -11.85 -2.93 -8.63
C THR A 40 -12.82 -3.36 -7.54
N ILE A 41 -12.38 -3.26 -6.30
CA ILE A 41 -13.19 -3.67 -5.16
C ILE A 41 -13.68 -2.44 -4.41
N ASN A 42 -14.59 -2.65 -3.48
CA ASN A 42 -15.11 -1.54 -2.71
C ASN A 42 -15.37 -1.94 -1.26
N VAL A 43 -15.11 -0.99 -0.39
CA VAL A 43 -15.38 -1.13 1.02
C VAL A 43 -16.76 -0.56 1.30
N SER A 44 -17.58 -1.33 1.97
CA SER A 44 -18.94 -0.92 2.28
C SER A 44 -19.41 -1.70 3.49
N GLN A 45 -18.88 -1.34 4.64
CA GLN A 45 -19.19 -2.05 5.88
C GLN A 45 -20.16 -1.26 6.73
N SER A 46 -20.99 -1.99 7.47
CA SER A 46 -22.04 -1.39 8.27
C SER A 46 -21.68 -1.43 9.76
N GLY A 47 -21.44 -0.25 10.33
CA GLY A 47 -21.18 -0.17 11.75
C GLY A 47 -19.72 -0.07 12.07
N GLY A 48 -19.32 -0.63 13.21
CA GLY A 48 -17.98 -0.49 13.70
C GLY A 48 -17.04 -1.57 13.20
N GLN A 49 -17.22 -1.97 11.96
CA GLN A 49 -16.36 -2.98 11.36
C GLN A 49 -15.02 -2.33 11.00
N ILE A 50 -15.09 -1.06 10.66
CA ILE A 50 -13.91 -0.24 10.46
C ILE A 50 -13.88 0.84 11.54
N SER A 51 -13.16 0.57 12.61
CA SER A 51 -13.11 1.49 13.74
C SER A 51 -11.78 2.24 13.71
N SER A 52 -10.71 1.51 13.46
CA SER A 52 -9.40 2.10 13.33
C SER A 52 -8.91 1.93 11.89
N PRO A 53 -7.95 2.75 11.45
CA PRO A 53 -7.37 2.64 10.10
C PRO A 53 -6.80 1.25 9.83
N SER A 54 -6.40 0.58 10.90
CA SER A 54 -5.83 -0.76 10.81
C SER A 54 -6.91 -1.80 10.49
N ASP A 55 -8.16 -1.50 10.81
CA ASP A 55 -9.26 -2.41 10.48
C ASP A 55 -9.49 -2.41 8.98
N LEU A 56 -9.29 -1.24 8.38
CA LEU A 56 -9.48 -1.07 6.95
C LEU A 56 -8.46 -1.89 6.17
N ARG A 57 -7.19 -1.76 6.55
CA ARG A 57 -6.11 -2.47 5.87
C ARG A 57 -6.25 -3.98 5.99
N GLU A 58 -6.83 -4.44 7.10
CA GLU A 58 -7.05 -5.87 7.30
C GLU A 58 -8.08 -6.42 6.32
N LYS A 59 -9.15 -5.66 6.10
CA LYS A 59 -10.17 -6.06 5.13
C LYS A 59 -9.61 -6.05 3.72
N LEU A 60 -8.90 -4.98 3.39
CA LEU A 60 -8.32 -4.83 2.06
C LEU A 60 -7.28 -5.91 1.79
N SER A 61 -6.46 -6.20 2.79
CA SER A 61 -5.43 -7.23 2.67
C SER A 61 -6.08 -8.60 2.51
N GLU A 62 -7.16 -8.82 3.24
CA GLU A 62 -7.90 -10.08 3.18
C GLU A 62 -8.49 -10.30 1.78
N LEU A 63 -9.04 -9.23 1.20
CA LEU A 63 -9.61 -9.30 -0.14
C LEU A 63 -8.51 -9.46 -1.18
N ALA A 64 -7.35 -8.87 -0.91
CA ALA A 64 -6.20 -8.96 -1.80
C ALA A 64 -5.72 -10.40 -1.92
N ASP A 65 -5.69 -11.11 -0.80
CA ASP A 65 -5.28 -12.52 -0.78
C ASP A 65 -6.24 -13.37 -1.61
N ALA A 66 -7.53 -13.08 -1.50
CA ALA A 66 -8.55 -13.84 -2.21
C ALA A 66 -8.42 -13.66 -3.71
N LYS A 67 -8.21 -12.42 -4.14
CA LYS A 67 -8.02 -12.13 -5.54
C LYS A 67 -6.64 -12.58 -6.00
N GLY A 68 -5.67 -12.49 -5.12
CA GLY A 68 -4.31 -12.87 -5.45
C GLY A 68 -3.49 -11.69 -5.91
N GLY A 69 -3.72 -10.55 -5.29
CA GLY A 69 -2.99 -9.35 -5.62
C GLY A 69 -1.89 -9.07 -4.62
N LYS A 70 -0.98 -8.17 -4.95
CA LYS A 70 0.15 -7.89 -4.08
C LYS A 70 0.22 -6.41 -3.68
N TYR A 71 -0.76 -5.63 -4.13
CA TYR A 71 -0.86 -4.21 -3.79
C TYR A 71 -2.33 -3.78 -3.87
N TYR A 72 -2.65 -2.62 -3.33
CA TYR A 72 -3.97 -2.04 -3.52
C TYR A 72 -3.89 -0.53 -3.46
N HIS A 73 -4.87 0.15 -4.06
CA HIS A 73 -4.86 1.60 -4.13
C HIS A 73 -6.28 2.15 -4.05
N ILE A 74 -6.56 2.94 -3.02
CA ILE A 74 -7.87 3.55 -2.86
C ILE A 74 -7.95 4.85 -3.68
N ILE A 75 -9.02 5.00 -4.45
CA ILE A 75 -9.20 6.18 -5.29
C ILE A 75 -10.29 7.10 -4.74
N ALA A 76 -11.18 6.54 -3.92
CA ALA A 76 -12.26 7.30 -3.33
C ALA A 76 -12.64 6.71 -1.98
N ALA A 77 -12.90 7.55 -1.00
CA ALA A 77 -13.23 7.09 0.34
C ALA A 77 -14.14 8.10 1.04
N ARG A 78 -15.37 7.70 1.29
CA ARG A 78 -16.34 8.60 1.89
C ARG A 78 -17.09 7.90 3.03
N GLU A 79 -17.52 8.70 4.00
CA GLU A 79 -18.31 8.20 5.09
C GLU A 79 -19.79 8.38 4.77
N HIS A 80 -20.45 7.30 4.39
CA HIS A 80 -21.84 7.36 3.96
C HIS A 80 -22.75 6.85 5.06
N GLY A 81 -22.98 7.70 6.05
CA GLY A 81 -23.82 7.33 7.17
C GLY A 81 -23.26 6.18 7.97
N PRO A 82 -24.04 5.11 8.16
CA PRO A 82 -23.60 3.92 8.89
C PRO A 82 -22.79 2.95 8.02
N ASN A 83 -22.50 3.36 6.79
CA ASN A 83 -21.73 2.55 5.87
C ASN A 83 -20.49 3.31 5.40
N PHE A 84 -19.32 2.75 5.68
CA PHE A 84 -18.09 3.34 5.23
C PHE A 84 -17.78 2.87 3.81
N GLU A 85 -17.75 3.81 2.88
CA GLU A 85 -17.57 3.50 1.47
C GLU A 85 -16.18 3.88 0.99
N ALA A 86 -15.37 2.90 0.62
CA ALA A 86 -14.04 3.17 0.10
C ALA A 86 -13.76 2.32 -1.15
N VAL A 87 -13.49 2.97 -2.26
CA VAL A 87 -13.26 2.26 -3.51
C VAL A 87 -11.77 2.03 -3.74
N ALA A 88 -11.37 0.78 -3.84
CA ALA A 88 -9.96 0.43 -3.95
C ALA A 88 -9.70 -0.44 -5.17
N GLU A 89 -8.56 -0.23 -5.80
CA GLU A 89 -8.18 -1.02 -6.95
C GLU A 89 -7.13 -2.05 -6.57
N VAL A 90 -7.25 -3.25 -7.14
CA VAL A 90 -6.27 -4.30 -6.92
C VAL A 90 -5.43 -4.50 -8.18
N TYR A 91 -4.13 -4.29 -8.06
CA TYR A 91 -3.22 -4.47 -9.17
C TYR A 91 -2.13 -5.46 -8.81
N ASN A 92 -1.59 -6.14 -9.80
CA ASN A 92 -0.53 -7.11 -9.58
C ASN A 92 0.76 -6.66 -10.26
N ASP A 93 1.88 -7.16 -9.75
CA ASP A 93 3.20 -6.79 -10.24
C ASP A 93 3.51 -7.57 -11.51
N ALA A 94 2.76 -7.25 -12.57
CA ALA A 94 2.87 -7.94 -13.85
C ALA A 94 2.63 -9.45 -13.66
N THR A 95 1.95 -9.78 -12.58
CA THR A 95 1.71 -11.17 -12.19
C THR A 95 0.89 -11.92 -13.22
N LYS A 96 1.54 -12.86 -13.85
CA LYS A 96 0.90 -13.77 -14.79
C LYS A 96 1.30 -15.19 -14.46
N LEU A 97 0.38 -15.93 -13.83
CA LEU A 97 0.60 -17.32 -13.46
C LEU A 97 1.67 -17.48 -12.37
N GLU A 98 1.99 -16.38 -11.69
CA GLU A 98 2.89 -16.40 -10.54
C GLU A 98 2.37 -17.43 -9.53
N HIS A 99 1.10 -17.26 -9.18
CA HIS A 99 0.35 -18.27 -8.47
C HIS A 99 -0.80 -18.70 -9.39
N HIS A 100 -0.96 -20.00 -9.59
CA HIS A 100 -1.83 -20.50 -10.64
C HIS A 100 -3.29 -20.50 -10.21
N HIS A 101 -3.54 -20.63 -8.90
CA HIS A 101 -4.89 -20.76 -8.37
C HIS A 101 -5.55 -22.02 -8.94
N HIS A 102 -5.47 -23.09 -8.16
CA HIS A 102 -5.96 -24.41 -8.58
C HIS A 102 -7.48 -24.43 -8.72
N HIS A 103 -7.97 -23.78 -9.77
CA HIS A 103 -9.39 -23.67 -10.10
C HIS A 103 -9.58 -22.64 -11.20
N HIS A 104 -8.77 -21.60 -11.13
CA HIS A 104 -8.93 -20.43 -11.98
C HIS A 104 -10.39 -19.94 -11.91
N MET B 1 -5.24 15.55 -8.12
CA MET B 1 -5.33 15.43 -9.60
C MET B 1 -6.77 15.13 -10.02
N LYS B 2 -7.01 15.13 -11.33
CA LYS B 2 -8.30 14.76 -11.87
C LYS B 2 -8.39 13.24 -12.00
N LYS B 3 -9.06 12.60 -11.05
CA LYS B 3 -9.15 11.15 -11.06
C LYS B 3 -10.59 10.69 -11.27
N ARG B 4 -10.84 10.15 -12.46
CA ARG B 4 -12.15 9.64 -12.81
C ARG B 4 -12.28 8.19 -12.33
N ILE B 5 -13.08 7.99 -11.30
CA ILE B 5 -13.21 6.68 -10.69
C ILE B 5 -13.97 5.72 -11.61
N ILE B 6 -13.71 4.43 -11.46
CA ILE B 6 -14.38 3.43 -12.28
C ILE B 6 -14.61 2.15 -11.47
N ALA B 7 -15.87 1.91 -11.12
CA ALA B 7 -16.25 0.71 -10.40
C ALA B 7 -17.02 -0.22 -11.30
N ALA B 8 -16.31 -1.16 -11.92
CA ALA B 8 -16.93 -2.11 -12.84
C ALA B 8 -16.27 -3.47 -12.73
N ALA B 9 -16.44 -4.11 -11.59
CA ALA B 9 -15.96 -5.46 -11.38
C ALA B 9 -17.03 -6.29 -10.67
N LEU B 10 -17.59 -7.25 -11.39
CA LEU B 10 -18.69 -8.04 -10.86
C LEU B 10 -18.27 -9.48 -10.59
N LEU B 11 -17.03 -9.81 -10.94
CA LEU B 11 -16.56 -11.17 -10.76
C LEU B 11 -15.44 -11.24 -9.71
N ALA B 12 -15.73 -11.89 -8.60
CA ALA B 12 -14.75 -12.12 -7.56
C ALA B 12 -14.30 -13.58 -7.59
N THR B 13 -13.62 -14.01 -6.54
CA THR B 13 -13.17 -15.39 -6.42
C THR B 13 -12.71 -15.65 -4.99
N VAL B 14 -12.84 -16.89 -4.54
CA VAL B 14 -12.49 -17.24 -3.18
C VAL B 14 -11.25 -18.11 -3.13
N ALA B 15 -10.16 -17.51 -2.67
CA ALA B 15 -8.91 -18.23 -2.48
C ALA B 15 -8.18 -17.69 -1.25
N SER B 16 -8.53 -18.22 -0.10
CA SER B 16 -7.93 -17.77 1.15
C SER B 16 -6.70 -18.61 1.49
N PHE B 17 -5.54 -18.00 1.40
CA PHE B 17 -4.29 -18.69 1.70
C PHE B 17 -3.60 -18.02 2.88
N SER B 18 -3.04 -16.85 2.65
CA SER B 18 -2.29 -16.12 3.67
C SER B 18 -1.77 -14.80 3.10
N THR B 19 -2.05 -13.71 3.80
CA THR B 19 -1.55 -12.41 3.41
C THR B 19 -0.03 -12.35 3.55
N LEU B 20 0.59 -11.43 2.83
CA LEU B 20 2.05 -11.30 2.83
C LEU B 20 2.43 -9.89 2.39
N ALA B 21 1.85 -9.45 1.29
CA ALA B 21 2.11 -8.12 0.76
C ALA B 21 0.81 -7.46 0.33
N ALA B 22 0.30 -6.58 1.19
CA ALA B 22 -0.93 -5.84 0.92
C ALA B 22 -1.27 -4.95 2.10
N GLU B 23 -0.69 -3.75 2.13
CA GLU B 23 -0.95 -2.81 3.22
C GLU B 23 -0.48 -1.39 2.84
N GLN B 24 -1.41 -0.44 2.93
CA GLN B 24 -1.22 0.91 2.42
C GLN B 24 -2.29 1.83 3.01
N VAL B 25 -1.96 3.12 3.18
CA VAL B 25 -2.95 4.11 3.58
C VAL B 25 -2.94 5.28 2.59
N SER B 26 -4.10 5.64 2.08
CA SER B 26 -4.20 6.71 1.12
C SER B 26 -4.47 8.04 1.81
N LYS B 27 -4.43 9.12 1.04
CA LYS B 27 -4.52 10.47 1.59
C LYS B 27 -5.87 10.70 2.26
N GLN B 28 -6.89 10.01 1.78
CA GLN B 28 -8.23 10.15 2.30
C GLN B 28 -8.30 9.65 3.74
N GLU B 29 -7.80 8.43 3.95
CA GLU B 29 -7.80 7.81 5.27
C GLU B 29 -6.91 8.58 6.23
N ILE B 30 -5.78 9.07 5.72
CA ILE B 30 -4.84 9.85 6.53
C ILE B 30 -5.52 11.05 7.16
N SER B 31 -6.18 11.87 6.35
CA SER B 31 -6.88 13.05 6.85
C SER B 31 -8.17 12.67 7.60
N HIS B 32 -8.68 11.47 7.33
CA HIS B 32 -9.92 11.02 7.94
C HIS B 32 -9.70 10.62 9.41
N PHE B 33 -8.63 9.87 9.66
CA PHE B 33 -8.35 9.38 11.01
C PHE B 33 -7.28 10.22 11.69
N LYS B 34 -6.61 11.07 10.89
CA LYS B 34 -5.48 11.88 11.36
C LYS B 34 -4.31 11.02 11.79
N LEU B 35 -3.42 10.75 10.83
CA LEU B 35 -2.24 9.95 11.09
C LEU B 35 -1.04 10.85 11.36
N VAL B 36 0.04 10.28 11.88
CA VAL B 36 1.24 11.04 12.21
C VAL B 36 2.22 11.01 11.04
N LYS B 37 2.47 12.17 10.44
CA LYS B 37 3.40 12.28 9.33
C LYS B 37 4.81 12.44 9.86
N VAL B 38 5.63 11.42 9.65
CA VAL B 38 7.00 11.44 10.17
C VAL B 38 7.99 12.09 9.20
N GLY B 39 7.72 11.99 7.91
CA GLY B 39 8.62 12.59 6.95
C GLY B 39 8.33 12.16 5.53
N THR B 40 9.38 12.07 4.73
CA THR B 40 9.28 11.75 3.32
C THR B 40 10.42 10.83 2.89
N ILE B 41 10.10 9.83 2.08
CA ILE B 41 11.13 8.92 1.56
C ILE B 41 11.42 9.23 0.09
N ASN B 42 12.70 9.21 -0.24
CA ASN B 42 13.16 9.64 -1.56
C ASN B 42 13.65 8.46 -2.39
N VAL B 43 13.05 8.30 -3.57
CA VAL B 43 13.54 7.33 -4.54
C VAL B 43 14.35 8.03 -5.60
N SER B 44 15.62 7.69 -5.69
CA SER B 44 16.51 8.27 -6.68
C SER B 44 17.67 7.33 -6.97
N GLN B 45 17.38 6.28 -7.74
CA GLN B 45 18.38 5.27 -8.06
C GLN B 45 18.92 5.46 -9.47
N SER B 46 20.21 5.21 -9.63
CA SER B 46 20.86 5.36 -10.91
C SER B 46 20.62 4.13 -11.78
N GLY B 47 19.96 4.35 -12.91
CA GLY B 47 19.74 3.29 -13.86
C GLY B 47 18.45 2.55 -13.63
N GLY B 48 18.31 1.40 -14.26
CA GLY B 48 17.10 0.63 -14.16
C GLY B 48 17.10 -0.31 -12.97
N GLN B 49 17.37 0.25 -11.79
CA GLN B 49 17.34 -0.53 -10.57
C GLN B 49 15.90 -0.86 -10.20
N ILE B 50 14.98 -0.02 -10.66
CA ILE B 50 13.57 -0.28 -10.48
C ILE B 50 12.97 -0.71 -11.81
N SER B 51 12.96 -2.02 -12.03
CA SER B 51 12.48 -2.57 -13.29
C SER B 51 11.00 -2.92 -13.17
N SER B 52 10.55 -3.13 -11.95
CA SER B 52 9.17 -3.45 -11.67
C SER B 52 8.71 -2.75 -10.39
N PRO B 53 7.39 -2.53 -10.23
CA PRO B 53 6.82 -1.91 -9.03
C PRO B 53 7.26 -2.59 -7.73
N SER B 54 7.51 -3.90 -7.78
CA SER B 54 8.00 -4.63 -6.63
C SER B 54 9.34 -4.07 -6.16
N ASP B 55 10.22 -3.72 -7.10
CA ASP B 55 11.49 -3.09 -6.77
C ASP B 55 11.25 -1.80 -6.01
N LEU B 56 10.28 -1.03 -6.50
CA LEU B 56 9.91 0.22 -5.88
C LEU B 56 9.41 -0.01 -4.47
N ARG B 57 8.57 -1.03 -4.30
CA ARG B 57 8.00 -1.36 -3.01
C ARG B 57 9.12 -1.74 -2.03
N GLU B 58 10.03 -2.60 -2.49
CA GLU B 58 11.12 -3.08 -1.66
C GLU B 58 11.96 -1.93 -1.13
N LYS B 59 12.33 -1.01 -2.02
CA LYS B 59 13.14 0.13 -1.65
C LYS B 59 12.39 1.06 -0.69
N LEU B 60 11.15 1.38 -1.06
CA LEU B 60 10.33 2.29 -0.27
C LEU B 60 10.05 1.75 1.13
N SER B 61 9.64 0.49 1.21
CA SER B 61 9.35 -0.11 2.50
C SER B 61 10.61 -0.20 3.35
N GLU B 62 11.73 -0.51 2.72
CA GLU B 62 13.02 -0.61 3.41
C GLU B 62 13.40 0.74 4.01
N LEU B 63 13.30 1.78 3.19
CA LEU B 63 13.64 3.13 3.64
C LEU B 63 12.67 3.62 4.71
N ALA B 64 11.40 3.25 4.58
CA ALA B 64 10.38 3.65 5.53
C ALA B 64 10.58 2.97 6.88
N ASP B 65 10.76 1.65 6.86
CA ASP B 65 10.92 0.88 8.08
C ASP B 65 12.19 1.28 8.82
N ALA B 66 13.21 1.66 8.05
CA ALA B 66 14.48 2.13 8.62
C ALA B 66 14.29 3.44 9.36
N LYS B 67 13.32 4.23 8.90
CA LYS B 67 13.01 5.50 9.55
C LYS B 67 12.11 5.26 10.76
N GLY B 68 11.37 4.16 10.73
CA GLY B 68 10.45 3.84 11.79
C GLY B 68 9.01 3.89 11.34
N GLY B 69 8.81 4.33 10.10
CA GLY B 69 7.48 4.43 9.55
C GLY B 69 6.93 3.09 9.13
N LYS B 70 5.63 2.91 9.29
CA LYS B 70 5.00 1.64 8.97
C LYS B 70 4.17 1.75 7.69
N TYR B 71 3.75 2.96 7.37
CA TYR B 71 2.91 3.19 6.20
C TYR B 71 3.44 4.37 5.40
N TYR B 72 3.12 4.42 4.11
CA TYR B 72 3.47 5.57 3.30
C TYR B 72 2.47 5.77 2.18
N HIS B 73 2.55 6.92 1.53
CA HIS B 73 1.70 7.21 0.39
C HIS B 73 2.47 8.01 -0.64
N ILE B 74 2.65 7.44 -1.82
CA ILE B 74 3.34 8.12 -2.91
C ILE B 74 2.52 9.32 -3.40
N ILE B 75 3.19 10.43 -3.64
CA ILE B 75 2.52 11.62 -4.11
C ILE B 75 2.90 11.94 -5.55
N ALA B 76 4.09 11.50 -5.96
CA ALA B 76 4.58 11.77 -7.30
C ALA B 76 5.66 10.77 -7.70
N ALA B 77 5.62 10.34 -8.94
CA ALA B 77 6.61 9.44 -9.50
C ALA B 77 6.94 9.86 -10.92
N ARG B 78 8.23 9.99 -11.22
CA ARG B 78 8.64 10.49 -12.52
C ARG B 78 9.82 9.68 -13.06
N GLU B 79 9.89 9.62 -14.38
CA GLU B 79 10.89 8.82 -15.06
C GLU B 79 12.04 9.67 -15.58
N HIS B 80 13.24 9.33 -15.17
CA HIS B 80 14.43 9.80 -15.85
C HIS B 80 15.30 8.61 -16.25
N GLY B 81 16.10 8.80 -17.28
CA GLY B 81 16.96 7.74 -17.75
C GLY B 81 18.04 7.35 -16.75
N PRO B 82 18.88 8.30 -16.32
CA PRO B 82 19.94 8.02 -15.36
C PRO B 82 19.42 7.77 -13.94
N ASN B 83 18.30 8.39 -13.59
CA ASN B 83 17.77 8.29 -12.23
C ASN B 83 16.28 7.97 -12.25
N PHE B 84 15.88 6.96 -11.49
CA PHE B 84 14.46 6.69 -11.29
C PHE B 84 13.99 7.44 -10.04
N GLU B 85 13.02 8.32 -10.21
CA GLU B 85 12.64 9.23 -9.14
C GLU B 85 11.20 9.03 -8.70
N ALA B 86 11.00 8.92 -7.38
CA ALA B 86 9.67 8.81 -6.80
C ALA B 86 9.65 9.43 -5.40
N VAL B 87 8.54 10.07 -5.06
CA VAL B 87 8.42 10.74 -3.78
C VAL B 87 7.22 10.21 -3.00
N ALA B 88 7.45 9.74 -1.79
CA ALA B 88 6.40 9.19 -0.96
C ALA B 88 6.44 9.77 0.45
N GLU B 89 5.27 10.03 1.01
CA GLU B 89 5.15 10.58 2.35
C GLU B 89 5.03 9.45 3.36
N VAL B 90 5.81 9.52 4.44
CA VAL B 90 5.82 8.44 5.42
C VAL B 90 4.91 8.78 6.60
N TYR B 91 4.06 7.84 6.97
CA TYR B 91 3.14 8.02 8.08
C TYR B 91 3.26 6.88 9.07
N ASN B 92 3.12 7.20 10.34
CA ASN B 92 3.23 6.19 11.38
C ASN B 92 1.90 5.93 12.07
N ASP B 93 1.96 5.00 13.02
CA ASP B 93 0.82 4.63 13.84
C ASP B 93 0.24 5.86 14.51
N ALA B 94 -1.08 5.99 14.47
CA ALA B 94 -1.77 7.12 15.11
C ALA B 94 -1.75 6.97 16.62
N THR B 95 -0.56 7.11 17.19
CA THR B 95 -0.33 6.90 18.62
C THR B 95 1.17 6.83 18.90
N LYS B 96 1.95 6.53 17.85
CA LYS B 96 3.40 6.34 17.97
C LYS B 96 3.71 5.05 18.71
N LEU B 97 4.99 4.82 19.00
CA LEU B 97 5.46 3.56 19.57
C LEU B 97 5.20 2.41 18.60
N GLU B 98 5.42 1.19 19.07
CA GLU B 98 5.14 -0.03 18.29
C GLU B 98 5.79 0.02 16.90
N HIS B 99 6.94 0.68 16.80
CA HIS B 99 7.67 0.74 15.53
C HIS B 99 8.12 -0.65 15.12
N HIS B 100 8.36 -1.50 16.10
CA HIS B 100 8.74 -2.87 15.87
C HIS B 100 7.94 -3.79 16.78
N HIS B 101 7.81 -5.06 16.41
CA HIS B 101 7.14 -6.05 17.25
C HIS B 101 5.66 -5.69 17.42
N HIS B 102 5.13 -4.93 16.46
CA HIS B 102 3.75 -4.48 16.51
C HIS B 102 2.83 -5.56 15.97
N HIS B 103 2.49 -6.51 16.82
CA HIS B 103 1.61 -7.60 16.44
C HIS B 103 0.19 -7.32 16.93
N HIS B 104 -0.52 -6.50 16.18
CA HIS B 104 -1.92 -6.18 16.47
C HIS B 104 -2.42 -5.10 15.51
N MET A 1 1.17 -4.58 31.37
CA MET A 1 0.79 -5.43 30.22
C MET A 1 -0.01 -4.62 29.21
N LYS A 2 -1.21 -4.22 29.58
CA LYS A 2 -2.09 -3.51 28.65
C LYS A 2 -1.69 -2.04 28.54
N LYS A 3 -1.20 -1.48 29.63
CA LYS A 3 -0.95 -0.05 29.69
C LYS A 3 0.46 0.29 29.25
N ARG A 4 0.58 0.80 28.04
CA ARG A 4 1.79 1.46 27.60
C ARG A 4 1.49 2.95 27.49
N ILE A 5 2.38 3.78 28.01
CA ILE A 5 2.17 5.20 27.94
C ILE A 5 2.40 5.69 26.52
N ILE A 6 1.69 6.73 26.13
CA ILE A 6 1.77 7.23 24.77
C ILE A 6 3.08 7.98 24.53
N ALA A 7 4.16 7.24 24.51
CA ALA A 7 5.48 7.80 24.22
C ALA A 7 5.67 7.86 22.71
N ALA A 8 5.31 8.99 22.12
CA ALA A 8 5.37 9.17 20.68
C ALA A 8 6.80 9.38 20.19
N ALA A 9 7.74 9.29 21.12
CA ALA A 9 9.16 9.44 20.79
C ALA A 9 9.65 8.28 19.92
N LEU A 10 9.86 8.58 18.64
CA LEU A 10 10.33 7.59 17.70
C LEU A 10 11.25 8.27 16.70
N LEU A 11 12.54 7.92 16.76
CA LEU A 11 13.53 8.48 15.85
C LEU A 11 14.56 7.43 15.47
N ALA A 12 15.00 7.48 14.21
CA ALA A 12 16.04 6.60 13.68
C ALA A 12 15.82 5.13 14.05
N THR A 13 15.04 4.43 13.24
CA THR A 13 14.78 3.03 13.51
C THR A 13 15.83 2.14 12.87
N VAL A 14 16.92 1.92 13.60
CA VAL A 14 17.99 1.05 13.13
C VAL A 14 17.79 -0.35 13.69
N ALA A 15 16.78 -1.04 13.16
CA ALA A 15 16.44 -2.40 13.59
C ALA A 15 15.28 -2.94 12.77
N SER A 16 15.58 -3.85 11.86
CA SER A 16 14.57 -4.42 11.00
C SER A 16 13.79 -5.53 11.71
N PHE A 17 12.60 -5.19 12.19
CA PHE A 17 11.75 -6.15 12.86
C PHE A 17 10.34 -6.04 12.30
N SER A 18 9.76 -7.20 11.93
CA SER A 18 8.46 -7.24 11.27
C SER A 18 8.50 -6.42 9.98
N THR A 19 9.28 -6.89 9.02
CA THR A 19 9.49 -6.17 7.78
C THR A 19 8.40 -6.47 6.76
N LEU A 20 7.19 -5.98 7.05
CA LEU A 20 6.08 -6.07 6.12
C LEU A 20 5.03 -5.02 6.48
N ALA A 21 5.20 -3.84 5.88
CA ALA A 21 4.33 -2.69 6.16
C ALA A 21 4.67 -1.54 5.23
N ALA A 22 4.61 -1.82 3.93
CA ALA A 22 4.90 -0.83 2.90
C ALA A 22 4.65 -1.43 1.53
N GLU A 23 3.40 -1.74 1.23
CA GLU A 23 3.06 -2.51 0.02
C GLU A 23 1.88 -1.91 -0.74
N GLN A 24 2.17 -1.24 -1.87
CA GLN A 24 1.14 -0.68 -2.73
C GLN A 24 1.74 0.14 -3.89
N VAL A 25 0.92 0.47 -4.87
CA VAL A 25 1.32 1.32 -5.99
C VAL A 25 0.32 2.49 -6.14
N SER A 26 0.83 3.68 -6.43
CA SER A 26 -0.02 4.86 -6.47
C SER A 26 -0.62 5.09 -7.86
N LYS A 27 0.03 5.90 -8.67
CA LYS A 27 -0.48 6.29 -9.97
C LYS A 27 0.59 6.14 -11.06
N GLN A 28 1.79 6.63 -10.77
CA GLN A 28 2.88 6.60 -11.73
C GLN A 28 3.28 5.16 -12.04
N GLU A 29 3.44 4.37 -10.98
CA GLU A 29 3.89 2.99 -11.08
C GLU A 29 3.01 2.18 -12.02
N ILE A 30 1.70 2.29 -11.83
CA ILE A 30 0.74 1.53 -12.63
C ILE A 30 0.91 1.82 -14.13
N SER A 31 0.98 3.10 -14.45
CA SER A 31 1.09 3.54 -15.84
C SER A 31 2.48 3.25 -16.41
N HIS A 32 3.49 3.34 -15.56
CA HIS A 32 4.88 3.24 -15.99
C HIS A 32 5.32 1.78 -16.14
N PHE A 33 4.81 0.91 -15.29
CA PHE A 33 5.24 -0.49 -15.30
C PHE A 33 4.22 -1.39 -15.99
N LYS A 34 3.06 -0.82 -16.32
CA LYS A 34 1.97 -1.57 -16.96
C LYS A 34 1.52 -2.72 -16.07
N LEU A 35 0.86 -2.40 -14.97
CA LEU A 35 0.46 -3.38 -13.98
C LEU A 35 -0.83 -4.08 -14.38
N VAL A 36 -1.09 -5.22 -13.74
CA VAL A 36 -2.27 -6.02 -14.02
C VAL A 36 -3.42 -5.62 -13.10
N LYS A 37 -4.42 -4.95 -13.67
CA LYS A 37 -5.60 -4.55 -12.93
C LYS A 37 -6.57 -5.73 -12.82
N VAL A 38 -6.63 -6.34 -11.65
CA VAL A 38 -7.40 -7.57 -11.48
C VAL A 38 -8.87 -7.32 -11.16
N GLY A 39 -9.20 -6.13 -10.69
CA GLY A 39 -10.60 -5.84 -10.39
C GLY A 39 -10.77 -4.75 -9.35
N THR A 40 -11.87 -4.83 -8.61
CA THR A 40 -12.23 -3.80 -7.64
C THR A 40 -12.73 -4.42 -6.35
N ILE A 41 -12.44 -3.78 -5.23
CA ILE A 41 -12.96 -4.20 -3.93
C ILE A 41 -13.62 -3.02 -3.23
N ASN A 42 -14.69 -3.30 -2.50
CA ASN A 42 -15.46 -2.24 -1.87
C ASN A 42 -15.61 -2.46 -0.37
N VAL A 43 -15.48 -1.38 0.38
CA VAL A 43 -15.78 -1.38 1.80
C VAL A 43 -17.18 -0.85 2.03
N SER A 44 -18.08 -1.73 2.42
CA SER A 44 -19.43 -1.32 2.77
C SER A 44 -19.88 -2.05 4.01
N GLN A 45 -19.36 -1.63 5.15
CA GLN A 45 -19.66 -2.27 6.43
C GLN A 45 -19.96 -1.22 7.48
N SER A 46 -20.50 -1.67 8.60
CA SER A 46 -20.89 -0.77 9.67
C SER A 46 -19.66 -0.27 10.43
N GLY A 47 -19.85 0.78 11.22
CA GLY A 47 -18.75 1.35 12.00
C GLY A 47 -18.32 0.44 13.14
N GLY A 48 -18.89 -0.75 13.19
CA GLY A 48 -18.47 -1.73 14.18
C GLY A 48 -17.52 -2.76 13.57
N GLN A 49 -17.32 -2.67 12.26
CA GLN A 49 -16.42 -3.59 11.56
C GLN A 49 -15.15 -2.88 11.13
N ILE A 50 -15.19 -1.55 11.14
CA ILE A 50 -14.03 -0.74 10.81
C ILE A 50 -13.74 0.23 11.95
N SER A 51 -12.67 -0.04 12.68
CA SER A 51 -12.35 0.71 13.87
C SER A 51 -11.24 1.73 13.62
N SER A 52 -10.23 1.32 12.88
CA SER A 52 -9.06 2.15 12.63
C SER A 52 -8.62 2.02 11.17
N PRO A 53 -7.69 2.88 10.72
CA PRO A 53 -7.12 2.77 9.37
C PRO A 53 -6.46 1.42 9.15
N SER A 54 -5.83 0.91 10.20
CA SER A 54 -5.23 -0.41 10.17
C SER A 54 -6.31 -1.48 10.00
N ASP A 55 -7.40 -1.34 10.75
CA ASP A 55 -8.51 -2.28 10.68
C ASP A 55 -9.20 -2.17 9.31
N LEU A 56 -9.16 -0.98 8.73
CA LEU A 56 -9.70 -0.74 7.41
C LEU A 56 -8.95 -1.56 6.35
N ARG A 57 -7.62 -1.44 6.36
CA ARG A 57 -6.80 -2.17 5.38
C ARG A 57 -6.86 -3.66 5.64
N GLU A 58 -7.13 -4.04 6.89
CA GLU A 58 -7.32 -5.45 7.26
C GLU A 58 -8.35 -6.11 6.35
N LYS A 59 -9.51 -5.47 6.23
CA LYS A 59 -10.62 -6.00 5.45
C LYS A 59 -10.27 -6.08 3.97
N LEU A 60 -9.66 -5.01 3.45
CA LEU A 60 -9.33 -4.95 2.04
C LEU A 60 -8.18 -5.89 1.70
N SER A 61 -7.24 -6.02 2.61
CA SER A 61 -6.12 -6.94 2.43
C SER A 61 -6.66 -8.37 2.36
N GLU A 62 -7.58 -8.70 3.25
CA GLU A 62 -8.22 -10.00 3.28
C GLU A 62 -9.02 -10.24 2.00
N LEU A 63 -9.71 -9.20 1.53
CA LEU A 63 -10.49 -9.29 0.31
C LEU A 63 -9.59 -9.48 -0.91
N ALA A 64 -8.51 -8.72 -0.98
CA ALA A 64 -7.57 -8.80 -2.09
C ALA A 64 -6.98 -10.19 -2.19
N ASP A 65 -6.54 -10.73 -1.06
CA ASP A 65 -5.98 -12.07 -0.99
C ASP A 65 -6.98 -13.12 -1.47
N ALA A 66 -8.24 -12.94 -1.10
CA ALA A 66 -9.30 -13.87 -1.44
C ALA A 66 -9.72 -13.76 -2.92
N LYS A 67 -9.50 -12.58 -3.49
CA LYS A 67 -9.83 -12.36 -4.90
C LYS A 67 -8.72 -12.84 -5.81
N GLY A 68 -7.50 -12.44 -5.48
CA GLY A 68 -6.37 -12.77 -6.31
C GLY A 68 -5.58 -11.52 -6.69
N GLY A 69 -5.52 -10.58 -5.76
CA GLY A 69 -4.79 -9.36 -5.98
C GLY A 69 -3.92 -9.00 -4.79
N LYS A 70 -2.94 -8.16 -5.01
CA LYS A 70 -2.03 -7.78 -3.94
C LYS A 70 -2.28 -6.36 -3.47
N TYR A 71 -1.91 -5.40 -4.29
CA TYR A 71 -1.97 -3.99 -3.91
C TYR A 71 -3.30 -3.40 -4.35
N TYR A 72 -3.74 -2.33 -3.72
CA TYR A 72 -5.01 -1.71 -4.10
C TYR A 72 -4.97 -0.19 -3.93
N HIS A 73 -5.45 0.52 -4.93
CA HIS A 73 -5.41 1.97 -4.90
C HIS A 73 -6.81 2.52 -4.57
N ILE A 74 -6.89 3.25 -3.46
CA ILE A 74 -8.15 3.82 -3.03
C ILE A 74 -8.48 5.05 -3.86
N ILE A 75 -9.65 5.06 -4.49
CA ILE A 75 -10.07 6.19 -5.30
C ILE A 75 -11.15 7.00 -4.59
N ALA A 76 -11.83 6.37 -3.64
CA ALA A 76 -12.88 7.05 -2.89
C ALA A 76 -13.03 6.42 -1.51
N ALA A 77 -13.16 7.26 -0.49
CA ALA A 77 -13.33 6.80 0.88
C ALA A 77 -14.18 7.79 1.67
N ARG A 78 -15.39 7.39 2.03
CA ARG A 78 -16.32 8.28 2.71
C ARG A 78 -17.26 7.50 3.63
N GLU A 79 -18.05 8.22 4.40
CA GLU A 79 -19.00 7.59 5.30
C GLU A 79 -20.41 7.70 4.74
N HIS A 80 -21.24 6.72 5.04
CA HIS A 80 -22.64 6.75 4.64
C HIS A 80 -23.49 7.17 5.83
N GLY A 81 -22.93 7.00 7.01
CA GLY A 81 -23.63 7.29 8.24
C GLY A 81 -23.26 6.28 9.30
N PRO A 82 -24.10 5.27 9.53
CA PRO A 82 -23.77 4.14 10.40
C PRO A 82 -22.77 3.19 9.73
N ASN A 83 -22.67 3.30 8.41
CA ASN A 83 -21.77 2.46 7.63
C ASN A 83 -20.69 3.32 6.95
N PHE A 84 -19.60 2.69 6.57
CA PHE A 84 -18.50 3.35 5.89
C PHE A 84 -18.36 2.77 4.48
N GLU A 85 -18.13 3.64 3.50
CA GLU A 85 -18.04 3.21 2.11
C GLU A 85 -16.71 3.63 1.48
N ALA A 86 -15.93 2.64 1.08
CA ALA A 86 -14.66 2.91 0.42
C ALA A 86 -14.55 2.12 -0.87
N VAL A 87 -14.00 2.75 -1.90
CA VAL A 87 -13.85 2.12 -3.20
C VAL A 87 -12.37 2.05 -3.58
N ALA A 88 -11.86 0.84 -3.75
CA ALA A 88 -10.46 0.64 -4.10
C ALA A 88 -10.32 -0.40 -5.20
N GLU A 89 -9.42 -0.12 -6.14
CA GLU A 89 -9.20 -1.04 -7.24
C GLU A 89 -7.91 -1.81 -7.03
N VAL A 90 -7.93 -3.09 -7.35
CA VAL A 90 -6.84 -3.99 -7.02
C VAL A 90 -5.89 -4.17 -8.20
N TYR A 91 -4.60 -4.09 -7.93
CA TYR A 91 -3.57 -4.25 -8.94
C TYR A 91 -2.52 -5.24 -8.49
N ASN A 92 -2.08 -6.09 -9.40
CA ASN A 92 -0.97 -6.99 -9.11
C ASN A 92 0.31 -6.47 -9.72
N ASP A 93 1.39 -7.22 -9.55
CA ASP A 93 2.66 -6.89 -10.17
C ASP A 93 2.58 -7.13 -11.68
N ALA A 94 3.72 -7.36 -12.31
CA ALA A 94 3.75 -7.72 -13.73
C ALA A 94 3.51 -9.22 -13.89
N THR A 95 2.99 -9.82 -12.84
CA THR A 95 2.75 -11.25 -12.79
C THR A 95 1.62 -11.53 -11.79
N LYS A 96 1.51 -12.79 -11.35
CA LYS A 96 0.48 -13.18 -10.39
C LYS A 96 0.88 -12.77 -8.96
N LEU A 97 0.30 -13.45 -7.97
CA LEU A 97 0.54 -13.14 -6.55
C LEU A 97 1.93 -13.57 -6.10
N GLU A 98 2.92 -13.36 -6.94
CA GLU A 98 4.27 -13.81 -6.67
C GLU A 98 5.07 -12.75 -5.91
N HIS A 99 5.25 -11.59 -6.54
CA HIS A 99 6.16 -10.55 -6.05
C HIS A 99 7.59 -11.09 -6.06
N HIS A 100 7.97 -11.83 -5.01
CA HIS A 100 9.26 -12.52 -4.88
C HIS A 100 10.39 -11.82 -5.65
N HIS A 101 11.04 -10.87 -4.99
CA HIS A 101 12.08 -10.10 -5.64
C HIS A 101 13.38 -10.89 -5.73
N HIS A 102 13.87 -11.06 -6.94
CA HIS A 102 15.16 -11.70 -7.16
C HIS A 102 16.28 -10.75 -6.78
N HIS A 103 17.34 -11.27 -6.20
CA HIS A 103 18.43 -10.43 -5.77
C HIS A 103 19.43 -10.21 -6.89
N HIS A 104 19.88 -8.96 -7.03
CA HIS A 104 20.80 -8.59 -8.09
C HIS A 104 22.17 -8.28 -7.49
N MET B 1 0.12 10.26 -21.66
CA MET B 1 0.94 10.79 -22.76
C MET B 1 1.61 9.65 -23.53
N LYS B 2 0.84 9.10 -24.49
CA LYS B 2 1.29 7.97 -25.31
C LYS B 2 1.33 6.68 -24.49
N LYS B 3 1.33 5.55 -25.20
CA LYS B 3 1.29 4.22 -24.57
C LYS B 3 -0.04 3.97 -23.85
N ARG B 4 -0.81 3.03 -24.37
CA ARG B 4 -2.10 2.71 -23.80
C ARG B 4 -1.98 1.48 -22.90
N ILE B 5 -2.71 1.49 -21.79
CA ILE B 5 -2.70 0.36 -20.88
C ILE B 5 -3.97 -0.47 -21.07
N ILE B 6 -3.79 -1.76 -21.35
CA ILE B 6 -4.90 -2.66 -21.56
C ILE B 6 -4.72 -3.93 -20.75
N ALA B 7 -5.71 -4.26 -19.94
CA ALA B 7 -5.67 -5.48 -19.14
C ALA B 7 -6.08 -6.69 -19.96
N ALA B 8 -5.10 -7.28 -20.63
CA ALA B 8 -5.36 -8.43 -21.49
C ALA B 8 -5.11 -9.74 -20.75
N ALA B 9 -6.08 -10.64 -20.85
CA ALA B 9 -6.00 -11.97 -20.25
C ALA B 9 -5.86 -11.91 -18.74
N LEU B 10 -6.95 -11.58 -18.07
CA LEU B 10 -6.97 -11.54 -16.61
C LEU B 10 -7.27 -12.93 -16.06
N LEU B 11 -6.22 -13.75 -15.96
CA LEU B 11 -6.39 -15.12 -15.49
C LEU B 11 -5.76 -15.30 -14.11
N ALA B 12 -6.62 -15.51 -13.12
CA ALA B 12 -6.17 -15.73 -11.74
C ALA B 12 -7.27 -16.45 -10.95
N THR B 13 -7.08 -17.74 -10.73
CA THR B 13 -8.06 -18.54 -10.02
C THR B 13 -8.24 -18.05 -8.58
N VAL B 14 -7.25 -18.32 -7.74
CA VAL B 14 -7.27 -17.87 -6.34
C VAL B 14 -6.09 -18.46 -5.58
N ALA B 15 -5.72 -19.69 -5.95
CA ALA B 15 -4.61 -20.42 -5.32
C ALA B 15 -4.91 -20.77 -3.86
N SER B 16 -3.97 -21.45 -3.23
CA SER B 16 -4.11 -21.79 -1.82
C SER B 16 -2.99 -21.13 -1.01
N PHE B 17 -1.81 -21.07 -1.60
CA PHE B 17 -0.70 -20.36 -1.01
C PHE B 17 -0.52 -19.03 -1.72
N SER B 18 -1.03 -17.98 -1.11
CA SER B 18 -1.04 -16.67 -1.72
C SER B 18 -0.45 -15.62 -0.77
N THR B 19 -0.17 -14.45 -1.30
CA THR B 19 0.33 -13.36 -0.50
C THR B 19 -0.45 -12.09 -0.79
N LEU B 20 -1.14 -11.57 0.22
CA LEU B 20 -1.89 -10.32 0.06
C LEU B 20 -0.94 -9.15 -0.23
N ALA B 21 -0.41 -8.54 0.82
CA ALA B 21 0.42 -7.34 0.71
C ALA B 21 -0.41 -6.19 0.15
N ALA B 22 -1.39 -5.78 0.96
CA ALA B 22 -2.35 -4.76 0.58
C ALA B 22 -2.39 -3.71 1.66
N GLU B 23 -1.25 -3.08 1.86
CA GLU B 23 -1.04 -2.25 3.04
C GLU B 23 -0.62 -0.83 2.66
N GLN B 24 -1.59 0.07 2.61
CA GLN B 24 -1.35 1.45 2.22
C GLN B 24 -2.62 2.29 2.43
N VAL B 25 -2.43 3.55 2.74
CA VAL B 25 -3.54 4.48 2.95
C VAL B 25 -3.33 5.74 2.12
N SER B 26 -4.40 6.21 1.49
CA SER B 26 -4.31 7.37 0.65
C SER B 26 -4.72 8.63 1.43
N LYS B 27 -4.62 9.78 0.77
CA LYS B 27 -4.82 11.06 1.43
C LYS B 27 -6.27 11.22 1.89
N GLN B 28 -7.20 10.58 1.20
CA GLN B 28 -8.62 10.68 1.53
C GLN B 28 -8.88 10.08 2.92
N GLU B 29 -8.39 8.87 3.13
CA GLU B 29 -8.55 8.18 4.41
C GLU B 29 -7.79 8.92 5.51
N ILE B 30 -6.58 9.36 5.19
CA ILE B 30 -5.75 10.07 6.14
C ILE B 30 -6.40 11.39 6.55
N SER B 31 -7.10 12.03 5.62
CA SER B 31 -7.77 13.28 5.89
C SER B 31 -8.96 13.08 6.83
N HIS B 32 -9.46 11.84 6.90
CA HIS B 32 -10.62 11.54 7.71
C HIS B 32 -10.21 10.95 9.06
N PHE B 33 -9.28 10.01 9.04
CA PHE B 33 -8.85 9.32 10.26
C PHE B 33 -7.75 10.07 10.98
N LYS B 34 -7.06 10.95 10.25
CA LYS B 34 -5.93 11.72 10.79
C LYS B 34 -4.83 10.80 11.31
N LEU B 35 -4.01 10.32 10.39
CA LEU B 35 -2.88 9.47 10.73
C LEU B 35 -1.68 10.31 11.15
N VAL B 36 -0.53 9.67 11.28
CA VAL B 36 0.67 10.35 11.70
C VAL B 36 1.67 10.48 10.55
N LYS B 37 1.84 11.70 10.07
CA LYS B 37 2.82 12.01 9.04
C LYS B 37 4.22 11.99 9.65
N VAL B 38 5.03 11.02 9.24
CA VAL B 38 6.35 10.84 9.81
C VAL B 38 7.44 11.42 8.92
N GLY B 39 7.06 11.90 7.74
CA GLY B 39 8.03 12.54 6.87
C GLY B 39 7.90 12.11 5.43
N THR B 40 8.86 12.54 4.61
CA THR B 40 8.85 12.23 3.20
C THR B 40 10.19 11.63 2.78
N ILE B 41 10.16 10.56 2.00
CA ILE B 41 11.39 9.93 1.53
C ILE B 41 11.57 10.19 0.05
N ASN B 42 12.79 10.50 -0.35
CA ASN B 42 13.09 10.78 -1.73
C ASN B 42 13.97 9.67 -2.30
N VAL B 43 13.43 8.94 -3.25
CA VAL B 43 14.14 7.83 -3.86
C VAL B 43 14.86 8.30 -5.12
N SER B 44 16.18 8.36 -5.05
CA SER B 44 16.98 8.75 -6.19
C SER B 44 17.75 7.55 -6.71
N GLN B 45 17.21 6.92 -7.75
CA GLN B 45 17.82 5.73 -8.31
C GLN B 45 18.84 6.12 -9.36
N SER B 46 19.89 5.31 -9.52
CA SER B 46 20.90 5.59 -10.50
C SER B 46 21.13 4.39 -11.42
N GLY B 47 20.66 4.51 -12.65
CA GLY B 47 20.85 3.46 -13.62
C GLY B 47 19.61 2.60 -13.80
N GLY B 48 19.82 1.31 -13.96
CA GLY B 48 18.71 0.40 -14.17
C GLY B 48 18.44 -0.47 -12.97
N GLN B 49 18.50 0.13 -11.78
CA GLN B 49 18.25 -0.59 -10.55
C GLN B 49 16.83 -1.12 -10.51
N ILE B 50 15.87 -0.26 -10.86
CA ILE B 50 14.49 -0.66 -10.91
C ILE B 50 14.24 -1.44 -12.19
N SER B 51 14.22 -2.76 -12.04
CA SER B 51 14.11 -3.64 -13.18
C SER B 51 12.68 -4.14 -13.33
N SER B 52 11.95 -4.17 -12.23
CA SER B 52 10.60 -4.67 -12.20
C SER B 52 9.73 -3.74 -11.37
N PRO B 53 8.40 -3.81 -11.51
CA PRO B 53 7.48 -3.02 -10.69
C PRO B 53 7.70 -3.25 -9.20
N SER B 54 8.02 -4.49 -8.87
CA SER B 54 8.24 -4.90 -7.48
C SER B 54 9.52 -4.28 -6.91
N ASP B 55 10.47 -3.92 -7.78
CA ASP B 55 11.75 -3.36 -7.35
C ASP B 55 11.57 -2.07 -6.57
N LEU B 56 10.56 -1.30 -6.96
CA LEU B 56 10.31 -0.02 -6.33
C LEU B 56 9.91 -0.19 -4.87
N ARG B 57 9.12 -1.23 -4.59
CA ARG B 57 8.69 -1.51 -3.23
C ARG B 57 9.88 -1.85 -2.35
N GLU B 58 10.84 -2.55 -2.94
CA GLU B 58 12.04 -2.98 -2.22
C GLU B 58 12.81 -1.76 -1.71
N LYS B 59 12.94 -0.76 -2.57
CA LYS B 59 13.64 0.46 -2.21
C LYS B 59 12.82 1.30 -1.22
N LEU B 60 11.50 1.25 -1.37
CA LEU B 60 10.60 1.99 -0.49
C LEU B 60 10.60 1.40 0.91
N SER B 61 10.49 0.07 0.99
CA SER B 61 10.47 -0.61 2.28
C SER B 61 11.80 -0.45 3.01
N GLU B 62 12.89 -0.41 2.25
CA GLU B 62 14.22 -0.15 2.80
C GLU B 62 14.22 1.16 3.60
N LEU B 63 13.71 2.22 2.97
CA LEU B 63 13.67 3.53 3.59
C LEU B 63 12.61 3.58 4.70
N ALA B 64 11.46 2.98 4.45
CA ALA B 64 10.36 2.99 5.42
C ALA B 64 10.73 2.23 6.69
N ASP B 65 11.58 1.21 6.54
CA ASP B 65 12.02 0.41 7.67
C ASP B 65 13.01 1.21 8.53
N ALA B 66 13.94 1.88 7.87
CA ALA B 66 14.96 2.66 8.55
C ALA B 66 14.35 3.86 9.28
N LYS B 67 13.26 4.38 8.73
CA LYS B 67 12.56 5.47 9.39
C LYS B 67 11.68 4.94 10.50
N GLY B 68 10.80 4.01 10.17
CA GLY B 68 9.89 3.45 11.15
C GLY B 68 8.45 3.79 10.86
N GLY B 69 8.04 3.59 9.61
CA GLY B 69 6.68 3.90 9.22
C GLY B 69 5.77 2.68 9.21
N LYS B 70 4.57 2.84 8.66
CA LYS B 70 3.60 1.76 8.61
C LYS B 70 3.01 1.62 7.20
N TYR B 71 2.95 2.74 6.48
CA TYR B 71 2.45 2.77 5.10
C TYR B 71 3.20 3.88 4.35
N TYR B 72 2.98 3.98 3.05
CA TYR B 72 3.56 5.08 2.28
C TYR B 72 2.56 5.60 1.25
N HIS B 73 2.86 6.75 0.68
CA HIS B 73 2.00 7.34 -0.34
C HIS B 73 2.85 8.13 -1.35
N ILE B 74 3.06 7.55 -2.52
CA ILE B 74 3.84 8.21 -3.58
C ILE B 74 3.04 9.38 -4.14
N ILE B 75 3.70 10.52 -4.32
CA ILE B 75 3.03 11.71 -4.84
C ILE B 75 3.57 12.09 -6.21
N ALA B 76 4.83 11.77 -6.48
CA ALA B 76 5.45 12.11 -7.76
C ALA B 76 6.64 11.21 -8.05
N ALA B 77 6.86 10.92 -9.32
CA ALA B 77 7.99 10.09 -9.74
C ALA B 77 8.34 10.40 -11.19
N ARG B 78 9.63 10.46 -11.49
CA ARG B 78 10.06 10.77 -12.84
C ARG B 78 11.47 10.22 -13.11
N GLU B 79 11.66 9.63 -14.28
CA GLU B 79 12.98 9.24 -14.73
C GLU B 79 13.62 10.38 -15.48
N HIS B 80 14.54 11.09 -14.84
CA HIS B 80 15.22 12.19 -15.50
C HIS B 80 16.70 11.85 -15.63
N GLY B 81 17.10 11.49 -16.83
CA GLY B 81 18.45 11.06 -17.07
C GLY B 81 18.71 9.68 -16.51
N PRO B 82 19.84 9.49 -15.81
CA PRO B 82 20.16 8.22 -15.17
C PRO B 82 19.49 8.10 -13.80
N ASN B 83 18.89 9.20 -13.34
CA ASN B 83 18.31 9.25 -12.01
C ASN B 83 16.80 9.10 -12.07
N PHE B 84 16.31 8.00 -11.53
CA PHE B 84 14.88 7.81 -11.34
C PHE B 84 14.50 8.40 -9.99
N GLU B 85 13.81 9.53 -10.01
CA GLU B 85 13.46 10.23 -8.80
C GLU B 85 12.01 9.96 -8.41
N ALA B 86 11.83 9.28 -7.29
CA ALA B 86 10.50 8.98 -6.78
C ALA B 86 10.29 9.62 -5.42
N VAL B 87 9.25 10.43 -5.30
CA VAL B 87 8.94 11.11 -4.05
C VAL B 87 7.74 10.46 -3.38
N ALA B 88 7.98 9.83 -2.24
CA ALA B 88 6.92 9.15 -1.50
C ALA B 88 6.88 9.65 -0.08
N GLU B 89 5.69 9.97 0.40
CA GLU B 89 5.53 10.43 1.77
C GLU B 89 5.16 9.25 2.66
N VAL B 90 5.73 9.21 3.84
CA VAL B 90 5.55 8.06 4.73
C VAL B 90 4.58 8.41 5.84
N TYR B 91 3.71 7.48 6.16
CA TYR B 91 2.74 7.67 7.22
C TYR B 91 2.79 6.51 8.21
N ASN B 92 2.43 6.79 9.45
CA ASN B 92 2.32 5.76 10.46
C ASN B 92 0.89 5.73 10.97
N ASP B 93 0.52 4.65 11.64
CA ASP B 93 -0.84 4.48 12.12
C ASP B 93 -1.16 5.52 13.20
N ALA B 94 -2.41 5.61 13.60
CA ALA B 94 -2.87 6.64 14.54
C ALA B 94 -2.40 6.36 15.96
N THR B 95 -1.52 5.38 16.10
CA THR B 95 -0.95 5.04 17.39
C THR B 95 0.57 5.04 17.32
N LYS B 96 1.09 5.17 16.09
CA LYS B 96 2.53 5.16 15.83
C LYS B 96 3.18 3.88 16.36
N LEU B 97 4.50 3.92 16.50
CA LEU B 97 5.27 2.88 17.17
C LEU B 97 5.27 1.56 16.37
N GLU B 98 5.60 0.48 17.07
CA GLU B 98 5.74 -0.85 16.47
C GLU B 98 6.70 -0.84 15.29
N HIS B 99 7.98 -0.65 15.60
CA HIS B 99 9.06 -0.71 14.62
C HIS B 99 10.38 -0.43 15.32
N HIS B 100 10.44 0.69 16.03
CA HIS B 100 11.60 1.03 16.84
C HIS B 100 11.38 0.53 18.27
N HIS B 101 12.01 -0.58 18.61
CA HIS B 101 11.82 -1.18 19.92
C HIS B 101 12.48 -0.34 21.02
N HIS B 102 11.81 -0.29 22.18
CA HIS B 102 12.31 0.40 23.37
C HIS B 102 12.21 1.92 23.22
N HIS B 103 12.45 2.63 24.33
CA HIS B 103 12.38 4.09 24.41
C HIS B 103 10.91 4.53 24.33
N HIS B 104 10.04 3.73 24.92
CA HIS B 104 8.63 4.08 25.02
C HIS B 104 8.15 3.93 26.46
N MET A 1 -21.85 -25.66 39.38
CA MET A 1 -21.97 -24.28 38.87
C MET A 1 -21.19 -23.31 39.76
N LYS A 2 -20.37 -23.86 40.66
CA LYS A 2 -19.67 -23.03 41.64
C LYS A 2 -18.24 -22.72 41.21
N LYS A 3 -17.87 -23.11 40.00
CA LYS A 3 -16.55 -22.80 39.48
C LYS A 3 -16.48 -21.33 39.08
N ARG A 4 -15.70 -20.54 39.80
CA ARG A 4 -15.53 -19.14 39.47
C ARG A 4 -14.07 -18.84 39.14
N ILE A 5 -13.78 -18.74 37.85
CA ILE A 5 -12.44 -18.44 37.38
C ILE A 5 -12.46 -18.16 35.87
N ILE A 6 -12.03 -16.97 35.50
CA ILE A 6 -12.03 -16.55 34.10
C ILE A 6 -10.64 -16.08 33.66
N ALA A 7 -9.61 -16.76 34.16
CA ALA A 7 -8.24 -16.42 33.81
C ALA A 7 -7.81 -17.16 32.54
N ALA A 8 -8.03 -16.53 31.39
CA ALA A 8 -7.66 -17.11 30.11
C ALA A 8 -7.06 -16.04 29.20
N ALA A 9 -5.75 -15.89 29.26
CA ALA A 9 -5.05 -14.88 28.48
C ALA A 9 -3.64 -15.35 28.13
N LEU A 10 -3.13 -14.86 27.02
CA LEU A 10 -1.76 -15.17 26.59
C LEU A 10 -1.29 -14.16 25.55
N LEU A 11 -0.11 -13.61 25.77
CA LEU A 11 0.49 -12.70 24.81
C LEU A 11 1.64 -13.41 24.11
N ALA A 12 1.36 -13.94 22.93
CA ALA A 12 2.35 -14.71 22.19
C ALA A 12 2.30 -14.39 20.71
N THR A 13 3.47 -14.26 20.11
CA THR A 13 3.60 -13.98 18.69
C THR A 13 3.09 -12.59 18.34
N VAL A 14 3.90 -11.59 18.65
CA VAL A 14 3.58 -10.21 18.34
C VAL A 14 4.46 -9.73 17.17
N ALA A 15 5.75 -10.00 17.28
CA ALA A 15 6.68 -9.71 16.20
C ALA A 15 7.14 -11.02 15.56
N SER A 16 6.55 -11.34 14.41
CA SER A 16 6.83 -12.61 13.76
C SER A 16 8.10 -12.57 12.93
N PHE A 17 9.21 -12.24 13.59
CA PHE A 17 10.55 -12.21 12.98
C PHE A 17 10.66 -11.13 11.91
N SER A 18 10.04 -11.35 10.75
CA SER A 18 10.10 -10.41 9.65
C SER A 18 8.79 -10.43 8.89
N THR A 19 8.09 -9.30 8.90
CA THR A 19 6.83 -9.17 8.19
C THR A 19 6.78 -7.83 7.46
N LEU A 20 6.37 -7.88 6.20
CA LEU A 20 6.27 -6.68 5.39
C LEU A 20 4.84 -6.18 5.32
N ALA A 21 4.70 -4.87 5.33
CA ALA A 21 3.40 -4.22 5.22
C ALA A 21 3.60 -2.83 4.63
N ALA A 22 4.02 -2.79 3.38
CA ALA A 22 4.43 -1.55 2.75
C ALA A 22 4.44 -1.67 1.23
N GLU A 23 3.29 -1.46 0.61
CA GLU A 23 3.17 -1.59 -0.84
C GLU A 23 1.93 -0.87 -1.37
N GLN A 24 2.16 0.08 -2.28
CA GLN A 24 1.08 0.84 -2.89
C GLN A 24 1.45 1.28 -4.30
N VAL A 25 0.45 1.29 -5.18
CA VAL A 25 0.61 1.85 -6.52
C VAL A 25 -0.49 2.86 -6.76
N SER A 26 -0.23 3.84 -7.61
CA SER A 26 -1.20 4.88 -7.89
C SER A 26 -1.78 4.71 -9.29
N LYS A 27 -1.04 5.16 -10.28
CA LYS A 27 -1.47 5.14 -11.67
C LYS A 27 -0.28 5.38 -12.58
N GLN A 28 0.49 6.41 -12.24
CA GLN A 28 1.72 6.74 -12.96
C GLN A 28 2.69 5.56 -12.96
N GLU A 29 2.72 4.82 -11.86
CA GLU A 29 3.57 3.67 -11.72
C GLU A 29 3.04 2.53 -12.57
N ILE A 30 1.72 2.38 -12.58
CA ILE A 30 1.04 1.32 -13.31
C ILE A 30 1.31 1.43 -14.81
N SER A 31 1.14 2.63 -15.35
CA SER A 31 1.31 2.86 -16.78
C SER A 31 2.78 2.71 -17.18
N HIS A 32 3.68 2.86 -16.22
CA HIS A 32 5.11 2.83 -16.49
C HIS A 32 5.68 1.43 -16.32
N PHE A 33 5.28 0.73 -15.27
CA PHE A 33 5.85 -0.59 -14.95
C PHE A 33 4.95 -1.72 -15.44
N LYS A 34 3.81 -1.36 -16.00
CA LYS A 34 2.85 -2.33 -16.56
C LYS A 34 2.26 -3.24 -15.48
N LEU A 35 1.15 -2.81 -14.90
CA LEU A 35 0.44 -3.62 -13.92
C LEU A 35 -0.99 -3.87 -14.39
N VAL A 36 -1.53 -5.02 -14.02
CA VAL A 36 -2.85 -5.43 -14.49
C VAL A 36 -3.91 -5.24 -13.42
N LYS A 37 -4.96 -4.50 -13.77
CA LYS A 37 -6.12 -4.36 -12.89
C LYS A 37 -6.88 -5.67 -12.81
N VAL A 38 -6.86 -6.30 -11.64
CA VAL A 38 -7.52 -7.58 -11.47
C VAL A 38 -8.93 -7.42 -10.90
N GLY A 39 -9.28 -6.20 -10.50
CA GLY A 39 -10.62 -5.95 -10.02
C GLY A 39 -10.70 -4.78 -9.06
N THR A 40 -11.76 -4.73 -8.28
CA THR A 40 -11.98 -3.66 -7.31
C THR A 40 -12.67 -4.21 -6.07
N ILE A 41 -12.20 -3.80 -4.90
CA ILE A 41 -12.81 -4.18 -3.64
C ILE A 41 -13.60 -3.00 -3.08
N ASN A 42 -14.73 -3.29 -2.46
CA ASN A 42 -15.62 -2.24 -1.98
C ASN A 42 -15.88 -2.39 -0.48
N VAL A 43 -15.57 -1.34 0.26
CA VAL A 43 -15.87 -1.28 1.68
C VAL A 43 -17.18 -0.51 1.88
N SER A 44 -18.07 -1.08 2.66
CA SER A 44 -19.34 -0.44 2.97
C SER A 44 -19.88 -1.04 4.26
N GLN A 45 -18.99 -1.25 5.20
CA GLN A 45 -19.32 -1.97 6.43
C GLN A 45 -20.01 -1.07 7.45
N SER A 46 -20.73 -1.69 8.36
CA SER A 46 -21.58 -0.96 9.30
C SER A 46 -20.91 -0.79 10.67
N GLY A 47 -20.12 0.27 10.80
CA GLY A 47 -19.59 0.65 12.10
C GLY A 47 -18.49 -0.26 12.62
N GLY A 48 -18.89 -1.36 13.26
CA GLY A 48 -17.97 -2.19 14.03
C GLY A 48 -16.69 -2.58 13.30
N GLN A 49 -16.81 -2.95 12.03
CA GLN A 49 -15.67 -3.45 11.27
C GLN A 49 -14.65 -2.34 10.94
N ILE A 50 -15.08 -1.08 11.03
CA ILE A 50 -14.22 0.04 10.65
C ILE A 50 -14.17 1.09 11.77
N SER A 51 -12.98 1.43 12.22
CA SER A 51 -12.83 2.42 13.28
C SER A 51 -11.62 3.32 13.02
N SER A 52 -10.48 2.71 12.78
CA SER A 52 -9.26 3.44 12.49
C SER A 52 -8.63 2.90 11.20
N PRO A 53 -7.56 3.56 10.70
CA PRO A 53 -6.86 3.11 9.49
C PRO A 53 -6.45 1.64 9.58
N SER A 54 -6.11 1.21 10.78
CA SER A 54 -5.72 -0.16 11.04
C SER A 54 -6.83 -1.13 10.65
N ASP A 55 -8.01 -0.93 11.22
CA ASP A 55 -9.16 -1.80 10.98
C ASP A 55 -9.50 -1.80 9.50
N LEU A 56 -9.36 -0.63 8.88
CA LEU A 56 -9.64 -0.49 7.46
C LEU A 56 -8.68 -1.32 6.62
N ARG A 57 -7.38 -1.16 6.84
CA ARG A 57 -6.39 -1.87 6.03
C ARG A 57 -6.38 -3.37 6.34
N GLU A 58 -6.81 -3.75 7.55
CA GLU A 58 -6.97 -5.16 7.88
C GLU A 58 -8.03 -5.79 6.99
N LYS A 59 -9.12 -5.06 6.75
CA LYS A 59 -10.18 -5.54 5.87
C LYS A 59 -9.75 -5.47 4.41
N LEU A 60 -9.03 -4.42 4.07
CA LEU A 60 -8.59 -4.19 2.69
C LEU A 60 -7.62 -5.27 2.23
N SER A 61 -6.60 -5.56 3.05
CA SER A 61 -5.60 -6.55 2.69
C SER A 61 -6.23 -7.94 2.62
N GLU A 62 -7.19 -8.19 3.51
CA GLU A 62 -7.89 -9.46 3.55
C GLU A 62 -8.62 -9.70 2.22
N LEU A 63 -9.25 -8.65 1.70
CA LEU A 63 -9.95 -8.73 0.43
C LEU A 63 -8.97 -8.76 -0.75
N ALA A 64 -7.85 -8.08 -0.60
CA ALA A 64 -6.85 -8.01 -1.66
C ALA A 64 -6.13 -9.33 -1.84
N ASP A 65 -5.79 -9.98 -0.73
CA ASP A 65 -5.16 -11.30 -0.76
C ASP A 65 -6.08 -12.28 -1.49
N ALA A 66 -7.38 -12.18 -1.19
CA ALA A 66 -8.39 -13.05 -1.79
C ALA A 66 -8.63 -12.73 -3.26
N LYS A 67 -7.99 -11.68 -3.75
CA LYS A 67 -8.04 -11.33 -5.15
C LYS A 67 -6.72 -11.70 -5.84
N GLY A 68 -5.75 -12.07 -5.02
CA GLY A 68 -4.44 -12.42 -5.53
C GLY A 68 -3.67 -11.22 -6.01
N GLY A 69 -3.97 -10.04 -5.45
CA GLY A 69 -3.29 -8.84 -5.87
C GLY A 69 -2.41 -8.28 -4.77
N LYS A 70 -1.30 -7.66 -5.15
CA LYS A 70 -0.30 -7.23 -4.18
C LYS A 70 -0.46 -5.77 -3.82
N TYR A 71 -1.23 -5.03 -4.61
CA TYR A 71 -1.37 -3.60 -4.42
C TYR A 71 -2.80 -3.17 -4.71
N TYR A 72 -3.32 -2.21 -3.96
CA TYR A 72 -4.62 -1.62 -4.27
C TYR A 72 -4.52 -0.11 -4.29
N HIS A 73 -5.44 0.52 -4.99
CA HIS A 73 -5.45 1.97 -5.11
C HIS A 73 -6.83 2.51 -4.75
N ILE A 74 -6.92 3.19 -3.61
CA ILE A 74 -8.18 3.77 -3.17
C ILE A 74 -8.48 5.04 -3.97
N ILE A 75 -9.57 5.01 -4.72
CA ILE A 75 -9.93 6.12 -5.59
C ILE A 75 -11.12 6.91 -5.04
N ALA A 76 -11.83 6.31 -4.10
CA ALA A 76 -13.00 6.95 -3.50
C ALA A 76 -13.23 6.44 -2.09
N ALA A 77 -13.64 7.33 -1.20
CA ALA A 77 -13.94 6.97 0.18
C ALA A 77 -14.78 8.07 0.83
N ARG A 78 -15.77 7.67 1.62
CA ARG A 78 -16.62 8.63 2.32
C ARG A 78 -17.30 7.98 3.51
N GLU A 79 -17.60 8.78 4.52
CA GLU A 79 -18.41 8.33 5.63
C GLU A 79 -19.87 8.59 5.32
N HIS A 80 -20.62 7.53 5.05
CA HIS A 80 -22.01 7.65 4.66
C HIS A 80 -22.91 7.07 5.74
N GLY A 81 -23.22 7.89 6.73
CA GLY A 81 -24.08 7.46 7.82
C GLY A 81 -23.43 6.39 8.67
N PRO A 82 -24.08 5.23 8.82
CA PRO A 82 -23.56 4.13 9.61
C PRO A 82 -22.58 3.25 8.84
N ASN A 83 -22.40 3.55 7.57
CA ASN A 83 -21.55 2.73 6.71
C ASN A 83 -20.39 3.56 6.17
N PHE A 84 -19.18 3.05 6.33
CA PHE A 84 -18.02 3.68 5.71
C PHE A 84 -17.76 3.04 4.36
N GLU A 85 -17.73 3.86 3.32
CA GLU A 85 -17.58 3.35 1.98
C GLU A 85 -16.20 3.69 1.42
N ALA A 86 -15.52 2.68 0.91
CA ALA A 86 -14.21 2.85 0.31
C ALA A 86 -14.10 2.02 -0.97
N VAL A 87 -13.62 2.65 -2.03
CA VAL A 87 -13.46 1.98 -3.31
C VAL A 87 -11.97 1.87 -3.66
N ALA A 88 -11.46 0.65 -3.68
CA ALA A 88 -10.05 0.41 -3.97
C ALA A 88 -9.90 -0.62 -5.08
N GLU A 89 -9.12 -0.28 -6.09
CA GLU A 89 -8.90 -1.21 -7.20
C GLU A 89 -7.66 -2.05 -6.91
N VAL A 90 -7.73 -3.32 -7.24
CA VAL A 90 -6.62 -4.23 -6.96
C VAL A 90 -5.80 -4.47 -8.23
N TYR A 91 -4.49 -4.45 -8.08
CA TYR A 91 -3.61 -4.61 -9.22
C TYR A 91 -2.64 -5.77 -9.01
N ASN A 92 -2.24 -6.38 -10.11
CA ASN A 92 -1.30 -7.50 -10.07
C ASN A 92 -0.18 -7.25 -11.06
N ASP A 93 0.96 -7.93 -10.87
CA ASP A 93 2.10 -7.78 -11.78
C ASP A 93 1.77 -8.42 -13.13
N ALA A 94 2.63 -8.17 -14.11
CA ALA A 94 2.44 -8.75 -15.43
C ALA A 94 2.86 -10.21 -15.44
N THR A 95 2.03 -11.06 -14.84
CA THR A 95 2.29 -12.48 -14.78
C THR A 95 1.07 -13.23 -14.24
N LYS A 96 0.37 -12.61 -13.29
CA LYS A 96 -0.80 -13.21 -12.64
C LYS A 96 -0.44 -14.40 -11.77
N LEU A 97 -0.09 -15.50 -12.41
CA LEU A 97 0.21 -16.76 -11.73
C LEU A 97 1.44 -17.42 -12.34
N GLU A 98 1.74 -18.62 -11.87
CA GLU A 98 2.82 -19.41 -12.45
C GLU A 98 2.27 -20.32 -13.54
N HIS A 99 1.01 -20.68 -13.38
CA HIS A 99 0.33 -21.51 -14.37
C HIS A 99 -0.15 -20.60 -15.50
N HIS A 100 0.40 -20.82 -16.69
CA HIS A 100 0.24 -19.90 -17.83
C HIS A 100 1.07 -18.63 -17.61
N HIS A 101 1.25 -17.86 -18.66
CA HIS A 101 1.98 -16.61 -18.57
C HIS A 101 1.58 -15.71 -19.73
N HIS A 102 1.16 -14.49 -19.43
CA HIS A 102 0.61 -13.62 -20.46
C HIS A 102 1.39 -12.31 -20.53
N HIS A 103 1.85 -11.99 -21.73
CA HIS A 103 2.50 -10.70 -21.98
C HIS A 103 1.52 -9.76 -22.67
N HIS A 104 1.93 -8.51 -22.89
CA HIS A 104 1.09 -7.53 -23.56
C HIS A 104 1.94 -6.59 -24.40
N MET B 1 -15.81 15.55 -2.24
CA MET B 1 -15.03 15.22 -3.45
C MET B 1 -15.95 14.83 -4.60
N LYS B 2 -15.70 15.37 -5.78
CA LYS B 2 -16.49 15.03 -6.96
C LYS B 2 -16.07 13.68 -7.51
N LYS B 3 -16.82 12.66 -7.17
CA LYS B 3 -16.58 11.33 -7.70
C LYS B 3 -17.89 10.69 -8.13
N ARG B 4 -17.89 10.08 -9.29
CA ARG B 4 -19.07 9.42 -9.82
C ARG B 4 -19.31 8.08 -9.13
N ILE B 5 -20.48 7.51 -9.36
CA ILE B 5 -20.83 6.23 -8.77
C ILE B 5 -20.13 5.10 -9.54
N ILE B 6 -19.11 4.53 -8.92
CA ILE B 6 -18.40 3.41 -9.51
C ILE B 6 -18.99 2.10 -9.01
N ALA B 7 -19.74 1.44 -9.89
CA ALA B 7 -20.42 0.21 -9.52
C ALA B 7 -19.76 -1.01 -10.15
N ALA B 8 -18.59 -0.78 -10.75
CA ALA B 8 -17.87 -1.86 -11.43
C ALA B 8 -17.08 -2.70 -10.43
N ALA B 9 -17.77 -3.62 -9.77
CA ALA B 9 -17.16 -4.52 -8.82
C ALA B 9 -17.74 -5.91 -8.96
N LEU B 10 -16.89 -6.93 -8.82
CA LEU B 10 -17.31 -8.31 -8.97
C LEU B 10 -17.04 -9.10 -7.70
N LEU B 11 -17.97 -9.97 -7.34
CA LEU B 11 -17.81 -10.82 -6.17
C LEU B 11 -17.08 -12.11 -6.56
N ALA B 12 -15.85 -12.25 -6.10
CA ALA B 12 -15.04 -13.41 -6.42
C ALA B 12 -14.01 -13.68 -5.34
N THR B 13 -14.15 -14.81 -4.69
CA THR B 13 -13.22 -15.22 -3.65
C THR B 13 -12.57 -16.56 -4.02
N VAL B 14 -11.39 -16.48 -4.61
CA VAL B 14 -10.67 -17.69 -5.01
C VAL B 14 -9.82 -18.21 -3.85
N ALA B 15 -9.39 -19.46 -3.96
CA ALA B 15 -8.53 -20.08 -2.95
C ALA B 15 -7.18 -19.37 -2.89
N SER B 16 -7.09 -18.37 -2.03
CA SER B 16 -5.87 -17.59 -1.90
C SER B 16 -5.01 -18.14 -0.75
N PHE B 17 -3.72 -17.81 -0.78
CA PHE B 17 -2.79 -18.38 0.17
C PHE B 17 -1.53 -17.50 0.25
N SER B 18 -1.69 -16.21 0.06
CA SER B 18 -0.56 -15.30 0.01
C SER B 18 0.05 -15.12 1.40
N THR B 19 -0.61 -14.30 2.24
CA THR B 19 -0.22 -14.02 3.64
C THR B 19 -0.58 -12.57 3.97
N LEU B 20 -0.01 -11.66 3.20
CA LEU B 20 -0.24 -10.24 3.36
C LEU B 20 -0.12 -9.59 2.00
N ALA B 21 -1.25 -9.19 1.44
CA ALA B 21 -1.27 -8.64 0.11
C ALA B 21 -1.96 -7.29 0.09
N ALA B 22 -1.19 -6.27 -0.29
CA ALA B 22 -1.70 -4.92 -0.48
C ALA B 22 -2.13 -4.26 0.83
N GLU B 23 -1.38 -3.26 1.25
CA GLU B 23 -1.72 -2.44 2.40
C GLU B 23 -1.28 -1.00 2.17
N GLN B 24 -2.23 -0.07 2.27
CA GLN B 24 -2.01 1.31 1.93
C GLN B 24 -2.95 2.23 2.71
N VAL B 25 -2.47 3.42 3.04
CA VAL B 25 -3.33 4.46 3.60
C VAL B 25 -3.36 5.65 2.64
N SER B 26 -4.57 6.07 2.27
CA SER B 26 -4.74 7.10 1.27
C SER B 26 -4.91 8.48 1.91
N LYS B 27 -5.33 9.44 1.09
CA LYS B 27 -5.41 10.84 1.50
C LYS B 27 -6.61 11.08 2.41
N GLN B 28 -7.66 10.28 2.22
CA GLN B 28 -8.88 10.45 2.98
C GLN B 28 -8.68 9.98 4.43
N GLU B 29 -8.02 8.85 4.58
CA GLU B 29 -7.76 8.26 5.88
C GLU B 29 -6.89 9.19 6.75
N ILE B 30 -6.09 10.02 6.10
CA ILE B 30 -5.27 11.00 6.81
C ILE B 30 -6.16 11.92 7.65
N SER B 31 -7.09 12.57 6.99
CA SER B 31 -7.98 13.52 7.63
C SER B 31 -9.05 12.82 8.49
N HIS B 32 -9.73 11.84 7.91
CA HIS B 32 -10.90 11.23 8.55
C HIS B 32 -10.50 10.26 9.66
N PHE B 33 -9.43 9.50 9.45
CA PHE B 33 -9.07 8.46 10.39
C PHE B 33 -7.90 8.88 11.29
N LYS B 34 -7.33 10.04 11.01
CA LYS B 34 -6.22 10.59 11.78
C LYS B 34 -4.96 9.75 11.62
N LEU B 35 -4.13 10.11 10.65
CA LEU B 35 -2.88 9.39 10.43
C LEU B 35 -1.72 10.10 11.09
N VAL B 36 -0.81 9.32 11.66
CA VAL B 36 0.35 9.86 12.37
C VAL B 36 1.29 10.57 11.41
N LYS B 37 1.62 9.88 10.34
CA LYS B 37 2.59 10.33 9.34
C LYS B 37 3.99 10.42 9.93
N VAL B 38 4.92 9.67 9.36
CA VAL B 38 6.28 9.62 9.88
C VAL B 38 7.15 10.68 9.18
N GLY B 39 7.05 10.75 7.87
CA GLY B 39 7.85 11.69 7.12
C GLY B 39 7.73 11.47 5.62
N THR B 40 8.77 11.83 4.90
CA THR B 40 8.80 11.67 3.45
C THR B 40 10.05 10.90 3.02
N ILE B 41 9.91 10.00 2.05
CA ILE B 41 11.06 9.28 1.51
C ILE B 41 11.31 9.69 0.06
N ASN B 42 12.58 9.79 -0.29
CA ASN B 42 12.97 10.19 -1.63
C ASN B 42 13.80 9.10 -2.29
N VAL B 43 13.38 8.69 -3.47
CA VAL B 43 14.12 7.74 -4.27
C VAL B 43 15.01 8.48 -5.24
N SER B 44 16.28 8.08 -5.33
CA SER B 44 17.22 8.75 -6.20
C SER B 44 18.32 7.78 -6.64
N GLN B 45 17.93 6.75 -7.37
CA GLN B 45 18.90 5.76 -7.84
C GLN B 45 19.32 6.05 -9.27
N SER B 46 20.58 5.80 -9.56
CA SER B 46 21.16 6.15 -10.85
C SER B 46 20.92 5.02 -11.86
N GLY B 47 19.75 4.41 -11.78
CA GLY B 47 19.41 3.31 -12.66
C GLY B 47 19.87 1.98 -12.13
N GLY B 48 19.39 0.90 -12.74
CA GLY B 48 19.82 -0.43 -12.37
C GLY B 48 19.09 -0.97 -11.16
N GLN B 49 19.02 -0.17 -10.11
CA GLN B 49 18.37 -0.58 -8.87
C GLN B 49 16.86 -0.66 -9.04
N ILE B 50 16.34 0.00 -10.07
CA ILE B 50 14.92 -0.01 -10.37
C ILE B 50 14.71 -0.44 -11.82
N SER B 51 14.21 -1.65 -12.03
CA SER B 51 13.97 -2.15 -13.37
C SER B 51 12.61 -2.85 -13.46
N SER B 52 11.85 -2.83 -12.37
CA SER B 52 10.55 -3.47 -12.34
C SER B 52 9.70 -2.86 -11.22
N PRO B 53 8.38 -3.15 -11.20
CA PRO B 53 7.51 -2.73 -10.10
C PRO B 53 7.99 -3.31 -8.77
N SER B 54 8.46 -4.55 -8.82
CA SER B 54 9.03 -5.22 -7.66
C SER B 54 10.23 -4.44 -7.13
N ASP B 55 11.13 -4.04 -8.03
CA ASP B 55 12.33 -3.27 -7.64
C ASP B 55 11.94 -2.04 -6.86
N LEU B 56 11.00 -1.26 -7.40
CA LEU B 56 10.53 -0.06 -6.73
C LEU B 56 9.93 -0.41 -5.38
N ARG B 57 9.10 -1.45 -5.38
CA ARG B 57 8.44 -1.92 -4.16
C ARG B 57 9.46 -2.29 -3.09
N GLU B 58 10.47 -3.05 -3.48
CA GLU B 58 11.52 -3.50 -2.55
C GLU B 58 12.22 -2.31 -1.89
N LYS B 59 12.47 -1.27 -2.67
CA LYS B 59 13.15 -0.08 -2.16
C LYS B 59 12.22 0.78 -1.32
N LEU B 60 10.95 0.85 -1.71
CA LEU B 60 9.97 1.65 -0.98
C LEU B 60 9.75 1.09 0.43
N SER B 61 9.56 -0.22 0.52
CA SER B 61 9.38 -0.87 1.81
C SER B 61 10.64 -0.70 2.67
N GLU B 62 11.78 -0.61 2.00
CA GLU B 62 13.07 -0.44 2.67
C GLU B 62 13.17 0.96 3.27
N LEU B 63 12.93 1.97 2.45
CA LEU B 63 13.07 3.37 2.88
C LEU B 63 12.06 3.70 3.99
N ALA B 64 10.86 3.15 3.87
CA ALA B 64 9.81 3.40 4.85
C ALA B 64 10.17 2.83 6.22
N ASP B 65 10.79 1.66 6.23
CA ASP B 65 11.13 0.99 7.48
C ASP B 65 12.28 1.72 8.18
N ALA B 66 13.21 2.22 7.38
CA ALA B 66 14.35 2.98 7.92
C ALA B 66 13.88 4.24 8.62
N LYS B 67 12.77 4.79 8.13
CA LYS B 67 12.16 5.95 8.76
C LYS B 67 11.50 5.55 10.07
N GLY B 68 10.99 4.32 10.12
CA GLY B 68 10.34 3.84 11.32
C GLY B 68 8.88 3.52 11.09
N GLY B 69 8.40 3.79 9.88
CA GLY B 69 7.01 3.57 9.57
C GLY B 69 6.78 2.27 8.83
N LYS B 70 5.72 2.23 8.05
CA LYS B 70 5.35 1.04 7.28
C LYS B 70 4.61 1.41 6.00
N TYR B 71 3.47 2.06 6.15
CA TYR B 71 2.60 2.34 5.02
C TYR B 71 2.96 3.68 4.40
N TYR B 72 2.77 3.80 3.10
CA TYR B 72 3.20 5.00 2.40
C TYR B 72 2.28 5.32 1.24
N HIS B 73 2.43 6.52 0.70
CA HIS B 73 1.66 6.95 -0.45
C HIS B 73 2.55 7.73 -1.41
N ILE B 74 2.78 7.18 -2.59
CA ILE B 74 3.59 7.84 -3.61
C ILE B 74 2.85 9.03 -4.16
N ILE B 75 3.43 10.21 -4.05
CA ILE B 75 2.79 11.44 -4.51
C ILE B 75 3.37 11.90 -5.84
N ALA B 76 4.61 11.51 -6.13
CA ALA B 76 5.27 11.91 -7.36
C ALA B 76 6.34 10.89 -7.76
N ALA B 77 6.43 10.63 -9.05
CA ALA B 77 7.44 9.73 -9.58
C ALA B 77 7.92 10.22 -10.94
N ARG B 78 9.22 10.43 -11.07
CA ARG B 78 9.78 10.94 -12.30
C ARG B 78 10.94 10.07 -12.77
N GLU B 79 10.95 9.76 -14.05
CA GLU B 79 12.06 9.04 -14.65
C GLU B 79 12.96 10.05 -15.35
N HIS B 80 13.93 10.59 -14.63
CA HIS B 80 14.76 11.66 -15.14
C HIS B 80 16.02 11.11 -15.79
N GLY B 81 15.90 10.74 -17.06
CA GLY B 81 17.04 10.27 -17.82
C GLY B 81 17.64 9.00 -17.24
N PRO B 82 18.90 9.06 -16.77
CA PRO B 82 19.58 7.90 -16.19
C PRO B 82 19.07 7.56 -14.79
N ASN B 83 18.38 8.49 -14.17
CA ASN B 83 17.93 8.31 -12.79
C ASN B 83 16.44 8.03 -12.75
N PHE B 84 15.99 7.51 -11.62
CA PHE B 84 14.58 7.35 -11.35
C PHE B 84 14.30 7.88 -9.95
N GLU B 85 13.70 9.06 -9.88
CA GLU B 85 13.43 9.69 -8.61
C GLU B 85 11.94 9.64 -8.26
N ALA B 86 11.64 9.28 -7.03
CA ALA B 86 10.26 9.16 -6.59
C ALA B 86 10.10 9.76 -5.20
N VAL B 87 8.93 10.33 -4.94
CA VAL B 87 8.64 10.94 -3.65
C VAL B 87 7.39 10.31 -3.05
N ALA B 88 7.53 9.76 -1.85
CA ALA B 88 6.43 9.11 -1.18
C ALA B 88 6.29 9.58 0.26
N GLU B 89 5.05 9.70 0.72
CA GLU B 89 4.78 10.11 2.08
C GLU B 89 4.67 8.87 2.97
N VAL B 90 5.46 8.82 4.02
CA VAL B 90 5.49 7.68 4.92
C VAL B 90 4.56 7.89 6.10
N TYR B 91 3.70 6.92 6.36
CA TYR B 91 2.77 6.99 7.47
C TYR B 91 2.99 5.79 8.39
N ASN B 92 2.34 5.83 9.54
CA ASN B 92 2.36 4.71 10.46
C ASN B 92 0.93 4.27 10.72
N ASP B 93 0.76 3.03 11.14
CA ASP B 93 -0.56 2.50 11.41
C ASP B 93 -1.11 3.11 12.70
N ALA B 94 -2.40 3.41 12.72
CA ALA B 94 -3.01 4.08 13.86
C ALA B 94 -3.17 3.12 15.04
N THR B 95 -2.07 2.93 15.75
CA THR B 95 -2.06 2.10 16.94
C THR B 95 -0.77 2.32 17.74
N LYS B 96 0.33 2.55 17.01
CA LYS B 96 1.62 2.77 17.65
C LYS B 96 1.77 4.21 18.12
N LEU B 97 1.33 4.45 19.36
CA LEU B 97 1.40 5.78 19.95
C LEU B 97 1.58 5.66 21.45
N GLU B 98 2.05 6.71 22.09
CA GLU B 98 2.22 6.71 23.54
C GLU B 98 0.87 6.78 24.23
N HIS B 99 0.13 7.86 23.98
CA HIS B 99 -1.20 8.02 24.53
C HIS B 99 -2.23 7.50 23.57
N HIS B 100 -2.97 6.50 23.99
CA HIS B 100 -4.00 5.90 23.16
C HIS B 100 -5.27 6.73 23.18
N HIS B 101 -5.57 7.32 22.03
CA HIS B 101 -6.81 8.07 21.85
C HIS B 101 -7.40 7.71 20.50
N HIS B 102 -8.72 7.65 20.44
CA HIS B 102 -9.44 7.25 19.22
C HIS B 102 -9.23 5.76 18.95
N HIS B 103 -10.21 4.96 19.39
CA HIS B 103 -10.22 3.51 19.20
C HIS B 103 -9.24 2.81 20.15
N HIS B 104 -9.77 2.43 21.31
CA HIS B 104 -9.02 1.72 22.35
C HIS B 104 -7.80 2.53 22.79
N MET A 1 -7.43 12.74 -15.67
CA MET A 1 -6.76 13.64 -14.70
C MET A 1 -5.26 13.68 -14.99
N LYS A 2 -4.76 14.87 -15.29
CA LYS A 2 -3.34 15.03 -15.60
C LYS A 2 -2.56 15.32 -14.33
N LYS A 3 -1.32 14.85 -14.27
CA LYS A 3 -0.49 15.02 -13.08
C LYS A 3 0.07 16.43 -12.94
N ARG A 4 -0.81 17.39 -12.66
CA ARG A 4 -0.38 18.78 -12.50
C ARG A 4 -0.28 19.15 -11.03
N ILE A 5 -1.18 18.60 -10.22
CA ILE A 5 -1.30 19.00 -8.83
C ILE A 5 -0.30 18.29 -7.92
N ILE A 6 0.58 19.08 -7.31
CA ILE A 6 1.52 18.56 -6.34
C ILE A 6 1.56 19.47 -5.11
N ALA A 7 1.96 18.92 -3.98
CA ALA A 7 1.98 19.67 -2.73
C ALA A 7 3.39 19.72 -2.16
N ALA A 8 3.66 20.76 -1.38
CA ALA A 8 4.95 20.92 -0.73
C ALA A 8 4.98 20.18 0.59
N ALA A 9 5.61 19.02 0.59
CA ALA A 9 5.73 18.20 1.79
C ALA A 9 6.99 18.56 2.56
N LEU A 10 6.87 18.65 3.88
CA LEU A 10 8.00 18.97 4.74
C LEU A 10 8.70 17.69 5.20
N LEU A 11 10.01 17.78 5.37
CA LEU A 11 10.81 16.63 5.78
C LEU A 11 10.77 16.46 7.30
N ALA A 12 11.08 15.25 7.75
CA ALA A 12 11.12 14.93 9.16
C ALA A 12 12.00 13.70 9.40
N THR A 13 12.55 13.58 10.59
CA THR A 13 13.42 12.45 10.90
C THR A 13 12.60 11.22 11.33
N VAL A 14 12.23 11.18 12.61
CA VAL A 14 11.42 10.09 13.17
C VAL A 14 12.15 8.75 13.12
N ALA A 15 12.55 8.28 14.29
CA ALA A 15 13.18 6.98 14.40
C ALA A 15 12.35 6.07 15.32
N SER A 16 11.52 5.24 14.71
CA SER A 16 10.65 4.35 15.46
C SER A 16 11.08 2.90 15.24
N PHE A 17 10.38 1.97 15.87
CA PHE A 17 10.66 0.54 15.72
C PHE A 17 10.48 0.12 14.26
N SER A 18 11.53 -0.46 13.71
CA SER A 18 11.52 -0.90 12.33
C SER A 18 10.69 -2.17 12.15
N THR A 19 9.56 -2.03 11.49
CA THR A 19 8.70 -3.16 11.16
C THR A 19 7.79 -2.80 9.99
N LEU A 20 8.28 -3.01 8.78
CA LEU A 20 7.54 -2.68 7.57
C LEU A 20 6.20 -3.40 7.51
N ALA A 21 5.20 -2.68 7.03
CA ALA A 21 3.87 -3.22 6.83
C ALA A 21 3.15 -2.39 5.78
N ALA A 22 3.48 -2.64 4.51
CA ALA A 22 3.02 -1.82 3.41
C ALA A 22 3.19 -2.55 2.08
N GLU A 23 3.71 -1.81 1.09
CA GLU A 23 3.94 -2.30 -0.28
C GLU A 23 2.65 -2.28 -1.08
N GLN A 24 2.56 -1.31 -1.97
CA GLN A 24 1.36 -1.05 -2.74
C GLN A 24 1.71 -0.19 -3.96
N VAL A 25 0.92 -0.29 -5.01
CA VAL A 25 1.16 0.50 -6.21
C VAL A 25 0.14 1.63 -6.35
N SER A 26 0.61 2.80 -6.76
CA SER A 26 -0.24 3.97 -6.83
C SER A 26 -0.84 4.14 -8.23
N LYS A 27 -0.11 4.79 -9.14
CA LYS A 27 -0.64 5.05 -10.47
C LYS A 27 0.49 5.29 -11.48
N GLN A 28 1.42 6.17 -11.11
CA GLN A 28 2.52 6.53 -12.00
C GLN A 28 3.33 5.29 -12.37
N GLU A 29 3.54 4.42 -11.38
CA GLU A 29 4.26 3.18 -11.58
C GLU A 29 3.48 2.28 -12.53
N ILE A 30 2.17 2.30 -12.40
CA ILE A 30 1.29 1.51 -13.25
C ILE A 30 1.35 2.02 -14.69
N SER A 31 1.41 3.34 -14.85
CA SER A 31 1.50 3.96 -16.17
C SER A 31 2.86 3.67 -16.81
N HIS A 32 3.90 3.61 -15.99
CA HIS A 32 5.26 3.47 -16.49
C HIS A 32 5.63 2.00 -16.72
N PHE A 33 5.29 1.15 -15.75
CA PHE A 33 5.67 -0.26 -15.82
C PHE A 33 4.58 -1.11 -16.47
N LYS A 34 3.36 -0.59 -16.51
CA LYS A 34 2.20 -1.30 -17.05
C LYS A 34 1.86 -2.53 -16.21
N LEU A 35 1.07 -2.30 -15.16
CA LEU A 35 0.65 -3.40 -14.29
C LEU A 35 -0.71 -3.92 -14.72
N VAL A 36 -1.17 -4.97 -14.06
CA VAL A 36 -2.40 -5.64 -14.43
C VAL A 36 -3.52 -5.31 -13.45
N LYS A 37 -4.61 -4.79 -13.99
CA LYS A 37 -5.80 -4.48 -13.19
C LYS A 37 -6.61 -5.76 -13.01
N VAL A 38 -6.69 -6.25 -11.79
CA VAL A 38 -7.32 -7.55 -11.53
C VAL A 38 -8.66 -7.40 -10.83
N GLY A 39 -9.29 -6.24 -10.96
CA GLY A 39 -10.62 -6.06 -10.43
C GLY A 39 -10.71 -4.96 -9.41
N THR A 40 -11.80 -4.95 -8.66
CA THR A 40 -12.05 -3.89 -7.68
C THR A 40 -12.66 -4.48 -6.41
N ILE A 41 -12.16 -4.06 -5.26
CA ILE A 41 -12.74 -4.48 -3.98
C ILE A 41 -13.49 -3.30 -3.36
N ASN A 42 -14.51 -3.61 -2.57
CA ASN A 42 -15.38 -2.58 -2.03
C ASN A 42 -15.47 -2.67 -0.52
N VAL A 43 -15.13 -1.58 0.15
CA VAL A 43 -15.32 -1.47 1.57
C VAL A 43 -16.58 -0.68 1.86
N SER A 44 -17.54 -1.31 2.50
CA SER A 44 -18.77 -0.63 2.89
C SER A 44 -19.27 -1.18 4.21
N GLN A 45 -18.58 -0.84 5.28
CA GLN A 45 -18.92 -1.36 6.60
C GLN A 45 -19.72 -0.34 7.40
N SER A 46 -20.59 -0.84 8.26
CA SER A 46 -21.48 0.00 9.04
C SER A 46 -20.82 0.46 10.34
N GLY A 47 -19.68 1.13 10.21
CA GLY A 47 -19.04 1.75 11.35
C GLY A 47 -18.25 0.79 12.22
N GLY A 48 -18.96 -0.07 12.95
CA GLY A 48 -18.36 -0.89 13.99
C GLY A 48 -17.18 -1.75 13.54
N GLN A 49 -17.15 -2.13 12.27
CA GLN A 49 -16.07 -2.99 11.77
C GLN A 49 -14.80 -2.19 11.52
N ILE A 50 -14.91 -0.87 11.48
CA ILE A 50 -13.76 -0.01 11.23
C ILE A 50 -13.55 0.93 12.40
N SER A 51 -12.50 0.66 13.15
CA SER A 51 -12.19 1.46 14.32
C SER A 51 -10.87 2.19 14.12
N SER A 52 -9.88 1.48 13.63
CA SER A 52 -8.58 2.07 13.36
C SER A 52 -8.20 1.82 11.90
N PRO A 53 -7.21 2.55 11.37
CA PRO A 53 -6.69 2.30 10.03
C PRO A 53 -6.03 0.93 9.91
N SER A 54 -5.65 0.37 11.05
CA SER A 54 -5.15 -1.00 11.09
C SER A 54 -6.28 -1.98 10.78
N ASP A 55 -7.46 -1.73 11.36
CA ASP A 55 -8.65 -2.56 11.08
C ASP A 55 -9.02 -2.43 9.62
N LEU A 56 -8.89 -1.21 9.09
CA LEU A 56 -9.14 -0.95 7.68
C LEU A 56 -8.18 -1.77 6.82
N ARG A 57 -6.93 -1.85 7.26
CA ARG A 57 -5.91 -2.61 6.55
C ARG A 57 -6.30 -4.09 6.49
N GLU A 58 -6.76 -4.62 7.61
CA GLU A 58 -7.15 -6.02 7.71
C GLU A 58 -8.15 -6.37 6.61
N LYS A 59 -9.20 -5.57 6.49
CA LYS A 59 -10.26 -5.83 5.51
C LYS A 59 -9.75 -5.64 4.09
N LEU A 60 -8.95 -4.61 3.87
CA LEU A 60 -8.37 -4.37 2.55
C LEU A 60 -7.44 -5.51 2.17
N SER A 61 -6.77 -6.07 3.15
CA SER A 61 -5.88 -7.19 2.94
C SER A 61 -6.66 -8.46 2.61
N GLU A 62 -7.64 -8.80 3.45
CA GLU A 62 -8.39 -10.06 3.28
C GLU A 62 -9.19 -10.06 1.99
N LEU A 63 -9.67 -8.89 1.56
CA LEU A 63 -10.40 -8.79 0.30
C LEU A 63 -9.50 -9.09 -0.90
N ALA A 64 -8.31 -8.48 -0.91
CA ALA A 64 -7.39 -8.65 -2.02
C ALA A 64 -6.72 -10.02 -1.99
N ASP A 65 -6.30 -10.45 -0.81
CA ASP A 65 -5.61 -11.73 -0.64
C ASP A 65 -6.50 -12.87 -1.10
N ALA A 66 -7.73 -12.91 -0.60
CA ALA A 66 -8.65 -13.99 -0.90
C ALA A 66 -9.13 -13.95 -2.35
N LYS A 67 -8.96 -12.81 -3.01
CA LYS A 67 -9.40 -12.69 -4.40
C LYS A 67 -8.25 -13.05 -5.35
N GLY A 68 -7.04 -13.11 -4.81
CA GLY A 68 -5.88 -13.40 -5.63
C GLY A 68 -5.25 -12.15 -6.20
N GLY A 69 -5.11 -11.13 -5.37
CA GLY A 69 -4.47 -9.90 -5.78
C GLY A 69 -3.40 -9.46 -4.81
N LYS A 70 -2.40 -8.76 -5.31
CA LYS A 70 -1.30 -8.29 -4.47
C LYS A 70 -1.61 -6.94 -3.84
N TYR A 71 -1.57 -5.90 -4.65
CA TYR A 71 -1.71 -4.54 -4.16
C TYR A 71 -3.06 -3.98 -4.56
N TYR A 72 -3.41 -2.83 -4.00
CA TYR A 72 -4.67 -2.18 -4.31
C TYR A 72 -4.44 -0.70 -4.40
N HIS A 73 -5.40 0.05 -4.92
CA HIS A 73 -5.27 1.50 -4.92
C HIS A 73 -6.60 2.15 -4.58
N ILE A 74 -6.66 2.76 -3.40
CA ILE A 74 -7.83 3.49 -2.97
C ILE A 74 -8.04 4.70 -3.86
N ILE A 75 -9.13 4.71 -4.62
CA ILE A 75 -9.41 5.81 -5.51
C ILE A 75 -10.40 6.78 -4.88
N ALA A 76 -11.22 6.27 -3.97
CA ALA A 76 -12.18 7.10 -3.27
C ALA A 76 -12.56 6.46 -1.94
N ALA A 77 -12.52 7.24 -0.88
CA ALA A 77 -12.91 6.77 0.44
C ALA A 77 -13.80 7.81 1.11
N ARG A 78 -15.09 7.59 1.05
CA ARG A 78 -16.05 8.57 1.53
C ARG A 78 -16.99 7.95 2.54
N GLU A 79 -17.71 8.79 3.26
CA GLU A 79 -18.67 8.31 4.25
C GLU A 79 -20.09 8.57 3.76
N HIS A 80 -20.91 7.54 3.80
CA HIS A 80 -22.29 7.65 3.33
C HIS A 80 -23.23 7.82 4.52
N GLY A 81 -22.66 8.20 5.65
CA GLY A 81 -23.44 8.34 6.86
C GLY A 81 -23.08 7.28 7.87
N PRO A 82 -23.89 6.20 7.97
CA PRO A 82 -23.60 5.08 8.85
C PRO A 82 -22.58 4.12 8.24
N ASN A 83 -22.34 4.26 6.95
CA ASN A 83 -21.45 3.37 6.22
C ASN A 83 -20.21 4.09 5.74
N PHE A 84 -19.08 3.42 5.84
CA PHE A 84 -17.84 3.92 5.28
C PHE A 84 -17.57 3.24 3.96
N GLU A 85 -17.58 3.99 2.88
CA GLU A 85 -17.42 3.43 1.55
C GLU A 85 -16.05 3.74 0.98
N ALA A 86 -15.22 2.72 0.85
CA ALA A 86 -13.89 2.88 0.28
C ALA A 86 -13.74 2.01 -0.96
N VAL A 87 -13.53 2.66 -2.09
CA VAL A 87 -13.37 1.95 -3.35
C VAL A 87 -11.89 1.81 -3.68
N ALA A 88 -11.41 0.58 -3.66
CA ALA A 88 -10.03 0.29 -3.97
C ALA A 88 -9.95 -0.76 -5.05
N GLU A 89 -9.26 -0.44 -6.14
CA GLU A 89 -9.12 -1.38 -7.23
C GLU A 89 -7.84 -2.17 -7.06
N VAL A 90 -7.87 -3.44 -7.43
CA VAL A 90 -6.74 -4.33 -7.14
C VAL A 90 -5.83 -4.43 -8.36
N TYR A 91 -4.54 -4.24 -8.11
CA TYR A 91 -3.55 -4.34 -9.18
C TYR A 91 -2.48 -5.34 -8.79
N ASN A 92 -2.13 -6.21 -9.71
CA ASN A 92 -1.14 -7.23 -9.46
C ASN A 92 0.15 -6.88 -10.21
N ASP A 93 1.25 -7.48 -9.80
CA ASP A 93 2.55 -7.22 -10.41
C ASP A 93 2.53 -7.72 -11.86
N ALA A 94 3.49 -7.28 -12.65
CA ALA A 94 3.55 -7.64 -14.06
C ALA A 94 4.04 -9.07 -14.23
N THR A 95 3.24 -10.00 -13.76
CA THR A 95 3.55 -11.43 -13.78
C THR A 95 2.56 -12.20 -12.92
N LYS A 96 1.92 -11.50 -11.97
CA LYS A 96 0.98 -12.11 -11.02
C LYS A 96 1.71 -13.16 -10.17
N LEU A 97 1.28 -14.41 -10.29
CA LEU A 97 1.94 -15.55 -9.65
C LEU A 97 1.75 -15.58 -8.14
N GLU A 98 1.78 -16.78 -7.60
CA GLU A 98 1.67 -17.02 -6.17
C GLU A 98 2.51 -18.25 -5.85
N HIS A 99 3.25 -18.24 -4.75
CA HIS A 99 4.27 -19.26 -4.50
C HIS A 99 3.65 -20.60 -4.11
N HIS A 100 2.41 -20.57 -3.65
CA HIS A 100 1.66 -21.80 -3.37
C HIS A 100 0.83 -22.16 -4.60
N HIS A 101 0.90 -21.28 -5.60
CA HIS A 101 0.20 -21.43 -6.88
C HIS A 101 -1.31 -21.55 -6.70
N HIS A 102 -1.99 -20.41 -6.75
CA HIS A 102 -3.43 -20.38 -6.62
C HIS A 102 -4.04 -19.35 -7.57
N HIS A 103 -5.18 -19.69 -8.14
CA HIS A 103 -5.99 -18.74 -8.90
C HIS A 103 -7.46 -19.15 -8.85
N HIS A 104 -8.33 -18.17 -8.89
CA HIS A 104 -9.76 -18.42 -8.84
C HIS A 104 -10.50 -17.40 -9.70
N MET B 1 -11.28 16.88 2.98
CA MET B 1 -12.03 16.21 1.91
C MET B 1 -11.76 16.86 0.58
N LYS B 2 -11.93 16.10 -0.50
CA LYS B 2 -11.66 16.59 -1.85
C LYS B 2 -12.58 15.93 -2.86
N LYS B 3 -12.42 14.63 -3.03
CA LYS B 3 -13.12 13.88 -4.05
C LYS B 3 -14.29 13.09 -3.47
N ARG B 4 -15.50 13.47 -3.86
CA ARG B 4 -16.70 12.74 -3.48
C ARG B 4 -17.40 12.22 -4.74
N ILE B 5 -16.61 11.99 -5.77
CA ILE B 5 -17.14 11.61 -7.07
C ILE B 5 -17.40 10.11 -7.17
N ILE B 6 -16.34 9.32 -7.09
CA ILE B 6 -16.43 7.88 -7.27
C ILE B 6 -17.17 7.21 -6.11
N ALA B 7 -18.18 6.41 -6.44
CA ALA B 7 -18.95 5.69 -5.45
C ALA B 7 -19.76 4.58 -6.12
N ALA B 8 -19.29 3.35 -6.00
CA ALA B 8 -19.97 2.20 -6.60
C ALA B 8 -19.75 0.95 -5.76
N ALA B 9 -20.85 0.30 -5.40
CA ALA B 9 -20.77 -0.90 -4.58
C ALA B 9 -21.15 -2.14 -5.39
N LEU B 10 -20.14 -2.94 -5.72
CA LEU B 10 -20.35 -4.19 -6.45
C LEU B 10 -20.43 -5.34 -5.46
N LEU B 11 -19.48 -5.35 -4.52
CA LEU B 11 -19.44 -6.32 -3.42
C LEU B 11 -19.01 -7.72 -3.86
N ALA B 12 -18.31 -8.43 -2.98
CA ALA B 12 -17.85 -9.77 -3.26
C ALA B 12 -17.65 -10.53 -1.95
N THR B 13 -17.25 -11.79 -2.04
CA THR B 13 -16.96 -12.58 -0.86
C THR B 13 -15.74 -12.05 -0.12
N VAL B 14 -15.80 -12.00 1.20
CA VAL B 14 -14.73 -11.42 1.98
C VAL B 14 -13.76 -12.49 2.48
N ALA B 15 -14.31 -13.56 3.05
CA ALA B 15 -13.51 -14.63 3.66
C ALA B 15 -12.63 -14.07 4.78
N SER B 16 -11.55 -14.76 5.10
CA SER B 16 -10.62 -14.29 6.11
C SER B 16 -9.21 -14.79 5.83
N PHE B 17 -8.51 -14.07 4.96
CA PHE B 17 -7.12 -14.36 4.65
C PHE B 17 -6.36 -13.05 4.50
N SER B 18 -5.46 -12.77 5.44
CA SER B 18 -4.75 -11.50 5.43
C SER B 18 -3.24 -11.72 5.46
N THR B 19 -2.57 -11.29 4.39
CA THR B 19 -1.13 -11.35 4.32
C THR B 19 -0.57 -9.94 4.08
N LEU B 20 0.63 -9.69 4.58
CA LEU B 20 1.28 -8.40 4.38
C LEU B 20 1.72 -8.27 2.93
N ALA B 21 1.00 -7.43 2.18
CA ALA B 21 1.24 -7.28 0.74
C ALA B 21 0.25 -6.29 0.14
N ALA B 22 -0.84 -6.05 0.85
CA ALA B 22 -1.87 -5.13 0.38
C ALA B 22 -2.20 -4.13 1.47
N GLU B 23 -1.53 -2.98 1.45
CA GLU B 23 -1.71 -1.98 2.50
C GLU B 23 -1.02 -0.65 2.18
N GLN B 24 -1.82 0.42 2.21
CA GLN B 24 -1.34 1.80 1.98
C GLN B 24 -2.45 2.80 2.30
N VAL B 25 -2.06 3.99 2.75
CA VAL B 25 -3.01 5.07 3.01
C VAL B 25 -2.77 6.24 2.06
N SER B 26 -3.82 7.00 1.75
CA SER B 26 -3.70 8.12 0.82
C SER B 26 -3.91 9.47 1.50
N LYS B 27 -5.13 10.00 1.43
CA LYS B 27 -5.44 11.28 2.07
C LYS B 27 -6.77 11.25 2.81
N GLN B 28 -7.75 10.52 2.26
CA GLN B 28 -9.07 10.44 2.87
C GLN B 28 -8.95 9.88 4.28
N GLU B 29 -8.13 8.86 4.41
CA GLU B 29 -7.85 8.22 5.69
C GLU B 29 -7.28 9.23 6.68
N ILE B 30 -6.34 10.03 6.20
CA ILE B 30 -5.71 11.07 7.03
C ILE B 30 -6.74 12.11 7.45
N SER B 31 -7.63 12.44 6.54
CA SER B 31 -8.65 13.47 6.79
C SER B 31 -9.68 12.98 7.80
N HIS B 32 -9.81 11.66 7.92
CA HIS B 32 -10.78 11.07 8.85
C HIS B 32 -10.13 10.75 10.20
N PHE B 33 -9.09 9.95 10.16
CA PHE B 33 -8.50 9.40 11.39
C PHE B 33 -7.42 10.30 11.95
N LYS B 34 -6.94 11.25 11.14
CA LYS B 34 -5.83 12.13 11.53
C LYS B 34 -4.58 11.29 11.84
N LEU B 35 -3.86 10.93 10.79
CA LEU B 35 -2.75 9.98 10.92
C LEU B 35 -1.48 10.63 11.44
N VAL B 36 -0.45 9.80 11.60
CA VAL B 36 0.84 10.24 12.13
C VAL B 36 1.85 10.38 10.99
N LYS B 37 2.22 11.61 10.67
CA LYS B 37 3.13 11.88 9.56
C LYS B 37 4.57 11.56 9.96
N VAL B 38 5.23 10.72 9.16
CA VAL B 38 6.58 10.28 9.45
C VAL B 38 7.61 11.06 8.63
N GLY B 39 7.14 11.70 7.57
CA GLY B 39 8.01 12.52 6.75
C GLY B 39 8.15 11.99 5.34
N THR B 40 8.63 12.84 4.44
CA THR B 40 8.76 12.48 3.05
C THR B 40 10.03 11.68 2.80
N ILE B 41 9.96 10.75 1.88
CA ILE B 41 11.12 10.05 1.37
C ILE B 41 11.14 10.15 -0.15
N ASN B 42 12.28 10.52 -0.70
CA ASN B 42 12.38 10.66 -2.15
C ASN B 42 13.39 9.68 -2.72
N VAL B 43 12.96 9.02 -3.77
CA VAL B 43 13.77 8.01 -4.44
C VAL B 43 14.52 8.63 -5.60
N SER B 44 15.81 8.36 -5.67
CA SER B 44 16.62 8.83 -6.77
C SER B 44 17.74 7.83 -7.06
N GLN B 45 17.50 6.95 -8.03
CA GLN B 45 18.51 5.99 -8.46
C GLN B 45 18.54 5.89 -9.97
N SER B 46 19.69 5.55 -10.51
CA SER B 46 19.86 5.45 -11.95
C SER B 46 19.24 4.16 -12.49
N GLY B 47 19.02 4.12 -13.79
CA GLY B 47 18.50 2.93 -14.45
C GLY B 47 19.42 1.74 -14.24
N GLY B 48 18.99 0.82 -13.40
CA GLY B 48 19.81 -0.31 -13.02
C GLY B 48 19.45 -0.79 -11.64
N GLN B 49 19.41 0.14 -10.69
CA GLN B 49 18.94 -0.16 -9.35
C GLN B 49 17.43 -0.23 -9.36
N ILE B 50 16.85 0.55 -10.27
CA ILE B 50 15.42 0.48 -10.55
C ILE B 50 15.23 0.14 -12.01
N SER B 51 14.50 -0.93 -12.29
CA SER B 51 14.23 -1.33 -13.66
C SER B 51 12.88 -2.03 -13.76
N SER B 52 12.58 -2.85 -12.76
CA SER B 52 11.32 -3.57 -12.72
C SER B 52 10.44 -3.07 -11.58
N PRO B 53 9.12 -3.34 -11.61
CA PRO B 53 8.20 -2.94 -10.54
C PRO B 53 8.62 -3.52 -9.18
N SER B 54 9.42 -4.58 -9.21
CA SER B 54 9.93 -5.17 -8.00
C SER B 54 10.87 -4.22 -7.28
N ASP B 55 11.84 -3.69 -8.02
CA ASP B 55 12.90 -2.88 -7.43
C ASP B 55 12.33 -1.72 -6.62
N LEU B 56 11.34 -1.05 -7.20
CA LEU B 56 10.77 0.17 -6.60
C LEU B 56 10.17 -0.10 -5.21
N ARG B 57 9.18 -0.98 -5.14
CA ARG B 57 8.47 -1.20 -3.89
C ARG B 57 9.36 -1.88 -2.84
N GLU B 58 10.36 -2.64 -3.28
CA GLU B 58 11.27 -3.31 -2.35
C GLU B 58 12.15 -2.28 -1.65
N LYS B 59 12.48 -1.19 -2.34
CA LYS B 59 13.22 -0.10 -1.74
C LYS B 59 12.31 0.69 -0.81
N LEU B 60 11.09 0.94 -1.26
CA LEU B 60 10.13 1.73 -0.51
C LEU B 60 9.78 1.07 0.83
N SER B 61 9.48 -0.22 0.78
CA SER B 61 9.16 -0.97 1.99
C SER B 61 10.36 -0.96 2.96
N GLU B 62 11.56 -1.00 2.40
CA GLU B 62 12.79 -1.00 3.21
C GLU B 62 12.96 0.35 3.91
N LEU B 63 12.69 1.43 3.18
CA LEU B 63 12.81 2.78 3.72
C LEU B 63 11.76 3.03 4.80
N ALA B 64 10.53 2.61 4.53
CA ALA B 64 9.44 2.74 5.50
C ALA B 64 9.77 1.95 6.76
N ASP B 65 10.30 0.76 6.56
CA ASP B 65 10.74 -0.10 7.67
C ASP B 65 11.71 0.64 8.58
N ALA B 66 12.78 1.18 7.99
CA ALA B 66 13.82 1.87 8.77
C ALA B 66 13.25 3.11 9.46
N LYS B 67 12.26 3.73 8.82
CA LYS B 67 11.57 4.87 9.39
C LYS B 67 10.87 4.50 10.68
N GLY B 68 10.29 3.31 10.71
CA GLY B 68 9.42 2.93 11.79
C GLY B 68 7.98 3.21 11.44
N GLY B 69 7.76 3.42 10.16
CA GLY B 69 6.42 3.68 9.66
C GLY B 69 5.89 2.50 8.90
N LYS B 70 4.59 2.28 8.97
CA LYS B 70 3.98 1.12 8.36
C LYS B 70 3.79 1.33 6.86
N TYR B 71 2.89 2.24 6.49
CA TYR B 71 2.51 2.41 5.10
C TYR B 71 3.28 3.58 4.48
N TYR B 72 3.44 3.53 3.17
CA TYR B 72 4.06 4.63 2.46
C TYR B 72 3.10 5.13 1.40
N HIS B 73 2.99 6.44 1.27
CA HIS B 73 2.04 7.02 0.32
C HIS B 73 2.78 7.70 -0.82
N ILE B 74 2.84 7.03 -1.95
CA ILE B 74 3.45 7.61 -3.15
C ILE B 74 2.57 8.73 -3.68
N ILE B 75 3.14 9.92 -3.78
CA ILE B 75 2.41 11.07 -4.26
C ILE B 75 2.70 11.29 -5.74
N ALA B 76 3.98 11.37 -6.07
CA ALA B 76 4.39 11.64 -7.43
C ALA B 76 5.60 10.80 -7.81
N ALA B 77 5.68 10.44 -9.07
CA ALA B 77 6.81 9.68 -9.60
C ALA B 77 7.09 10.14 -11.02
N ARG B 78 8.37 10.28 -11.35
CA ARG B 78 8.76 10.78 -12.66
C ARG B 78 10.13 10.24 -13.05
N GLU B 79 10.34 10.11 -14.34
CA GLU B 79 11.64 9.69 -14.86
C GLU B 79 12.41 10.94 -15.29
N HIS B 80 13.57 11.15 -14.68
CA HIS B 80 14.32 12.38 -14.92
C HIS B 80 15.77 12.06 -15.27
N GLY B 81 16.11 12.24 -16.53
CA GLY B 81 17.45 11.96 -17.00
C GLY B 81 17.76 10.47 -16.93
N PRO B 82 18.86 10.09 -16.29
CA PRO B 82 19.24 8.69 -16.11
C PRO B 82 18.71 8.11 -14.80
N ASN B 83 17.96 8.91 -14.06
CA ASN B 83 17.50 8.53 -12.73
C ASN B 83 15.99 8.46 -12.65
N PHE B 84 15.48 7.58 -11.80
CA PHE B 84 14.06 7.50 -11.52
C PHE B 84 13.76 8.23 -10.22
N GLU B 85 12.86 9.20 -10.29
CA GLU B 85 12.54 10.03 -9.14
C GLU B 85 11.16 9.68 -8.60
N ALA B 86 11.09 9.28 -7.34
CA ALA B 86 9.79 9.00 -6.72
C ALA B 86 9.66 9.74 -5.38
N VAL B 87 8.51 10.36 -5.16
CA VAL B 87 8.27 11.09 -3.93
C VAL B 87 7.13 10.45 -3.15
N ALA B 88 7.43 9.97 -1.96
CA ALA B 88 6.44 9.30 -1.13
C ALA B 88 6.48 9.80 0.31
N GLU B 89 5.32 9.91 0.92
CA GLU B 89 5.20 10.28 2.31
C GLU B 89 5.00 9.05 3.17
N VAL B 90 5.77 8.92 4.23
CA VAL B 90 5.61 7.81 5.15
C VAL B 90 4.62 8.18 6.24
N TYR B 91 3.67 7.29 6.53
CA TYR B 91 2.68 7.56 7.55
C TYR B 91 2.52 6.39 8.50
N ASN B 92 2.48 6.69 9.78
CA ASN B 92 2.04 5.73 10.77
C ASN B 92 0.55 5.91 10.95
N ASP B 93 -0.21 4.85 10.75
CA ASP B 93 -1.64 4.92 10.96
C ASP B 93 -1.93 5.02 12.45
N ALA B 94 -3.13 5.41 12.81
CA ALA B 94 -3.49 5.60 14.20
C ALA B 94 -3.62 4.26 14.92
N THR B 95 -2.48 3.67 15.27
CA THR B 95 -2.46 2.43 16.01
C THR B 95 -1.47 2.51 17.16
N LYS B 96 -2.03 2.65 18.35
CA LYS B 96 -1.27 2.69 19.57
C LYS B 96 -2.14 2.15 20.70
N LEU B 97 -3.21 1.49 20.30
CA LEU B 97 -4.22 1.01 21.24
C LEU B 97 -4.25 -0.51 21.27
N GLU B 98 -4.43 -1.06 22.46
CA GLU B 98 -4.57 -2.49 22.62
C GLU B 98 -5.99 -2.89 22.20
N HIS B 99 -6.22 -4.18 21.97
CA HIS B 99 -7.55 -4.67 21.66
C HIS B 99 -8.38 -4.72 22.92
N HIS B 100 -7.70 -4.85 24.06
CA HIS B 100 -8.33 -4.72 25.38
C HIS B 100 -9.36 -5.81 25.62
N HIS B 101 -9.07 -6.99 25.09
CA HIS B 101 -9.96 -8.14 25.21
C HIS B 101 -9.23 -9.40 24.78
N HIS B 102 -8.67 -9.35 23.59
CA HIS B 102 -7.91 -10.48 23.05
C HIS B 102 -6.75 -9.95 22.22
N HIS B 103 -5.55 -9.98 22.80
CA HIS B 103 -4.38 -9.42 22.16
C HIS B 103 -3.94 -10.26 20.96
N HIS B 104 -3.74 -11.56 21.18
CA HIS B 104 -3.30 -12.44 20.12
C HIS B 104 -4.01 -13.79 20.22
N MET A 1 33.32 12.65 39.13
CA MET A 1 32.81 12.43 37.75
C MET A 1 33.27 11.07 37.24
N LYS A 2 32.43 10.07 37.42
CA LYS A 2 32.75 8.71 37.00
C LYS A 2 31.48 8.02 36.51
N LYS A 3 31.41 7.76 35.21
CA LYS A 3 30.23 7.17 34.60
C LYS A 3 29.92 5.80 35.21
N ARG A 4 30.97 4.98 35.36
CA ARG A 4 30.82 3.63 35.93
C ARG A 4 29.90 2.78 35.05
N ILE A 5 29.53 1.61 35.57
CA ILE A 5 28.55 0.74 34.93
C ILE A 5 29.08 0.08 33.66
N ILE A 6 29.29 0.88 32.63
CA ILE A 6 29.64 0.39 31.29
C ILE A 6 28.49 -0.45 30.72
N ALA A 7 27.64 0.19 29.95
CA ALA A 7 26.47 -0.45 29.40
C ALA A 7 26.26 -0.02 27.95
N ALA A 8 25.00 0.15 27.55
CA ALA A 8 24.64 0.58 26.20
C ALA A 8 24.97 -0.49 25.18
N ALA A 9 24.88 -1.74 25.61
CA ALA A 9 25.10 -2.88 24.72
C ALA A 9 23.88 -3.08 23.85
N LEU A 10 24.09 -3.27 22.56
CA LEU A 10 22.99 -3.40 21.61
C LEU A 10 22.78 -4.86 21.22
N LEU A 11 21.67 -5.42 21.69
CA LEU A 11 21.29 -6.77 21.32
C LEU A 11 20.19 -6.70 20.27
N ALA A 12 20.45 -7.30 19.12
CA ALA A 12 19.51 -7.22 18.00
C ALA A 12 18.63 -8.46 17.94
N THR A 13 17.36 -8.31 18.31
CA THR A 13 16.41 -9.40 18.26
C THR A 13 15.20 -9.02 17.40
N VAL A 14 15.22 -9.46 16.15
CA VAL A 14 14.13 -9.19 15.22
C VAL A 14 13.23 -10.40 15.05
N ALA A 15 12.28 -10.30 14.13
CA ALA A 15 11.37 -11.40 13.84
C ALA A 15 10.89 -11.32 12.40
N SER A 16 10.28 -12.39 11.92
CA SER A 16 9.74 -12.41 10.57
C SER A 16 8.34 -11.80 10.59
N PHE A 17 8.17 -10.71 9.86
CA PHE A 17 6.93 -9.94 9.93
C PHE A 17 5.82 -10.53 9.08
N SER A 18 5.83 -10.22 7.78
CA SER A 18 4.74 -10.60 6.88
C SER A 18 3.41 -10.00 7.37
N THR A 19 3.51 -8.88 8.06
CA THR A 19 2.34 -8.16 8.55
C THR A 19 2.11 -6.91 7.69
N LEU A 20 1.41 -5.93 8.25
CA LEU A 20 1.27 -4.63 7.59
C LEU A 20 2.66 -4.09 7.23
N ALA A 21 2.84 -3.75 5.96
CA ALA A 21 4.13 -3.29 5.48
C ALA A 21 3.95 -2.00 4.68
N ALA A 22 4.97 -1.15 4.70
CA ALA A 22 4.94 0.07 3.92
C ALA A 22 5.19 -0.26 2.45
N GLU A 23 4.10 -0.47 1.71
CA GLU A 23 4.18 -0.88 0.31
C GLU A 23 3.06 -0.24 -0.51
N GLN A 24 2.75 -0.85 -1.66
CA GLN A 24 1.68 -0.42 -2.58
C GLN A 24 2.18 0.62 -3.57
N VAL A 25 1.65 0.55 -4.78
CA VAL A 25 2.04 1.45 -5.85
C VAL A 25 0.91 2.44 -6.16
N SER A 26 1.26 3.67 -6.42
CA SER A 26 0.28 4.69 -6.73
C SER A 26 -0.04 4.68 -8.22
N LYS A 27 -0.84 5.64 -8.67
CA LYS A 27 -1.39 5.60 -10.01
C LYS A 27 -0.32 5.83 -11.09
N GLN A 28 0.67 6.68 -10.81
CA GLN A 28 1.67 6.98 -11.82
C GLN A 28 2.64 5.81 -12.01
N GLU A 29 2.94 5.08 -10.95
CA GLU A 29 3.76 3.88 -11.05
C GLU A 29 3.05 2.84 -11.91
N ILE A 30 1.77 2.65 -11.65
CA ILE A 30 0.94 1.72 -12.42
C ILE A 30 0.99 2.07 -13.90
N SER A 31 0.95 3.36 -14.19
CA SER A 31 0.94 3.84 -15.57
C SER A 31 2.32 3.65 -16.23
N HIS A 32 3.36 3.51 -15.41
CA HIS A 32 4.72 3.35 -15.91
C HIS A 32 5.05 1.88 -16.16
N PHE A 33 4.64 1.02 -15.24
CA PHE A 33 4.93 -0.41 -15.38
C PHE A 33 3.84 -1.14 -16.15
N LYS A 34 2.73 -0.42 -16.40
CA LYS A 34 1.56 -1.01 -17.07
C LYS A 34 1.09 -2.25 -16.31
N LEU A 35 0.84 -2.08 -15.03
CA LEU A 35 0.45 -3.18 -14.16
C LEU A 35 -0.90 -3.74 -14.54
N VAL A 36 -1.05 -5.05 -14.36
CA VAL A 36 -2.30 -5.74 -14.67
C VAL A 36 -3.35 -5.42 -13.61
N LYS A 37 -4.56 -5.15 -14.07
CA LYS A 37 -5.65 -4.82 -13.18
C LYS A 37 -6.47 -6.06 -12.92
N VAL A 38 -6.61 -6.42 -11.65
CA VAL A 38 -7.36 -7.62 -11.29
C VAL A 38 -8.85 -7.33 -11.28
N GLY A 39 -9.22 -6.22 -10.64
CA GLY A 39 -10.61 -5.85 -10.58
C GLY A 39 -10.83 -4.67 -9.64
N THR A 40 -12.06 -4.18 -9.61
CA THR A 40 -12.43 -3.11 -8.70
C THR A 40 -13.18 -3.66 -7.50
N ILE A 41 -12.65 -3.43 -6.30
CA ILE A 41 -13.33 -3.85 -5.09
C ILE A 41 -13.90 -2.63 -4.38
N ASN A 42 -15.07 -2.81 -3.77
CA ASN A 42 -15.70 -1.72 -3.06
C ASN A 42 -16.07 -2.15 -1.65
N VAL A 43 -15.70 -1.30 -0.72
CA VAL A 43 -15.94 -1.50 0.70
C VAL A 43 -17.23 -0.82 1.09
N SER A 44 -18.11 -1.55 1.74
CA SER A 44 -19.39 -1.01 2.16
C SER A 44 -19.85 -1.73 3.42
N GLN A 45 -19.28 -1.35 4.55
CA GLN A 45 -19.62 -1.96 5.82
C GLN A 45 -20.53 -1.07 6.64
N SER A 46 -21.62 -1.64 7.12
CA SER A 46 -22.59 -0.90 7.89
C SER A 46 -22.27 -0.98 9.39
N GLY A 47 -21.71 0.09 9.92
CA GLY A 47 -21.53 0.21 11.36
C GLY A 47 -20.21 -0.33 11.88
N GLY A 48 -20.29 -1.16 12.91
CA GLY A 48 -19.11 -1.54 13.68
C GLY A 48 -18.27 -2.64 13.06
N GLN A 49 -18.22 -2.66 11.74
CA GLN A 49 -17.33 -3.59 11.04
C GLN A 49 -15.93 -2.98 11.00
N ILE A 50 -15.89 -1.66 11.00
CA ILE A 50 -14.63 -0.93 11.03
C ILE A 50 -14.61 0.00 12.23
N SER A 51 -13.75 -0.31 13.18
CA SER A 51 -13.69 0.45 14.41
C SER A 51 -12.34 1.12 14.59
N SER A 52 -11.44 0.89 13.64
CA SER A 52 -10.10 1.45 13.69
C SER A 52 -9.52 1.54 12.29
N PRO A 53 -8.67 2.55 12.03
CA PRO A 53 -7.99 2.68 10.74
C PRO A 53 -7.15 1.45 10.43
N SER A 54 -6.63 0.82 11.47
CA SER A 54 -5.84 -0.37 11.35
C SER A 54 -6.69 -1.57 10.91
N ASP A 55 -7.94 -1.61 11.37
CA ASP A 55 -8.84 -2.71 11.01
C ASP A 55 -9.34 -2.55 9.58
N LEU A 56 -9.49 -1.30 9.15
CA LEU A 56 -9.93 -0.99 7.81
C LEU A 56 -8.98 -1.57 6.76
N ARG A 57 -7.69 -1.30 6.94
CA ARG A 57 -6.67 -1.78 6.01
C ARG A 57 -6.55 -3.30 6.07
N GLU A 58 -6.77 -3.87 7.26
CA GLU A 58 -6.74 -5.33 7.42
C GLU A 58 -7.74 -5.99 6.45
N LYS A 59 -8.92 -5.38 6.34
CA LYS A 59 -9.94 -5.82 5.38
C LYS A 59 -9.39 -5.78 3.95
N LEU A 60 -8.72 -4.68 3.64
CA LEU A 60 -8.21 -4.46 2.30
C LEU A 60 -7.14 -5.49 1.93
N SER A 61 -6.27 -5.78 2.88
CA SER A 61 -5.26 -6.82 2.69
C SER A 61 -5.94 -8.17 2.43
N GLU A 62 -7.02 -8.42 3.16
CA GLU A 62 -7.77 -9.66 3.02
C GLU A 62 -8.49 -9.71 1.68
N LEU A 63 -9.05 -8.58 1.25
CA LEU A 63 -9.77 -8.51 -0.01
C LEU A 63 -8.84 -8.72 -1.20
N ALA A 64 -7.61 -8.20 -1.10
CA ALA A 64 -6.62 -8.38 -2.15
C ALA A 64 -6.28 -9.85 -2.33
N ASP A 65 -6.19 -10.56 -1.20
CA ASP A 65 -5.92 -12.00 -1.21
C ASP A 65 -7.10 -12.77 -1.81
N ALA A 66 -8.31 -12.29 -1.53
CA ALA A 66 -9.52 -12.94 -2.02
C ALA A 66 -9.67 -12.76 -3.53
N LYS A 67 -9.20 -11.64 -4.04
CA LYS A 67 -9.30 -11.35 -5.46
C LYS A 67 -8.12 -11.91 -6.25
N GLY A 68 -6.99 -12.06 -5.59
CA GLY A 68 -5.83 -12.65 -6.23
C GLY A 68 -4.88 -11.61 -6.77
N GLY A 69 -4.63 -10.57 -5.99
CA GLY A 69 -3.71 -9.53 -6.40
C GLY A 69 -2.56 -9.39 -5.45
N LYS A 70 -1.76 -8.35 -5.63
CA LYS A 70 -0.61 -8.09 -4.76
C LYS A 70 -0.70 -6.72 -4.12
N TYR A 71 -1.22 -5.75 -4.88
CA TYR A 71 -1.36 -4.39 -4.38
C TYR A 71 -2.76 -3.87 -4.70
N TYR A 72 -3.12 -2.76 -4.09
CA TYR A 72 -4.41 -2.14 -4.32
C TYR A 72 -4.31 -0.64 -4.16
N HIS A 73 -4.82 0.08 -5.13
CA HIS A 73 -4.77 1.53 -5.09
C HIS A 73 -6.16 2.10 -4.85
N ILE A 74 -6.38 2.58 -3.64
CA ILE A 74 -7.66 3.17 -3.28
C ILE A 74 -7.88 4.48 -4.04
N ILE A 75 -9.05 4.61 -4.64
CA ILE A 75 -9.37 5.81 -5.42
C ILE A 75 -10.50 6.60 -4.78
N ALA A 76 -11.23 5.95 -3.86
CA ALA A 76 -12.37 6.58 -3.23
C ALA A 76 -12.54 6.10 -1.80
N ALA A 77 -12.84 7.01 -0.90
CA ALA A 77 -13.08 6.68 0.51
C ALA A 77 -13.94 7.76 1.16
N ARG A 78 -15.21 7.46 1.36
CA ARG A 78 -16.13 8.44 1.91
C ARG A 78 -17.11 7.79 2.87
N GLU A 79 -17.50 8.52 3.91
CA GLU A 79 -18.48 8.03 4.87
C GLU A 79 -19.90 8.24 4.34
N HIS A 80 -20.64 7.14 4.29
CA HIS A 80 -22.05 7.17 3.91
C HIS A 80 -22.87 7.12 5.19
N GLY A 81 -22.55 8.01 6.12
CA GLY A 81 -23.12 7.93 7.44
C GLY A 81 -22.31 7.00 8.31
N PRO A 82 -22.97 6.06 9.02
CA PRO A 82 -22.26 5.03 9.78
C PRO A 82 -21.78 3.89 8.87
N ASN A 83 -21.95 4.09 7.58
CA ASN A 83 -21.56 3.10 6.58
C ASN A 83 -20.35 3.61 5.82
N PHE A 84 -19.26 2.86 5.85
CA PHE A 84 -18.04 3.30 5.21
C PHE A 84 -17.94 2.78 3.79
N GLU A 85 -17.81 3.69 2.83
CA GLU A 85 -17.74 3.34 1.42
C GLU A 85 -16.34 3.64 0.87
N ALA A 86 -15.62 2.61 0.46
CA ALA A 86 -14.29 2.80 -0.11
C ALA A 86 -14.14 2.00 -1.40
N VAL A 87 -13.59 2.62 -2.43
CA VAL A 87 -13.37 1.94 -3.70
C VAL A 87 -11.88 1.80 -3.97
N ALA A 88 -11.42 0.57 -4.14
CA ALA A 88 -10.00 0.31 -4.35
C ALA A 88 -9.78 -0.50 -5.62
N GLU A 89 -8.77 -0.12 -6.37
CA GLU A 89 -8.41 -0.82 -7.58
C GLU A 89 -7.35 -1.86 -7.29
N VAL A 90 -7.67 -3.13 -7.50
CA VAL A 90 -6.74 -4.20 -7.22
C VAL A 90 -5.83 -4.45 -8.42
N TYR A 91 -4.53 -4.42 -8.17
CA TYR A 91 -3.55 -4.67 -9.21
C TYR A 91 -2.63 -5.82 -8.80
N ASN A 92 -2.04 -6.47 -9.77
CA ASN A 92 -1.10 -7.55 -9.49
C ASN A 92 0.30 -7.08 -9.85
N ASP A 93 1.30 -7.89 -9.52
CA ASP A 93 2.70 -7.54 -9.72
C ASP A 93 3.01 -7.32 -11.19
N ALA A 94 2.31 -8.06 -12.06
CA ALA A 94 2.44 -7.96 -13.52
C ALA A 94 3.76 -8.53 -14.02
N THR A 95 4.63 -8.83 -13.09
CA THR A 95 5.91 -9.46 -13.38
C THR A 95 5.98 -10.79 -12.67
N LYS A 96 5.47 -10.81 -11.44
CA LYS A 96 5.37 -12.02 -10.63
C LYS A 96 6.75 -12.48 -10.18
N LEU A 97 7.60 -11.50 -9.92
CA LEU A 97 8.92 -11.74 -9.37
C LEU A 97 9.07 -10.96 -8.08
N GLU A 98 8.84 -11.64 -6.97
CA GLU A 98 8.89 -11.01 -5.67
C GLU A 98 10.25 -11.26 -5.02
N HIS A 99 10.47 -12.49 -4.58
CA HIS A 99 11.76 -12.92 -4.06
C HIS A 99 11.92 -14.41 -4.29
N HIS A 100 13.13 -14.86 -4.54
CA HIS A 100 13.42 -16.28 -4.65
C HIS A 100 13.54 -16.86 -3.24
N HIS A 101 12.41 -17.09 -2.60
CA HIS A 101 12.40 -17.63 -1.24
C HIS A 101 11.25 -18.61 -1.04
N HIS A 102 11.60 -19.84 -0.75
CA HIS A 102 10.61 -20.89 -0.51
C HIS A 102 10.43 -21.09 0.99
N HIS A 103 9.34 -20.56 1.54
CA HIS A 103 9.05 -20.74 2.95
C HIS A 103 7.96 -21.78 3.15
N HIS A 104 8.39 -23.04 3.19
CA HIS A 104 7.49 -24.17 3.41
C HIS A 104 8.30 -25.46 3.36
N MET B 1 12.93 -31.04 14.98
CA MET B 1 14.02 -30.11 14.59
C MET B 1 14.34 -30.24 13.11
N LYS B 2 15.18 -31.22 12.77
CA LYS B 2 15.60 -31.43 11.40
C LYS B 2 15.58 -32.90 11.04
N LYS B 3 14.57 -33.31 10.29
CA LYS B 3 14.47 -34.66 9.78
C LYS B 3 14.13 -34.65 8.30
N ARG B 4 14.58 -35.67 7.60
CA ARG B 4 14.36 -35.81 6.16
C ARG B 4 15.18 -34.80 5.36
N ILE B 5 14.64 -33.58 5.24
CA ILE B 5 15.19 -32.58 4.33
C ILE B 5 15.12 -33.14 2.90
N ILE B 6 13.95 -32.97 2.29
CA ILE B 6 13.70 -33.55 0.99
C ILE B 6 14.07 -32.59 -0.13
N ALA B 7 14.86 -33.07 -1.08
CA ALA B 7 15.20 -32.30 -2.26
C ALA B 7 14.17 -32.53 -3.34
N ALA B 8 13.09 -31.77 -3.29
CA ALA B 8 11.99 -31.94 -4.21
C ALA B 8 11.31 -30.62 -4.51
N ALA B 9 10.57 -30.60 -5.62
CA ALA B 9 9.82 -29.42 -6.01
C ALA B 9 8.50 -29.82 -6.64
N LEU B 10 8.56 -30.72 -7.63
CA LEU B 10 7.37 -31.19 -8.36
C LEU B 10 6.62 -30.00 -8.98
N LEU B 11 7.37 -28.94 -9.30
CA LEU B 11 6.81 -27.70 -9.87
C LEU B 11 6.00 -26.91 -8.84
N ALA B 12 5.81 -27.49 -7.66
CA ALA B 12 5.05 -26.84 -6.60
C ALA B 12 5.97 -26.07 -5.67
N THR B 13 7.15 -25.73 -6.17
CA THR B 13 8.17 -25.03 -5.39
C THR B 13 7.71 -23.62 -5.02
N VAL B 14 6.62 -23.17 -5.65
CA VAL B 14 6.08 -21.83 -5.41
C VAL B 14 5.46 -21.71 -4.02
N ALA B 15 5.42 -22.82 -3.29
CA ALA B 15 4.86 -22.83 -1.94
C ALA B 15 5.64 -21.91 -1.01
N SER B 16 5.08 -20.73 -0.76
CA SER B 16 5.69 -19.76 0.13
C SER B 16 4.63 -19.06 0.97
N PHE B 17 4.51 -19.49 2.23
CA PHE B 17 3.48 -18.93 3.11
C PHE B 17 4.04 -17.74 3.89
N SER B 18 4.31 -16.65 3.18
CA SER B 18 4.84 -15.43 3.77
C SER B 18 4.59 -14.26 2.83
N THR B 19 5.03 -13.06 3.25
CA THR B 19 4.96 -11.86 2.42
C THR B 19 3.55 -11.29 2.35
N LEU B 20 3.38 -10.10 2.91
CA LEU B 20 2.11 -9.39 2.84
C LEU B 20 2.36 -8.00 2.25
N ALA B 21 2.09 -7.87 0.96
CA ALA B 21 2.42 -6.64 0.24
C ALA B 21 1.19 -5.75 0.07
N ALA B 22 0.03 -6.27 0.41
CA ALA B 22 -1.21 -5.52 0.25
C ALA B 22 -1.45 -4.62 1.46
N GLU B 23 -0.92 -3.40 1.40
CA GLU B 23 -1.05 -2.47 2.52
C GLU B 23 -0.70 -1.04 2.10
N GLN B 24 -1.53 -0.08 2.54
CA GLN B 24 -1.35 1.34 2.22
C GLN B 24 -2.56 2.14 2.67
N VAL B 25 -2.31 3.33 3.22
CA VAL B 25 -3.39 4.27 3.53
C VAL B 25 -3.34 5.46 2.57
N SER B 26 -4.48 5.82 2.01
CA SER B 26 -4.53 6.87 1.02
C SER B 26 -4.72 8.24 1.68
N LYS B 27 -4.63 9.29 0.87
CA LYS B 27 -4.67 10.66 1.35
C LYS B 27 -5.95 10.95 2.13
N GLN B 28 -7.03 10.31 1.74
CA GLN B 28 -8.32 10.53 2.38
C GLN B 28 -8.32 9.98 3.80
N GLU B 29 -7.90 8.73 3.94
CA GLU B 29 -7.88 8.06 5.24
C GLU B 29 -6.92 8.76 6.20
N ILE B 30 -5.82 9.26 5.66
CA ILE B 30 -4.83 9.98 6.45
C ILE B 30 -5.46 11.18 7.15
N SER B 31 -6.15 12.00 6.38
CA SER B 31 -6.82 13.18 6.93
C SER B 31 -8.08 12.78 7.72
N HIS B 32 -8.62 11.62 7.37
CA HIS B 32 -9.87 11.14 7.95
C HIS B 32 -9.65 10.63 9.38
N PHE B 33 -8.64 9.79 9.56
CA PHE B 33 -8.38 9.19 10.85
C PHE B 33 -7.30 9.97 11.60
N LYS B 34 -6.75 10.99 10.95
CA LYS B 34 -5.76 11.89 11.55
C LYS B 34 -4.49 11.13 11.94
N LEU B 35 -3.71 10.75 10.93
CA LEU B 35 -2.47 10.02 11.17
C LEU B 35 -1.39 10.96 11.73
N VAL B 36 -0.25 10.37 12.10
CA VAL B 36 0.82 11.14 12.73
C VAL B 36 1.82 11.65 11.70
N LYS B 37 2.27 10.74 10.84
CA LYS B 37 3.25 11.05 9.78
C LYS B 37 4.65 11.34 10.36
N VAL B 38 5.68 10.83 9.69
CA VAL B 38 7.05 11.03 10.17
C VAL B 38 7.85 11.96 9.26
N GLY B 39 7.86 11.70 7.95
CA GLY B 39 8.66 12.51 7.05
C GLY B 39 8.52 12.10 5.60
N THR B 40 9.63 12.16 4.87
CA THR B 40 9.64 11.87 3.44
C THR B 40 10.81 10.96 3.09
N ILE B 41 10.61 10.08 2.12
CA ILE B 41 11.70 9.30 1.54
C ILE B 41 11.83 9.64 0.06
N ASN B 42 13.06 9.91 -0.37
CA ASN B 42 13.28 10.34 -1.74
C ASN B 42 14.26 9.40 -2.42
N VAL B 43 13.77 8.70 -3.42
CA VAL B 43 14.58 7.76 -4.18
C VAL B 43 15.16 8.43 -5.42
N SER B 44 16.48 8.55 -5.46
CA SER B 44 17.15 9.06 -6.63
C SER B 44 17.93 7.94 -7.29
N GLN B 45 17.26 7.22 -8.18
CA GLN B 45 17.82 6.01 -8.77
C GLN B 45 18.19 6.23 -10.23
N SER B 46 18.71 5.19 -10.83
CA SER B 46 18.87 5.10 -12.26
C SER B 46 17.86 4.10 -12.78
N GLY B 47 17.46 4.25 -14.04
CA GLY B 47 16.41 3.41 -14.60
C GLY B 47 16.74 1.92 -14.56
N GLY B 48 18.02 1.59 -14.61
CA GLY B 48 18.43 0.20 -14.70
C GLY B 48 18.27 -0.57 -13.41
N GLN B 49 18.01 0.12 -12.30
CA GLN B 49 17.86 -0.54 -11.00
C GLN B 49 16.40 -0.85 -10.71
N ILE B 50 15.51 -0.37 -11.57
CA ILE B 50 14.09 -0.56 -11.38
C ILE B 50 13.50 -1.32 -12.56
N SER B 51 13.14 -2.58 -12.35
CA SER B 51 12.56 -3.40 -13.39
C SER B 51 11.19 -3.91 -12.97
N SER B 52 11.11 -4.41 -11.75
CA SER B 52 9.88 -4.92 -11.20
C SER B 52 9.43 -4.03 -10.03
N PRO B 53 8.14 -4.01 -9.70
CA PRO B 53 7.62 -3.25 -8.56
C PRO B 53 8.30 -3.67 -7.25
N SER B 54 8.70 -4.93 -7.18
CA SER B 54 9.39 -5.46 -6.02
C SER B 54 10.74 -4.76 -5.81
N ASP B 55 11.39 -4.38 -6.91
CA ASP B 55 12.70 -3.74 -6.85
C ASP B 55 12.58 -2.38 -6.16
N LEU B 56 11.57 -1.62 -6.57
CA LEU B 56 11.30 -0.32 -5.95
C LEU B 56 10.87 -0.49 -4.51
N ARG B 57 10.06 -1.53 -4.28
CA ARG B 57 9.59 -1.86 -2.94
C ARG B 57 10.79 -2.11 -2.02
N GLU B 58 11.79 -2.82 -2.53
CA GLU B 58 13.00 -3.12 -1.77
C GLU B 58 13.69 -1.84 -1.30
N LYS B 59 13.54 -0.77 -2.07
CA LYS B 59 14.15 0.50 -1.74
C LYS B 59 13.26 1.29 -0.78
N LEU B 60 11.97 1.38 -1.11
CA LEU B 60 11.04 2.21 -0.37
C LEU B 60 10.82 1.68 1.05
N SER B 61 10.54 0.39 1.18
CA SER B 61 10.23 -0.18 2.48
C SER B 61 11.46 -0.15 3.39
N GLU B 62 12.64 -0.30 2.79
CA GLU B 62 13.89 -0.26 3.52
C GLU B 62 14.08 1.11 4.17
N LEU B 63 13.83 2.16 3.40
CA LEU B 63 13.98 3.51 3.89
C LEU B 63 12.83 3.89 4.84
N ALA B 64 11.61 3.54 4.46
CA ALA B 64 10.42 3.91 5.22
C ALA B 64 10.46 3.37 6.64
N ASP B 65 10.76 2.09 6.78
CA ASP B 65 10.77 1.47 8.10
C ASP B 65 11.91 2.03 8.95
N ALA B 66 12.99 2.41 8.29
CA ALA B 66 14.14 3.01 8.97
C ALA B 66 13.81 4.40 9.50
N LYS B 67 12.75 4.99 8.95
CA LYS B 67 12.29 6.29 9.40
C LYS B 67 11.37 6.15 10.60
N GLY B 68 10.81 4.95 10.75
CA GLY B 68 9.94 4.68 11.88
C GLY B 68 8.48 4.56 11.46
N GLY B 69 8.21 4.81 10.18
CA GLY B 69 6.85 4.75 9.69
C GLY B 69 6.47 3.37 9.20
N LYS B 70 5.18 3.06 9.25
CA LYS B 70 4.70 1.73 8.86
C LYS B 70 3.87 1.80 7.59
N TYR B 71 3.52 3.01 7.16
CA TYR B 71 2.78 3.21 5.92
C TYR B 71 3.41 4.36 5.15
N TYR B 72 3.11 4.46 3.88
CA TYR B 72 3.51 5.63 3.11
C TYR B 72 2.52 5.87 1.97
N HIS B 73 2.61 7.04 1.36
CA HIS B 73 1.85 7.33 0.16
C HIS B 73 2.75 8.01 -0.84
N ILE B 74 3.10 7.30 -1.91
CA ILE B 74 3.95 7.85 -2.95
C ILE B 74 3.25 8.99 -3.65
N ILE B 75 3.94 10.11 -3.78
CA ILE B 75 3.34 11.31 -4.33
C ILE B 75 3.87 11.62 -5.72
N ALA B 76 5.05 11.08 -6.03
CA ALA B 76 5.67 11.31 -7.33
C ALA B 76 6.71 10.24 -7.64
N ALA B 77 6.42 9.41 -8.65
CA ALA B 77 7.36 8.39 -9.09
C ALA B 77 7.46 8.43 -10.61
N ARG B 78 8.55 8.99 -11.11
CA ARG B 78 8.67 9.26 -12.53
C ARG B 78 10.11 9.13 -13.00
N GLU B 79 10.30 9.25 -14.30
CA GLU B 79 11.60 9.13 -14.91
C GLU B 79 12.11 10.48 -15.41
N HIS B 80 13.11 11.01 -14.72
CA HIS B 80 13.76 12.24 -15.14
C HIS B 80 14.93 11.88 -16.03
N GLY B 81 14.61 11.39 -17.23
CA GLY B 81 15.63 10.90 -18.13
C GLY B 81 16.14 9.55 -17.70
N PRO B 82 17.44 9.41 -17.45
CA PRO B 82 18.03 8.16 -16.93
C PRO B 82 17.83 8.02 -15.42
N ASN B 83 17.25 9.05 -14.81
CA ASN B 83 17.05 9.07 -13.37
C ASN B 83 15.67 8.58 -13.01
N PHE B 84 15.58 7.81 -11.94
CA PHE B 84 14.30 7.36 -11.42
C PHE B 84 14.06 8.01 -10.07
N GLU B 85 13.10 8.91 -10.01
CA GLU B 85 12.77 9.63 -8.79
C GLU B 85 11.49 9.12 -8.19
N ALA B 86 11.58 8.45 -7.05
CA ALA B 86 10.40 8.05 -6.31
C ALA B 86 10.32 8.83 -5.00
N VAL B 87 9.30 9.66 -4.88
CA VAL B 87 9.11 10.47 -3.69
C VAL B 87 7.86 10.03 -2.96
N ALA B 88 8.01 9.60 -1.72
CA ALA B 88 6.89 9.13 -0.93
C ALA B 88 6.91 9.77 0.45
N GLU B 89 5.72 10.10 0.94
CA GLU B 89 5.58 10.62 2.28
C GLU B 89 5.33 9.47 3.24
N VAL B 90 6.14 9.36 4.27
CA VAL B 90 6.04 8.24 5.19
C VAL B 90 5.09 8.59 6.32
N TYR B 91 4.08 7.76 6.50
CA TYR B 91 3.06 8.01 7.49
C TYR B 91 3.12 6.98 8.60
N ASN B 92 3.25 7.45 9.83
CA ASN B 92 3.20 6.57 10.98
C ASN B 92 1.76 6.49 11.48
N ASP B 93 1.44 5.40 12.17
CA ASP B 93 0.07 5.18 12.64
C ASP B 93 -0.38 6.31 13.56
N ALA B 94 -1.69 6.47 13.71
CA ALA B 94 -2.26 7.62 14.42
C ALA B 94 -2.15 7.47 15.93
N THR B 95 -1.79 6.29 16.38
CA THR B 95 -1.70 6.01 17.80
C THR B 95 -0.49 5.13 18.12
N LYS B 96 -0.09 4.30 17.15
CA LYS B 96 1.05 3.38 17.29
C LYS B 96 0.73 2.24 18.25
N LEU B 97 1.37 1.10 18.02
CA LEU B 97 1.30 -0.06 18.90
C LEU B 97 -0.05 -0.78 18.81
N GLU B 98 -0.03 -2.07 19.16
CA GLU B 98 -1.23 -2.90 19.24
C GLU B 98 -1.82 -3.21 17.86
N HIS B 99 -1.96 -4.50 17.57
CA HIS B 99 -2.60 -4.96 16.35
C HIS B 99 -4.12 -4.87 16.51
N HIS B 100 -4.58 -3.69 16.93
CA HIS B 100 -5.99 -3.46 17.29
C HIS B 100 -6.92 -3.74 16.11
N HIS B 101 -8.09 -4.29 16.41
CA HIS B 101 -9.09 -4.60 15.39
C HIS B 101 -10.43 -3.97 15.73
N HIS B 102 -11.42 -4.29 14.92
CA HIS B 102 -12.78 -3.79 15.07
C HIS B 102 -13.39 -4.19 16.41
N HIS B 103 -14.48 -3.51 16.75
CA HIS B 103 -15.23 -3.79 17.97
C HIS B 103 -15.91 -5.14 17.89
N HIS B 104 -15.74 -5.94 18.93
CA HIS B 104 -16.43 -7.22 19.04
C HIS B 104 -17.82 -7.00 19.65
N MET A 1 3.48 13.28 -25.13
CA MET A 1 4.90 13.00 -25.40
C MET A 1 5.69 13.04 -24.10
N LYS A 2 6.79 12.31 -24.05
CA LYS A 2 7.63 12.30 -22.87
C LYS A 2 8.52 13.54 -22.85
N LYS A 3 8.01 14.60 -22.25
CA LYS A 3 8.73 15.85 -22.16
C LYS A 3 8.98 16.21 -20.71
N ARG A 4 10.24 16.28 -20.33
CA ARG A 4 10.61 16.59 -18.96
C ARG A 4 11.47 17.85 -18.91
N ILE A 5 11.54 18.46 -17.74
CA ILE A 5 12.37 19.64 -17.54
C ILE A 5 13.78 19.20 -17.15
N ILE A 6 14.77 19.75 -17.83
CA ILE A 6 16.16 19.37 -17.59
C ILE A 6 16.67 19.94 -16.27
N ALA A 7 17.52 19.15 -15.61
CA ALA A 7 18.10 19.50 -14.31
C ALA A 7 19.13 18.45 -13.91
N ALA A 8 20.20 18.88 -13.26
CA ALA A 8 21.25 17.98 -12.84
C ALA A 8 20.85 17.22 -11.57
N ALA A 9 20.22 16.07 -11.75
CA ALA A 9 19.77 15.28 -10.62
C ALA A 9 20.73 14.14 -10.33
N LEU A 10 21.58 14.33 -9.33
CA LEU A 10 22.54 13.31 -8.93
C LEU A 10 22.22 12.79 -7.54
N LEU A 11 21.63 11.61 -7.49
CA LEU A 11 21.27 10.99 -6.21
C LEU A 11 21.22 9.47 -6.39
N ALA A 12 21.76 8.75 -5.42
CA ALA A 12 21.74 7.29 -5.45
C ALA A 12 21.41 6.75 -4.07
N THR A 13 20.21 6.18 -3.94
CA THR A 13 19.77 5.64 -2.67
C THR A 13 20.14 4.16 -2.55
N VAL A 14 21.26 3.88 -1.87
CA VAL A 14 21.70 2.51 -1.70
C VAL A 14 22.05 2.22 -0.24
N ALA A 15 21.08 1.64 0.46
CA ALA A 15 21.26 1.24 1.85
C ALA A 15 20.22 0.17 2.19
N SER A 16 20.29 -0.94 1.48
CA SER A 16 19.26 -1.95 1.57
C SER A 16 19.27 -2.69 2.90
N PHE A 17 18.22 -2.48 3.67
CA PHE A 17 18.00 -3.22 4.90
C PHE A 17 17.17 -4.46 4.61
N SER A 18 16.39 -4.39 3.53
CA SER A 18 15.55 -5.50 3.08
C SER A 18 14.51 -5.88 4.14
N THR A 19 14.07 -4.88 4.90
CA THR A 19 13.07 -5.10 5.91
C THR A 19 11.70 -4.65 5.40
N LEU A 20 10.76 -5.59 5.35
CA LEU A 20 9.43 -5.32 4.80
C LEU A 20 8.56 -4.62 5.83
N ALA A 21 7.91 -3.55 5.40
CA ALA A 21 6.99 -2.81 6.25
C ALA A 21 5.59 -2.78 5.63
N ALA A 22 5.47 -2.09 4.50
CA ALA A 22 4.19 -1.94 3.82
C ALA A 22 4.40 -1.85 2.32
N GLU A 23 3.36 -1.59 1.54
CA GLU A 23 3.49 -1.54 0.09
C GLU A 23 2.18 -1.16 -0.62
N GLN A 24 2.34 -0.37 -1.68
CA GLN A 24 1.25 0.02 -2.57
C GLN A 24 1.79 0.92 -3.66
N VAL A 25 1.15 0.89 -4.83
CA VAL A 25 1.57 1.74 -5.93
C VAL A 25 0.49 2.79 -6.23
N SER A 26 0.93 3.96 -6.66
CA SER A 26 0.01 5.05 -6.97
C SER A 26 -0.41 4.99 -8.44
N LYS A 27 -0.83 6.11 -9.01
CA LYS A 27 -1.34 6.14 -10.37
C LYS A 27 -0.18 6.16 -11.38
N GLN A 28 0.89 6.85 -11.01
CA GLN A 28 2.00 7.14 -11.93
C GLN A 28 2.65 5.86 -12.47
N GLU A 29 3.00 4.96 -11.57
CA GLU A 29 3.74 3.76 -11.95
C GLU A 29 2.83 2.74 -12.62
N ILE A 30 1.55 2.73 -12.27
CA ILE A 30 0.61 1.83 -12.92
C ILE A 30 0.53 2.12 -14.41
N SER A 31 0.47 3.40 -14.74
CA SER A 31 0.45 3.84 -16.13
C SER A 31 1.82 3.68 -16.78
N HIS A 32 2.88 3.87 -15.98
CA HIS A 32 4.23 3.91 -16.52
C HIS A 32 4.79 2.51 -16.75
N PHE A 33 4.45 1.57 -15.89
CA PHE A 33 4.96 0.20 -16.00
C PHE A 33 3.89 -0.74 -16.57
N LYS A 34 2.66 -0.24 -16.65
CA LYS A 34 1.51 -1.02 -17.12
C LYS A 34 1.30 -2.26 -16.27
N LEU A 35 0.60 -2.07 -15.15
CA LEU A 35 0.34 -3.16 -14.21
C LEU A 35 -1.00 -3.83 -14.51
N VAL A 36 -1.12 -5.09 -14.11
CA VAL A 36 -2.31 -5.87 -14.39
C VAL A 36 -3.37 -5.67 -13.31
N LYS A 37 -4.51 -5.13 -13.72
CA LYS A 37 -5.64 -4.93 -12.82
C LYS A 37 -6.44 -6.22 -12.68
N VAL A 38 -6.45 -6.77 -11.46
CA VAL A 38 -7.18 -8.00 -11.21
C VAL A 38 -8.55 -7.73 -10.62
N GLY A 39 -8.99 -6.49 -10.73
CA GLY A 39 -10.33 -6.14 -10.31
C GLY A 39 -10.37 -4.96 -9.37
N THR A 40 -11.45 -4.87 -8.62
CA THR A 40 -11.67 -3.78 -7.69
C THR A 40 -12.40 -4.29 -6.45
N ILE A 41 -12.01 -3.82 -5.28
CA ILE A 41 -12.64 -4.22 -4.04
C ILE A 41 -13.27 -3.00 -3.36
N ASN A 42 -14.35 -3.22 -2.62
CA ASN A 42 -15.08 -2.12 -2.02
C ASN A 42 -15.33 -2.36 -0.54
N VAL A 43 -15.06 -1.35 0.25
CA VAL A 43 -15.38 -1.35 1.66
C VAL A 43 -16.72 -0.67 1.86
N SER A 44 -17.66 -1.36 2.47
CA SER A 44 -18.98 -0.78 2.70
C SER A 44 -19.62 -1.38 3.95
N GLN A 45 -19.18 -0.94 5.12
CA GLN A 45 -19.74 -1.42 6.37
C GLN A 45 -20.50 -0.32 7.08
N SER A 46 -21.42 -0.73 7.95
CA SER A 46 -22.23 0.21 8.69
C SER A 46 -21.56 0.57 10.01
N GLY A 47 -20.45 1.29 9.92
CA GLY A 47 -19.76 1.79 11.09
C GLY A 47 -19.00 0.72 11.86
N GLY A 48 -19.73 -0.07 12.64
CA GLY A 48 -19.12 -0.99 13.59
C GLY A 48 -18.53 -2.24 12.98
N GLN A 49 -17.70 -2.09 11.97
CA GLN A 49 -16.89 -3.18 11.45
C GLN A 49 -15.48 -2.68 11.16
N ILE A 50 -15.25 -1.40 11.44
CA ILE A 50 -13.94 -0.80 11.35
C ILE A 50 -13.59 -0.12 12.66
N SER A 51 -12.67 -0.73 13.38
CA SER A 51 -12.33 -0.26 14.71
C SER A 51 -11.10 0.66 14.67
N SER A 52 -10.23 0.44 13.71
CA SER A 52 -8.97 1.15 13.62
C SER A 52 -8.57 1.31 12.15
N PRO A 53 -7.60 2.19 11.85
CA PRO A 53 -7.07 2.33 10.49
C PRO A 53 -6.48 1.02 9.98
N SER A 54 -5.68 0.37 10.82
CA SER A 54 -5.13 -0.93 10.51
C SER A 54 -6.23 -1.94 10.27
N ASP A 55 -7.33 -1.80 11.01
CA ASP A 55 -8.46 -2.71 10.88
C ASP A 55 -9.11 -2.54 9.52
N LEU A 56 -9.23 -1.29 9.08
CA LEU A 56 -9.70 -0.98 7.73
C LEU A 56 -8.76 -1.61 6.71
N ARG A 57 -7.47 -1.47 6.96
CA ARG A 57 -6.46 -2.05 6.09
C ARG A 57 -6.54 -3.57 6.09
N GLU A 58 -6.91 -4.15 7.23
CA GLU A 58 -7.07 -5.59 7.34
C GLU A 58 -8.13 -6.09 6.37
N LYS A 59 -9.26 -5.40 6.31
CA LYS A 59 -10.32 -5.74 5.35
C LYS A 59 -9.80 -5.61 3.91
N LEU A 60 -9.07 -4.55 3.64
CA LEU A 60 -8.52 -4.29 2.31
C LEU A 60 -7.51 -5.37 1.92
N SER A 61 -6.58 -5.66 2.81
CA SER A 61 -5.51 -6.62 2.53
C SER A 61 -6.07 -8.03 2.45
N GLU A 62 -7.08 -8.32 3.24
CA GLU A 62 -7.73 -9.62 3.24
C GLU A 62 -8.33 -9.92 1.86
N LEU A 63 -9.07 -8.96 1.32
CA LEU A 63 -9.65 -9.10 0.00
C LEU A 63 -8.58 -9.17 -1.07
N ALA A 64 -7.49 -8.44 -0.85
CA ALA A 64 -6.38 -8.42 -1.79
C ALA A 64 -5.66 -9.77 -1.79
N ASP A 65 -5.47 -10.34 -0.60
CA ASP A 65 -4.82 -11.64 -0.44
C ASP A 65 -5.64 -12.73 -1.13
N ALA A 66 -6.96 -12.61 -1.04
CA ALA A 66 -7.86 -13.58 -1.66
C ALA A 66 -7.77 -13.51 -3.18
N LYS A 67 -7.65 -12.30 -3.71
CA LYS A 67 -7.49 -12.12 -5.15
C LYS A 67 -6.08 -12.50 -5.59
N GLY A 68 -5.14 -12.32 -4.67
CA GLY A 68 -3.75 -12.62 -4.98
C GLY A 68 -3.00 -11.40 -5.42
N GLY A 69 -3.44 -10.24 -4.96
CA GLY A 69 -2.78 -9.00 -5.32
C GLY A 69 -1.90 -8.52 -4.18
N LYS A 70 -0.80 -7.87 -4.52
CA LYS A 70 0.19 -7.50 -3.52
C LYS A 70 -0.05 -6.11 -2.98
N TYR A 71 -1.02 -5.41 -3.54
CA TYR A 71 -1.31 -4.05 -3.14
C TYR A 71 -2.69 -3.61 -3.64
N TYR A 72 -3.20 -2.52 -3.10
CA TYR A 72 -4.51 -2.02 -3.46
C TYR A 72 -4.45 -0.52 -3.75
N HIS A 73 -5.04 -0.12 -4.85
CA HIS A 73 -4.98 1.26 -5.31
C HIS A 73 -6.27 1.99 -4.95
N ILE A 74 -6.21 2.81 -3.90
CA ILE A 74 -7.39 3.56 -3.47
C ILE A 74 -7.68 4.68 -4.46
N ILE A 75 -8.88 4.68 -5.00
CA ILE A 75 -9.28 5.72 -5.95
C ILE A 75 -10.34 6.63 -5.37
N ALA A 76 -11.08 6.12 -4.39
CA ALA A 76 -12.14 6.89 -3.76
C ALA A 76 -12.42 6.39 -2.35
N ALA A 77 -12.37 7.30 -1.39
CA ALA A 77 -12.70 6.98 -0.01
C ALA A 77 -13.67 8.02 0.51
N ARG A 78 -14.85 7.58 0.90
CA ARG A 78 -15.92 8.49 1.24
C ARG A 78 -16.70 8.03 2.46
N GLU A 79 -17.31 8.98 3.14
CA GLU A 79 -18.14 8.71 4.30
C GLU A 79 -19.59 8.97 3.96
N HIS A 80 -20.38 7.91 3.92
CA HIS A 80 -21.80 8.04 3.63
C HIS A 80 -22.53 8.53 4.88
N GLY A 81 -21.96 8.21 6.03
CA GLY A 81 -22.57 8.53 7.29
C GLY A 81 -22.77 7.29 8.12
N PRO A 82 -23.88 6.55 7.91
CA PRO A 82 -24.11 5.26 8.56
C PRO A 82 -23.18 4.18 8.01
N ASN A 83 -22.66 4.44 6.81
CA ASN A 83 -21.77 3.50 6.14
C ASN A 83 -20.44 4.16 5.81
N PHE A 84 -19.37 3.37 5.87
CA PHE A 84 -18.08 3.80 5.40
C PHE A 84 -17.82 3.14 4.06
N GLU A 85 -17.53 3.94 3.04
CA GLU A 85 -17.44 3.44 1.68
C GLU A 85 -16.07 3.74 1.07
N ALA A 86 -15.32 2.71 0.76
CA ALA A 86 -14.00 2.87 0.16
C ALA A 86 -13.87 2.03 -1.11
N VAL A 87 -13.34 2.63 -2.15
CA VAL A 87 -13.16 1.95 -3.43
C VAL A 87 -11.67 1.81 -3.75
N ALA A 88 -11.20 0.57 -3.81
CA ALA A 88 -9.79 0.30 -4.07
C ALA A 88 -9.61 -0.73 -5.16
N GLU A 89 -8.68 -0.50 -6.05
CA GLU A 89 -8.40 -1.42 -7.13
C GLU A 89 -7.33 -2.41 -6.71
N VAL A 90 -7.35 -3.61 -7.25
CA VAL A 90 -6.33 -4.60 -6.92
C VAL A 90 -5.47 -4.88 -8.14
N TYR A 91 -4.16 -4.83 -7.98
CA TYR A 91 -3.25 -5.14 -9.07
C TYR A 91 -2.34 -6.29 -8.68
N ASN A 92 -1.97 -7.09 -9.67
CA ASN A 92 -1.32 -8.38 -9.44
C ASN A 92 0.21 -8.27 -9.51
N ASP A 93 0.74 -7.07 -9.38
CA ASP A 93 2.19 -6.82 -9.45
C ASP A 93 2.74 -7.25 -10.82
N ALA A 94 1.83 -7.31 -11.79
CA ALA A 94 2.18 -7.66 -13.18
C ALA A 94 2.68 -9.11 -13.30
N THR A 95 2.54 -9.88 -12.24
CA THR A 95 3.01 -11.26 -12.25
C THR A 95 1.90 -12.23 -11.85
N LYS A 96 1.59 -13.14 -12.75
CA LYS A 96 0.52 -14.11 -12.53
C LYS A 96 1.11 -15.49 -12.39
N LEU A 97 2.42 -15.54 -12.24
CA LEU A 97 3.15 -16.79 -12.29
C LEU A 97 3.22 -17.47 -10.92
N GLU A 98 2.47 -16.94 -9.97
CA GLU A 98 2.38 -17.53 -8.65
C GLU A 98 1.11 -18.37 -8.53
N HIS A 99 0.00 -17.78 -8.92
CA HIS A 99 -1.31 -18.43 -8.81
C HIS A 99 -2.06 -18.31 -10.13
N HIS A 100 -2.71 -19.39 -10.52
CA HIS A 100 -3.27 -19.50 -11.86
C HIS A 100 -4.74 -19.95 -11.81
N HIS A 101 -5.27 -20.31 -12.98
CA HIS A 101 -6.68 -20.69 -13.13
C HIS A 101 -7.60 -19.51 -12.85
N HIS A 102 -7.49 -18.48 -13.68
CA HIS A 102 -8.39 -17.33 -13.63
C HIS A 102 -8.40 -16.64 -14.98
N HIS A 103 -9.59 -16.34 -15.48
CA HIS A 103 -9.75 -15.64 -16.74
C HIS A 103 -9.48 -14.15 -16.57
N HIS A 104 -10.46 -13.45 -16.01
CA HIS A 104 -10.34 -12.01 -15.74
C HIS A 104 -11.23 -11.65 -14.57
N MET B 1 -8.35 16.73 -8.58
CA MET B 1 -9.37 17.79 -8.40
C MET B 1 -10.47 17.66 -9.46
N LYS B 2 -11.59 17.09 -9.05
CA LYS B 2 -12.73 16.90 -9.93
C LYS B 2 -13.98 16.64 -9.10
N LYS B 3 -14.95 17.54 -9.20
CA LYS B 3 -16.14 17.46 -8.37
C LYS B 3 -17.14 16.43 -8.90
N ARG B 4 -16.95 15.18 -8.49
CA ARG B 4 -17.91 14.13 -8.78
C ARG B 4 -17.77 13.02 -7.74
N ILE B 5 -18.70 13.01 -6.79
CA ILE B 5 -18.68 12.02 -5.72
C ILE B 5 -19.38 10.74 -6.15
N ILE B 6 -19.97 10.79 -7.34
CA ILE B 6 -20.69 9.64 -7.87
C ILE B 6 -19.72 8.63 -8.45
N ALA B 7 -19.20 7.79 -7.59
CA ALA B 7 -18.31 6.70 -7.98
C ALA B 7 -18.52 5.53 -7.04
N ALA B 8 -19.70 5.50 -6.43
CA ALA B 8 -20.01 4.53 -5.41
C ALA B 8 -20.43 3.19 -6.01
N ALA B 9 -19.45 2.34 -6.22
CA ALA B 9 -19.71 0.96 -6.57
C ALA B 9 -19.83 0.14 -5.29
N LEU B 10 -20.90 -0.63 -5.16
CA LEU B 10 -21.16 -1.35 -3.93
C LEU B 10 -20.85 -2.83 -4.06
N LEU B 11 -20.02 -3.32 -3.15
CA LEU B 11 -19.67 -4.72 -3.07
C LEU B 11 -19.55 -5.13 -1.61
N ALA B 12 -20.37 -6.10 -1.22
CA ALA B 12 -20.40 -6.55 0.17
C ALA B 12 -19.12 -7.28 0.54
N THR B 13 -18.53 -6.90 1.67
CA THR B 13 -17.30 -7.51 2.13
C THR B 13 -17.58 -8.83 2.85
N VAL B 14 -17.43 -9.93 2.12
CA VAL B 14 -17.56 -11.26 2.70
C VAL B 14 -16.29 -11.62 3.46
N ALA B 15 -16.18 -11.07 4.66
CA ALA B 15 -14.97 -11.16 5.47
C ALA B 15 -14.68 -12.59 5.92
N SER B 16 -13.39 -12.91 5.97
CA SER B 16 -12.93 -14.20 6.46
C SER B 16 -11.70 -13.98 7.35
N PHE B 17 -10.52 -14.22 6.78
CA PHE B 17 -9.24 -13.94 7.45
C PHE B 17 -8.09 -14.42 6.56
N SER B 18 -7.14 -13.55 6.31
CA SER B 18 -6.03 -13.87 5.43
C SER B 18 -4.73 -13.24 5.94
N THR B 19 -3.63 -13.58 5.28
CA THR B 19 -2.33 -13.04 5.65
C THR B 19 -2.16 -11.61 5.14
N LEU B 20 -1.28 -10.86 5.78
CA LEU B 20 -0.99 -9.50 5.33
C LEU B 20 -0.23 -9.52 4.01
N ALA B 21 -0.91 -9.13 2.94
CA ALA B 21 -0.32 -9.14 1.62
C ALA B 21 -0.20 -7.73 1.05
N ALA B 22 -0.76 -6.76 1.74
CA ALA B 22 -0.77 -5.38 1.29
C ALA B 22 -1.18 -4.44 2.42
N GLU B 23 -0.65 -3.23 2.41
CA GLU B 23 -0.99 -2.24 3.44
C GLU B 23 -0.48 -0.84 3.06
N GLN B 24 -1.42 0.11 3.00
CA GLN B 24 -1.12 1.50 2.66
C GLN B 24 -2.36 2.36 2.91
N VAL B 25 -2.17 3.65 3.16
CA VAL B 25 -3.27 4.57 3.41
C VAL B 25 -3.11 5.84 2.58
N SER B 26 -4.17 6.23 1.88
CA SER B 26 -4.12 7.44 1.08
C SER B 26 -4.53 8.64 1.92
N LYS B 27 -4.53 9.83 1.32
CA LYS B 27 -4.76 11.06 2.06
C LYS B 27 -6.14 11.09 2.69
N GLN B 28 -7.09 10.42 2.06
CA GLN B 28 -8.46 10.38 2.56
C GLN B 28 -8.49 9.68 3.92
N GLU B 29 -7.90 8.50 3.98
CA GLU B 29 -7.80 7.75 5.23
C GLU B 29 -7.00 8.53 6.26
N ILE B 30 -5.87 9.07 5.83
CA ILE B 30 -5.00 9.85 6.70
C ILE B 30 -5.75 11.00 7.35
N SER B 31 -6.48 11.76 6.55
CA SER B 31 -7.20 12.93 7.04
C SER B 31 -8.42 12.51 7.86
N HIS B 32 -9.06 11.43 7.45
CA HIS B 32 -10.31 11.01 8.06
C HIS B 32 -10.08 10.31 9.40
N PHE B 33 -8.96 9.59 9.51
CA PHE B 33 -8.63 8.89 10.74
C PHE B 33 -7.64 9.68 11.59
N LYS B 34 -7.09 10.75 11.01
CA LYS B 34 -6.09 11.58 11.68
C LYS B 34 -4.87 10.75 12.08
N LEU B 35 -4.11 10.34 11.08
CA LEU B 35 -2.96 9.47 11.30
C LEU B 35 -1.73 10.24 11.74
N VAL B 36 -0.64 9.51 11.92
CA VAL B 36 0.63 10.08 12.36
C VAL B 36 1.61 10.15 11.19
N LYS B 37 2.12 11.34 10.91
CA LYS B 37 3.09 11.50 9.85
C LYS B 37 4.49 11.26 10.42
N VAL B 38 5.21 10.32 9.83
CA VAL B 38 6.49 9.89 10.36
C VAL B 38 7.65 10.63 9.66
N GLY B 39 7.53 10.82 8.36
CA GLY B 39 8.56 11.52 7.62
C GLY B 39 8.43 11.34 6.13
N THR B 40 8.94 12.30 5.38
CA THR B 40 8.89 12.25 3.93
C THR B 40 10.14 11.59 3.36
N ILE B 41 9.96 10.72 2.38
CA ILE B 41 11.08 10.01 1.77
C ILE B 41 11.17 10.32 0.28
N ASN B 42 12.29 9.92 -0.32
CA ASN B 42 12.47 10.03 -1.75
C ASN B 42 13.27 8.85 -2.28
N VAL B 43 12.78 8.27 -3.35
CA VAL B 43 13.42 7.14 -3.99
C VAL B 43 14.11 7.61 -5.25
N SER B 44 15.44 7.64 -5.24
CA SER B 44 16.18 8.08 -6.39
C SER B 44 17.41 7.20 -6.58
N GLN B 45 17.35 6.35 -7.59
CA GLN B 45 18.45 5.46 -7.94
C GLN B 45 18.72 5.54 -9.42
N SER B 46 19.66 4.74 -9.88
CA SER B 46 19.93 4.62 -11.31
C SER B 46 18.80 3.84 -11.97
N GLY B 47 18.54 4.13 -13.24
CA GLY B 47 17.53 3.41 -13.98
C GLY B 47 17.90 1.94 -14.16
N GLY B 48 19.17 1.64 -13.93
CA GLY B 48 19.63 0.27 -13.98
C GLY B 48 19.26 -0.51 -12.73
N GLN B 49 18.90 0.22 -11.67
CA GLN B 49 18.51 -0.41 -10.42
C GLN B 49 17.01 -0.63 -10.38
N ILE B 50 16.26 0.38 -10.79
CA ILE B 50 14.81 0.24 -10.88
C ILE B 50 14.43 -0.07 -12.31
N SER B 51 14.31 -1.35 -12.59
CA SER B 51 14.00 -1.83 -13.92
C SER B 51 12.70 -2.60 -13.95
N SER B 52 12.22 -2.99 -12.77
CA SER B 52 10.96 -3.72 -12.66
C SER B 52 10.07 -3.04 -11.64
N PRO B 53 8.75 -3.00 -11.88
CA PRO B 53 7.78 -2.36 -10.98
C PRO B 53 7.83 -2.97 -9.58
N SER B 54 7.97 -4.29 -9.54
CA SER B 54 8.05 -5.03 -8.29
C SER B 54 9.27 -4.61 -7.48
N ASP B 55 10.33 -4.19 -8.18
CA ASP B 55 11.58 -3.83 -7.53
C ASP B 55 11.47 -2.49 -6.85
N LEU B 56 10.70 -1.58 -7.45
CA LEU B 56 10.45 -0.28 -6.86
C LEU B 56 9.73 -0.44 -5.53
N ARG B 57 8.76 -1.34 -5.50
CA ARG B 57 8.00 -1.64 -4.30
C ARG B 57 8.92 -2.11 -3.17
N GLU B 58 9.96 -2.85 -3.54
CA GLU B 58 10.94 -3.31 -2.56
C GLU B 58 11.57 -2.12 -1.82
N LYS B 59 12.04 -1.15 -2.59
CA LYS B 59 12.68 0.05 -2.04
C LYS B 59 11.68 0.90 -1.25
N LEU B 60 10.47 1.01 -1.79
CA LEU B 60 9.41 1.78 -1.14
C LEU B 60 9.13 1.28 0.27
N SER B 61 9.03 -0.03 0.42
CA SER B 61 8.79 -0.65 1.70
C SER B 61 9.99 -0.44 2.64
N GLU B 62 11.16 -0.64 2.06
CA GLU B 62 12.42 -0.56 2.80
C GLU B 62 12.60 0.82 3.43
N LEU B 63 12.27 1.87 2.70
CA LEU B 63 12.45 3.23 3.17
C LEU B 63 11.40 3.59 4.23
N ALA B 64 10.21 3.00 4.15
CA ALA B 64 9.15 3.26 5.10
C ALA B 64 9.53 2.77 6.49
N ASP B 65 9.95 1.52 6.58
CA ASP B 65 10.40 0.94 7.85
C ASP B 65 11.59 1.73 8.40
N ALA B 66 12.47 2.16 7.50
CA ALA B 66 13.67 2.88 7.88
C ALA B 66 13.33 4.22 8.54
N LYS B 67 12.14 4.72 8.26
CA LYS B 67 11.71 6.00 8.82
C LYS B 67 11.04 5.81 10.17
N GLY B 68 10.69 4.58 10.50
CA GLY B 68 9.97 4.32 11.72
C GLY B 68 8.47 4.36 11.51
N GLY B 69 8.07 4.23 10.25
CA GLY B 69 6.67 4.22 9.91
C GLY B 69 6.27 2.91 9.30
N LYS B 70 5.10 2.88 8.69
CA LYS B 70 4.60 1.66 8.08
C LYS B 70 4.14 1.91 6.65
N TYR B 71 3.09 2.70 6.51
CA TYR B 71 2.49 2.94 5.21
C TYR B 71 3.14 4.16 4.59
N TYR B 72 3.15 4.23 3.27
CA TYR B 72 3.73 5.37 2.59
C TYR B 72 2.80 5.88 1.50
N HIS B 73 2.54 7.18 1.53
CA HIS B 73 1.67 7.80 0.56
C HIS B 73 2.49 8.52 -0.49
N ILE B 74 2.59 7.91 -1.67
CA ILE B 74 3.33 8.49 -2.78
C ILE B 74 2.63 9.75 -3.30
N ILE B 75 3.40 10.79 -3.54
CA ILE B 75 2.85 12.06 -4.01
C ILE B 75 3.31 12.41 -5.42
N ALA B 76 4.49 11.91 -5.80
CA ALA B 76 5.03 12.15 -7.12
C ALA B 76 6.02 11.07 -7.50
N ALA B 77 5.94 10.60 -8.74
CA ALA B 77 6.84 9.55 -9.22
C ALA B 77 7.11 9.73 -10.70
N ARG B 78 8.38 9.71 -11.07
CA ARG B 78 8.78 9.83 -12.47
C ARG B 78 10.21 9.34 -12.63
N GLU B 79 10.67 9.27 -13.87
CA GLU B 79 12.08 9.00 -14.12
C GLU B 79 12.72 10.15 -14.87
N HIS B 80 14.01 10.35 -14.63
CA HIS B 80 14.74 11.45 -15.25
C HIS B 80 15.44 10.96 -16.49
N GLY B 81 15.29 9.67 -16.77
CA GLY B 81 15.98 9.05 -17.88
C GLY B 81 16.98 8.02 -17.38
N PRO B 82 18.24 8.42 -17.12
CA PRO B 82 19.27 7.53 -16.58
C PRO B 82 19.06 7.23 -15.10
N ASN B 83 18.20 8.01 -14.46
CA ASN B 83 17.93 7.86 -13.04
C ASN B 83 16.43 7.94 -12.78
N PHE B 84 15.99 7.36 -11.67
CA PHE B 84 14.58 7.36 -11.31
C PHE B 84 14.36 8.25 -10.09
N GLU B 85 13.21 8.92 -10.02
CA GLU B 85 12.93 9.84 -8.92
C GLU B 85 11.47 9.71 -8.45
N ALA B 86 11.29 9.17 -7.25
CA ALA B 86 9.95 9.10 -6.65
C ALA B 86 9.95 9.75 -5.27
N VAL B 87 8.85 10.39 -4.91
CA VAL B 87 8.72 11.00 -3.59
C VAL B 87 7.44 10.52 -2.92
N ALA B 88 7.56 10.11 -1.66
CA ALA B 88 6.43 9.60 -0.89
C ALA B 88 6.54 10.06 0.56
N GLU B 89 5.42 10.10 1.24
CA GLU B 89 5.40 10.49 2.64
C GLU B 89 4.99 9.30 3.51
N VAL B 90 5.80 9.00 4.52
CA VAL B 90 5.56 7.83 5.37
C VAL B 90 4.65 8.19 6.54
N TYR B 91 3.64 7.36 6.75
CA TYR B 91 2.69 7.56 7.84
C TYR B 91 2.62 6.32 8.71
N ASN B 92 2.13 6.49 9.92
CA ASN B 92 1.94 5.37 10.84
C ASN B 92 0.46 5.27 11.18
N ASP B 93 0.04 4.12 11.68
CA ASP B 93 -1.38 3.81 11.88
C ASP B 93 -1.98 4.52 13.10
N ALA B 94 -1.32 5.60 13.51
CA ALA B 94 -1.73 6.40 14.69
C ALA B 94 -1.54 5.65 16.00
N THR B 95 -1.23 4.37 15.88
CA THR B 95 -0.93 3.54 17.02
C THR B 95 0.59 3.53 17.25
N LYS B 96 1.32 3.84 16.16
CA LYS B 96 2.79 3.90 16.16
C LYS B 96 3.42 2.52 16.26
N LEU B 97 3.14 1.86 17.37
CA LEU B 97 3.74 0.56 17.68
C LEU B 97 3.36 -0.50 16.66
N GLU B 98 3.91 -1.69 16.83
CA GLU B 98 3.79 -2.73 15.83
C GLU B 98 2.42 -3.40 15.85
N HIS B 99 1.44 -2.74 15.26
CA HIS B 99 0.17 -3.38 14.95
C HIS B 99 0.32 -4.13 13.63
N HIS B 100 1.23 -5.07 13.65
CA HIS B 100 1.63 -5.81 12.47
C HIS B 100 2.12 -7.17 12.90
N HIS B 101 1.73 -7.54 14.11
CA HIS B 101 2.24 -8.73 14.79
C HIS B 101 1.64 -10.01 14.20
N HIS B 102 2.35 -10.59 13.25
CA HIS B 102 1.99 -11.89 12.69
C HIS B 102 3.23 -12.57 12.14
N HIS B 103 3.68 -13.60 12.81
CA HIS B 103 4.88 -14.31 12.38
C HIS B 103 4.50 -15.37 11.35
N HIS B 104 3.36 -16.01 11.58
CA HIS B 104 2.78 -16.95 10.63
C HIS B 104 1.27 -16.76 10.67
N MET A 1 18.24 14.29 47.12
CA MET A 1 19.60 14.65 46.63
C MET A 1 20.57 13.49 46.79
N LYS A 2 21.36 13.24 45.77
CA LYS A 2 22.40 12.21 45.83
C LYS A 2 23.38 12.40 44.69
N LYS A 3 24.52 11.72 44.79
CA LYS A 3 25.55 11.81 43.78
C LYS A 3 25.43 10.64 42.83
N ARG A 4 24.95 10.91 41.62
CA ARG A 4 24.75 9.88 40.64
C ARG A 4 25.87 9.89 39.61
N ILE A 5 26.03 8.80 38.88
CA ILE A 5 27.05 8.71 37.85
C ILE A 5 26.41 8.35 36.51
N ILE A 6 27.08 8.71 35.43
CA ILE A 6 26.57 8.44 34.10
C ILE A 6 27.00 7.07 33.60
N ALA A 7 26.32 6.58 32.58
CA ALA A 7 26.62 5.28 32.00
C ALA A 7 26.30 5.31 30.51
N ALA A 8 27.00 4.47 29.76
CA ALA A 8 26.78 4.37 28.32
C ALA A 8 26.67 2.91 27.90
N ALA A 9 25.94 2.66 26.82
CA ALA A 9 25.78 1.32 26.30
C ALA A 9 25.82 1.33 24.79
N LEU A 10 26.98 1.00 24.23
CA LEU A 10 27.17 0.92 22.79
C LEU A 10 26.46 -0.32 22.25
N LEU A 11 25.32 -0.10 21.61
CA LEU A 11 24.50 -1.17 21.07
C LEU A 11 25.16 -1.83 19.84
N ALA A 12 25.88 -2.91 20.08
CA ALA A 12 26.51 -3.65 19.01
C ALA A 12 25.53 -4.65 18.41
N THR A 13 24.55 -4.13 17.69
CA THR A 13 23.53 -4.96 17.08
C THR A 13 22.99 -4.31 15.82
N VAL A 14 22.50 -5.13 14.90
CA VAL A 14 21.94 -4.63 13.66
C VAL A 14 20.42 -4.68 13.71
N ALA A 15 19.80 -3.50 13.67
CA ALA A 15 18.34 -3.41 13.66
C ALA A 15 17.79 -4.07 12.40
N SER A 16 17.18 -5.23 12.59
CA SER A 16 16.70 -6.02 11.46
C SER A 16 15.31 -5.57 11.03
N PHE A 17 15.28 -4.66 10.06
CA PHE A 17 14.03 -4.19 9.48
C PHE A 17 13.52 -5.17 8.45
N SER A 18 12.22 -5.17 8.20
CA SER A 18 11.61 -6.16 7.31
C SER A 18 10.31 -5.63 6.72
N THR A 19 9.91 -6.17 5.58
CA THR A 19 8.67 -5.78 4.93
C THR A 19 7.46 -6.21 5.77
N LEU A 20 6.99 -5.31 6.62
CA LEU A 20 5.82 -5.56 7.46
C LEU A 20 4.98 -4.30 7.58
N ALA A 21 5.10 -3.40 6.60
CA ALA A 21 4.36 -2.14 6.62
C ALA A 21 4.48 -1.42 5.28
N ALA A 22 5.70 -1.30 4.77
CA ALA A 22 5.93 -0.64 3.49
C ALA A 22 5.46 -1.51 2.34
N GLU A 23 4.28 -1.20 1.83
CA GLU A 23 3.67 -1.99 0.76
C GLU A 23 2.75 -1.09 -0.09
N GLN A 24 2.12 -1.67 -1.12
CA GLN A 24 1.09 -1.01 -1.92
C GLN A 24 1.69 -0.10 -2.99
N VAL A 25 0.86 0.33 -3.92
CA VAL A 25 1.29 1.17 -5.03
C VAL A 25 0.46 2.44 -5.12
N SER A 26 0.88 3.34 -5.99
CA SER A 26 0.14 4.55 -6.27
C SER A 26 -0.37 4.48 -7.71
N LYS A 27 -0.53 5.62 -8.37
CA LYS A 27 -0.98 5.62 -9.77
C LYS A 27 0.22 5.75 -10.70
N GLN A 28 1.35 6.18 -10.17
CA GLN A 28 2.54 6.42 -10.96
C GLN A 28 3.04 5.13 -11.60
N GLU A 29 3.03 4.05 -10.83
CA GLU A 29 3.45 2.76 -11.33
C GLU A 29 2.46 2.23 -12.36
N ILE A 30 1.19 2.59 -12.18
CA ILE A 30 0.13 2.17 -13.10
C ILE A 30 0.37 2.76 -14.48
N SER A 31 0.57 4.07 -14.53
CA SER A 31 0.78 4.77 -15.80
C SER A 31 2.12 4.40 -16.42
N HIS A 32 3.09 4.05 -15.57
CA HIS A 32 4.43 3.71 -16.05
C HIS A 32 4.53 2.26 -16.51
N PHE A 33 4.23 1.34 -15.61
CA PHE A 33 4.50 -0.08 -15.86
C PHE A 33 3.26 -0.82 -16.33
N LYS A 34 2.10 -0.18 -16.22
CA LYS A 34 0.82 -0.81 -16.58
C LYS A 34 0.57 -2.05 -15.74
N LEU A 35 0.02 -1.85 -14.55
CA LEU A 35 -0.23 -2.94 -13.61
C LEU A 35 -1.42 -3.79 -14.08
N VAL A 36 -1.39 -5.06 -13.71
CA VAL A 36 -2.46 -5.98 -14.06
C VAL A 36 -3.51 -5.99 -12.95
N LYS A 37 -4.67 -5.43 -13.23
CA LYS A 37 -5.74 -5.37 -12.25
C LYS A 37 -6.55 -6.65 -12.24
N VAL A 38 -6.75 -7.21 -11.05
CA VAL A 38 -7.52 -8.43 -10.90
C VAL A 38 -8.99 -8.12 -10.64
N GLY A 39 -9.24 -6.90 -10.18
CA GLY A 39 -10.61 -6.48 -9.93
C GLY A 39 -10.66 -5.37 -8.91
N THR A 40 -11.82 -4.78 -8.74
CA THR A 40 -12.02 -3.72 -7.77
C THR A 40 -12.80 -4.24 -6.56
N ILE A 41 -12.28 -3.99 -5.37
CA ILE A 41 -12.95 -4.42 -4.15
C ILE A 41 -13.64 -3.23 -3.51
N ASN A 42 -14.72 -3.50 -2.79
CA ASN A 42 -15.56 -2.44 -2.28
C ASN A 42 -15.78 -2.61 -0.79
N VAL A 43 -15.46 -1.58 -0.04
CA VAL A 43 -15.73 -1.55 1.38
C VAL A 43 -17.06 -0.86 1.60
N SER A 44 -18.05 -1.63 1.98
CA SER A 44 -19.37 -1.08 2.23
C SER A 44 -19.98 -1.76 3.44
N GLN A 45 -19.54 -1.36 4.63
CA GLN A 45 -20.00 -1.98 5.85
C GLN A 45 -20.94 -1.06 6.60
N SER A 46 -22.00 -1.66 7.15
CA SER A 46 -23.01 -0.92 7.88
C SER A 46 -22.58 -0.71 9.32
N GLY A 47 -21.97 0.44 9.59
CA GLY A 47 -21.56 0.76 10.94
C GLY A 47 -20.06 0.86 11.08
N GLY A 48 -19.59 0.95 12.32
CA GLY A 48 -18.17 1.12 12.59
C GLY A 48 -17.37 -0.16 12.47
N GLN A 49 -17.46 -0.81 11.31
CA GLN A 49 -16.63 -1.97 11.01
C GLN A 49 -15.21 -1.51 10.68
N ILE A 50 -15.11 -0.25 10.30
CA ILE A 50 -13.82 0.39 10.09
C ILE A 50 -13.73 1.57 11.03
N SER A 51 -13.04 1.36 12.14
CA SER A 51 -12.99 2.34 13.20
C SER A 51 -11.59 2.93 13.33
N SER A 52 -10.59 2.07 13.21
CA SER A 52 -9.21 2.47 13.37
C SER A 52 -8.44 2.18 12.08
N PRO A 53 -7.28 2.81 11.89
CA PRO A 53 -6.42 2.56 10.72
C PRO A 53 -6.11 1.07 10.55
N SER A 54 -6.09 0.36 11.67
CA SER A 54 -5.87 -1.07 11.68
C SER A 54 -6.95 -1.80 10.86
N ASP A 55 -8.18 -1.34 10.95
CA ASP A 55 -9.31 -2.04 10.31
C ASP A 55 -9.17 -2.06 8.81
N LEU A 56 -8.97 -0.89 8.22
CA LEU A 56 -8.97 -0.75 6.77
C LEU A 56 -7.96 -1.70 6.12
N ARG A 57 -6.73 -1.68 6.64
CA ARG A 57 -5.66 -2.50 6.09
C ARG A 57 -5.98 -4.00 6.24
N GLU A 58 -6.50 -4.39 7.41
CA GLU A 58 -6.77 -5.79 7.70
C GLU A 58 -7.91 -6.32 6.86
N LYS A 59 -9.00 -5.56 6.81
CA LYS A 59 -10.16 -5.94 6.00
C LYS A 59 -9.78 -6.06 4.53
N LEU A 60 -9.03 -5.08 4.03
CA LEU A 60 -8.67 -5.02 2.62
C LEU A 60 -7.60 -6.04 2.27
N SER A 61 -6.71 -6.35 3.21
CA SER A 61 -5.72 -7.40 2.99
C SER A 61 -6.40 -8.72 2.72
N GLU A 62 -7.46 -9.00 3.49
CA GLU A 62 -8.24 -10.20 3.33
C GLU A 62 -8.90 -10.22 1.95
N LEU A 63 -9.52 -9.11 1.58
CA LEU A 63 -10.25 -9.01 0.33
C LEU A 63 -9.32 -9.04 -0.88
N ALA A 64 -8.27 -8.22 -0.84
CA ALA A 64 -7.37 -8.07 -1.97
C ALA A 64 -6.64 -9.37 -2.31
N ASP A 65 -6.03 -9.99 -1.30
CA ASP A 65 -5.23 -11.19 -1.51
C ASP A 65 -6.10 -12.34 -2.02
N ALA A 66 -7.33 -12.43 -1.51
CA ALA A 66 -8.25 -13.49 -1.90
C ALA A 66 -8.74 -13.29 -3.33
N LYS A 67 -8.63 -12.08 -3.85
CA LYS A 67 -9.01 -11.78 -5.21
C LYS A 67 -7.90 -12.10 -6.19
N GLY A 68 -6.75 -12.48 -5.65
CA GLY A 68 -5.62 -12.86 -6.48
C GLY A 68 -4.54 -11.81 -6.50
N GLY A 69 -4.93 -10.57 -6.31
CA GLY A 69 -3.98 -9.48 -6.29
C GLY A 69 -3.25 -9.37 -4.98
N LYS A 70 -2.36 -8.41 -4.89
CA LYS A 70 -1.58 -8.23 -3.68
C LYS A 70 -1.98 -6.93 -3.02
N TYR A 71 -1.55 -5.83 -3.63
CA TYR A 71 -1.78 -4.52 -3.07
C TYR A 71 -3.02 -3.88 -3.68
N TYR A 72 -3.61 -2.95 -2.95
CA TYR A 72 -4.84 -2.28 -3.36
C TYR A 72 -4.54 -0.84 -3.73
N HIS A 73 -5.52 -0.16 -4.30
CA HIS A 73 -5.36 1.24 -4.67
C HIS A 73 -6.65 2.01 -4.39
N ILE A 74 -6.65 2.77 -3.30
CA ILE A 74 -7.81 3.56 -2.91
C ILE A 74 -8.06 4.65 -3.95
N ILE A 75 -9.30 4.79 -4.39
CA ILE A 75 -9.65 5.81 -5.37
C ILE A 75 -10.90 6.58 -4.95
N ALA A 76 -11.54 6.15 -3.88
CA ALA A 76 -12.74 6.81 -3.39
C ALA A 76 -13.08 6.34 -1.98
N ALA A 77 -13.60 7.26 -1.17
CA ALA A 77 -14.01 6.95 0.19
C ALA A 77 -15.02 7.98 0.67
N ARG A 78 -16.06 7.52 1.36
CA ARG A 78 -17.11 8.42 1.83
C ARG A 78 -18.00 7.73 2.87
N GLU A 79 -18.40 8.48 3.89
CA GLU A 79 -19.39 7.99 4.83
C GLU A 79 -20.78 8.13 4.20
N HIS A 80 -21.26 7.05 3.62
CA HIS A 80 -22.55 7.04 2.95
C HIS A 80 -23.65 6.64 3.93
N GLY A 81 -24.03 7.59 4.77
CA GLY A 81 -25.00 7.31 5.81
C GLY A 81 -24.44 6.36 6.85
N PRO A 82 -25.06 5.20 7.05
CA PRO A 82 -24.56 4.18 7.96
C PRO A 82 -23.55 3.26 7.28
N ASN A 83 -23.30 3.50 6.01
CA ASN A 83 -22.41 2.67 5.21
C ASN A 83 -21.12 3.40 4.91
N PHE A 84 -20.03 2.93 5.53
CA PHE A 84 -18.72 3.47 5.22
C PHE A 84 -18.23 2.84 3.92
N GLU A 85 -18.27 3.60 2.84
CA GLU A 85 -17.92 3.07 1.54
C GLU A 85 -16.54 3.54 1.09
N ALA A 86 -15.68 2.58 0.81
CA ALA A 86 -14.34 2.85 0.31
C ALA A 86 -14.06 1.99 -0.92
N VAL A 87 -13.66 2.63 -2.00
CA VAL A 87 -13.43 1.94 -3.25
C VAL A 87 -11.93 1.80 -3.52
N ALA A 88 -11.48 0.57 -3.66
CA ALA A 88 -10.08 0.29 -3.92
C ALA A 88 -9.92 -0.84 -4.92
N GLU A 89 -9.02 -0.66 -5.87
CA GLU A 89 -8.77 -1.69 -6.87
C GLU A 89 -7.59 -2.55 -6.46
N VAL A 90 -7.58 -3.81 -6.87
CA VAL A 90 -6.49 -4.71 -6.51
C VAL A 90 -5.66 -5.04 -7.74
N TYR A 91 -4.35 -4.96 -7.60
CA TYR A 91 -3.46 -5.23 -8.72
C TYR A 91 -2.58 -6.44 -8.44
N ASN A 92 -2.19 -7.13 -9.50
CA ASN A 92 -1.40 -8.35 -9.43
C ASN A 92 0.03 -8.06 -9.87
N ASP A 93 0.40 -6.80 -9.77
CA ASP A 93 1.69 -6.32 -10.24
C ASP A 93 1.77 -6.45 -11.76
N ALA A 94 2.97 -6.55 -12.30
CA ALA A 94 3.16 -6.76 -13.73
C ALA A 94 3.80 -8.11 -13.99
N THR A 95 3.86 -8.93 -12.95
CA THR A 95 4.49 -10.24 -13.05
C THR A 95 3.98 -11.13 -11.91
N LYS A 96 4.34 -12.40 -11.96
CA LYS A 96 3.96 -13.35 -10.93
C LYS A 96 5.17 -13.75 -10.10
N LEU A 97 4.91 -14.26 -8.91
CA LEU A 97 5.97 -14.71 -8.02
C LEU A 97 6.68 -15.94 -8.59
N GLU A 98 7.96 -16.07 -8.25
CA GLU A 98 8.76 -17.18 -8.75
C GLU A 98 9.63 -17.75 -7.63
N HIS A 99 10.59 -18.60 -7.97
CA HIS A 99 11.38 -19.30 -6.97
C HIS A 99 12.70 -18.59 -6.71
N HIS A 100 12.70 -17.68 -5.74
CA HIS A 100 13.92 -17.07 -5.26
C HIS A 100 14.59 -18.03 -4.28
N HIS A 101 15.64 -18.68 -4.74
CA HIS A 101 16.30 -19.75 -3.98
C HIS A 101 16.95 -19.21 -2.72
N HIS A 102 16.40 -19.59 -1.58
CA HIS A 102 16.96 -19.21 -0.30
C HIS A 102 16.56 -20.22 0.75
N HIS A 103 17.51 -20.65 1.57
CA HIS A 103 17.23 -21.64 2.60
C HIS A 103 16.87 -20.93 3.90
N HIS A 104 17.26 -19.67 3.99
CA HIS A 104 16.88 -18.81 5.10
C HIS A 104 17.43 -17.40 4.86
N MET B 1 -1.27 14.36 -5.11
CA MET B 1 -0.94 14.01 -6.51
C MET B 1 -1.36 15.14 -7.44
N LYS B 2 -0.74 15.19 -8.62
CA LYS B 2 -1.08 16.19 -9.63
C LYS B 2 -2.33 15.76 -10.39
N LYS B 3 -3.48 16.28 -9.96
CA LYS B 3 -4.77 15.98 -10.57
C LYS B 3 -5.17 14.52 -10.30
N ARG B 4 -6.44 14.20 -10.53
CA ARG B 4 -6.90 12.84 -10.37
C ARG B 4 -7.40 12.29 -11.70
N ILE B 5 -6.48 11.69 -12.45
CA ILE B 5 -6.82 11.08 -13.73
C ILE B 5 -6.50 9.59 -13.69
N ILE B 6 -7.50 8.79 -13.40
CA ILE B 6 -7.31 7.35 -13.29
C ILE B 6 -7.82 6.65 -14.55
N ALA B 7 -6.92 6.41 -15.49
CA ALA B 7 -7.26 5.72 -16.71
C ALA B 7 -6.68 4.31 -16.70
N ALA B 8 -7.42 3.37 -16.11
CA ALA B 8 -6.96 2.00 -15.95
C ALA B 8 -8.13 1.04 -15.99
N ALA B 9 -9.09 1.33 -16.86
CA ALA B 9 -10.28 0.48 -17.01
C ALA B 9 -9.93 -0.78 -17.78
N LEU B 10 -9.29 -1.72 -17.10
CA LEU B 10 -8.90 -2.99 -17.71
C LEU B 10 -8.60 -3.99 -16.60
N LEU B 11 -9.15 -5.19 -16.71
CA LEU B 11 -8.92 -6.24 -15.74
C LEU B 11 -8.57 -7.55 -16.42
N ALA B 12 -7.98 -8.47 -15.67
CA ALA B 12 -7.59 -9.76 -16.23
C ALA B 12 -8.11 -10.90 -15.36
N THR B 13 -7.78 -10.85 -14.06
CA THR B 13 -8.19 -11.87 -13.10
C THR B 13 -7.64 -13.24 -13.48
N VAL B 14 -6.35 -13.45 -13.25
CA VAL B 14 -5.70 -14.69 -13.65
C VAL B 14 -5.88 -15.79 -12.59
N ALA B 15 -5.37 -15.58 -11.40
CA ALA B 15 -5.46 -16.56 -10.32
C ALA B 15 -5.29 -15.89 -8.98
N SER B 16 -5.47 -16.65 -7.91
CA SER B 16 -5.34 -16.12 -6.56
C SER B 16 -4.33 -16.93 -5.74
N PHE B 17 -3.38 -16.23 -5.14
CA PHE B 17 -2.37 -16.86 -4.30
C PHE B 17 -2.14 -16.04 -3.05
N SER B 18 -2.11 -16.71 -1.90
CA SER B 18 -1.93 -16.04 -0.62
C SER B 18 -0.47 -15.63 -0.40
N THR B 19 -0.23 -14.34 -0.32
CA THR B 19 1.11 -13.81 -0.08
C THR B 19 0.98 -12.47 0.67
N LEU B 20 1.96 -11.58 0.53
CA LEU B 20 1.85 -10.24 1.08
C LEU B 20 0.63 -9.55 0.49
N ALA B 21 -0.08 -8.79 1.31
CA ALA B 21 -1.37 -8.28 0.89
C ALA B 21 -1.38 -6.76 0.74
N ALA B 22 -2.11 -6.07 1.60
CA ALA B 22 -2.47 -4.68 1.35
C ALA B 22 -2.15 -3.79 2.55
N GLU B 23 -1.10 -2.99 2.43
CA GLU B 23 -0.70 -2.08 3.51
C GLU B 23 -0.15 -0.75 2.97
N GLN B 24 -0.97 0.32 3.08
CA GLN B 24 -0.56 1.69 2.77
C GLN B 24 -1.77 2.61 2.85
N VAL B 25 -1.55 3.90 2.60
CA VAL B 25 -2.63 4.88 2.61
C VAL B 25 -2.48 5.87 1.46
N SER B 26 -3.58 6.51 1.08
CA SER B 26 -3.54 7.49 0.02
C SER B 26 -3.77 8.90 0.56
N LYS B 27 -5.01 9.35 0.57
CA LYS B 27 -5.33 10.71 1.00
C LYS B 27 -6.52 10.70 1.96
N GLN B 28 -7.61 10.08 1.53
CA GLN B 28 -8.88 10.13 2.25
C GLN B 28 -8.73 9.55 3.65
N GLU B 29 -8.07 8.41 3.72
CA GLU B 29 -7.87 7.69 4.96
C GLU B 29 -7.10 8.53 5.97
N ILE B 30 -6.04 9.17 5.50
CA ILE B 30 -5.16 9.96 6.37
C ILE B 30 -5.92 11.10 7.05
N SER B 31 -6.65 11.86 6.25
CA SER B 31 -7.40 13.00 6.74
C SER B 31 -8.55 12.56 7.67
N HIS B 32 -8.96 11.31 7.54
CA HIS B 32 -10.12 10.84 8.28
C HIS B 32 -9.72 10.17 9.59
N PHE B 33 -8.69 9.33 9.54
CA PHE B 33 -8.27 8.58 10.72
C PHE B 33 -7.20 9.31 11.52
N LYS B 34 -6.68 10.41 10.95
CA LYS B 34 -5.69 11.25 11.62
C LYS B 34 -4.41 10.48 11.89
N LEU B 35 -3.62 10.27 10.84
CA LEU B 35 -2.38 9.49 10.96
C LEU B 35 -1.23 10.35 11.46
N VAL B 36 -0.20 9.68 11.95
CA VAL B 36 1.02 10.34 12.40
C VAL B 36 2.05 10.32 11.27
N LYS B 37 2.62 11.48 10.96
CA LYS B 37 3.60 11.59 9.89
C LYS B 37 5.01 11.67 10.48
N VAL B 38 5.99 11.10 9.78
CA VAL B 38 7.36 11.11 10.28
C VAL B 38 8.36 11.65 9.24
N GLY B 39 7.86 12.21 8.15
CA GLY B 39 8.76 12.83 7.20
C GLY B 39 8.47 12.44 5.77
N THR B 40 9.43 12.68 4.90
CA THR B 40 9.31 12.36 3.48
C THR B 40 10.62 11.79 2.96
N ILE B 41 10.55 10.69 2.22
CA ILE B 41 11.75 10.06 1.67
C ILE B 41 11.82 10.25 0.16
N ASN B 42 13.04 10.36 -0.34
CA ASN B 42 13.27 10.53 -1.76
C ASN B 42 13.95 9.30 -2.33
N VAL B 43 13.29 8.64 -3.26
CA VAL B 43 13.86 7.49 -3.93
C VAL B 43 14.51 7.95 -5.23
N SER B 44 15.82 7.84 -5.29
CA SER B 44 16.58 8.32 -6.45
C SER B 44 17.44 7.19 -7.00
N GLN B 45 16.98 6.57 -8.08
CA GLN B 45 17.72 5.45 -8.66
C GLN B 45 18.70 5.93 -9.72
N SER B 46 19.33 4.96 -10.35
CA SER B 46 20.24 5.22 -11.44
C SER B 46 20.12 4.11 -12.49
N GLY B 47 19.62 4.47 -13.66
CA GLY B 47 19.51 3.51 -14.74
C GLY B 47 18.53 2.39 -14.46
N GLY B 48 19.01 1.16 -14.43
CA GLY B 48 18.14 0.01 -14.32
C GLY B 48 18.01 -0.53 -12.92
N GLN B 49 17.88 0.36 -11.94
CA GLN B 49 17.61 -0.05 -10.57
C GLN B 49 16.14 -0.42 -10.43
N ILE B 50 15.32 0.11 -11.34
CA ILE B 50 13.91 -0.23 -11.38
C ILE B 50 13.57 -0.81 -12.74
N SER B 51 13.55 -2.13 -12.83
CA SER B 51 13.23 -2.81 -14.08
C SER B 51 11.76 -3.19 -14.09
N SER B 52 11.21 -3.33 -12.90
CA SER B 52 9.82 -3.71 -12.73
C SER B 52 9.19 -2.88 -11.60
N PRO B 53 7.85 -2.83 -11.53
CA PRO B 53 7.17 -2.17 -10.41
C PRO B 53 7.50 -2.84 -9.08
N SER B 54 7.91 -4.10 -9.16
CA SER B 54 8.30 -4.87 -8.00
C SER B 54 9.56 -4.29 -7.37
N ASP B 55 10.53 -3.92 -8.21
CA ASP B 55 11.80 -3.35 -7.73
C ASP B 55 11.57 -2.16 -6.84
N LEU B 56 10.58 -1.34 -7.20
CA LEU B 56 10.29 -0.13 -6.44
C LEU B 56 9.94 -0.47 -4.99
N ARG B 57 9.14 -1.52 -4.80
CA ARG B 57 8.73 -1.94 -3.45
C ARG B 57 9.93 -2.46 -2.68
N GLU B 58 10.85 -3.06 -3.41
CA GLU B 58 12.06 -3.58 -2.81
C GLU B 58 12.86 -2.46 -2.15
N LYS B 59 12.93 -1.33 -2.82
CA LYS B 59 13.67 -0.18 -2.30
C LYS B 59 12.87 0.51 -1.21
N LEU B 60 11.56 0.64 -1.46
CA LEU B 60 10.67 1.32 -0.53
C LEU B 60 10.64 0.64 0.83
N SER B 61 10.58 -0.69 0.83
CA SER B 61 10.57 -1.44 2.08
C SER B 61 11.81 -1.13 2.92
N GLU B 62 12.97 -1.20 2.28
CA GLU B 62 14.24 -0.99 2.95
C GLU B 62 14.35 0.45 3.48
N LEU B 63 13.92 1.41 2.68
CA LEU B 63 14.03 2.81 3.04
C LEU B 63 13.02 3.21 4.12
N ALA B 64 11.75 2.89 3.91
CA ALA B 64 10.68 3.37 4.78
C ALA B 64 10.76 2.77 6.18
N ASP B 65 10.94 1.46 6.26
CA ASP B 65 10.92 0.75 7.54
C ASP B 65 12.12 1.16 8.39
N ALA B 66 13.24 1.45 7.73
CA ALA B 66 14.48 1.78 8.41
C ALA B 66 14.53 3.26 8.82
N LYS B 67 13.58 4.04 8.36
CA LYS B 67 13.52 5.46 8.70
C LYS B 67 12.75 5.69 10.00
N GLY B 68 12.22 4.61 10.56
CA GLY B 68 11.46 4.72 11.78
C GLY B 68 9.98 4.93 11.52
N GLY B 69 9.59 4.80 10.27
CA GLY B 69 8.19 4.91 9.92
C GLY B 69 7.64 3.56 9.52
N LYS B 70 6.40 3.54 9.05
CA LYS B 70 5.76 2.29 8.68
C LYS B 70 5.20 2.37 7.27
N TYR B 71 4.24 3.25 7.08
CA TYR B 71 3.59 3.42 5.79
C TYR B 71 4.13 4.64 5.08
N TYR B 72 3.72 4.81 3.84
CA TYR B 72 4.17 5.93 3.03
C TYR B 72 3.09 6.32 2.04
N HIS B 73 3.26 7.44 1.37
CA HIS B 73 2.33 7.84 0.33
C HIS B 73 3.09 8.44 -0.85
N ILE B 74 3.11 7.72 -1.96
CA ILE B 74 3.70 8.21 -3.19
C ILE B 74 2.84 9.31 -3.78
N ILE B 75 3.38 10.53 -3.80
CA ILE B 75 2.64 11.67 -4.33
C ILE B 75 3.11 11.99 -5.76
N ALA B 76 4.34 11.57 -6.07
CA ALA B 76 4.91 11.80 -7.38
C ALA B 76 6.08 10.84 -7.62
N ALA B 77 6.25 10.43 -8.87
CA ALA B 77 7.34 9.56 -9.25
C ALA B 77 7.62 9.71 -10.73
N ARG B 78 8.77 10.28 -11.05
CA ARG B 78 9.11 10.60 -12.43
C ARG B 78 10.49 10.06 -12.79
N GLU B 79 10.67 9.72 -14.05
CA GLU B 79 11.98 9.34 -14.55
C GLU B 79 12.74 10.60 -14.92
N HIS B 80 13.57 11.10 -14.01
CA HIS B 80 14.32 12.32 -14.23
C HIS B 80 15.68 12.00 -14.83
N GLY B 81 15.70 11.86 -16.15
CA GLY B 81 16.92 11.46 -16.82
C GLY B 81 17.31 10.04 -16.47
N PRO B 82 18.54 9.82 -15.99
CA PRO B 82 18.99 8.52 -15.53
C PRO B 82 18.59 8.26 -14.07
N ASN B 83 18.09 9.30 -13.41
CA ASN B 83 17.73 9.21 -12.00
C ASN B 83 16.21 9.11 -11.85
N PHE B 84 15.74 7.95 -11.44
CA PHE B 84 14.32 7.76 -11.15
C PHE B 84 13.99 8.36 -9.79
N GLU B 85 13.09 9.33 -9.78
CA GLU B 85 12.74 10.03 -8.55
C GLU B 85 11.33 9.65 -8.09
N ALA B 86 11.25 8.93 -6.99
CA ALA B 86 9.97 8.64 -6.36
C ALA B 86 9.85 9.37 -5.04
N VAL B 87 8.81 10.19 -4.91
CA VAL B 87 8.60 10.98 -3.70
C VAL B 87 7.49 10.38 -2.86
N ALA B 88 7.85 9.88 -1.69
CA ALA B 88 6.88 9.26 -0.79
C ALA B 88 7.01 9.81 0.62
N GLU B 89 5.91 10.25 1.19
CA GLU B 89 5.92 10.76 2.55
C GLU B 89 5.61 9.63 3.52
N VAL B 90 6.36 9.55 4.61
CA VAL B 90 6.29 8.39 5.50
C VAL B 90 5.38 8.67 6.70
N TYR B 91 4.57 7.68 7.05
CA TYR B 91 3.66 7.80 8.18
C TYR B 91 4.01 6.75 9.23
N ASN B 92 3.74 7.08 10.48
CA ASN B 92 4.17 6.28 11.62
C ASN B 92 3.07 5.34 12.10
N ASP B 93 2.13 5.05 11.20
CA ASP B 93 1.09 4.03 11.44
C ASP B 93 -0.02 4.58 12.34
N ALA B 94 0.34 5.52 13.21
CA ALA B 94 -0.57 6.17 14.18
C ALA B 94 -0.73 5.31 15.42
N THR B 95 -0.22 4.10 15.35
CA THR B 95 -0.20 3.19 16.48
C THR B 95 1.22 3.07 17.00
N LYS B 96 2.19 3.39 16.13
CA LYS B 96 3.62 3.34 16.43
C LYS B 96 4.09 1.90 16.58
N LEU B 97 3.85 1.35 17.75
CA LEU B 97 4.30 0.02 18.12
C LEU B 97 3.75 -0.31 19.50
N GLU B 98 4.24 -1.38 20.11
CA GLU B 98 3.82 -1.73 21.46
C GLU B 98 4.39 -0.69 22.42
N HIS B 99 3.51 0.11 23.01
CA HIS B 99 3.91 1.19 23.90
C HIS B 99 2.93 1.31 25.05
N HIS B 100 2.62 0.18 25.67
CA HIS B 100 1.68 0.11 26.79
C HIS B 100 2.06 1.08 27.91
N HIS B 101 1.07 1.87 28.34
CA HIS B 101 1.23 2.82 29.45
C HIS B 101 2.30 3.87 29.13
N HIS B 102 1.90 4.94 28.47
CA HIS B 102 2.82 6.02 28.15
C HIS B 102 2.11 7.37 28.32
N HIS B 103 2.27 7.97 29.49
CA HIS B 103 1.60 9.24 29.78
C HIS B 103 2.35 10.43 29.17
N HIS B 104 3.66 10.49 29.40
CA HIS B 104 4.46 11.56 28.82
C HIS B 104 5.49 10.97 27.88
N MET A 1 -19.58 11.86 11.06
CA MET A 1 -18.72 12.23 12.21
C MET A 1 -17.77 13.33 11.81
N LYS A 2 -17.66 14.37 12.63
CA LYS A 2 -16.76 15.47 12.34
C LYS A 2 -15.33 15.07 12.68
N LYS A 3 -14.38 15.60 11.92
CA LYS A 3 -12.99 15.20 12.07
C LYS A 3 -12.05 16.31 11.63
N ARG A 4 -10.84 16.31 12.17
CA ARG A 4 -9.83 17.28 11.82
C ARG A 4 -8.48 16.57 11.69
N ILE A 5 -7.61 17.08 10.85
CA ILE A 5 -6.31 16.47 10.65
C ILE A 5 -5.24 17.20 11.46
N ILE A 6 -4.69 16.52 12.44
CA ILE A 6 -3.69 17.11 13.31
C ILE A 6 -2.36 16.38 13.19
N ALA A 7 -1.28 17.14 13.21
CA ALA A 7 0.06 16.59 13.19
C ALA A 7 0.89 17.19 14.33
N ALA A 8 1.01 16.45 15.42
CA ALA A 8 1.70 16.95 16.61
C ALA A 8 3.19 17.18 16.34
N ALA A 9 3.94 16.09 16.18
CA ALA A 9 5.37 16.20 15.96
C ALA A 9 5.83 15.20 14.90
N LEU A 10 6.62 15.67 13.95
CA LEU A 10 7.15 14.83 12.89
C LEU A 10 8.59 14.44 13.20
N LEU A 11 8.76 13.26 13.79
CA LEU A 11 10.09 12.78 14.14
C LEU A 11 10.25 11.32 13.71
N ALA A 12 11.20 11.08 12.82
CA ALA A 12 11.50 9.72 12.41
C ALA A 12 12.28 8.99 13.49
N THR A 13 11.59 8.14 14.23
CA THR A 13 12.18 7.42 15.35
C THR A 13 13.19 6.37 14.88
N VAL A 14 13.05 5.95 13.62
CA VAL A 14 13.88 4.90 13.06
C VAL A 14 13.64 3.59 13.81
N ALA A 15 12.57 2.90 13.45
CA ALA A 15 12.22 1.65 14.08
C ALA A 15 12.14 0.54 13.04
N SER A 16 13.31 0.08 12.64
CA SER A 16 13.41 -0.91 11.58
C SER A 16 13.27 -2.33 12.13
N PHE A 17 12.17 -2.98 11.79
CA PHE A 17 11.90 -4.33 12.26
C PHE A 17 11.28 -5.16 11.14
N SER A 18 10.12 -4.70 10.68
CA SER A 18 9.38 -5.41 9.64
C SER A 18 8.30 -4.50 9.08
N THR A 19 8.28 -4.32 7.76
CA THR A 19 7.36 -3.42 7.10
C THR A 19 5.96 -4.00 6.96
N LEU A 20 5.48 -4.64 8.03
CA LEU A 20 4.13 -5.20 8.04
C LEU A 20 3.11 -4.08 8.29
N ALA A 21 2.92 -3.27 7.25
CA ALA A 21 2.08 -2.07 7.33
C ALA A 21 2.17 -1.26 6.03
N ALA A 22 3.31 -1.36 5.34
CA ALA A 22 3.58 -0.48 4.21
C ALA A 22 3.85 -1.27 2.93
N GLU A 23 2.93 -1.15 1.98
CA GLU A 23 3.04 -1.81 0.67
C GLU A 23 1.81 -1.50 -0.20
N GLN A 24 1.97 -0.62 -1.19
CA GLN A 24 0.85 -0.26 -2.06
C GLN A 24 1.35 0.40 -3.34
N VAL A 25 0.54 0.32 -4.40
CA VAL A 25 0.85 1.00 -5.66
C VAL A 25 -0.21 2.06 -5.95
N SER A 26 0.21 3.17 -6.52
CA SER A 26 -0.70 4.29 -6.73
C SER A 26 -1.07 4.45 -8.20
N LYS A 27 -0.30 5.24 -8.93
CA LYS A 27 -0.64 5.59 -10.30
C LYS A 27 0.63 5.73 -11.13
N GLN A 28 1.60 6.44 -10.57
CA GLN A 28 2.84 6.76 -11.27
C GLN A 28 3.49 5.48 -11.81
N GLU A 29 3.62 4.52 -10.91
CA GLU A 29 4.28 3.26 -11.19
C GLU A 29 3.47 2.43 -12.18
N ILE A 30 2.16 2.39 -11.95
CA ILE A 30 1.27 1.55 -12.76
C ILE A 30 1.28 1.98 -14.22
N SER A 31 1.22 3.28 -14.47
CA SER A 31 1.21 3.79 -15.83
C SER A 31 2.57 3.63 -16.50
N HIS A 32 3.62 3.57 -15.68
CA HIS A 32 4.99 3.57 -16.20
C HIS A 32 5.49 2.15 -16.43
N PHE A 33 5.05 1.20 -15.60
CA PHE A 33 5.52 -0.18 -15.70
C PHE A 33 4.42 -1.13 -16.21
N LYS A 34 3.18 -0.63 -16.24
CA LYS A 34 2.02 -1.41 -16.67
C LYS A 34 1.73 -2.57 -15.73
N LEU A 35 1.02 -2.27 -14.64
CA LEU A 35 0.62 -3.30 -13.70
C LEU A 35 -0.72 -3.90 -14.08
N VAL A 36 -0.90 -5.18 -13.79
CA VAL A 36 -2.12 -5.87 -14.16
C VAL A 36 -3.21 -5.66 -13.11
N LYS A 37 -4.35 -5.13 -13.54
CA LYS A 37 -5.46 -4.93 -12.64
C LYS A 37 -6.29 -6.20 -12.55
N VAL A 38 -6.36 -6.78 -11.37
CA VAL A 38 -7.09 -8.01 -11.16
C VAL A 38 -8.59 -7.73 -11.08
N GLY A 39 -8.92 -6.53 -10.63
CA GLY A 39 -10.31 -6.13 -10.52
C GLY A 39 -10.47 -4.86 -9.71
N THR A 40 -11.71 -4.45 -9.48
CA THR A 40 -11.99 -3.27 -8.70
C THR A 40 -13.04 -3.59 -7.62
N ILE A 41 -12.70 -3.34 -6.38
CA ILE A 41 -13.58 -3.67 -5.26
C ILE A 41 -13.92 -2.42 -4.47
N ASN A 42 -14.92 -2.52 -3.61
CA ASN A 42 -15.28 -1.41 -2.75
C ASN A 42 -15.77 -1.90 -1.39
N VAL A 43 -15.49 -1.10 -0.38
CA VAL A 43 -15.93 -1.38 0.98
C VAL A 43 -17.23 -0.65 1.25
N SER A 44 -18.13 -1.28 2.00
CA SER A 44 -19.41 -0.65 2.34
C SER A 44 -19.99 -1.34 3.58
N GLN A 45 -19.50 -0.96 4.75
CA GLN A 45 -20.00 -1.52 6.00
C GLN A 45 -20.68 -0.43 6.82
N SER A 46 -21.67 -0.83 7.61
CA SER A 46 -22.46 0.13 8.36
C SER A 46 -22.19 -0.02 9.85
N GLY A 47 -21.57 0.99 10.45
CA GLY A 47 -21.35 0.99 11.87
C GLY A 47 -19.97 0.47 12.25
N GLY A 48 -19.91 -0.22 13.37
CA GLY A 48 -18.64 -0.67 13.92
C GLY A 48 -18.06 -1.87 13.21
N GLN A 49 -17.52 -1.64 12.02
CA GLN A 49 -16.73 -2.64 11.32
C GLN A 49 -15.34 -2.09 11.04
N ILE A 50 -15.27 -0.80 10.73
CA ILE A 50 -14.01 -0.12 10.52
C ILE A 50 -14.00 1.19 11.28
N SER A 51 -13.01 1.34 12.15
CA SER A 51 -12.88 2.54 12.94
C SER A 51 -11.40 2.91 13.12
N SER A 52 -10.55 1.90 13.10
CA SER A 52 -9.12 2.12 13.17
C SER A 52 -8.47 1.70 11.84
N PRO A 53 -7.29 2.27 11.50
CA PRO A 53 -6.63 2.01 10.22
C PRO A 53 -6.34 0.52 9.99
N SER A 54 -6.24 -0.23 11.08
CA SER A 54 -5.99 -1.65 11.00
C SER A 54 -7.18 -2.39 10.39
N ASP A 55 -8.39 -1.98 10.77
CA ASP A 55 -9.62 -2.64 10.32
C ASP A 55 -9.72 -2.62 8.81
N LEU A 56 -9.36 -1.48 8.23
CA LEU A 56 -9.41 -1.32 6.78
C LEU A 56 -8.44 -2.27 6.11
N ARG A 57 -7.23 -2.35 6.65
CA ARG A 57 -6.19 -3.23 6.10
C ARG A 57 -6.63 -4.69 6.18
N GLU A 58 -7.26 -5.05 7.29
CA GLU A 58 -7.70 -6.42 7.53
C GLU A 58 -8.67 -6.89 6.44
N LYS A 59 -9.44 -5.97 5.88
CA LYS A 59 -10.43 -6.31 4.87
C LYS A 59 -9.88 -6.15 3.46
N LEU A 60 -9.05 -5.13 3.25
CA LEU A 60 -8.48 -4.90 1.93
C LEU A 60 -7.47 -5.98 1.57
N SER A 61 -6.66 -6.38 2.55
CA SER A 61 -5.70 -7.46 2.35
C SER A 61 -6.46 -8.78 2.19
N GLU A 62 -7.57 -8.89 2.91
CA GLU A 62 -8.44 -10.05 2.85
C GLU A 62 -8.92 -10.30 1.41
N LEU A 63 -9.41 -9.24 0.78
CA LEU A 63 -9.93 -9.34 -0.57
C LEU A 63 -8.79 -9.48 -1.58
N ALA A 64 -7.65 -8.89 -1.26
CA ALA A 64 -6.49 -8.92 -2.14
C ALA A 64 -5.92 -10.32 -2.27
N ASP A 65 -5.67 -10.98 -1.13
CA ASP A 65 -5.11 -12.33 -1.12
C ASP A 65 -6.12 -13.32 -1.67
N ALA A 66 -7.40 -12.97 -1.56
CA ALA A 66 -8.47 -13.82 -2.07
C ALA A 66 -8.55 -13.73 -3.59
N LYS A 67 -8.41 -12.53 -4.12
CA LYS A 67 -8.47 -12.33 -5.57
C LYS A 67 -7.17 -12.76 -6.24
N GLY A 68 -6.07 -12.53 -5.56
CA GLY A 68 -4.78 -12.86 -6.12
C GLY A 68 -4.03 -11.62 -6.57
N GLY A 69 -3.77 -10.73 -5.63
CA GLY A 69 -3.02 -9.54 -5.92
C GLY A 69 -2.13 -9.16 -4.76
N LYS A 70 -1.12 -8.34 -5.02
CA LYS A 70 -0.16 -7.98 -3.99
C LYS A 70 -0.35 -6.54 -3.54
N TYR A 71 -1.09 -5.75 -4.32
CA TYR A 71 -1.29 -4.34 -4.00
C TYR A 71 -2.72 -3.94 -4.31
N TYR A 72 -3.27 -3.03 -3.50
CA TYR A 72 -4.55 -2.44 -3.81
C TYR A 72 -4.36 -0.95 -4.03
N HIS A 73 -5.36 -0.27 -4.56
CA HIS A 73 -5.26 1.17 -4.77
C HIS A 73 -6.56 1.88 -4.42
N ILE A 74 -6.55 2.60 -3.32
CA ILE A 74 -7.72 3.37 -2.90
C ILE A 74 -7.92 4.57 -3.82
N ILE A 75 -9.06 4.62 -4.50
CA ILE A 75 -9.35 5.71 -5.43
C ILE A 75 -10.54 6.55 -4.96
N ALA A 76 -11.34 6.01 -4.06
CA ALA A 76 -12.49 6.73 -3.54
C ALA A 76 -12.85 6.26 -2.14
N ALA A 77 -12.44 7.01 -1.13
CA ALA A 77 -12.78 6.69 0.24
C ALA A 77 -13.65 7.81 0.81
N ARG A 78 -14.89 7.48 1.14
CA ARG A 78 -15.86 8.47 1.54
C ARG A 78 -16.69 8.02 2.72
N GLU A 79 -17.30 8.98 3.40
CA GLU A 79 -18.14 8.69 4.54
C GLU A 79 -19.61 8.85 4.16
N HIS A 80 -20.28 7.73 3.99
CA HIS A 80 -21.67 7.73 3.55
C HIS A 80 -22.59 7.65 4.75
N GLY A 81 -22.44 8.60 5.66
CA GLY A 81 -23.20 8.58 6.89
C GLY A 81 -22.58 7.64 7.89
N PRO A 82 -23.33 6.65 8.38
CA PRO A 82 -22.78 5.62 9.27
C PRO A 82 -22.12 4.50 8.48
N ASN A 83 -21.94 4.73 7.18
CA ASN A 83 -21.38 3.72 6.30
C ASN A 83 -20.02 4.17 5.78
N PHE A 84 -19.02 3.32 5.94
CA PHE A 84 -17.69 3.62 5.45
C PHE A 84 -17.49 2.94 4.11
N GLU A 85 -17.38 3.74 3.06
CA GLU A 85 -17.25 3.20 1.71
C GLU A 85 -15.91 3.59 1.11
N ALA A 86 -15.11 2.58 0.76
CA ALA A 86 -13.82 2.80 0.16
C ALA A 86 -13.65 1.95 -1.09
N VAL A 87 -13.48 2.60 -2.22
CA VAL A 87 -13.31 1.91 -3.49
C VAL A 87 -11.83 1.77 -3.80
N ALA A 88 -11.41 0.54 -4.08
CA ALA A 88 -10.00 0.25 -4.29
C ALA A 88 -9.80 -0.66 -5.50
N GLU A 89 -8.72 -0.45 -6.21
CA GLU A 89 -8.36 -1.28 -7.33
C GLU A 89 -7.46 -2.41 -6.85
N VAL A 90 -7.56 -3.57 -7.48
CA VAL A 90 -6.69 -4.69 -7.12
C VAL A 90 -5.64 -4.90 -8.19
N TYR A 91 -4.38 -4.84 -7.80
CA TYR A 91 -3.28 -5.10 -8.72
C TYR A 91 -2.44 -6.25 -8.24
N ASN A 92 -2.02 -7.11 -9.15
CA ASN A 92 -1.22 -8.26 -8.79
C ASN A 92 0.23 -7.84 -8.55
N ASP A 93 1.02 -7.85 -9.61
CA ASP A 93 2.42 -7.44 -9.60
C ASP A 93 3.02 -7.77 -10.95
N ALA A 94 2.77 -9.01 -11.38
CA ALA A 94 3.05 -9.48 -12.74
C ALA A 94 4.54 -9.63 -13.03
N THR A 95 5.38 -9.34 -12.04
CA THR A 95 6.82 -9.47 -12.23
C THR A 95 7.22 -10.92 -12.46
N LYS A 96 6.68 -11.82 -11.65
CA LYS A 96 7.01 -13.24 -11.76
C LYS A 96 6.16 -13.92 -12.83
N LEU A 97 5.21 -13.17 -13.39
CA LEU A 97 4.26 -13.73 -14.32
C LEU A 97 4.64 -13.39 -15.76
N GLU A 98 3.83 -13.87 -16.69
CA GLU A 98 4.10 -13.68 -18.11
C GLU A 98 3.76 -12.26 -18.55
N HIS A 99 4.50 -11.29 -18.04
CA HIS A 99 4.26 -9.91 -18.40
C HIS A 99 5.03 -9.56 -19.68
N HIS A 100 4.39 -9.80 -20.82
CA HIS A 100 4.98 -9.46 -22.11
C HIS A 100 4.65 -8.02 -22.48
N HIS A 101 4.39 -7.21 -21.46
CA HIS A 101 4.23 -5.78 -21.62
C HIS A 101 5.50 -5.10 -21.15
N HIS A 102 6.15 -4.39 -22.05
CA HIS A 102 7.37 -3.68 -21.70
C HIS A 102 7.02 -2.33 -21.09
N HIS A 103 7.87 -1.87 -20.19
CA HIS A 103 7.61 -0.60 -19.51
C HIS A 103 8.22 0.56 -20.31
N HIS A 104 7.77 1.76 -20.03
CA HIS A 104 8.30 2.95 -20.68
C HIS A 104 9.64 3.33 -20.04
N MET B 1 -10.83 16.09 -5.97
CA MET B 1 -9.63 16.43 -6.77
C MET B 1 -9.84 16.04 -8.22
N LYS B 2 -10.95 16.49 -8.79
CA LYS B 2 -11.33 16.19 -10.18
C LYS B 2 -11.72 14.73 -10.36
N LYS B 3 -10.74 13.85 -10.23
CA LYS B 3 -10.94 12.43 -10.46
C LYS B 3 -11.69 11.78 -9.31
N ARG B 4 -12.96 11.53 -9.50
CA ARG B 4 -13.74 10.75 -8.55
C ARG B 4 -14.22 9.47 -9.22
N ILE B 5 -13.46 8.40 -9.04
CA ILE B 5 -13.76 7.14 -9.70
C ILE B 5 -14.46 6.18 -8.75
N ILE B 6 -15.67 5.77 -9.11
CA ILE B 6 -16.41 4.82 -8.32
C ILE B 6 -16.78 3.60 -9.16
N ALA B 7 -15.76 2.90 -9.63
CA ALA B 7 -15.95 1.72 -10.46
C ALA B 7 -16.39 0.54 -9.61
N ALA B 8 -17.53 -0.04 -9.96
CA ALA B 8 -18.09 -1.14 -9.19
C ALA B 8 -18.04 -2.45 -9.97
N ALA B 9 -17.18 -3.37 -9.53
CA ALA B 9 -17.17 -4.72 -10.06
C ALA B 9 -17.68 -5.69 -9.01
N LEU B 10 -17.13 -5.58 -7.80
CA LEU B 10 -17.63 -6.31 -6.62
C LEU B 10 -17.41 -7.81 -6.73
N LEU B 11 -17.99 -8.53 -5.77
CA LEU B 11 -17.90 -9.98 -5.67
C LEU B 11 -16.46 -10.42 -5.41
N ALA B 12 -16.12 -10.53 -4.14
CA ALA B 12 -14.79 -10.99 -3.73
C ALA B 12 -14.91 -12.00 -2.61
N THR B 13 -13.98 -12.95 -2.56
CA THR B 13 -14.00 -13.98 -1.56
C THR B 13 -13.19 -13.57 -0.33
N VAL B 14 -12.99 -14.50 0.58
CA VAL B 14 -12.25 -14.21 1.81
C VAL B 14 -11.06 -15.15 1.98
N ALA B 15 -9.87 -14.60 1.93
CA ALA B 15 -8.65 -15.38 2.12
C ALA B 15 -7.59 -14.52 2.76
N SER B 16 -6.71 -15.15 3.53
CA SER B 16 -5.63 -14.44 4.20
C SER B 16 -4.49 -15.40 4.51
N PHE B 17 -3.71 -15.72 3.50
CA PHE B 17 -2.57 -16.60 3.66
C PHE B 17 -1.27 -15.82 3.50
N SER B 18 -1.30 -14.79 2.69
CA SER B 18 -0.17 -13.89 2.56
C SER B 18 -0.28 -12.78 3.60
N THR B 19 0.44 -12.94 4.70
CA THR B 19 0.40 -11.97 5.79
C THR B 19 0.91 -10.61 5.34
N LEU B 20 1.84 -10.62 4.38
CA LEU B 20 2.31 -9.40 3.77
C LEU B 20 1.73 -9.29 2.36
N ALA B 21 0.69 -8.50 2.20
CA ALA B 21 0.04 -8.36 0.90
C ALA B 21 -0.95 -7.20 0.91
N ALA B 22 -0.56 -6.10 0.27
CA ALA B 22 -1.45 -4.97 0.03
C ALA B 22 -1.82 -4.22 1.31
N GLU B 23 -1.11 -3.14 1.55
CA GLU B 23 -1.29 -2.31 2.73
C GLU B 23 -1.18 -0.83 2.35
N GLN B 24 -0.85 0.03 3.33
CA GLN B 24 -0.62 1.47 3.08
C GLN B 24 -1.92 2.21 2.73
N VAL B 25 -2.05 3.46 3.18
CA VAL B 25 -3.27 4.23 2.95
C VAL B 25 -2.96 5.50 2.15
N SER B 26 -4.00 6.22 1.75
CA SER B 26 -3.83 7.39 0.91
C SER B 26 -3.94 8.70 1.72
N LYS B 27 -5.12 9.32 1.74
CA LYS B 27 -5.27 10.63 2.37
C LYS B 27 -6.61 10.77 3.11
N GLN B 28 -7.68 10.27 2.50
CA GLN B 28 -9.02 10.40 3.07
C GLN B 28 -9.09 9.67 4.41
N GLU B 29 -8.29 8.62 4.51
CA GLU B 29 -8.18 7.83 5.71
C GLU B 29 -7.45 8.61 6.81
N ILE B 30 -6.47 9.41 6.40
CA ILE B 30 -5.71 10.25 7.33
C ILE B 30 -6.66 11.19 8.06
N SER B 31 -7.59 11.78 7.33
CA SER B 31 -8.58 12.67 7.90
C SER B 31 -9.47 11.94 8.88
N HIS B 32 -9.68 10.66 8.65
CA HIS B 32 -10.58 9.85 9.48
C HIS B 32 -9.88 9.33 10.73
N PHE B 33 -8.69 8.78 10.56
CA PHE B 33 -8.01 8.09 11.65
C PHE B 33 -7.06 9.02 12.40
N LYS B 34 -6.77 10.17 11.82
CA LYS B 34 -5.81 11.13 12.38
C LYS B 34 -4.41 10.53 12.47
N LEU B 35 -3.65 10.68 11.40
CA LEU B 35 -2.31 10.09 11.31
C LEU B 35 -1.24 11.18 11.39
N VAL B 36 -0.05 10.79 11.82
CA VAL B 36 1.03 11.74 12.10
C VAL B 36 2.21 11.52 11.15
N LYS B 37 2.45 12.50 10.28
CA LYS B 37 3.56 12.46 9.34
C LYS B 37 4.91 12.40 10.07
N VAL B 38 5.83 11.60 9.56
CA VAL B 38 7.15 11.45 10.19
C VAL B 38 8.29 11.79 9.24
N GLY B 39 7.96 12.27 8.06
CA GLY B 39 8.97 12.69 7.13
C GLY B 39 8.68 12.28 5.71
N THR B 40 9.72 12.25 4.89
CA THR B 40 9.58 11.94 3.47
C THR B 40 10.75 11.07 3.02
N ILE B 41 10.50 10.17 2.08
CA ILE B 41 11.55 9.36 1.49
C ILE B 41 11.72 9.74 0.02
N ASN B 42 12.95 9.72 -0.45
CA ASN B 42 13.25 10.18 -1.80
C ASN B 42 14.02 9.12 -2.58
N VAL B 43 13.47 8.72 -3.71
CA VAL B 43 14.09 7.73 -4.58
C VAL B 43 14.81 8.40 -5.74
N SER B 44 16.12 8.23 -5.78
CA SER B 44 16.93 8.78 -6.86
C SER B 44 17.95 7.74 -7.32
N GLN B 45 17.54 6.90 -8.27
CA GLN B 45 18.43 5.87 -8.79
C GLN B 45 18.21 5.69 -10.29
N SER B 46 19.17 5.06 -10.94
CA SER B 46 19.08 4.79 -12.37
C SER B 46 18.15 3.59 -12.63
N GLY B 47 17.89 3.29 -13.90
CA GLY B 47 17.01 2.20 -14.27
C GLY B 47 17.58 0.83 -13.98
N GLY B 48 18.76 0.81 -13.36
CA GLY B 48 19.34 -0.45 -12.93
C GLY B 48 18.74 -0.92 -11.63
N GLN B 49 18.43 0.03 -10.75
CA GLN B 49 17.85 -0.30 -9.46
C GLN B 49 16.34 -0.23 -9.51
N ILE B 50 15.82 0.50 -10.49
CA ILE B 50 14.39 0.60 -10.71
C ILE B 50 14.04 0.08 -12.10
N SER B 51 13.59 -1.16 -12.17
CA SER B 51 13.29 -1.78 -13.45
C SER B 51 11.90 -2.43 -13.42
N SER B 52 11.67 -3.27 -12.42
CA SER B 52 10.39 -3.93 -12.26
C SER B 52 9.65 -3.37 -11.04
N PRO B 53 8.31 -3.54 -10.97
CA PRO B 53 7.51 -3.06 -9.84
C PRO B 53 7.99 -3.58 -8.49
N SER B 54 8.39 -4.85 -8.46
CA SER B 54 8.90 -5.46 -7.23
C SER B 54 10.15 -4.74 -6.73
N ASP B 55 10.95 -4.20 -7.66
CA ASP B 55 12.18 -3.51 -7.29
C ASP B 55 11.86 -2.26 -6.48
N LEU B 56 10.94 -1.46 -7.01
CA LEU B 56 10.53 -0.23 -6.34
C LEU B 56 9.90 -0.54 -4.99
N ARG B 57 9.14 -1.63 -4.94
CA ARG B 57 8.50 -2.07 -3.71
C ARG B 57 9.54 -2.30 -2.61
N GLU B 58 10.57 -3.07 -2.93
CA GLU B 58 11.62 -3.40 -1.98
C GLU B 58 12.38 -2.14 -1.54
N LYS B 59 12.62 -1.24 -2.49
CA LYS B 59 13.30 0.01 -2.19
C LYS B 59 12.46 0.87 -1.25
N LEU B 60 11.18 0.98 -1.53
CA LEU B 60 10.26 1.76 -0.70
C LEU B 60 10.11 1.12 0.67
N SER B 61 10.06 -0.20 0.70
CA SER B 61 9.99 -0.95 1.95
C SER B 61 11.23 -0.69 2.80
N GLU B 62 12.38 -0.64 2.14
CA GLU B 62 13.65 -0.40 2.81
C GLU B 62 13.63 0.97 3.49
N LEU B 63 13.11 1.96 2.79
CA LEU B 63 13.06 3.33 3.30
C LEU B 63 12.00 3.47 4.38
N ALA B 64 10.85 2.82 4.19
CA ALA B 64 9.75 2.91 5.13
C ALA B 64 10.11 2.29 6.48
N ASP B 65 10.75 1.12 6.44
CA ASP B 65 11.16 0.43 7.66
C ASP B 65 12.26 1.21 8.37
N ALA B 66 13.09 1.89 7.58
CA ALA B 66 14.17 2.70 8.12
C ALA B 66 13.62 3.89 8.88
N LYS B 67 12.52 4.45 8.39
CA LYS B 67 11.88 5.58 9.04
C LYS B 67 11.13 5.15 10.29
N GLY B 68 10.51 3.98 10.21
CA GLY B 68 9.71 3.50 11.32
C GLY B 68 8.26 3.96 11.19
N GLY B 69 7.82 4.10 9.95
CA GLY B 69 6.46 4.54 9.70
C GLY B 69 5.52 3.37 9.52
N LYS B 70 4.26 3.66 9.22
CA LYS B 70 3.26 2.61 9.08
C LYS B 70 2.80 2.48 7.63
N TYR B 71 3.12 3.48 6.81
CA TYR B 71 2.86 3.41 5.38
C TYR B 71 3.62 4.53 4.68
N TYR B 72 3.55 4.55 3.35
CA TYR B 72 4.20 5.59 2.57
C TYR B 72 3.24 6.13 1.53
N HIS B 73 3.01 7.43 1.53
CA HIS B 73 2.04 7.99 0.60
C HIS B 73 2.76 8.50 -0.64
N ILE B 74 2.67 7.72 -1.71
CA ILE B 74 3.26 8.10 -3.00
C ILE B 74 2.52 9.31 -3.56
N ILE B 75 3.21 10.44 -3.62
CA ILE B 75 2.61 11.67 -4.12
C ILE B 75 3.05 12.00 -5.53
N ALA B 76 4.30 11.70 -5.85
CA ALA B 76 4.83 11.98 -7.18
C ALA B 76 6.06 11.14 -7.48
N ALA B 77 5.93 10.23 -8.45
CA ALA B 77 7.06 9.44 -8.91
C ALA B 77 7.25 9.67 -10.39
N ARG B 78 8.29 10.39 -10.75
CA ARG B 78 8.46 10.86 -12.11
C ARG B 78 9.84 10.49 -12.66
N GLU B 79 9.85 10.07 -13.91
CA GLU B 79 11.07 9.70 -14.59
C GLU B 79 11.81 10.95 -15.07
N HIS B 80 13.12 11.00 -14.83
CA HIS B 80 13.93 12.12 -15.24
C HIS B 80 15.21 11.65 -15.90
N GLY B 81 15.22 11.69 -17.22
CA GLY B 81 16.37 11.23 -17.98
C GLY B 81 16.59 9.74 -17.80
N PRO B 82 17.83 9.33 -17.46
CA PRO B 82 18.17 7.94 -17.23
C PRO B 82 17.96 7.52 -15.77
N ASN B 83 17.34 8.40 -14.99
CA ASN B 83 17.14 8.14 -13.57
C ASN B 83 15.67 8.27 -13.21
N PHE B 84 15.28 7.60 -12.13
CA PHE B 84 13.90 7.61 -11.67
C PHE B 84 13.79 8.36 -10.34
N GLU B 85 12.92 9.37 -10.31
CA GLU B 85 12.73 10.19 -9.12
C GLU B 85 11.37 9.90 -8.49
N ALA B 86 11.37 9.28 -7.33
CA ALA B 86 10.11 8.98 -6.65
C ALA B 86 10.03 9.65 -5.29
N VAL B 87 8.97 10.42 -5.08
CA VAL B 87 8.76 11.11 -3.81
C VAL B 87 7.56 10.52 -3.08
N ALA B 88 7.82 9.99 -1.90
CA ALA B 88 6.76 9.42 -1.07
C ALA B 88 6.94 9.89 0.38
N GLU B 89 5.85 10.28 1.01
CA GLU B 89 5.92 10.78 2.37
C GLU B 89 5.55 9.67 3.35
N VAL B 90 6.24 9.60 4.47
CA VAL B 90 6.03 8.55 5.43
C VAL B 90 5.20 9.06 6.58
N TYR B 91 4.14 8.33 6.90
CA TYR B 91 3.27 8.72 7.99
C TYR B 91 3.23 7.64 9.06
N ASN B 92 3.01 8.06 10.29
CA ASN B 92 2.95 7.17 11.42
C ASN B 92 1.59 7.32 12.07
N ASP B 93 1.35 6.57 13.13
CA ASP B 93 0.12 6.72 13.90
C ASP B 93 0.25 7.87 14.88
N ALA B 94 -0.83 8.17 15.59
CA ALA B 94 -0.85 9.31 16.50
C ALA B 94 -0.82 8.85 17.95
N THR B 95 -0.56 7.58 18.16
CA THR B 95 -0.57 7.02 19.50
C THR B 95 0.85 6.69 19.97
N LYS B 96 1.71 6.32 19.01
CA LYS B 96 3.13 6.09 19.25
C LYS B 96 3.37 4.93 20.20
N LEU B 97 3.37 5.25 21.50
CA LEU B 97 3.65 4.28 22.55
C LEU B 97 3.68 5.00 23.89
N GLU B 98 3.44 4.28 24.96
CA GLU B 98 3.70 4.81 26.30
C GLU B 98 5.07 4.33 26.77
N HIS B 99 5.35 3.06 26.47
CA HIS B 99 6.67 2.48 26.71
C HIS B 99 6.73 1.03 26.20
N HIS B 100 5.60 0.51 25.72
CA HIS B 100 5.54 -0.88 25.23
C HIS B 100 6.08 -1.02 23.81
N HIS B 101 6.91 -0.07 23.39
CA HIS B 101 7.50 -0.13 22.06
C HIS B 101 8.45 -1.32 21.95
N HIS B 102 9.41 -1.39 22.87
CA HIS B 102 10.36 -2.50 22.91
C HIS B 102 11.31 -2.29 24.08
N HIS B 103 11.17 -3.14 25.10
CA HIS B 103 12.04 -3.03 26.26
C HIS B 103 13.37 -3.74 26.01
N HIS B 104 14.43 -3.23 26.60
CA HIS B 104 15.75 -3.81 26.45
C HIS B 104 16.22 -4.37 27.78
N MET A 1 42.52 34.65 18.39
CA MET A 1 41.57 35.15 19.42
C MET A 1 40.93 33.99 20.16
N LYS A 2 41.58 32.82 20.12
CA LYS A 2 41.04 31.57 20.70
C LYS A 2 39.85 31.07 19.89
N LYS A 3 39.43 29.85 20.17
CA LYS A 3 38.24 29.29 19.57
C LYS A 3 37.77 28.08 20.37
N ARG A 4 36.53 27.67 20.17
CA ARG A 4 36.00 26.48 20.82
C ARG A 4 35.51 25.51 19.77
N ILE A 5 36.27 24.45 19.55
CA ILE A 5 35.92 23.46 18.55
C ILE A 5 34.94 22.44 19.13
N ILE A 6 33.83 22.26 18.44
CA ILE A 6 32.80 21.33 18.88
C ILE A 6 32.34 20.47 17.71
N ALA A 7 32.43 19.16 17.87
CA ALA A 7 31.98 18.24 16.84
C ALA A 7 30.79 17.45 17.36
N ALA A 8 29.60 17.94 17.06
CA ALA A 8 28.39 17.31 17.54
C ALA A 8 27.84 16.35 16.51
N ALA A 9 28.06 15.07 16.74
CA ALA A 9 27.54 14.04 15.87
C ALA A 9 26.44 13.26 16.56
N LEU A 10 25.41 12.90 15.83
CA LEU A 10 24.23 12.27 16.40
C LEU A 10 24.39 10.75 16.45
N LEU A 11 24.96 10.20 15.37
CA LEU A 11 25.15 8.76 15.23
C LEU A 11 23.83 8.00 15.30
N ALA A 12 23.48 7.56 16.52
CA ALA A 12 22.34 6.67 16.75
C ALA A 12 22.60 5.30 16.12
N THR A 13 22.43 5.23 14.80
CA THR A 13 22.66 4.01 14.04
C THR A 13 21.86 2.83 14.59
N VAL A 14 20.64 2.71 14.12
CA VAL A 14 19.77 1.62 14.55
C VAL A 14 19.14 0.96 13.34
N ALA A 15 19.43 -0.31 13.14
CA ALA A 15 18.84 -1.07 12.04
C ALA A 15 17.66 -1.89 12.54
N SER A 16 16.46 -1.37 12.33
CA SER A 16 15.26 -2.01 12.80
C SER A 16 14.86 -3.17 11.90
N PHE A 17 13.80 -3.85 12.28
CA PHE A 17 13.21 -4.89 11.47
C PHE A 17 11.79 -4.50 11.11
N SER A 18 11.41 -4.76 9.86
CA SER A 18 10.12 -4.32 9.32
C SER A 18 8.96 -4.61 10.28
N THR A 19 8.46 -3.54 10.90
CA THR A 19 7.40 -3.63 11.90
C THR A 19 6.02 -3.74 11.23
N LEU A 20 5.96 -4.47 10.11
CA LEU A 20 4.73 -4.61 9.33
C LEU A 20 4.22 -3.24 8.88
N ALA A 21 4.89 -2.69 7.88
CA ALA A 21 4.59 -1.35 7.41
C ALA A 21 5.11 -1.15 5.99
N ALA A 22 4.53 -0.17 5.29
CA ALA A 22 4.96 0.22 3.94
C ALA A 22 4.64 -0.84 2.90
N GLU A 23 3.55 -0.63 2.17
CA GLU A 23 3.11 -1.57 1.15
C GLU A 23 2.25 -0.85 0.10
N GLN A 24 2.02 -1.51 -1.05
CA GLN A 24 1.17 -0.99 -2.13
C GLN A 24 1.89 0.11 -2.93
N VAL A 25 1.48 0.32 -4.18
CA VAL A 25 2.17 1.26 -5.05
C VAL A 25 1.27 2.42 -5.49
N SER A 26 1.85 3.39 -6.19
CA SER A 26 1.15 4.61 -6.54
C SER A 26 0.21 4.41 -7.73
N LYS A 27 -0.35 5.50 -8.22
CA LYS A 27 -1.11 5.47 -9.47
C LYS A 27 -0.14 5.65 -10.63
N GLN A 28 0.95 6.37 -10.34
CA GLN A 28 1.98 6.64 -11.33
C GLN A 28 2.54 5.33 -11.86
N GLU A 29 2.92 4.44 -10.95
CA GLU A 29 3.54 3.16 -11.31
C GLU A 29 2.62 2.29 -12.16
N ILE A 30 1.31 2.47 -12.00
CA ILE A 30 0.33 1.75 -12.80
C ILE A 30 0.53 2.08 -14.28
N SER A 31 0.50 3.37 -14.60
CA SER A 31 0.72 3.85 -15.95
C SER A 31 2.20 3.74 -16.33
N HIS A 32 3.06 3.78 -15.32
CA HIS A 32 4.50 3.78 -15.50
C HIS A 32 4.99 2.44 -16.03
N PHE A 33 4.54 1.35 -15.40
CA PHE A 33 5.00 0.02 -15.75
C PHE A 33 3.95 -0.75 -16.55
N LYS A 34 2.78 -0.15 -16.69
CA LYS A 34 1.66 -0.76 -17.41
C LYS A 34 1.26 -2.08 -16.76
N LEU A 35 0.55 -1.99 -15.66
CA LEU A 35 0.16 -3.17 -14.89
C LEU A 35 -1.21 -3.68 -15.33
N VAL A 36 -1.55 -4.88 -14.87
CA VAL A 36 -2.80 -5.53 -15.26
C VAL A 36 -3.88 -5.30 -14.20
N LYS A 37 -5.09 -5.03 -14.64
CA LYS A 37 -6.21 -4.83 -13.71
C LYS A 37 -7.01 -6.13 -13.59
N VAL A 38 -7.22 -6.58 -12.36
CA VAL A 38 -7.89 -7.86 -12.15
C VAL A 38 -9.36 -7.71 -11.76
N GLY A 39 -9.66 -6.80 -10.83
CA GLY A 39 -11.04 -6.65 -10.40
C GLY A 39 -11.24 -5.50 -9.43
N THR A 40 -12.49 -5.25 -9.08
CA THR A 40 -12.86 -4.17 -8.19
C THR A 40 -13.41 -4.72 -6.87
N ILE A 41 -13.07 -4.08 -5.76
CA ILE A 41 -13.58 -4.50 -4.46
C ILE A 41 -14.37 -3.37 -3.80
N ASN A 42 -15.42 -3.73 -3.08
CA ASN A 42 -16.28 -2.75 -2.43
C ASN A 42 -16.20 -2.91 -0.92
N VAL A 43 -15.75 -1.85 -0.26
CA VAL A 43 -15.69 -1.83 1.18
C VAL A 43 -16.94 -1.17 1.74
N SER A 44 -17.78 -1.98 2.35
CA SER A 44 -19.04 -1.50 2.90
C SER A 44 -19.30 -2.14 4.27
N GLN A 45 -18.93 -1.41 5.32
CA GLN A 45 -19.11 -1.90 6.68
C GLN A 45 -19.82 -0.84 7.50
N SER A 46 -20.82 -1.24 8.27
CA SER A 46 -21.59 -0.31 9.07
C SER A 46 -20.84 0.09 10.34
N GLY A 47 -19.71 0.75 10.16
CA GLY A 47 -18.98 1.34 11.28
C GLY A 47 -18.19 0.34 12.11
N GLY A 48 -18.91 -0.50 12.84
CA GLY A 48 -18.32 -1.34 13.89
C GLY A 48 -17.09 -2.15 13.48
N GLN A 49 -17.01 -2.56 12.22
CA GLN A 49 -15.92 -3.42 11.77
C GLN A 49 -14.62 -2.64 11.55
N ILE A 50 -14.73 -1.36 11.25
CA ILE A 50 -13.57 -0.54 10.92
C ILE A 50 -13.50 0.69 11.81
N SER A 51 -12.46 0.80 12.62
CA SER A 51 -12.30 1.94 13.50
C SER A 51 -11.00 2.69 13.16
N SER A 52 -9.89 1.96 13.16
CA SER A 52 -8.60 2.54 12.87
C SER A 52 -8.15 2.11 11.47
N PRO A 53 -7.13 2.79 10.89
CA PRO A 53 -6.59 2.42 9.58
C PRO A 53 -6.02 1.00 9.58
N SER A 54 -5.57 0.57 10.75
CA SER A 54 -5.03 -0.76 10.95
C SER A 54 -6.12 -1.83 10.83
N ASP A 55 -7.35 -1.46 11.16
CA ASP A 55 -8.49 -2.36 10.98
C ASP A 55 -8.77 -2.52 9.51
N LEU A 56 -8.78 -1.39 8.81
CA LEU A 56 -9.12 -1.34 7.40
C LEU A 56 -8.11 -2.11 6.55
N ARG A 57 -6.82 -1.97 6.88
CA ARG A 57 -5.76 -2.59 6.07
C ARG A 57 -5.90 -4.11 6.03
N GLU A 58 -6.32 -4.72 7.14
CA GLU A 58 -6.49 -6.17 7.17
C GLU A 58 -7.65 -6.58 6.28
N LYS A 59 -8.69 -5.77 6.27
CA LYS A 59 -9.88 -6.03 5.48
C LYS A 59 -9.55 -5.92 3.99
N LEU A 60 -8.76 -4.92 3.66
CA LEU A 60 -8.36 -4.66 2.28
C LEU A 60 -7.37 -5.73 1.79
N SER A 61 -6.46 -6.13 2.66
CA SER A 61 -5.50 -7.16 2.32
C SER A 61 -6.22 -8.49 2.09
N GLU A 62 -7.23 -8.75 2.92
CA GLU A 62 -8.06 -9.95 2.81
C GLU A 62 -8.70 -10.05 1.42
N LEU A 63 -9.19 -8.93 0.92
CA LEU A 63 -9.85 -8.89 -0.37
C LEU A 63 -8.85 -9.06 -1.51
N ALA A 64 -7.75 -8.34 -1.44
CA ALA A 64 -6.76 -8.35 -2.52
C ALA A 64 -6.08 -9.71 -2.65
N ASP A 65 -5.73 -10.31 -1.52
CA ASP A 65 -5.09 -11.64 -1.50
C ASP A 65 -6.00 -12.73 -2.08
N ALA A 66 -7.30 -12.48 -2.04
CA ALA A 66 -8.27 -13.43 -2.58
C ALA A 66 -8.55 -13.15 -4.06
N LYS A 67 -8.11 -11.98 -4.53
CA LYS A 67 -8.30 -11.61 -5.92
C LYS A 67 -7.10 -12.07 -6.75
N GLY A 68 -5.91 -11.85 -6.20
CA GLY A 68 -4.70 -12.20 -6.90
C GLY A 68 -3.99 -10.99 -7.43
N GLY A 69 -3.51 -10.16 -6.52
CA GLY A 69 -2.76 -8.99 -6.90
C GLY A 69 -1.65 -8.66 -5.91
N LYS A 70 -0.77 -7.74 -6.28
CA LYS A 70 0.35 -7.36 -5.41
C LYS A 70 -0.02 -6.18 -4.53
N TYR A 71 -1.10 -5.50 -4.87
CA TYR A 71 -1.53 -4.31 -4.15
C TYR A 71 -2.97 -3.97 -4.53
N TYR A 72 -3.52 -2.97 -3.88
CA TYR A 72 -4.84 -2.48 -4.19
C TYR A 72 -4.79 -0.96 -4.23
N HIS A 73 -5.42 -0.35 -5.21
CA HIS A 73 -5.34 1.09 -5.32
C HIS A 73 -6.70 1.72 -5.00
N ILE A 74 -6.74 2.50 -3.93
CA ILE A 74 -7.98 3.18 -3.53
C ILE A 74 -8.27 4.31 -4.49
N ILE A 75 -9.53 4.44 -4.90
CA ILE A 75 -9.91 5.53 -5.79
C ILE A 75 -10.93 6.45 -5.11
N ALA A 76 -11.63 5.93 -4.10
CA ALA A 76 -12.63 6.72 -3.39
C ALA A 76 -12.90 6.13 -2.02
N ALA A 77 -13.23 6.97 -1.05
CA ALA A 77 -13.55 6.54 0.30
C ALA A 77 -14.29 7.63 1.04
N ARG A 78 -15.28 7.26 1.85
CA ARG A 78 -16.08 8.23 2.59
C ARG A 78 -16.91 7.55 3.68
N GLU A 79 -17.24 8.31 4.71
CA GLU A 79 -18.23 7.87 5.68
C GLU A 79 -19.62 8.29 5.22
N HIS A 80 -20.49 7.32 4.98
CA HIS A 80 -21.85 7.63 4.56
C HIS A 80 -22.80 7.36 5.72
N GLY A 81 -23.05 8.39 6.50
CA GLY A 81 -23.81 8.23 7.72
C GLY A 81 -23.04 7.41 8.73
N PRO A 82 -23.57 6.27 9.15
CA PRO A 82 -22.89 5.35 10.05
C PRO A 82 -22.16 4.23 9.28
N ASN A 83 -22.14 4.33 7.96
CA ASN A 83 -21.51 3.31 7.12
C ASN A 83 -20.16 3.79 6.62
N PHE A 84 -19.21 2.88 6.54
CA PHE A 84 -17.90 3.19 6.01
C PHE A 84 -17.79 2.64 4.59
N GLU A 85 -17.66 3.54 3.62
CA GLU A 85 -17.60 3.17 2.21
C GLU A 85 -16.22 3.45 1.64
N ALA A 86 -15.62 2.44 1.03
CA ALA A 86 -14.34 2.62 0.36
C ALA A 86 -14.31 1.83 -0.93
N VAL A 87 -13.85 2.47 -1.99
CA VAL A 87 -13.80 1.84 -3.30
C VAL A 87 -12.35 1.72 -3.76
N ALA A 88 -11.91 0.49 -3.95
CA ALA A 88 -10.56 0.22 -4.39
C ALA A 88 -10.56 -0.80 -5.51
N GLU A 89 -9.64 -0.65 -6.45
CA GLU A 89 -9.54 -1.59 -7.55
C GLU A 89 -8.18 -2.28 -7.49
N VAL A 90 -8.19 -3.59 -7.70
CA VAL A 90 -6.99 -4.39 -7.50
C VAL A 90 -6.24 -4.58 -8.81
N TYR A 91 -4.92 -4.42 -8.75
CA TYR A 91 -4.08 -4.61 -9.92
C TYR A 91 -3.08 -5.73 -9.68
N ASN A 92 -2.74 -6.41 -10.75
CA ASN A 92 -1.86 -7.56 -10.70
C ASN A 92 -0.43 -7.15 -10.98
N ASP A 93 0.51 -8.06 -10.70
CA ASP A 93 1.94 -7.84 -10.89
C ASP A 93 2.29 -7.69 -12.37
N ALA A 94 1.33 -8.04 -13.24
CA ALA A 94 1.50 -8.04 -14.69
C ALA A 94 2.35 -9.22 -15.13
N THR A 95 2.65 -10.09 -14.18
CA THR A 95 3.38 -11.30 -14.45
C THR A 95 2.50 -12.52 -14.18
N LYS A 96 1.56 -12.35 -13.23
CA LYS A 96 0.60 -13.39 -12.86
C LYS A 96 1.28 -14.59 -12.20
N LEU A 97 1.68 -15.55 -13.03
CA LEU A 97 2.42 -16.74 -12.56
C LEU A 97 1.53 -17.71 -11.78
N GLU A 98 2.10 -18.88 -11.51
CA GLU A 98 1.49 -19.92 -10.67
C GLU A 98 0.00 -20.13 -10.96
N HIS A 99 -0.30 -20.67 -12.12
CA HIS A 99 -1.65 -21.06 -12.47
C HIS A 99 -1.85 -22.53 -12.15
N HIS A 100 -2.38 -22.84 -10.99
CA HIS A 100 -2.56 -24.21 -10.56
C HIS A 100 -3.91 -24.74 -10.98
N HIS A 101 -4.02 -26.05 -11.08
CA HIS A 101 -5.23 -26.69 -11.58
C HIS A 101 -6.34 -26.56 -10.55
N HIS A 102 -7.52 -26.15 -11.02
CA HIS A 102 -8.66 -25.91 -10.15
C HIS A 102 -9.95 -26.28 -10.86
N HIS A 103 -11.01 -26.51 -10.10
CA HIS A 103 -12.30 -26.88 -10.68
C HIS A 103 -13.43 -26.50 -9.75
N HIS A 104 -14.35 -25.68 -10.24
CA HIS A 104 -15.52 -25.29 -9.49
C HIS A 104 -16.73 -25.19 -10.41
N MET B 1 -36.15 -0.88 -30.48
CA MET B 1 -37.28 -1.68 -29.94
C MET B 1 -37.34 -3.06 -30.57
N LYS B 2 -37.11 -3.14 -31.88
CA LYS B 2 -37.26 -4.41 -32.61
C LYS B 2 -36.15 -5.40 -32.27
N LYS B 3 -34.92 -4.98 -32.50
CA LYS B 3 -33.77 -5.84 -32.31
C LYS B 3 -32.79 -5.22 -31.32
N ARG B 4 -32.44 -5.99 -30.29
CA ARG B 4 -31.47 -5.53 -29.30
C ARG B 4 -30.78 -6.73 -28.65
N ILE B 5 -29.69 -7.17 -29.26
CA ILE B 5 -28.92 -8.29 -28.74
C ILE B 5 -27.56 -7.82 -28.25
N ILE B 6 -27.42 -7.68 -26.96
CA ILE B 6 -26.17 -7.26 -26.35
C ILE B 6 -26.06 -7.77 -24.92
N ALA B 7 -25.37 -8.89 -24.77
CA ALA B 7 -25.19 -9.50 -23.45
C ALA B 7 -23.73 -9.84 -23.23
N ALA B 8 -23.03 -8.98 -22.52
CA ALA B 8 -21.60 -9.17 -22.27
C ALA B 8 -21.37 -10.15 -21.14
N ALA B 9 -20.29 -10.92 -21.24
CA ALA B 9 -19.95 -11.91 -20.23
C ALA B 9 -18.87 -11.35 -19.29
N LEU B 10 -19.24 -11.12 -18.04
CA LEU B 10 -18.32 -10.55 -17.06
C LEU B 10 -17.66 -11.67 -16.25
N LEU B 11 -16.62 -12.26 -16.82
CA LEU B 11 -15.88 -13.33 -16.15
C LEU B 11 -14.38 -13.07 -16.25
N ALA B 12 -13.69 -13.16 -15.12
CA ALA B 12 -12.25 -12.98 -15.09
C ALA B 12 -11.58 -14.13 -14.36
N THR B 13 -10.81 -14.92 -15.10
CA THR B 13 -10.12 -16.05 -14.52
C THR B 13 -8.68 -15.67 -14.15
N VAL B 14 -8.52 -15.14 -12.94
CA VAL B 14 -7.21 -14.74 -12.46
C VAL B 14 -7.12 -14.93 -10.94
N ALA B 15 -8.19 -15.50 -10.37
CA ALA B 15 -8.29 -15.69 -8.93
C ALA B 15 -7.15 -16.55 -8.40
N SER B 16 -6.29 -15.93 -7.62
CA SER B 16 -5.15 -16.62 -7.04
C SER B 16 -5.01 -16.22 -5.57
N PHE B 17 -3.97 -16.72 -4.91
CA PHE B 17 -3.76 -16.44 -3.50
C PHE B 17 -2.27 -16.42 -3.18
N SER B 18 -1.91 -15.73 -2.12
CA SER B 18 -0.52 -15.68 -1.69
C SER B 18 -0.41 -16.00 -0.20
N THR B 19 -0.66 -14.97 0.62
CA THR B 19 -0.53 -15.06 2.08
C THR B 19 -1.04 -13.75 2.67
N LEU B 20 -0.31 -12.69 2.35
CA LEU B 20 -0.70 -11.34 2.65
C LEU B 20 -0.62 -10.54 1.36
N ALA B 21 -1.61 -9.72 1.10
CA ALA B 21 -1.68 -9.01 -0.17
C ALA B 21 -0.93 -7.68 -0.11
N ALA B 22 -1.54 -6.70 0.53
CA ALA B 22 -1.03 -5.35 0.51
C ALA B 22 -1.75 -4.47 1.51
N GLU B 23 -1.35 -3.20 1.57
CA GLU B 23 -1.91 -2.23 2.51
C GLU B 23 -1.23 -0.86 2.40
N GLN B 24 -2.06 0.18 2.37
CA GLN B 24 -1.61 1.57 2.26
C GLN B 24 -2.81 2.50 2.45
N VAL B 25 -2.55 3.74 2.83
CA VAL B 25 -3.60 4.72 3.03
C VAL B 25 -3.56 5.79 1.94
N SER B 26 -4.71 6.10 1.36
CA SER B 26 -4.78 7.13 0.34
C SER B 26 -5.07 8.48 0.98
N LYS B 27 -5.27 9.49 0.15
CA LYS B 27 -5.49 10.86 0.61
C LYS B 27 -6.66 10.94 1.58
N GLN B 28 -7.71 10.16 1.31
CA GLN B 28 -8.92 10.17 2.12
C GLN B 28 -8.62 9.68 3.54
N GLU B 29 -7.96 8.53 3.63
CA GLU B 29 -7.63 7.94 4.92
C GLU B 29 -6.73 8.86 5.74
N ILE B 30 -5.76 9.48 5.07
CA ILE B 30 -4.82 10.39 5.73
C ILE B 30 -5.57 11.50 6.47
N SER B 31 -6.47 12.17 5.77
CA SER B 31 -7.23 13.27 6.35
C SER B 31 -8.27 12.77 7.36
N HIS B 32 -8.75 11.55 7.15
CA HIS B 32 -9.81 10.99 7.98
C HIS B 32 -9.27 10.49 9.32
N PHE B 33 -8.18 9.72 9.28
CA PHE B 33 -7.68 9.08 10.48
C PHE B 33 -6.64 9.93 11.19
N LYS B 34 -6.41 11.15 10.67
CA LYS B 34 -5.44 12.09 11.26
C LYS B 34 -4.05 11.47 11.32
N LEU B 35 -3.69 10.77 10.25
CA LEU B 35 -2.43 10.06 10.19
C LEU B 35 -1.26 11.04 10.26
N VAL B 36 -0.37 10.79 11.21
CA VAL B 36 0.75 11.69 11.46
C VAL B 36 1.87 11.49 10.44
N LYS B 37 2.37 12.60 9.90
CA LYS B 37 3.47 12.55 8.95
C LYS B 37 4.79 12.35 9.68
N VAL B 38 5.45 11.24 9.38
CA VAL B 38 6.72 10.93 10.01
C VAL B 38 7.86 11.61 9.26
N GLY B 39 7.72 11.69 7.94
CA GLY B 39 8.71 12.35 7.12
C GLY B 39 8.56 12.02 5.66
N THR B 40 9.45 12.55 4.84
CA THR B 40 9.43 12.30 3.41
C THR B 40 10.61 11.43 3.01
N ILE B 41 10.37 10.43 2.17
CA ILE B 41 11.44 9.59 1.66
C ILE B 41 11.66 9.86 0.18
N ASN B 42 12.92 10.00 -0.19
CA ASN B 42 13.28 10.27 -1.57
C ASN B 42 14.19 9.17 -2.10
N VAL B 43 13.69 8.41 -3.06
CA VAL B 43 14.44 7.31 -3.63
C VAL B 43 15.01 7.71 -4.98
N SER B 44 16.33 7.81 -5.06
CA SER B 44 16.99 8.18 -6.31
C SER B 44 17.78 6.99 -6.86
N GLN B 45 17.22 6.34 -7.88
CA GLN B 45 17.82 5.15 -8.46
C GLN B 45 18.56 5.50 -9.74
N SER B 46 19.69 4.83 -9.96
CA SER B 46 20.49 5.07 -11.15
C SER B 46 20.19 4.04 -12.24
N GLY B 47 19.02 4.18 -12.85
CA GLY B 47 18.67 3.37 -14.00
C GLY B 47 18.43 1.91 -13.68
N GLY B 48 19.49 1.11 -13.79
CA GLY B 48 19.36 -0.35 -13.75
C GLY B 48 19.24 -0.91 -12.34
N GLN B 49 18.32 -0.36 -11.56
CA GLN B 49 18.01 -0.90 -10.24
C GLN B 49 16.50 -1.03 -10.09
N ILE B 50 15.77 -0.65 -11.13
CA ILE B 50 14.32 -0.75 -11.15
C ILE B 50 13.87 -1.40 -12.45
N SER B 51 13.20 -2.53 -12.33
CA SER B 51 12.77 -3.28 -13.49
C SER B 51 11.32 -3.73 -13.32
N SER B 52 11.05 -4.36 -12.18
CA SER B 52 9.72 -4.84 -11.85
C SER B 52 9.11 -3.97 -10.76
N PRO B 53 7.78 -4.04 -10.55
CA PRO B 53 7.13 -3.30 -9.46
C PRO B 53 7.74 -3.62 -8.09
N SER B 54 8.11 -4.87 -7.90
CA SER B 54 8.71 -5.31 -6.65
C SER B 54 10.11 -4.72 -6.44
N ASP B 55 10.79 -4.38 -7.54
CA ASP B 55 12.13 -3.80 -7.45
C ASP B 55 12.07 -2.44 -6.76
N LEU B 56 10.97 -1.73 -6.95
CA LEU B 56 10.76 -0.45 -6.27
C LEU B 56 10.14 -0.68 -4.90
N ARG B 57 9.23 -1.65 -4.86
CA ARG B 57 8.52 -2.04 -3.62
C ARG B 57 9.51 -2.29 -2.50
N GLU B 58 10.61 -2.99 -2.82
CA GLU B 58 11.65 -3.32 -1.85
C GLU B 58 12.21 -2.08 -1.16
N LYS B 59 12.57 -1.06 -1.93
CA LYS B 59 13.22 0.12 -1.39
C LYS B 59 12.25 0.98 -0.61
N LEU B 60 11.00 0.97 -1.03
CA LEU B 60 9.96 1.77 -0.38
C LEU B 60 9.73 1.30 1.04
N SER B 61 9.60 -0.01 1.23
CA SER B 61 9.41 -0.58 2.55
C SER B 61 10.66 -0.39 3.41
N GLU B 62 11.83 -0.50 2.77
CA GLU B 62 13.12 -0.34 3.46
C GLU B 62 13.22 1.03 4.14
N LEU B 63 12.96 2.08 3.39
CA LEU B 63 13.13 3.44 3.88
C LEU B 63 12.05 3.84 4.88
N ALA B 64 10.85 3.28 4.72
CA ALA B 64 9.74 3.65 5.58
C ALA B 64 9.91 3.06 6.98
N ASP B 65 10.41 1.84 7.06
CA ASP B 65 10.65 1.20 8.35
C ASP B 65 11.82 1.88 9.06
N ALA B 66 12.78 2.36 8.27
CA ALA B 66 13.95 3.04 8.80
C ALA B 66 13.59 4.39 9.42
N LYS B 67 12.47 4.95 9.01
CA LYS B 67 11.99 6.21 9.57
C LYS B 67 10.97 5.97 10.67
N GLY B 68 10.51 4.74 10.78
CA GLY B 68 9.54 4.39 11.82
C GLY B 68 8.13 4.79 11.44
N GLY B 69 7.68 4.36 10.27
CA GLY B 69 6.33 4.68 9.84
C GLY B 69 5.47 3.44 9.73
N LYS B 70 4.23 3.63 9.31
CA LYS B 70 3.32 2.50 9.11
C LYS B 70 2.90 2.41 7.65
N TYR B 71 2.51 3.52 7.06
CA TYR B 71 2.07 3.54 5.68
C TYR B 71 2.65 4.73 4.97
N TYR B 72 2.61 4.73 3.66
CA TYR B 72 3.24 5.80 2.91
C TYR B 72 2.44 6.13 1.67
N HIS B 73 2.38 7.41 1.36
CA HIS B 73 1.60 7.87 0.22
C HIS B 73 2.54 8.46 -0.83
N ILE B 74 2.75 7.71 -1.91
CA ILE B 74 3.61 8.16 -2.99
C ILE B 74 2.97 9.33 -3.72
N ILE B 75 3.49 10.52 -3.48
CA ILE B 75 2.93 11.74 -4.04
C ILE B 75 3.33 11.91 -5.50
N ALA B 76 4.58 11.59 -5.80
CA ALA B 76 5.09 11.77 -7.15
C ALA B 76 6.22 10.80 -7.45
N ALA B 77 6.13 10.14 -8.58
CA ALA B 77 7.18 9.26 -9.05
C ALA B 77 7.64 9.77 -10.42
N ARG B 78 8.79 10.43 -10.44
CA ARG B 78 9.23 11.09 -11.65
C ARG B 78 10.65 10.65 -12.00
N GLU B 79 10.84 10.21 -13.22
CA GLU B 79 12.12 9.69 -13.64
C GLU B 79 12.99 10.81 -14.20
N HIS B 80 14.19 10.93 -13.64
CA HIS B 80 15.12 11.99 -14.01
C HIS B 80 16.12 11.47 -15.03
N GLY B 81 15.71 11.45 -16.29
CA GLY B 81 16.55 10.92 -17.35
C GLY B 81 16.89 9.46 -17.13
N PRO B 82 18.18 9.13 -17.01
CA PRO B 82 18.63 7.76 -16.76
C PRO B 82 18.58 7.40 -15.28
N ASN B 83 17.96 8.28 -14.49
CA ASN B 83 17.77 8.05 -13.06
C ASN B 83 16.28 8.06 -12.75
N PHE B 84 15.92 7.62 -11.56
CA PHE B 84 14.51 7.58 -11.16
C PHE B 84 14.33 8.18 -9.77
N GLU B 85 13.41 9.14 -9.66
CA GLU B 85 13.17 9.83 -8.41
C GLU B 85 11.79 9.45 -7.85
N ALA B 86 11.77 8.71 -6.75
CA ALA B 86 10.52 8.35 -6.10
C ALA B 86 10.34 9.13 -4.79
N VAL B 87 9.27 9.90 -4.71
CA VAL B 87 9.00 10.71 -3.52
C VAL B 87 7.71 10.25 -2.85
N ALA B 88 7.81 9.88 -1.58
CA ALA B 88 6.64 9.40 -0.84
C ALA B 88 6.60 10.01 0.57
N GLU B 89 5.38 10.28 1.03
CA GLU B 89 5.16 10.78 2.38
C GLU B 89 4.90 9.62 3.32
N VAL B 90 5.70 9.51 4.38
CA VAL B 90 5.55 8.44 5.36
C VAL B 90 4.61 8.87 6.49
N TYR B 91 3.61 8.04 6.76
CA TYR B 91 2.64 8.35 7.80
C TYR B 91 2.58 7.22 8.84
N ASN B 92 2.13 7.57 10.03
CA ASN B 92 1.93 6.60 11.09
C ASN B 92 0.45 6.57 11.45
N ASP B 93 0.00 5.49 12.07
CA ASP B 93 -1.42 5.33 12.42
C ASP B 93 -1.80 6.25 13.58
N ALA B 94 -0.82 6.57 14.42
CA ALA B 94 -0.97 7.56 15.50
C ALA B 94 -1.96 7.11 16.58
N THR B 95 -2.33 5.84 16.59
CA THR B 95 -3.23 5.32 17.61
C THR B 95 -2.61 4.12 18.34
N LYS B 96 -1.71 3.42 17.65
CA LYS B 96 -0.98 2.28 18.21
C LYS B 96 -1.93 1.14 18.55
N LEU B 97 -3.01 1.03 17.79
CA LEU B 97 -3.98 -0.02 17.97
C LEU B 97 -4.24 -0.73 16.65
N GLU B 98 -3.94 -2.02 16.62
CA GLU B 98 -4.18 -2.82 15.42
C GLU B 98 -5.61 -3.31 15.39
N HIS B 99 -5.97 -4.01 14.32
CA HIS B 99 -7.31 -4.56 14.17
C HIS B 99 -7.60 -5.56 15.28
N HIS B 100 -8.65 -5.28 16.04
CA HIS B 100 -9.05 -6.18 17.11
C HIS B 100 -9.84 -7.35 16.55
N HIS B 101 -9.21 -8.52 16.55
CA HIS B 101 -9.84 -9.75 16.09
C HIS B 101 -11.02 -10.10 17.00
N HIS B 102 -12.20 -9.67 16.60
CA HIS B 102 -13.40 -9.83 17.41
C HIS B 102 -14.62 -10.05 16.53
N HIS B 103 -15.30 -11.15 16.75
CA HIS B 103 -16.56 -11.45 16.07
C HIS B 103 -17.36 -12.42 16.91
N HIS B 104 -18.52 -12.81 16.41
CA HIS B 104 -19.30 -13.85 17.05
C HIS B 104 -19.66 -14.89 16.01
N MET A 1 -10.35 16.46 4.14
CA MET A 1 -10.25 16.03 2.73
C MET A 1 -9.13 16.76 2.00
N LYS A 2 -8.83 17.99 2.42
CA LYS A 2 -7.78 18.77 1.78
C LYS A 2 -6.38 18.33 2.24
N LYS A 3 -5.39 18.64 1.40
CA LYS A 3 -3.99 18.34 1.68
C LYS A 3 -3.13 19.21 0.78
N ARG A 4 -2.64 20.31 1.32
CA ARG A 4 -1.92 21.29 0.52
C ARG A 4 -0.49 21.47 1.02
N ILE A 5 -0.24 21.15 2.27
CA ILE A 5 1.11 21.27 2.81
C ILE A 5 1.85 19.95 2.69
N ILE A 6 2.68 19.84 1.67
CA ILE A 6 3.52 18.67 1.49
C ILE A 6 4.98 19.08 1.69
N ALA A 7 5.51 18.75 2.86
CA ALA A 7 6.88 19.10 3.20
C ALA A 7 7.84 18.02 2.75
N ALA A 8 8.51 18.25 1.63
CA ALA A 8 9.46 17.28 1.10
C ALA A 8 10.78 17.34 1.85
N ALA A 9 11.11 16.25 2.52
CA ALA A 9 12.35 16.18 3.29
C ALA A 9 13.37 15.32 2.56
N LEU A 10 14.54 15.89 2.30
CA LEU A 10 15.60 15.16 1.63
C LEU A 10 16.55 14.53 2.65
N LEU A 11 16.30 13.26 2.94
CA LEU A 11 17.16 12.49 3.82
C LEU A 11 17.05 11.02 3.46
N ALA A 12 17.96 10.56 2.61
CA ALA A 12 17.87 9.22 2.05
C ALA A 12 18.50 8.17 2.97
N THR A 13 18.32 6.92 2.58
CA THR A 13 18.87 5.79 3.31
C THR A 13 19.34 4.74 2.31
N VAL A 14 20.56 4.23 2.48
CA VAL A 14 21.09 3.26 1.55
C VAL A 14 20.74 1.83 1.98
N ALA A 15 20.73 1.60 3.29
CA ALA A 15 20.40 0.28 3.82
C ALA A 15 20.21 0.34 5.33
N SER A 16 19.11 -0.21 5.80
CA SER A 16 18.82 -0.25 7.23
C SER A 16 17.98 -1.48 7.55
N PHE A 17 16.67 -1.37 7.33
CA PHE A 17 15.74 -2.46 7.58
C PHE A 17 14.60 -2.34 6.58
N SER A 18 13.73 -3.34 6.54
CA SER A 18 12.66 -3.34 5.57
C SER A 18 11.29 -3.34 6.25
N THR A 19 10.96 -4.45 6.92
CA THR A 19 9.67 -4.61 7.59
C THR A 19 8.51 -4.65 6.60
N LEU A 20 7.69 -5.68 6.70
CA LEU A 20 6.55 -5.81 5.82
C LEU A 20 5.36 -5.06 6.39
N ALA A 21 5.24 -3.80 5.98
CA ALA A 21 4.11 -2.97 6.35
C ALA A 21 3.91 -1.86 5.32
N ALA A 22 4.69 -1.92 4.24
CA ALA A 22 4.68 -0.89 3.23
C ALA A 22 4.64 -1.51 1.83
N GLU A 23 3.45 -1.58 1.25
CA GLU A 23 3.28 -2.20 -0.08
C GLU A 23 1.98 -1.77 -0.75
N GLN A 24 2.11 -0.98 -1.82
CA GLN A 24 0.98 -0.58 -2.66
C GLN A 24 1.49 0.19 -3.87
N VAL A 25 0.87 -0.04 -5.01
CA VAL A 25 1.26 0.63 -6.25
C VAL A 25 0.25 1.71 -6.63
N SER A 26 0.70 2.96 -6.63
CA SER A 26 -0.20 4.06 -6.94
C SER A 26 -0.36 4.22 -8.44
N LYS A 27 -1.27 5.10 -8.86
CA LYS A 27 -1.62 5.25 -10.26
C LYS A 27 -0.46 5.81 -11.07
N GLN A 28 0.48 6.44 -10.39
CA GLN A 28 1.66 7.00 -11.05
C GLN A 28 2.51 5.88 -11.66
N GLU A 29 2.84 4.89 -10.84
CA GLU A 29 3.60 3.74 -11.32
C GLU A 29 2.72 2.80 -12.12
N ILE A 30 1.43 2.77 -11.81
CA ILE A 30 0.48 1.98 -12.58
C ILE A 30 0.48 2.44 -14.04
N SER A 31 0.42 3.74 -14.25
CA SER A 31 0.45 4.32 -15.59
C SER A 31 1.85 4.24 -16.20
N HIS A 32 2.86 4.13 -15.33
CA HIS A 32 4.25 4.13 -15.76
C HIS A 32 4.73 2.73 -16.16
N PHE A 33 4.42 1.75 -15.32
CA PHE A 33 4.84 0.38 -15.57
C PHE A 33 3.76 -0.41 -16.30
N LYS A 34 2.55 0.14 -16.32
CA LYS A 34 1.40 -0.50 -16.98
C LYS A 34 1.08 -1.83 -16.29
N LEU A 35 0.46 -1.74 -15.13
CA LEU A 35 0.23 -2.91 -14.29
C LEU A 35 -1.08 -3.61 -14.65
N VAL A 36 -1.33 -4.72 -13.97
CA VAL A 36 -2.47 -5.57 -14.26
C VAL A 36 -3.56 -5.37 -13.21
N LYS A 37 -4.72 -4.86 -13.64
CA LYS A 37 -5.85 -4.68 -12.72
C LYS A 37 -6.60 -6.00 -12.54
N VAL A 38 -6.68 -6.44 -11.29
CA VAL A 38 -7.42 -7.66 -10.96
C VAL A 38 -8.91 -7.34 -10.92
N GLY A 39 -9.22 -6.14 -10.48
CA GLY A 39 -10.58 -5.72 -10.33
C GLY A 39 -10.69 -4.54 -9.38
N THR A 40 -11.87 -4.33 -8.83
CA THR A 40 -12.08 -3.23 -7.90
C THR A 40 -12.94 -3.70 -6.72
N ILE A 41 -12.44 -3.48 -5.51
CA ILE A 41 -13.14 -3.93 -4.31
C ILE A 41 -13.82 -2.77 -3.61
N ASN A 42 -15.05 -3.00 -3.18
CA ASN A 42 -15.84 -1.98 -2.52
C ASN A 42 -16.17 -2.39 -1.09
N VAL A 43 -15.76 -1.56 -0.14
CA VAL A 43 -16.08 -1.77 1.26
C VAL A 43 -17.35 -1.01 1.62
N SER A 44 -18.23 -1.62 2.39
CA SER A 44 -19.48 -0.98 2.78
C SER A 44 -20.03 -1.61 4.05
N GLN A 45 -19.48 -1.18 5.19
CA GLN A 45 -19.95 -1.63 6.49
C GLN A 45 -20.30 -0.43 7.34
N SER A 46 -21.10 -0.64 8.37
CA SER A 46 -21.44 0.44 9.29
C SER A 46 -20.19 0.90 10.04
N GLY A 47 -20.25 2.12 10.57
CA GLY A 47 -19.11 2.69 11.28
C GLY A 47 -18.90 2.08 12.65
N GLY A 48 -18.86 0.76 12.68
CA GLY A 48 -18.60 0.03 13.91
C GLY A 48 -17.74 -1.19 13.66
N GLN A 49 -17.96 -1.83 12.52
CA GLN A 49 -17.13 -2.95 12.09
C GLN A 49 -15.74 -2.47 11.72
N ILE A 50 -15.68 -1.23 11.23
CA ILE A 50 -14.41 -0.58 10.94
C ILE A 50 -14.17 0.51 11.99
N SER A 51 -13.42 0.18 13.03
CA SER A 51 -13.23 1.10 14.13
C SER A 51 -11.83 1.71 14.11
N SER A 52 -11.02 1.30 13.14
CA SER A 52 -9.66 1.78 13.02
C SER A 52 -9.13 1.50 11.62
N PRO A 53 -8.01 2.16 11.23
CA PRO A 53 -7.34 1.85 9.97
C PRO A 53 -6.84 0.40 9.94
N SER A 54 -6.61 -0.16 11.14
CA SER A 54 -6.18 -1.52 11.28
C SER A 54 -7.29 -2.49 10.83
N ASP A 55 -8.51 -2.22 11.27
CA ASP A 55 -9.67 -3.04 10.87
C ASP A 55 -9.79 -3.03 9.36
N LEU A 56 -9.67 -1.84 8.77
CA LEU A 56 -9.80 -1.66 7.33
C LEU A 56 -8.69 -2.40 6.59
N ARG A 57 -7.48 -2.35 7.14
CA ARG A 57 -6.33 -3.00 6.50
C ARG A 57 -6.55 -4.49 6.35
N GLU A 58 -7.03 -5.12 7.42
CA GLU A 58 -7.25 -6.57 7.43
C GLU A 58 -8.32 -6.97 6.41
N LYS A 59 -9.23 -6.04 6.12
CA LYS A 59 -10.29 -6.29 5.15
C LYS A 59 -9.76 -6.17 3.74
N LEU A 60 -9.13 -5.04 3.44
CA LEU A 60 -8.67 -4.74 2.10
C LEU A 60 -7.59 -5.73 1.63
N SER A 61 -6.67 -6.07 2.53
CA SER A 61 -5.61 -7.00 2.21
C SER A 61 -6.18 -8.38 1.88
N GLU A 62 -7.11 -8.83 2.71
CA GLU A 62 -7.73 -10.13 2.55
C GLU A 62 -8.47 -10.22 1.20
N LEU A 63 -9.22 -9.17 0.88
CA LEU A 63 -9.98 -9.12 -0.36
C LEU A 63 -9.06 -9.16 -1.58
N ALA A 64 -7.94 -8.44 -1.50
CA ALA A 64 -6.98 -8.38 -2.59
C ALA A 64 -6.29 -9.73 -2.79
N ASP A 65 -5.90 -10.34 -1.68
CA ASP A 65 -5.21 -11.63 -1.69
C ASP A 65 -6.13 -12.71 -2.28
N ALA A 66 -7.38 -12.71 -1.84
CA ALA A 66 -8.35 -13.71 -2.27
C ALA A 66 -8.79 -13.49 -3.72
N LYS A 67 -8.63 -12.27 -4.21
CA LYS A 67 -8.95 -11.97 -5.60
C LYS A 67 -7.82 -12.40 -6.52
N GLY A 68 -6.67 -12.72 -5.92
CA GLY A 68 -5.53 -13.18 -6.70
C GLY A 68 -4.58 -12.04 -7.02
N GLY A 69 -4.71 -10.94 -6.30
CA GLY A 69 -3.86 -9.80 -6.54
C GLY A 69 -2.93 -9.54 -5.36
N LYS A 70 -2.45 -8.32 -5.26
CA LYS A 70 -1.58 -7.94 -4.15
C LYS A 70 -1.93 -6.55 -3.64
N TYR A 71 -1.80 -5.57 -4.51
CA TYR A 71 -1.93 -4.18 -4.11
C TYR A 71 -3.31 -3.65 -4.41
N TYR A 72 -3.71 -2.62 -3.70
CA TYR A 72 -5.01 -2.01 -3.90
C TYR A 72 -4.91 -0.50 -3.75
N HIS A 73 -5.31 0.23 -4.77
CA HIS A 73 -5.24 1.67 -4.73
C HIS A 73 -6.58 2.25 -4.32
N ILE A 74 -6.63 2.79 -3.11
CA ILE A 74 -7.85 3.39 -2.62
C ILE A 74 -8.06 4.72 -3.31
N ILE A 75 -9.00 4.76 -4.24
CA ILE A 75 -9.28 5.96 -5.00
C ILE A 75 -10.25 6.85 -4.25
N ALA A 76 -11.00 6.26 -3.33
CA ALA A 76 -11.98 7.00 -2.56
C ALA A 76 -12.33 6.27 -1.28
N ALA A 77 -12.11 6.92 -0.15
CA ALA A 77 -12.49 6.38 1.14
C ALA A 77 -13.38 7.37 1.86
N ARG A 78 -14.68 7.16 1.75
CA ARG A 78 -15.64 8.11 2.30
C ARG A 78 -16.58 7.40 3.25
N GLU A 79 -17.52 8.15 3.80
CA GLU A 79 -18.53 7.59 4.67
C GLU A 79 -19.85 7.52 3.93
N HIS A 80 -20.73 6.65 4.38
CA HIS A 80 -22.08 6.59 3.84
C HIS A 80 -23.07 6.74 4.98
N GLY A 81 -23.02 7.91 5.61
CA GLY A 81 -23.83 8.16 6.78
C GLY A 81 -23.29 7.43 7.99
N PRO A 82 -24.04 6.46 8.53
CA PRO A 82 -23.57 5.61 9.62
C PRO A 82 -22.72 4.44 9.12
N ASN A 83 -22.18 4.58 7.92
CA ASN A 83 -21.39 3.52 7.29
C ASN A 83 -20.09 4.09 6.76
N PHE A 84 -19.15 3.21 6.47
CA PHE A 84 -17.88 3.60 5.86
C PHE A 84 -17.67 2.83 4.57
N GLU A 85 -17.34 3.54 3.49
CA GLU A 85 -17.18 2.91 2.19
C GLU A 85 -15.84 3.28 1.56
N ALA A 86 -15.01 2.27 1.35
CA ALA A 86 -13.73 2.46 0.71
C ALA A 86 -13.69 1.74 -0.64
N VAL A 87 -13.29 2.48 -1.67
CA VAL A 87 -13.19 1.92 -3.02
C VAL A 87 -11.73 1.78 -3.40
N ALA A 88 -11.28 0.54 -3.61
CA ALA A 88 -9.88 0.29 -3.92
C ALA A 88 -9.74 -0.52 -5.20
N GLU A 89 -8.79 -0.13 -6.03
CA GLU A 89 -8.49 -0.85 -7.26
C GLU A 89 -7.39 -1.88 -7.00
N VAL A 90 -7.72 -3.14 -7.21
CA VAL A 90 -6.78 -4.22 -6.96
C VAL A 90 -5.90 -4.46 -8.19
N TYR A 91 -4.59 -4.47 -7.99
CA TYR A 91 -3.66 -4.71 -9.07
C TYR A 91 -2.73 -5.88 -8.74
N ASN A 92 -2.34 -6.62 -9.76
CA ASN A 92 -1.42 -7.74 -9.59
C ASN A 92 0.01 -7.25 -9.55
N ASP A 93 0.89 -8.09 -9.06
CA ASP A 93 2.32 -7.84 -9.15
C ASP A 93 2.74 -8.10 -10.60
N ALA A 94 3.56 -7.21 -11.16
CA ALA A 94 4.00 -7.37 -12.53
C ALA A 94 5.00 -8.52 -12.62
N THR A 95 4.46 -9.73 -12.71
CA THR A 95 5.26 -10.94 -12.75
C THR A 95 4.34 -12.16 -12.91
N LYS A 96 3.12 -12.03 -12.37
CA LYS A 96 2.10 -13.09 -12.50
C LYS A 96 2.46 -14.32 -11.66
N LEU A 97 1.52 -15.25 -11.53
CA LEU A 97 1.75 -16.50 -10.79
C LEU A 97 2.01 -16.21 -9.31
N GLU A 98 2.84 -17.06 -8.68
CA GLU A 98 3.19 -16.94 -7.25
C GLU A 98 2.02 -17.29 -6.34
N HIS A 99 1.01 -16.43 -6.35
CA HIS A 99 -0.12 -16.54 -5.44
C HIS A 99 -1.11 -17.59 -5.92
N HIS A 100 -0.75 -18.86 -5.78
CA HIS A 100 -1.63 -19.94 -6.21
C HIS A 100 -1.68 -21.04 -5.15
N HIS A 101 -1.41 -20.66 -3.90
CA HIS A 101 -1.43 -21.59 -2.75
C HIS A 101 -0.27 -22.57 -2.82
N HIS A 102 0.05 -23.18 -1.67
CA HIS A 102 1.03 -24.25 -1.59
C HIS A 102 2.42 -23.77 -2.01
N HIS A 103 2.67 -22.47 -1.92
CA HIS A 103 3.94 -21.92 -2.37
C HIS A 103 4.96 -21.91 -1.22
N HIS A 104 4.56 -22.42 -0.07
CA HIS A 104 5.46 -22.51 1.07
C HIS A 104 5.17 -23.77 1.86
N MET B 1 -6.09 10.68 -10.07
CA MET B 1 -5.45 10.91 -8.75
C MET B 1 -6.37 11.73 -7.85
N LYS B 2 -7.19 12.58 -8.45
CA LYS B 2 -8.16 13.36 -7.70
C LYS B 2 -9.43 12.55 -7.50
N LYS B 3 -10.40 13.10 -6.78
CA LYS B 3 -11.60 12.36 -6.42
C LYS B 3 -12.44 12.04 -7.66
N ARG B 4 -12.89 10.79 -7.75
CA ARG B 4 -13.71 10.34 -8.86
C ARG B 4 -14.83 9.45 -8.36
N ILE B 5 -15.73 9.09 -9.26
CA ILE B 5 -16.84 8.23 -8.92
C ILE B 5 -16.90 7.04 -9.88
N ILE B 6 -17.29 5.89 -9.36
CA ILE B 6 -17.42 4.70 -10.17
C ILE B 6 -18.87 4.20 -10.14
N ALA B 7 -19.58 4.41 -11.24
CA ALA B 7 -20.95 3.93 -11.37
C ALA B 7 -20.96 2.45 -11.71
N ALA B 8 -21.97 1.73 -11.22
CA ALA B 8 -22.07 0.29 -11.41
C ALA B 8 -20.85 -0.43 -10.83
N ALA B 9 -20.78 -0.45 -9.51
CA ALA B 9 -19.67 -1.10 -8.82
C ALA B 9 -20.01 -2.54 -8.48
N LEU B 10 -18.99 -3.32 -8.11
CA LEU B 10 -19.19 -4.71 -7.78
C LEU B 10 -19.07 -4.92 -6.28
N LEU B 11 -19.54 -6.06 -5.80
CA LEU B 11 -19.45 -6.40 -4.38
C LEU B 11 -18.74 -7.73 -4.21
N ALA B 12 -17.52 -7.68 -3.70
CA ALA B 12 -16.75 -8.89 -3.48
C ALA B 12 -16.30 -8.98 -2.03
N THR B 13 -16.80 -9.99 -1.33
CA THR B 13 -16.39 -10.24 0.04
C THR B 13 -15.59 -11.56 0.09
N VAL B 14 -14.93 -11.85 -1.02
CA VAL B 14 -14.14 -13.06 -1.15
C VAL B 14 -12.91 -13.00 -0.25
N ALA B 15 -12.81 -13.94 0.67
CA ALA B 15 -11.69 -13.98 1.60
C ALA B 15 -11.04 -15.37 1.59
N SER B 16 -9.76 -15.42 1.92
CA SER B 16 -9.05 -16.68 2.00
C SER B 16 -9.04 -17.18 3.44
N PHE B 17 -8.43 -16.39 4.32
CA PHE B 17 -8.35 -16.75 5.74
C PHE B 17 -7.65 -15.63 6.49
N SER B 18 -6.38 -15.41 6.15
CA SER B 18 -5.58 -14.34 6.74
C SER B 18 -4.29 -14.16 5.96
N THR B 19 -4.19 -13.06 5.21
CA THR B 19 -2.99 -12.77 4.45
C THR B 19 -1.95 -12.05 5.31
N LEU B 20 -0.86 -11.63 4.69
CA LEU B 20 0.24 -11.01 5.43
C LEU B 20 0.46 -9.56 5.02
N ALA B 21 0.46 -9.32 3.72
CA ALA B 21 0.78 -7.99 3.18
C ALA B 21 -0.44 -7.31 2.59
N ALA B 22 -0.21 -6.44 1.60
CA ALA B 22 -1.26 -5.64 0.95
C ALA B 22 -1.72 -4.53 1.88
N GLU B 23 -1.13 -3.35 1.72
CA GLU B 23 -1.30 -2.27 2.70
C GLU B 23 -1.16 -0.90 2.04
N GLN B 24 -0.82 0.11 2.85
CA GLN B 24 -0.51 1.47 2.38
C GLN B 24 -1.77 2.29 2.15
N VAL B 25 -1.68 3.60 2.42
CA VAL B 25 -2.82 4.49 2.31
C VAL B 25 -2.61 5.54 1.22
N SER B 26 -3.69 6.05 0.67
CA SER B 26 -3.61 7.02 -0.41
C SER B 26 -3.80 8.45 0.10
N LYS B 27 -4.98 9.03 -0.09
CA LYS B 27 -5.18 10.45 0.18
C LYS B 27 -6.34 10.66 1.17
N GLN B 28 -7.52 10.17 0.80
CA GLN B 28 -8.73 10.40 1.58
C GLN B 28 -8.60 9.79 2.98
N GLU B 29 -7.96 8.63 3.03
CA GLU B 29 -7.79 7.90 4.27
C GLU B 29 -6.99 8.70 5.28
N ILE B 30 -6.01 9.45 4.78
CA ILE B 30 -5.14 10.25 5.64
C ILE B 30 -5.95 11.28 6.42
N SER B 31 -6.74 12.06 5.69
CA SER B 31 -7.52 13.14 6.29
C SER B 31 -8.69 12.58 7.11
N HIS B 32 -9.10 11.35 6.81
CA HIS B 32 -10.26 10.75 7.46
C HIS B 32 -9.88 10.05 8.76
N PHE B 33 -8.79 9.28 8.73
CA PHE B 33 -8.38 8.51 9.91
C PHE B 33 -7.33 9.25 10.72
N LYS B 34 -6.69 10.24 10.09
CA LYS B 34 -5.63 11.03 10.73
C LYS B 34 -4.44 10.17 11.09
N LEU B 35 -3.64 9.85 10.07
CA LEU B 35 -2.42 9.10 10.27
C LEU B 35 -1.25 10.07 10.40
N VAL B 36 -0.33 9.75 11.31
CA VAL B 36 0.80 10.63 11.56
C VAL B 36 1.85 10.52 10.46
N LYS B 37 2.21 11.65 9.89
CA LYS B 37 3.23 11.67 8.84
C LYS B 37 4.61 11.71 9.46
N VAL B 38 5.30 10.58 9.38
CA VAL B 38 6.63 10.44 9.96
C VAL B 38 7.64 11.32 9.22
N GLY B 39 7.45 11.46 7.92
CA GLY B 39 8.34 12.28 7.13
C GLY B 39 8.11 12.08 5.65
N THR B 40 9.18 12.24 4.89
CA THR B 40 9.12 12.12 3.44
C THR B 40 10.36 11.37 2.94
N ILE B 41 10.18 10.51 1.95
CA ILE B 41 11.28 9.77 1.37
C ILE B 41 11.41 10.05 -0.11
N ASN B 42 12.64 10.20 -0.57
CA ASN B 42 12.90 10.50 -1.96
C ASN B 42 13.91 9.49 -2.50
N VAL B 43 13.47 8.66 -3.42
CA VAL B 43 14.30 7.59 -3.94
C VAL B 43 14.87 7.99 -5.30
N SER B 44 16.16 8.26 -5.34
CA SER B 44 16.83 8.59 -6.58
C SER B 44 17.54 7.37 -7.13
N GLN B 45 17.02 6.81 -8.21
CA GLN B 45 17.64 5.64 -8.81
C GLN B 45 18.49 6.04 -10.00
N SER B 46 19.42 5.18 -10.33
CA SER B 46 20.25 5.34 -11.49
C SER B 46 19.63 4.65 -12.70
N GLY B 47 18.38 4.23 -12.55
CA GLY B 47 17.70 3.51 -13.61
C GLY B 47 17.81 2.01 -13.42
N GLY B 48 19.04 1.51 -13.42
CA GLY B 48 19.26 0.07 -13.30
C GLY B 48 19.13 -0.43 -11.86
N GLN B 49 18.03 -0.07 -11.22
CA GLN B 49 17.74 -0.52 -9.86
C GLN B 49 16.28 -0.92 -9.74
N ILE B 50 15.48 -0.53 -10.73
CA ILE B 50 14.06 -0.85 -10.73
C ILE B 50 13.70 -1.55 -12.04
N SER B 51 13.62 -2.86 -12.00
CA SER B 51 13.26 -3.64 -13.19
C SER B 51 11.78 -3.99 -13.14
N SER B 52 11.24 -4.03 -11.92
CA SER B 52 9.83 -4.32 -11.71
C SER B 52 9.36 -3.65 -10.42
N PRO B 53 8.02 -3.55 -10.20
CA PRO B 53 7.46 -2.97 -8.98
C PRO B 53 7.99 -3.66 -7.72
N SER B 54 8.38 -4.93 -7.89
CA SER B 54 9.01 -5.69 -6.82
C SER B 54 10.22 -4.96 -6.25
N ASP B 55 10.96 -4.27 -7.10
CA ASP B 55 12.16 -3.57 -6.68
C ASP B 55 11.80 -2.31 -5.90
N LEU B 56 10.77 -1.62 -6.37
CA LEU B 56 10.34 -0.36 -5.76
C LEU B 56 9.93 -0.58 -4.30
N ARG B 57 9.14 -1.61 -4.05
CA ARG B 57 8.64 -1.89 -2.70
C ARG B 57 9.79 -2.21 -1.74
N GLU B 58 10.86 -2.80 -2.27
CA GLU B 58 12.01 -3.17 -1.45
C GLU B 58 12.79 -1.92 -1.05
N LYS B 59 12.86 -0.95 -1.97
CA LYS B 59 13.54 0.30 -1.69
C LYS B 59 12.72 1.19 -0.77
N LEU B 60 11.41 1.21 -0.99
CA LEU B 60 10.51 2.05 -0.20
C LEU B 60 10.45 1.60 1.26
N SER B 61 10.35 0.30 1.49
CA SER B 61 10.29 -0.23 2.84
C SER B 61 11.62 -0.02 3.56
N GLU B 62 12.71 -0.11 2.80
CA GLU B 62 14.05 0.13 3.30
C GLU B 62 14.12 1.52 3.96
N LEU B 63 13.55 2.50 3.28
CA LEU B 63 13.51 3.87 3.76
C LEU B 63 12.50 4.02 4.89
N ALA B 64 11.35 3.39 4.73
CA ALA B 64 10.23 3.55 5.66
C ALA B 64 10.60 3.11 7.08
N ASP B 65 11.20 1.94 7.21
CA ASP B 65 11.53 1.42 8.53
C ASP B 65 12.66 2.22 9.16
N ALA B 66 13.53 2.76 8.32
CA ALA B 66 14.62 3.63 8.78
C ALA B 66 14.06 4.93 9.36
N LYS B 67 12.86 5.27 8.93
CA LYS B 67 12.16 6.44 9.44
C LYS B 67 11.32 6.05 10.66
N GLY B 68 11.00 4.76 10.75
CA GLY B 68 10.17 4.28 11.83
C GLY B 68 8.70 4.35 11.48
N GLY B 69 8.41 4.33 10.19
CA GLY B 69 7.04 4.41 9.73
C GLY B 69 6.46 3.06 9.38
N LYS B 70 5.34 3.06 8.68
CA LYS B 70 4.68 1.83 8.29
C LYS B 70 4.31 1.89 6.82
N TYR B 71 3.37 2.77 6.50
CA TYR B 71 2.86 2.90 5.15
C TYR B 71 3.51 4.11 4.49
N TYR B 72 3.75 4.02 3.21
CA TYR B 72 4.27 5.15 2.45
C TYR B 72 3.15 5.75 1.62
N HIS B 73 3.39 6.91 1.04
CA HIS B 73 2.42 7.46 0.10
C HIS B 73 3.14 8.06 -1.10
N ILE B 74 3.14 7.32 -2.19
CA ILE B 74 3.80 7.78 -3.41
C ILE B 74 3.00 8.92 -4.04
N ILE B 75 3.65 10.05 -4.22
CA ILE B 75 3.00 11.24 -4.74
C ILE B 75 3.54 11.61 -6.11
N ALA B 76 4.79 11.29 -6.38
CA ALA B 76 5.41 11.65 -7.65
C ALA B 76 6.50 10.65 -8.04
N ALA B 77 6.21 9.83 -9.03
CA ALA B 77 7.21 8.93 -9.60
C ALA B 77 7.65 9.46 -10.95
N ARG B 78 8.76 10.18 -10.97
CA ARG B 78 9.17 10.90 -12.17
C ARG B 78 10.60 10.57 -12.56
N GLU B 79 10.83 10.37 -13.84
CA GLU B 79 12.17 10.08 -14.33
C GLU B 79 12.92 11.38 -14.64
N HIS B 80 14.04 11.57 -13.96
CA HIS B 80 14.87 12.74 -14.18
C HIS B 80 16.02 12.35 -15.10
N GLY B 81 15.73 12.27 -16.38
CA GLY B 81 16.72 11.82 -17.35
C GLY B 81 17.02 10.34 -17.18
N PRO B 82 18.30 9.97 -17.02
CA PRO B 82 18.70 8.58 -16.80
C PRO B 82 18.46 8.14 -15.35
N ASN B 83 17.82 9.00 -14.58
CA ASN B 83 17.55 8.71 -13.17
C ASN B 83 16.06 8.54 -12.95
N PHE B 84 15.70 7.75 -11.96
CA PHE B 84 14.30 7.56 -11.59
C PHE B 84 14.10 8.10 -10.18
N GLU B 85 13.32 9.16 -10.08
CA GLU B 85 13.08 9.82 -8.79
C GLU B 85 11.71 9.43 -8.26
N ALA B 86 11.68 8.64 -7.20
CA ALA B 86 10.43 8.28 -6.57
C ALA B 86 10.21 9.10 -5.30
N VAL B 87 9.19 9.93 -5.31
CA VAL B 87 8.89 10.77 -4.16
C VAL B 87 7.67 10.24 -3.42
N ALA B 88 7.85 9.92 -2.15
CA ALA B 88 6.77 9.35 -1.35
C ALA B 88 6.76 9.94 0.05
N GLU B 89 5.58 9.97 0.65
CA GLU B 89 5.44 10.42 2.04
C GLU B 89 5.54 9.20 2.96
N VAL B 90 5.87 9.43 4.21
CA VAL B 90 5.94 8.34 5.19
C VAL B 90 4.88 8.52 6.27
N TYR B 91 4.05 7.51 6.47
CA TYR B 91 3.01 7.58 7.48
C TYR B 91 3.12 6.41 8.44
N ASN B 92 2.60 6.60 9.63
CA ASN B 92 2.59 5.55 10.65
C ASN B 92 1.14 5.24 11.01
N ASP B 93 0.89 4.03 11.53
CA ASP B 93 -0.46 3.61 11.90
C ASP B 93 -1.01 4.46 13.05
N ALA B 94 -0.09 5.05 13.81
CA ALA B 94 -0.42 6.01 14.86
C ALA B 94 -1.10 5.36 16.07
N THR B 95 -1.06 4.04 16.14
CA THR B 95 -1.66 3.33 17.27
C THR B 95 -0.80 2.13 17.70
N LYS B 96 -0.77 1.09 16.87
CA LYS B 96 -0.08 -0.16 17.20
C LYS B 96 -0.76 -0.92 18.34
N LEU B 97 -0.99 -2.22 18.09
CA LEU B 97 -1.48 -3.20 19.08
C LEU B 97 -2.86 -2.88 19.68
N GLU B 98 -3.69 -3.91 19.75
CA GLU B 98 -5.02 -3.79 20.35
C GLU B 98 -4.92 -3.68 21.86
N HIS B 99 -6.05 -3.32 22.50
CA HIS B 99 -6.11 -3.07 23.95
C HIS B 99 -5.37 -1.79 24.30
N HIS B 100 -4.11 -1.71 23.89
CA HIS B 100 -3.29 -0.51 24.04
C HIS B 100 -2.92 -0.26 25.50
N HIS B 101 -1.94 0.63 25.72
CA HIS B 101 -1.48 0.99 27.06
C HIS B 101 -0.73 -0.18 27.71
N HIS B 102 -0.41 -0.03 29.00
CA HIS B 102 0.23 -1.07 29.80
C HIS B 102 1.69 -1.28 29.41
N HIS B 103 2.59 -0.87 30.29
CA HIS B 103 4.02 -1.13 30.14
C HIS B 103 4.62 -1.50 31.48
N HIS B 104 5.22 -2.68 31.56
CA HIS B 104 5.81 -3.15 32.78
C HIS B 104 7.31 -3.38 32.58
N MET A 1 -5.30 14.15 -17.22
CA MET A 1 -5.52 15.58 -16.85
C MET A 1 -6.80 15.72 -16.04
N LYS A 2 -6.72 16.40 -14.91
CA LYS A 2 -7.89 16.70 -14.11
C LYS A 2 -7.61 17.90 -13.22
N LYS A 3 -7.19 17.65 -11.99
CA LYS A 3 -6.78 18.71 -11.07
C LYS A 3 -5.66 18.19 -10.17
N ARG A 4 -4.66 19.02 -9.93
CA ARG A 4 -3.55 18.62 -9.07
C ARG A 4 -3.28 19.69 -8.01
N ILE A 5 -3.55 19.33 -6.77
CA ILE A 5 -3.28 20.21 -5.65
C ILE A 5 -2.18 19.62 -4.77
N ILE A 6 -1.12 20.38 -4.55
CA ILE A 6 0.01 19.89 -3.78
C ILE A 6 -0.06 20.38 -2.33
N ALA A 7 0.10 19.45 -1.41
CA ALA A 7 0.10 19.75 0.01
C ALA A 7 0.72 18.61 0.79
N ALA A 8 2.03 18.70 1.00
CA ALA A 8 2.78 17.67 1.69
C ALA A 8 3.98 18.27 2.41
N ALA A 9 4.97 17.42 2.71
CA ALA A 9 6.20 17.82 3.38
C ALA A 9 5.95 18.18 4.83
N LEU A 10 5.78 17.14 5.65
CA LEU A 10 5.51 17.30 7.07
C LEU A 10 6.24 16.19 7.85
N LEU A 11 6.43 16.40 9.15
CA LEU A 11 7.03 15.39 10.01
C LEU A 11 6.70 15.70 11.46
N ALA A 12 6.78 14.69 12.31
CA ALA A 12 6.48 14.85 13.73
C ALA A 12 7.47 14.06 14.59
N THR A 13 7.48 12.75 14.40
CA THR A 13 8.38 11.88 15.14
C THR A 13 8.73 10.65 14.33
N VAL A 14 10.03 10.45 14.10
CA VAL A 14 10.50 9.26 13.41
C VAL A 14 10.64 8.10 14.38
N ALA A 15 10.51 6.88 13.88
CA ALA A 15 10.54 5.70 14.74
C ALA A 15 11.59 4.71 14.27
N SER A 16 11.46 3.46 14.73
CA SER A 16 12.41 2.42 14.38
C SER A 16 11.70 1.29 13.65
N PHE A 17 12.43 0.20 13.42
CA PHE A 17 11.95 -0.94 12.64
C PHE A 17 10.91 -1.74 13.43
N SER A 18 10.16 -2.56 12.71
CA SER A 18 9.22 -3.48 13.33
C SER A 18 9.11 -4.74 12.48
N THR A 19 8.78 -4.55 11.21
CA THR A 19 8.68 -5.63 10.23
C THR A 19 8.72 -5.00 8.84
N LEU A 20 9.40 -5.65 7.90
CA LEU A 20 9.46 -5.15 6.54
C LEU A 20 8.06 -5.12 5.92
N ALA A 21 7.44 -3.95 5.95
CA ALA A 21 6.10 -3.77 5.45
C ALA A 21 6.00 -2.48 4.64
N ALA A 22 4.81 -1.88 4.63
CA ALA A 22 4.52 -0.69 3.82
C ALA A 22 4.40 -1.06 2.35
N GLU A 23 3.19 -0.97 1.83
CA GLU A 23 2.88 -1.48 0.49
C GLU A 23 2.08 -0.45 -0.30
N GLN A 24 1.76 -0.79 -1.55
CA GLN A 24 0.94 0.02 -2.47
C GLN A 24 1.80 0.87 -3.40
N VAL A 25 1.42 0.86 -4.67
CA VAL A 25 2.02 1.73 -5.66
C VAL A 25 1.01 2.79 -6.06
N SER A 26 1.48 3.93 -6.55
CA SER A 26 0.57 4.99 -6.93
C SER A 26 0.33 4.97 -8.44
N LYS A 27 -0.43 5.94 -8.93
CA LYS A 27 -0.92 5.92 -10.30
C LYS A 27 0.23 6.03 -11.31
N GLN A 28 1.31 6.67 -10.90
CA GLN A 28 2.46 6.86 -11.79
C GLN A 28 3.00 5.51 -12.25
N GLU A 29 3.21 4.61 -11.30
CA GLU A 29 3.85 3.34 -11.57
C GLU A 29 2.92 2.36 -12.27
N ILE A 30 1.62 2.54 -12.07
CA ILE A 30 0.64 1.73 -12.78
C ILE A 30 0.82 1.88 -14.29
N SER A 31 0.84 3.11 -14.75
CA SER A 31 1.06 3.42 -16.16
C SER A 31 2.54 3.21 -16.53
N HIS A 32 3.41 3.29 -15.54
CA HIS A 32 4.85 3.17 -15.75
C HIS A 32 5.23 1.73 -16.13
N PHE A 33 4.81 0.77 -15.32
CA PHE A 33 5.16 -0.62 -15.55
C PHE A 33 4.05 -1.37 -16.29
N LYS A 34 3.00 -0.64 -16.65
CA LYS A 34 1.86 -1.21 -17.38
C LYS A 34 1.27 -2.39 -16.62
N LEU A 35 0.82 -2.12 -15.40
CA LEU A 35 0.24 -3.15 -14.55
C LEU A 35 -1.02 -3.72 -15.18
N VAL A 36 -1.17 -5.03 -15.11
CA VAL A 36 -2.28 -5.73 -15.77
C VAL A 36 -3.62 -5.33 -15.18
N LYS A 37 -3.62 -5.13 -13.87
CA LYS A 37 -4.84 -4.78 -13.10
C LYS A 37 -5.85 -5.92 -13.12
N VAL A 38 -6.11 -6.50 -11.96
CA VAL A 38 -7.03 -7.62 -11.87
C VAL A 38 -8.48 -7.17 -11.82
N GLY A 39 -8.74 -6.09 -11.10
CA GLY A 39 -10.11 -5.60 -10.98
C GLY A 39 -10.21 -4.47 -9.99
N THR A 40 -11.40 -4.29 -9.43
CA THR A 40 -11.66 -3.23 -8.48
C THR A 40 -12.60 -3.72 -7.38
N ILE A 41 -12.23 -3.47 -6.13
CA ILE A 41 -13.05 -3.86 -4.99
C ILE A 41 -13.42 -2.63 -4.17
N ASN A 42 -14.28 -2.81 -3.18
CA ASN A 42 -14.67 -1.70 -2.32
C ASN A 42 -15.02 -2.15 -0.92
N VAL A 43 -14.82 -1.24 0.02
CA VAL A 43 -15.26 -1.41 1.38
C VAL A 43 -16.62 -0.77 1.54
N SER A 44 -17.56 -1.51 2.08
CA SER A 44 -18.91 -1.00 2.28
C SER A 44 -19.44 -1.56 3.60
N GLN A 45 -18.62 -1.51 4.63
CA GLN A 45 -18.96 -2.10 5.91
C GLN A 45 -19.61 -1.07 6.83
N SER A 46 -20.56 -1.54 7.63
CA SER A 46 -21.36 -0.67 8.47
C SER A 46 -20.63 -0.32 9.77
N GLY A 47 -19.73 0.66 9.69
CA GLY A 47 -19.16 1.27 10.87
C GLY A 47 -18.18 0.38 11.63
N GLY A 48 -18.72 -0.57 12.40
CA GLY A 48 -17.95 -1.32 13.36
C GLY A 48 -16.77 -2.09 12.79
N GLN A 49 -16.79 -2.34 11.48
CA GLN A 49 -15.71 -3.08 10.85
C GLN A 49 -14.49 -2.20 10.60
N ILE A 50 -14.71 -0.89 10.56
CA ILE A 50 -13.61 0.06 10.37
C ILE A 50 -13.58 1.05 11.51
N SER A 51 -12.88 0.70 12.57
CA SER A 51 -12.82 1.54 13.75
C SER A 51 -11.47 2.25 13.84
N SER A 52 -10.43 1.62 13.33
CA SER A 52 -9.09 2.15 13.42
C SER A 52 -8.45 2.19 12.03
N PRO A 53 -7.43 3.04 11.83
CA PRO A 53 -6.69 3.10 10.56
C PRO A 53 -6.12 1.75 10.16
N SER A 54 -5.76 0.95 11.15
CA SER A 54 -5.25 -0.39 10.91
C SER A 54 -6.30 -1.28 10.26
N ASP A 55 -7.55 -1.16 10.73
CA ASP A 55 -8.66 -1.98 10.21
C ASP A 55 -8.80 -1.86 8.71
N LEU A 56 -8.43 -0.69 8.18
CA LEU A 56 -8.50 -0.44 6.76
C LEU A 56 -7.70 -1.47 5.97
N ARG A 57 -6.41 -1.60 6.30
CA ARG A 57 -5.56 -2.57 5.61
C ARG A 57 -5.89 -3.99 6.04
N GLU A 58 -6.35 -4.16 7.28
CA GLU A 58 -6.72 -5.47 7.80
C GLU A 58 -7.87 -6.08 6.98
N LYS A 59 -8.90 -5.29 6.77
CA LYS A 59 -10.08 -5.74 6.03
C LYS A 59 -9.79 -5.88 4.54
N LEU A 60 -9.00 -4.95 4.02
CA LEU A 60 -8.70 -4.95 2.58
C LEU A 60 -7.75 -6.09 2.21
N SER A 61 -6.81 -6.42 3.10
CA SER A 61 -5.95 -7.57 2.90
C SER A 61 -6.77 -8.85 2.86
N GLU A 62 -7.73 -8.94 3.78
CA GLU A 62 -8.58 -10.12 3.88
C GLU A 62 -9.28 -10.39 2.56
N LEU A 63 -9.71 -9.31 1.90
CA LEU A 63 -10.37 -9.41 0.60
C LEU A 63 -9.36 -9.67 -0.52
N ALA A 64 -8.32 -8.85 -0.57
CA ALA A 64 -7.37 -8.87 -1.69
C ALA A 64 -6.54 -10.15 -1.72
N ASP A 65 -6.27 -10.71 -0.55
CA ASP A 65 -5.48 -11.93 -0.44
C ASP A 65 -6.13 -13.06 -1.22
N ALA A 66 -7.43 -13.25 -1.00
CA ALA A 66 -8.18 -14.31 -1.67
C ALA A 66 -8.38 -14.02 -3.15
N LYS A 67 -8.34 -12.74 -3.51
CA LYS A 67 -8.48 -12.34 -4.91
C LYS A 67 -7.18 -12.60 -5.67
N GLY A 68 -6.09 -12.75 -4.92
CA GLY A 68 -4.81 -13.01 -5.53
C GLY A 68 -4.11 -11.75 -5.98
N GLY A 69 -4.23 -10.69 -5.19
CA GLY A 69 -3.60 -9.43 -5.53
C GLY A 69 -2.38 -9.15 -4.68
N LYS A 70 -1.54 -8.24 -5.16
CA LYS A 70 -0.33 -7.86 -4.43
C LYS A 70 -0.56 -6.56 -3.67
N TYR A 71 -1.11 -5.58 -4.36
CA TYR A 71 -1.37 -4.28 -3.78
C TYR A 71 -2.61 -3.65 -4.40
N TYR A 72 -3.08 -2.58 -3.79
CA TYR A 72 -4.27 -1.90 -4.26
C TYR A 72 -4.10 -0.40 -4.12
N HIS A 73 -4.99 0.35 -4.74
CA HIS A 73 -4.94 1.80 -4.67
C HIS A 73 -6.34 2.37 -4.48
N ILE A 74 -6.60 2.90 -3.29
CA ILE A 74 -7.88 3.54 -3.01
C ILE A 74 -8.00 4.84 -3.79
N ILE A 75 -9.12 5.02 -4.47
CA ILE A 75 -9.34 6.20 -5.28
C ILE A 75 -10.41 7.11 -4.66
N ALA A 76 -11.30 6.50 -3.89
CA ALA A 76 -12.38 7.24 -3.25
C ALA A 76 -12.78 6.58 -1.94
N ALA A 77 -12.85 7.38 -0.88
CA ALA A 77 -13.22 6.87 0.43
C ALA A 77 -14.03 7.91 1.19
N ARG A 78 -15.09 7.46 1.86
CA ARG A 78 -15.94 8.36 2.63
C ARG A 78 -16.85 7.57 3.56
N GLU A 79 -17.33 8.22 4.60
CA GLU A 79 -18.41 7.65 5.41
C GLU A 79 -19.75 8.10 4.88
N HIS A 80 -20.59 7.15 4.53
CA HIS A 80 -21.91 7.47 4.02
C HIS A 80 -22.95 6.94 5.00
N GLY A 81 -23.42 7.83 5.87
CA GLY A 81 -24.28 7.41 6.95
C GLY A 81 -23.50 6.67 8.02
N PRO A 82 -23.91 5.46 8.37
CA PRO A 82 -23.17 4.62 9.31
C PRO A 82 -22.23 3.65 8.61
N ASN A 83 -21.96 3.89 7.33
CA ASN A 83 -21.13 2.98 6.55
C ASN A 83 -19.84 3.65 6.11
N PHE A 84 -18.78 2.87 5.95
CA PHE A 84 -17.53 3.37 5.44
C PHE A 84 -17.30 2.83 4.03
N GLU A 85 -17.43 3.70 3.05
CA GLU A 85 -17.33 3.32 1.66
C GLU A 85 -15.95 3.66 1.10
N ALA A 86 -15.16 2.65 0.78
CA ALA A 86 -13.81 2.88 0.25
C ALA A 86 -13.57 2.06 -1.02
N VAL A 87 -13.36 2.75 -2.14
CA VAL A 87 -13.16 2.09 -3.42
C VAL A 87 -11.67 1.94 -3.72
N ALA A 88 -11.24 0.71 -3.95
CA ALA A 88 -9.83 0.42 -4.20
C ALA A 88 -9.66 -0.53 -5.36
N GLU A 89 -8.81 -0.16 -6.31
CA GLU A 89 -8.51 -1.04 -7.43
C GLU A 89 -7.31 -1.89 -7.11
N VAL A 90 -7.38 -3.18 -7.45
CA VAL A 90 -6.30 -4.10 -7.12
C VAL A 90 -5.42 -4.33 -8.35
N TYR A 91 -4.11 -4.29 -8.14
CA TYR A 91 -3.17 -4.44 -9.23
C TYR A 91 -2.20 -5.57 -8.93
N ASN A 92 -1.74 -6.23 -9.98
CA ASN A 92 -0.73 -7.28 -9.84
C ASN A 92 0.48 -6.97 -10.69
N ASP A 93 1.64 -7.45 -10.25
CA ASP A 93 2.89 -7.22 -10.95
C ASP A 93 2.83 -7.82 -12.35
N ALA A 94 3.59 -7.24 -13.28
CA ALA A 94 3.69 -7.77 -14.62
C ALA A 94 4.44 -9.10 -14.62
N THR A 95 3.70 -10.18 -14.37
CA THR A 95 4.29 -11.51 -14.25
C THR A 95 3.19 -12.56 -14.08
N LYS A 96 2.06 -12.16 -13.48
CA LYS A 96 0.89 -13.04 -13.31
C LYS A 96 1.14 -14.10 -12.25
N LEU A 97 2.27 -14.04 -11.59
CA LEU A 97 2.61 -14.99 -10.55
C LEU A 97 2.47 -14.38 -9.17
N GLU A 98 1.85 -15.11 -8.27
CA GLU A 98 1.70 -14.67 -6.89
C GLU A 98 2.24 -15.72 -5.93
N HIS A 99 2.36 -15.38 -4.65
CA HIS A 99 2.96 -16.27 -3.69
C HIS A 99 1.95 -16.74 -2.66
N HIS A 100 0.71 -16.96 -3.09
CA HIS A 100 -0.33 -17.50 -2.24
C HIS A 100 -0.42 -19.01 -2.43
N HIS A 101 0.61 -19.58 -3.04
CA HIS A 101 0.67 -21.01 -3.28
C HIS A 101 0.80 -21.75 -1.97
N HIS A 102 0.52 -23.06 -1.98
CA HIS A 102 0.51 -23.89 -0.77
C HIS A 102 -0.65 -23.51 0.13
N HIS A 103 -1.75 -23.09 -0.49
CA HIS A 103 -2.93 -22.65 0.25
C HIS A 103 -4.03 -23.70 0.18
N HIS A 104 -5.13 -23.43 0.84
CA HIS A 104 -6.33 -24.24 0.68
C HIS A 104 -7.17 -23.69 -0.46
N MET B 1 -5.45 12.85 -10.33
CA MET B 1 -4.42 12.68 -11.39
C MET B 1 -5.06 12.12 -12.65
N LYS B 2 -4.25 11.51 -13.51
CA LYS B 2 -4.73 10.93 -14.75
C LYS B 2 -5.49 9.63 -14.50
N LYS B 3 -6.73 9.80 -14.09
CA LYS B 3 -7.67 8.71 -13.89
C LYS B 3 -9.05 9.28 -13.62
N ARG B 4 -9.78 9.56 -14.67
CA ARG B 4 -11.12 10.09 -14.54
C ARG B 4 -12.10 8.96 -14.26
N ILE B 5 -12.40 8.79 -12.98
CA ILE B 5 -13.30 7.73 -12.55
C ILE B 5 -14.69 7.91 -13.18
N ILE B 6 -15.16 6.84 -13.80
CA ILE B 6 -16.44 6.87 -14.50
C ILE B 6 -17.61 6.66 -13.55
N ALA B 7 -17.31 6.59 -12.25
CA ALA B 7 -18.32 6.41 -11.21
C ALA B 7 -19.02 5.06 -11.34
N ALA B 8 -18.27 4.05 -11.76
CA ALA B 8 -18.79 2.70 -11.84
C ALA B 8 -18.05 1.79 -10.88
N ALA B 9 -18.79 1.12 -10.01
CA ALA B 9 -18.19 0.26 -9.00
C ALA B 9 -18.72 -1.16 -9.12
N LEU B 10 -17.98 -2.11 -8.56
CA LEU B 10 -18.39 -3.50 -8.53
C LEU B 10 -18.64 -3.92 -7.09
N LEU B 11 -19.70 -4.67 -6.86
CA LEU B 11 -20.01 -5.15 -5.52
C LEU B 11 -19.02 -6.24 -5.13
N ALA B 12 -18.24 -5.98 -4.09
CA ALA B 12 -17.26 -6.95 -3.61
C ALA B 12 -17.84 -7.81 -2.50
N THR B 13 -17.68 -9.12 -2.62
CA THR B 13 -18.19 -10.05 -1.62
C THR B 13 -17.06 -10.51 -0.71
N VAL B 14 -17.30 -10.43 0.60
CA VAL B 14 -16.30 -10.82 1.60
C VAL B 14 -15.85 -12.27 1.39
N ALA B 15 -14.55 -12.45 1.20
CA ALA B 15 -14.00 -13.77 0.94
C ALA B 15 -13.35 -14.36 2.19
N SER B 16 -12.43 -13.60 2.79
CA SER B 16 -11.69 -14.04 3.98
C SER B 16 -10.70 -15.16 3.66
N PHE B 17 -9.43 -14.90 3.93
CA PHE B 17 -8.39 -15.88 3.65
C PHE B 17 -7.16 -15.62 4.53
N SER B 18 -6.48 -14.52 4.25
CA SER B 18 -5.35 -14.09 5.05
C SER B 18 -5.44 -12.60 5.31
N THR B 19 -4.91 -12.16 6.44
CA THR B 19 -4.97 -10.75 6.81
C THR B 19 -3.65 -10.04 6.46
N LEU B 20 -2.82 -10.73 5.69
CA LEU B 20 -1.53 -10.19 5.27
C LEU B 20 -1.44 -10.17 3.74
N ALA B 21 -1.81 -9.07 3.13
CA ALA B 21 -1.80 -8.96 1.68
C ALA B 21 -1.25 -7.61 1.22
N ALA B 22 -1.95 -6.53 1.58
CA ALA B 22 -1.60 -5.21 1.08
C ALA B 22 -2.14 -4.10 1.99
N GLU B 23 -1.70 -2.88 1.73
CA GLU B 23 -2.14 -1.72 2.50
C GLU B 23 -2.11 -0.47 1.66
N GLN B 24 -2.68 0.61 2.19
CA GLN B 24 -2.72 1.90 1.51
C GLN B 24 -3.51 2.88 2.36
N VAL B 25 -3.01 4.11 2.48
CA VAL B 25 -3.74 5.17 3.14
C VAL B 25 -3.70 6.45 2.30
N SER B 26 -4.82 6.79 1.69
CA SER B 26 -4.89 7.95 0.85
C SER B 26 -5.29 9.17 1.67
N LYS B 27 -5.22 10.36 1.08
CA LYS B 27 -5.40 11.60 1.82
C LYS B 27 -6.83 11.75 2.35
N GLN B 28 -7.76 10.99 1.79
CA GLN B 28 -9.13 11.00 2.29
C GLN B 28 -9.19 10.29 3.63
N GLU B 29 -8.58 9.12 3.69
CA GLU B 29 -8.51 8.37 4.94
C GLU B 29 -7.63 9.10 5.94
N ILE B 30 -6.52 9.65 5.44
CA ILE B 30 -5.57 10.39 6.28
C ILE B 30 -6.25 11.58 6.98
N SER B 31 -6.99 12.37 6.22
CA SER B 31 -7.66 13.53 6.79
C SER B 31 -8.84 13.11 7.66
N HIS B 32 -9.39 11.93 7.38
CA HIS B 32 -10.53 11.43 8.13
C HIS B 32 -10.10 10.92 9.51
N PHE B 33 -9.08 10.07 9.53
CA PHE B 33 -8.63 9.47 10.79
C PHE B 33 -7.59 10.34 11.48
N LYS B 34 -7.01 11.27 10.72
CA LYS B 34 -5.96 12.15 11.21
C LYS B 34 -4.75 11.33 11.66
N LEU B 35 -3.97 10.91 10.69
CA LEU B 35 -2.84 10.02 10.93
C LEU B 35 -1.61 10.78 11.41
N VAL B 36 -0.56 10.02 11.71
CA VAL B 36 0.68 10.58 12.20
C VAL B 36 1.74 10.54 11.10
N LYS B 37 2.53 11.60 10.97
CA LYS B 37 3.55 11.65 9.93
C LYS B 37 4.93 11.42 10.53
N VAL B 38 5.70 10.50 9.96
CA VAL B 38 7.06 10.26 10.41
C VAL B 38 8.06 11.11 9.63
N GLY B 39 7.91 11.16 8.31
CA GLY B 39 8.84 11.91 7.49
C GLY B 39 8.70 11.56 6.02
N THR B 40 9.53 12.17 5.19
CA THR B 40 9.48 11.93 3.75
C THR B 40 10.67 11.09 3.31
N ILE B 41 10.43 10.13 2.42
CA ILE B 41 11.51 9.33 1.87
C ILE B 41 11.80 9.74 0.43
N ASN B 42 13.07 9.85 0.11
CA ASN B 42 13.49 10.28 -1.22
C ASN B 42 14.23 9.15 -1.94
N VAL B 43 13.62 8.68 -3.02
CA VAL B 43 14.20 7.60 -3.81
C VAL B 43 14.84 8.17 -5.06
N SER B 44 16.11 7.87 -5.29
CA SER B 44 16.80 8.37 -6.46
C SER B 44 17.84 7.35 -6.94
N GLN B 45 17.54 6.68 -8.04
CA GLN B 45 18.45 5.70 -8.64
C GLN B 45 18.16 5.54 -10.12
N SER B 46 19.06 4.87 -10.82
CA SER B 46 18.91 4.66 -12.26
C SER B 46 18.19 3.34 -12.53
N GLY B 47 18.10 2.99 -13.81
CA GLY B 47 17.41 1.76 -14.22
C GLY B 47 18.17 0.52 -13.80
N GLY B 48 19.33 0.69 -13.21
CA GLY B 48 20.08 -0.44 -12.69
C GLY B 48 19.48 -0.96 -11.41
N GLN B 49 18.80 -0.07 -10.68
CA GLN B 49 18.13 -0.46 -9.46
C GLN B 49 16.63 -0.60 -9.69
N ILE B 50 16.08 0.27 -10.54
CA ILE B 50 14.65 0.24 -10.84
C ILE B 50 14.43 -0.09 -12.31
N SER B 51 14.10 -1.34 -12.59
CA SER B 51 13.77 -1.75 -13.94
C SER B 51 12.37 -2.39 -13.97
N SER B 52 12.08 -3.21 -12.98
CA SER B 52 10.80 -3.88 -12.89
C SER B 52 9.99 -3.34 -11.70
N PRO B 53 8.66 -3.58 -11.68
CA PRO B 53 7.78 -3.12 -10.60
C PRO B 53 8.22 -3.64 -9.22
N SER B 54 8.72 -4.87 -9.20
CA SER B 54 9.16 -5.51 -7.97
C SER B 54 10.32 -4.75 -7.34
N ASP B 55 11.16 -4.18 -8.20
CA ASP B 55 12.37 -3.48 -7.77
C ASP B 55 12.04 -2.33 -6.84
N LEU B 56 11.11 -1.48 -7.29
CA LEU B 56 10.72 -0.30 -6.54
C LEU B 56 10.08 -0.68 -5.21
N ARG B 57 9.30 -1.76 -5.23
CA ARG B 57 8.61 -2.23 -4.03
C ARG B 57 9.63 -2.56 -2.93
N GLU B 58 10.74 -3.18 -3.34
CA GLU B 58 11.78 -3.58 -2.40
C GLU B 58 12.42 -2.36 -1.75
N LYS B 59 12.47 -1.25 -2.50
CA LYS B 59 13.11 -0.03 -2.02
C LYS B 59 12.18 0.74 -1.08
N LEU B 60 10.93 0.91 -1.51
CA LEU B 60 9.97 1.73 -0.78
C LEU B 60 9.66 1.15 0.61
N SER B 61 9.42 -0.15 0.65
CA SER B 61 9.10 -0.84 1.90
C SER B 61 10.25 -0.72 2.90
N GLU B 62 11.46 -0.87 2.39
CA GLU B 62 12.67 -0.81 3.19
C GLU B 62 12.82 0.55 3.86
N LEU B 63 12.71 1.61 3.07
CA LEU B 63 12.94 2.97 3.56
C LEU B 63 11.86 3.40 4.54
N ALA B 64 10.65 2.89 4.36
CA ALA B 64 9.51 3.29 5.18
C ALA B 64 9.64 2.79 6.62
N ASP B 65 9.91 1.50 6.78
CA ASP B 65 10.01 0.93 8.12
C ASP B 65 11.29 1.39 8.81
N ALA B 66 12.29 1.75 8.00
CA ALA B 66 13.54 2.28 8.51
C ALA B 66 13.32 3.66 9.14
N LYS B 67 12.40 4.42 8.56
CA LYS B 67 12.04 5.72 9.07
C LYS B 67 11.03 5.58 10.22
N GLY B 68 10.54 4.37 10.40
CA GLY B 68 9.66 4.08 11.52
C GLY B 68 8.20 4.16 11.16
N GLY B 69 7.91 4.34 9.89
CA GLY B 69 6.54 4.41 9.46
C GLY B 69 5.98 3.05 9.11
N LYS B 70 4.67 2.90 9.19
CA LYS B 70 4.05 1.60 8.99
C LYS B 70 3.07 1.66 7.81
N TYR B 71 2.92 2.86 7.25
CA TYR B 71 2.10 3.09 6.07
C TYR B 71 2.79 4.15 5.23
N TYR B 72 2.57 4.17 3.93
CA TYR B 72 3.13 5.25 3.12
C TYR B 72 2.27 5.54 1.90
N HIS B 73 2.41 6.74 1.37
CA HIS B 73 1.61 7.18 0.23
C HIS B 73 2.48 7.94 -0.75
N ILE B 74 2.71 7.36 -1.93
CA ILE B 74 3.52 7.99 -2.95
C ILE B 74 2.82 9.22 -3.52
N ILE B 75 3.45 10.38 -3.40
CA ILE B 75 2.87 11.61 -3.90
C ILE B 75 3.43 11.98 -5.27
N ALA B 76 4.70 11.71 -5.48
CA ALA B 76 5.34 12.04 -6.74
C ALA B 76 6.40 11.01 -7.14
N ALA B 77 6.02 10.11 -8.03
CA ALA B 77 6.96 9.15 -8.57
C ALA B 77 7.33 9.58 -9.98
N ARG B 78 8.49 10.19 -10.12
CA ARG B 78 8.85 10.83 -11.36
C ARG B 78 10.10 10.20 -11.98
N GLU B 79 9.89 9.55 -13.10
CA GLU B 79 11.00 9.03 -13.88
C GLU B 79 11.63 10.18 -14.66
N HIS B 80 12.69 10.73 -14.10
CA HIS B 80 13.33 11.90 -14.67
C HIS B 80 14.51 11.47 -15.52
N GLY B 81 14.29 11.39 -16.82
CA GLY B 81 15.30 10.89 -17.73
C GLY B 81 15.39 9.38 -17.66
N PRO B 82 16.60 8.81 -17.65
CA PRO B 82 16.79 7.37 -17.47
C PRO B 82 16.75 6.96 -16.01
N ASN B 83 16.66 7.95 -15.14
CA ASN B 83 16.69 7.73 -13.70
C ASN B 83 15.29 7.82 -13.12
N PHE B 84 15.08 7.16 -12.00
CA PHE B 84 13.79 7.19 -11.34
C PHE B 84 13.91 7.88 -9.99
N GLU B 85 13.11 8.91 -9.78
CA GLU B 85 13.12 9.66 -8.54
C GLU B 85 11.73 9.68 -7.92
N ALA B 86 11.59 9.10 -6.74
CA ALA B 86 10.30 8.96 -6.10
C ALA B 86 10.25 9.72 -4.78
N VAL B 87 9.21 10.53 -4.61
CA VAL B 87 8.95 11.20 -3.36
C VAL B 87 7.69 10.62 -2.72
N ALA B 88 7.84 10.09 -1.52
CA ALA B 88 6.72 9.46 -0.85
C ALA B 88 6.60 9.92 0.60
N GLU B 89 5.36 10.12 1.03
CA GLU B 89 5.08 10.50 2.39
C GLU B 89 4.85 9.26 3.24
N VAL B 90 5.68 9.07 4.26
CA VAL B 90 5.54 7.91 5.13
C VAL B 90 4.72 8.29 6.35
N TYR B 91 3.72 7.48 6.65
CA TYR B 91 2.82 7.77 7.74
C TYR B 91 2.91 6.69 8.81
N ASN B 92 2.51 7.03 10.00
CA ASN B 92 2.43 6.08 11.09
C ASN B 92 1.00 6.02 11.57
N ASP B 93 0.66 5.00 12.34
CA ASP B 93 -0.71 4.82 12.80
C ASP B 93 -1.06 5.93 13.79
N ALA B 94 -2.35 6.20 13.94
CA ALA B 94 -2.81 7.32 14.75
C ALA B 94 -2.64 7.07 16.24
N THR B 95 -2.22 5.86 16.56
CA THR B 95 -2.00 5.46 17.94
C THR B 95 -0.51 5.40 18.23
N LYS B 96 0.29 5.58 17.17
CA LYS B 96 1.74 5.54 17.25
C LYS B 96 2.24 4.15 17.64
N LEU B 97 3.51 4.06 17.99
CA LEU B 97 4.13 2.78 18.31
C LEU B 97 4.10 2.52 19.81
N GLU B 98 4.23 1.24 20.17
CA GLU B 98 4.14 0.78 21.54
C GLU B 98 2.75 1.03 22.12
N HIS B 99 1.93 -0.01 22.14
CA HIS B 99 0.56 0.09 22.63
C HIS B 99 0.53 -0.02 24.15
N HIS B 100 1.65 0.26 24.80
CA HIS B 100 1.72 0.29 26.25
C HIS B 100 2.54 1.48 26.72
N HIS B 101 1.98 2.67 26.58
CA HIS B 101 2.61 3.87 27.07
C HIS B 101 2.11 4.18 28.47
N HIS B 102 2.97 3.94 29.47
CA HIS B 102 2.67 4.22 30.88
C HIS B 102 1.68 3.21 31.47
N HIS B 103 1.79 3.02 32.77
CA HIS B 103 0.81 2.29 33.55
C HIS B 103 0.68 2.94 34.92
N HIS B 104 1.80 3.46 35.41
CA HIS B 104 1.86 4.27 36.62
C HIS B 104 3.32 4.66 36.86
N MET A 1 1.48 -18.93 32.74
CA MET A 1 2.81 -18.31 32.60
C MET A 1 3.85 -19.11 33.36
N LYS A 2 5.11 -18.72 33.22
CA LYS A 2 6.20 -19.39 33.92
C LYS A 2 7.34 -18.41 34.21
N LYS A 3 7.17 -17.66 35.30
CA LYS A 3 8.13 -16.63 35.72
C LYS A 3 8.13 -15.44 34.74
N ARG A 4 8.47 -14.26 35.24
CA ARG A 4 8.49 -13.06 34.43
C ARG A 4 9.90 -12.80 33.88
N ILE A 5 10.12 -11.62 33.33
CA ILE A 5 11.43 -11.26 32.76
C ILE A 5 12.46 -11.01 33.87
N ILE A 6 13.73 -10.98 33.49
CA ILE A 6 14.80 -10.77 34.44
C ILE A 6 14.84 -9.29 34.86
N ALA A 7 14.45 -9.03 36.11
CA ALA A 7 14.43 -7.68 36.63
C ALA A 7 15.83 -7.26 37.07
N ALA A 8 16.52 -6.56 36.20
CA ALA A 8 17.87 -6.06 36.48
C ALA A 8 18.16 -4.87 35.58
N ALA A 9 19.37 -4.35 35.66
CA ALA A 9 19.77 -3.27 34.79
C ALA A 9 20.54 -3.82 33.59
N LEU A 10 19.87 -3.90 32.45
CA LEU A 10 20.48 -4.43 31.24
C LEU A 10 20.11 -3.58 30.05
N LEU A 11 21.01 -3.52 29.08
CA LEU A 11 20.77 -2.79 27.84
C LEU A 11 20.65 -3.80 26.70
N ALA A 12 21.70 -4.60 26.52
CA ALA A 12 21.73 -5.65 25.51
C ALA A 12 21.52 -5.08 24.11
N THR A 13 21.10 -5.94 23.20
CA THR A 13 20.76 -5.52 21.87
C THR A 13 19.69 -6.45 21.30
N VAL A 14 18.70 -5.87 20.64
CA VAL A 14 17.63 -6.66 20.05
C VAL A 14 17.70 -6.60 18.54
N ALA A 15 17.40 -7.73 17.91
CA ALA A 15 17.37 -7.81 16.46
C ALA A 15 15.94 -8.00 15.96
N SER A 16 15.21 -6.90 15.87
CA SER A 16 13.85 -6.93 15.39
C SER A 16 13.70 -6.11 14.12
N PHE A 17 13.88 -6.77 12.98
CA PHE A 17 13.75 -6.11 11.69
C PHE A 17 12.70 -6.82 10.85
N SER A 18 11.69 -6.07 10.42
CA SER A 18 10.65 -6.61 9.57
C SER A 18 10.57 -5.81 8.27
N THR A 19 10.78 -6.49 7.15
CA THR A 19 10.72 -5.83 5.85
C THR A 19 9.28 -5.51 5.46
N LEU A 20 8.34 -6.04 6.23
CA LEU A 20 6.92 -5.76 6.00
C LEU A 20 6.54 -4.47 6.71
N ALA A 21 6.56 -3.37 5.98
CA ALA A 21 6.23 -2.08 6.55
C ALA A 21 5.19 -1.35 5.72
N ALA A 22 5.62 -0.83 4.58
CA ALA A 22 4.76 -0.04 3.72
C ALA A 22 4.77 -0.62 2.31
N GLU A 23 3.61 -0.68 1.67
CA GLU A 23 3.50 -1.39 0.40
C GLU A 23 2.63 -0.61 -0.61
N GLN A 24 2.33 -1.27 -1.75
CA GLN A 24 1.46 -0.71 -2.80
C GLN A 24 2.18 0.37 -3.63
N VAL A 25 1.72 0.57 -4.87
CA VAL A 25 2.36 1.50 -5.78
C VAL A 25 1.43 2.66 -6.11
N SER A 26 1.98 3.74 -6.67
CA SER A 26 1.21 4.95 -6.94
C SER A 26 0.30 4.77 -8.14
N LYS A 27 -0.67 5.68 -8.27
CA LYS A 27 -1.57 5.68 -9.42
C LYS A 27 -0.79 6.01 -10.67
N GLN A 28 0.29 6.78 -10.48
CA GLN A 28 1.18 7.13 -11.57
C GLN A 28 1.80 5.89 -12.17
N GLU A 29 2.11 4.92 -11.32
CA GLU A 29 2.80 3.72 -11.74
C GLU A 29 1.87 2.81 -12.53
N ILE A 30 0.58 2.93 -12.27
CA ILE A 30 -0.42 2.22 -13.06
C ILE A 30 -0.32 2.68 -14.52
N SER A 31 -0.27 3.99 -14.70
CA SER A 31 -0.12 4.58 -16.03
C SER A 31 1.31 4.42 -16.55
N HIS A 32 2.23 4.20 -15.62
CA HIS A 32 3.66 4.12 -15.94
C HIS A 32 4.04 2.74 -16.48
N PHE A 33 3.71 1.70 -15.72
CA PHE A 33 4.08 0.34 -16.10
C PHE A 33 2.97 -0.35 -16.90
N LYS A 34 1.75 0.18 -16.77
CA LYS A 34 0.56 -0.42 -17.39
C LYS A 34 0.33 -1.83 -16.85
N LEU A 35 -0.36 -1.90 -15.72
CA LEU A 35 -0.58 -3.17 -15.05
C LEU A 35 -1.89 -3.82 -15.52
N VAL A 36 -2.13 -5.03 -15.04
CA VAL A 36 -3.26 -5.83 -15.49
C VAL A 36 -4.44 -5.74 -14.52
N LYS A 37 -5.62 -5.45 -15.05
CA LYS A 37 -6.83 -5.35 -14.24
C LYS A 37 -7.25 -6.73 -13.75
N VAL A 38 -7.44 -6.87 -12.45
CA VAL A 38 -7.94 -8.13 -11.90
C VAL A 38 -9.23 -7.92 -11.10
N GLY A 39 -9.77 -6.72 -11.20
CA GLY A 39 -11.07 -6.46 -10.59
C GLY A 39 -11.02 -5.30 -9.63
N THR A 40 -12.10 -5.14 -8.88
CA THR A 40 -12.22 -4.06 -7.92
C THR A 40 -12.75 -4.59 -6.59
N ILE A 41 -12.10 -4.25 -5.50
CA ILE A 41 -12.55 -4.65 -4.18
C ILE A 41 -13.20 -3.45 -3.49
N ASN A 42 -14.36 -3.67 -2.92
CA ASN A 42 -15.11 -2.58 -2.32
C ASN A 42 -15.41 -2.88 -0.86
N VAL A 43 -15.07 -1.94 -0.01
CA VAL A 43 -15.38 -2.03 1.40
C VAL A 43 -16.70 -1.33 1.66
N SER A 44 -17.64 -2.06 2.22
CA SER A 44 -18.92 -1.50 2.59
C SER A 44 -19.41 -2.20 3.85
N GLN A 45 -18.79 -1.84 4.97
CA GLN A 45 -19.11 -2.44 6.25
C GLN A 45 -19.48 -1.36 7.25
N SER A 46 -19.83 -1.79 8.45
CA SER A 46 -20.14 -0.87 9.52
C SER A 46 -18.86 -0.45 10.24
N GLY A 47 -18.96 0.57 11.09
CA GLY A 47 -17.83 1.03 11.86
C GLY A 47 -17.29 -0.03 12.80
N GLY A 48 -18.10 -1.05 13.05
CA GLY A 48 -17.69 -2.15 13.90
C GLY A 48 -16.62 -3.01 13.24
N GLN A 49 -16.50 -2.89 11.92
CA GLN A 49 -15.46 -3.61 11.20
C GLN A 49 -14.42 -2.64 10.66
N ILE A 50 -14.84 -1.42 10.43
CA ILE A 50 -13.93 -0.35 10.00
C ILE A 50 -13.92 0.75 11.05
N SER A 51 -12.98 0.64 11.98
CA SER A 51 -12.88 1.58 13.08
C SER A 51 -11.60 2.39 12.96
N SER A 52 -10.48 1.71 13.04
CA SER A 52 -9.18 2.35 12.93
C SER A 52 -8.60 2.14 11.54
N PRO A 53 -7.56 2.92 11.15
CA PRO A 53 -6.86 2.72 9.89
C PRO A 53 -6.40 1.27 9.72
N SER A 54 -5.95 0.67 10.82
CA SER A 54 -5.52 -0.71 10.81
C SER A 54 -6.69 -1.67 10.59
N ASP A 55 -7.85 -1.35 11.17
CA ASP A 55 -9.06 -2.14 10.96
C ASP A 55 -9.43 -2.16 9.50
N LEU A 56 -9.40 -0.97 8.89
CA LEU A 56 -9.66 -0.83 7.46
C LEU A 56 -8.62 -1.60 6.67
N ARG A 57 -7.36 -1.44 7.06
CA ARG A 57 -6.24 -2.12 6.41
C ARG A 57 -6.46 -3.62 6.35
N GLU A 58 -6.84 -4.20 7.48
CA GLU A 58 -7.10 -5.63 7.58
C GLU A 58 -8.14 -6.07 6.55
N LYS A 59 -9.22 -5.31 6.45
CA LYS A 59 -10.30 -5.64 5.53
C LYS A 59 -9.87 -5.43 4.07
N LEU A 60 -9.05 -4.41 3.84
CA LEU A 60 -8.52 -4.15 2.52
C LEU A 60 -7.59 -5.27 2.07
N SER A 61 -6.67 -5.64 2.96
CA SER A 61 -5.71 -6.71 2.68
C SER A 61 -6.45 -8.03 2.51
N GLU A 62 -7.47 -8.23 3.31
CA GLU A 62 -8.30 -9.43 3.26
C GLU A 62 -8.93 -9.60 1.87
N LEU A 63 -9.43 -8.50 1.32
CA LEU A 63 -10.05 -8.53 0.00
C LEU A 63 -9.02 -8.75 -1.11
N ALA A 64 -7.85 -8.15 -0.94
CA ALA A 64 -6.79 -8.27 -1.93
C ALA A 64 -6.31 -9.72 -2.04
N ASP A 65 -6.22 -10.39 -0.90
CA ASP A 65 -5.82 -11.80 -0.85
C ASP A 65 -6.80 -12.69 -1.60
N ALA A 66 -8.07 -12.30 -1.59
CA ALA A 66 -9.13 -13.07 -2.25
C ALA A 66 -9.02 -12.96 -3.76
N LYS A 67 -8.41 -11.87 -4.24
CA LYS A 67 -8.25 -11.65 -5.67
C LYS A 67 -6.85 -12.03 -6.14
N GLY A 68 -5.94 -12.22 -5.20
CA GLY A 68 -4.58 -12.57 -5.54
C GLY A 68 -3.84 -11.41 -6.18
N GLY A 69 -4.09 -10.22 -5.68
CA GLY A 69 -3.44 -9.05 -6.21
C GLY A 69 -2.22 -8.67 -5.40
N LYS A 70 -1.20 -8.14 -6.05
CA LYS A 70 0.05 -7.81 -5.37
C LYS A 70 0.04 -6.39 -4.83
N TYR A 71 -1.05 -5.67 -5.09
CA TYR A 71 -1.30 -4.39 -4.45
C TYR A 71 -2.75 -3.97 -4.68
N TYR A 72 -3.16 -2.88 -4.08
CA TYR A 72 -4.48 -2.32 -4.30
C TYR A 72 -4.41 -0.82 -4.17
N HIS A 73 -4.95 -0.10 -5.13
CA HIS A 73 -4.93 1.35 -5.08
C HIS A 73 -6.33 1.89 -4.86
N ILE A 74 -6.58 2.43 -3.67
CA ILE A 74 -7.88 3.02 -3.36
C ILE A 74 -8.08 4.29 -4.17
N ILE A 75 -9.19 4.37 -4.88
CA ILE A 75 -9.47 5.55 -5.69
C ILE A 75 -10.48 6.46 -5.01
N ALA A 76 -11.46 5.86 -4.33
CA ALA A 76 -12.49 6.62 -3.67
C ALA A 76 -12.79 6.03 -2.30
N ALA A 77 -12.93 6.90 -1.32
CA ALA A 77 -13.22 6.49 0.04
C ALA A 77 -14.06 7.54 0.72
N ARG A 78 -15.11 7.11 1.41
CA ARG A 78 -15.97 8.03 2.12
C ARG A 78 -16.67 7.32 3.28
N GLU A 79 -16.91 8.06 4.35
CA GLU A 79 -17.60 7.52 5.50
C GLU A 79 -19.09 7.84 5.36
N HIS A 80 -19.82 6.91 4.78
CA HIS A 80 -21.22 7.12 4.45
C HIS A 80 -22.11 6.75 5.64
N GLY A 81 -22.21 7.66 6.59
CA GLY A 81 -22.98 7.42 7.78
C GLY A 81 -22.36 6.34 8.65
N PRO A 82 -23.11 5.26 8.93
CA PRO A 82 -22.62 4.13 9.71
C PRO A 82 -21.88 3.10 8.85
N ASN A 83 -21.82 3.35 7.55
CA ASN A 83 -21.17 2.45 6.62
C ASN A 83 -19.99 3.13 5.95
N PHE A 84 -18.81 2.55 6.10
CA PHE A 84 -17.63 3.11 5.44
C PHE A 84 -17.44 2.44 4.08
N GLU A 85 -17.29 3.26 3.05
CA GLU A 85 -17.13 2.74 1.69
C GLU A 85 -15.72 3.04 1.19
N ALA A 86 -14.97 2.00 0.91
CA ALA A 86 -13.65 2.15 0.32
C ALA A 86 -13.58 1.40 -1.01
N VAL A 87 -13.34 2.13 -2.09
CA VAL A 87 -13.22 1.52 -3.40
C VAL A 87 -11.76 1.38 -3.79
N ALA A 88 -11.29 0.14 -3.84
CA ALA A 88 -9.89 -0.11 -4.15
C ALA A 88 -9.75 -0.90 -5.44
N GLU A 89 -8.87 -0.45 -6.30
CA GLU A 89 -8.63 -1.09 -7.58
C GLU A 89 -7.51 -2.10 -7.46
N VAL A 90 -7.78 -3.33 -7.90
CA VAL A 90 -6.79 -4.39 -7.80
C VAL A 90 -6.13 -4.60 -9.15
N TYR A 91 -4.81 -4.54 -9.17
CA TYR A 91 -4.06 -4.74 -10.40
C TYR A 91 -2.96 -5.78 -10.18
N ASN A 92 -2.74 -6.59 -11.20
CA ASN A 92 -1.72 -7.62 -11.14
C ASN A 92 -0.60 -7.26 -12.12
N ASP A 93 0.50 -7.99 -12.06
CA ASP A 93 1.67 -7.68 -12.89
C ASP A 93 1.44 -8.12 -14.33
N ALA A 94 2.31 -7.67 -15.22
CA ALA A 94 2.24 -8.04 -16.63
C ALA A 94 3.01 -9.33 -16.86
N THR A 95 3.17 -10.10 -15.81
CA THR A 95 3.88 -11.37 -15.87
C THR A 95 3.05 -12.48 -15.25
N LYS A 96 2.71 -13.45 -16.09
CA LYS A 96 1.97 -14.63 -15.68
C LYS A 96 2.36 -15.80 -16.56
N LEU A 97 3.52 -15.66 -17.17
CA LEU A 97 4.03 -16.67 -18.10
C LEU A 97 5.20 -17.41 -17.46
N GLU A 98 4.89 -18.52 -16.81
CA GLU A 98 5.90 -19.33 -16.16
C GLU A 98 5.98 -20.68 -16.85
N HIS A 99 4.99 -21.52 -16.58
CA HIS A 99 4.94 -22.85 -17.16
C HIS A 99 3.68 -23.03 -18.00
N HIS A 100 3.86 -23.00 -19.30
CA HIS A 100 2.75 -23.23 -20.24
C HIS A 100 3.04 -24.43 -21.11
N HIS A 101 2.00 -24.96 -21.72
CA HIS A 101 2.13 -26.15 -22.56
C HIS A 101 2.64 -25.77 -23.95
N HIS A 102 2.17 -24.65 -24.48
CA HIS A 102 2.62 -24.19 -25.78
C HIS A 102 3.17 -22.78 -25.69
N HIS A 103 4.29 -22.55 -26.37
CA HIS A 103 4.87 -21.22 -26.43
C HIS A 103 4.58 -20.62 -27.80
N HIS A 104 4.35 -21.50 -28.76
CA HIS A 104 3.95 -21.09 -30.10
C HIS A 104 2.66 -21.80 -30.47
N MET B 1 -2.98 12.09 -18.45
CA MET B 1 -4.27 11.51 -18.02
C MET B 1 -5.35 11.74 -19.06
N LYS B 2 -5.34 10.95 -20.13
CA LYS B 2 -6.36 11.04 -21.16
C LYS B 2 -6.61 9.66 -21.76
N LYS B 3 -7.68 9.55 -22.55
CA LYS B 3 -8.04 8.33 -23.25
C LYS B 3 -8.56 7.25 -22.29
N ARG B 4 -9.65 6.60 -22.69
CA ARG B 4 -10.27 5.57 -21.87
C ARG B 4 -9.67 4.20 -22.15
N ILE B 5 -9.21 3.55 -21.09
CA ILE B 5 -8.62 2.22 -21.19
C ILE B 5 -8.94 1.42 -19.93
N ILE B 6 -9.05 0.11 -20.06
CA ILE B 6 -9.36 -0.76 -18.93
C ILE B 6 -8.19 -1.70 -18.65
N ALA B 7 -7.88 -2.54 -19.64
CA ALA B 7 -6.82 -3.53 -19.48
C ALA B 7 -6.47 -4.17 -20.82
N ALA B 8 -5.26 -4.71 -20.92
CA ALA B 8 -4.84 -5.42 -22.12
C ALA B 8 -3.91 -6.57 -21.77
N ALA B 9 -4.50 -7.65 -21.28
CA ALA B 9 -3.75 -8.86 -20.91
C ALA B 9 -4.71 -9.96 -20.49
N LEU B 10 -4.19 -11.15 -20.25
CA LEU B 10 -5.00 -12.28 -19.83
C LEU B 10 -5.36 -12.17 -18.35
N LEU B 11 -6.55 -12.62 -18.01
CA LEU B 11 -7.03 -12.58 -16.64
C LEU B 11 -6.27 -13.58 -15.76
N ALA B 12 -6.28 -13.37 -14.46
CA ALA B 12 -5.56 -14.24 -13.54
C ALA B 12 -6.53 -15.20 -12.85
N THR B 13 -6.67 -16.39 -13.42
CA THR B 13 -7.52 -17.42 -12.85
C THR B 13 -6.74 -18.29 -11.87
N VAL B 14 -5.46 -18.48 -12.15
CA VAL B 14 -4.60 -19.32 -11.33
C VAL B 14 -3.91 -18.50 -10.24
N ALA B 15 -4.60 -17.48 -9.75
CA ALA B 15 -4.06 -16.63 -8.71
C ALA B 15 -4.05 -17.34 -7.36
N SER B 16 -2.94 -18.00 -7.05
CA SER B 16 -2.79 -18.68 -5.78
C SER B 16 -1.33 -18.72 -5.37
N PHE B 17 -0.94 -17.83 -4.46
CA PHE B 17 0.43 -17.78 -3.96
C PHE B 17 0.46 -16.97 -2.67
N SER B 18 1.30 -17.38 -1.74
CA SER B 18 1.41 -16.72 -0.45
C SER B 18 2.24 -15.43 -0.55
N THR B 19 1.71 -14.46 -1.27
CA THR B 19 2.33 -13.15 -1.37
C THR B 19 1.27 -12.10 -1.68
N LEU B 20 0.76 -11.48 -0.63
CA LEU B 20 -0.21 -10.40 -0.77
C LEU B 20 0.36 -9.10 -0.25
N ALA B 21 0.90 -8.31 -1.15
CA ALA B 21 1.50 -7.03 -0.78
C ALA B 21 0.43 -5.95 -0.70
N ALA B 22 -0.49 -6.13 0.24
CA ALA B 22 -1.63 -5.24 0.39
C ALA B 22 -1.46 -4.34 1.59
N GLU B 23 -1.09 -3.09 1.33
CA GLU B 23 -0.87 -2.09 2.38
C GLU B 23 -0.90 -0.69 1.78
N GLN B 24 -1.81 0.16 2.25
CA GLN B 24 -1.91 1.52 1.70
C GLN B 24 -2.84 2.41 2.53
N VAL B 25 -2.43 3.65 2.72
CA VAL B 25 -3.30 4.66 3.32
C VAL B 25 -3.63 5.74 2.30
N SER B 26 -4.91 6.03 2.14
CA SER B 26 -5.36 7.02 1.18
C SER B 26 -5.13 8.44 1.71
N LYS B 27 -5.04 9.40 0.80
CA LYS B 27 -4.88 10.80 1.18
C LYS B 27 -6.15 11.28 1.88
N GLN B 28 -7.26 10.69 1.47
CA GLN B 28 -8.56 10.97 2.06
C GLN B 28 -8.57 10.55 3.54
N GLU B 29 -7.87 9.47 3.84
CA GLU B 29 -7.81 8.94 5.20
C GLU B 29 -6.98 9.84 6.11
N ILE B 30 -6.07 10.59 5.51
CA ILE B 30 -5.27 11.56 6.25
C ILE B 30 -6.18 12.60 6.88
N SER B 31 -7.13 13.09 6.09
CA SER B 31 -8.13 14.04 6.57
C SER B 31 -9.15 13.35 7.48
N HIS B 32 -9.25 12.03 7.31
CA HIS B 32 -10.26 11.23 7.99
C HIS B 32 -9.88 10.97 9.46
N PHE B 33 -8.68 10.46 9.69
CA PHE B 33 -8.27 10.10 11.06
C PHE B 33 -7.15 10.98 11.58
N LYS B 34 -6.65 11.87 10.73
CA LYS B 34 -5.45 12.66 11.01
C LYS B 34 -4.25 11.74 11.22
N LEU B 35 -3.63 11.37 10.12
CA LEU B 35 -2.51 10.44 10.16
C LEU B 35 -1.23 11.14 10.59
N VAL B 36 -0.46 10.46 11.43
CA VAL B 36 0.78 11.01 11.95
C VAL B 36 1.86 11.02 10.87
N LYS B 37 2.16 12.20 10.34
CA LYS B 37 3.18 12.32 9.30
C LYS B 37 4.58 12.26 9.92
N VAL B 38 5.32 11.24 9.56
CA VAL B 38 6.67 11.05 10.09
C VAL B 38 7.65 11.93 9.32
N GLY B 39 7.45 11.99 8.01
CA GLY B 39 8.32 12.76 7.16
C GLY B 39 8.06 12.46 5.71
N THR B 40 9.11 12.58 4.90
CA THR B 40 9.01 12.31 3.48
C THR B 40 10.26 11.56 3.02
N ILE B 41 10.08 10.43 2.35
CA ILE B 41 11.22 9.67 1.85
C ILE B 41 11.38 9.90 0.36
N ASN B 42 12.60 10.19 -0.05
CA ASN B 42 12.87 10.46 -1.44
C ASN B 42 13.80 9.41 -2.02
N VAL B 43 13.33 8.73 -3.04
CA VAL B 43 14.12 7.70 -3.72
C VAL B 43 14.84 8.30 -4.92
N SER B 44 16.13 8.02 -5.02
CA SER B 44 16.89 8.36 -6.21
C SER B 44 17.61 7.13 -6.72
N GLN B 45 16.93 6.40 -7.59
CA GLN B 45 17.43 5.12 -8.07
C GLN B 45 18.45 5.31 -9.18
N SER B 46 19.70 5.06 -8.87
CA SER B 46 20.77 5.20 -9.84
C SER B 46 20.91 3.93 -10.67
N GLY B 47 20.41 3.97 -11.89
CA GLY B 47 20.55 2.84 -12.79
C GLY B 47 19.38 1.89 -12.72
N GLY B 48 19.58 0.68 -13.24
CA GLY B 48 18.50 -0.27 -13.37
C GLY B 48 18.27 -1.10 -12.12
N GLN B 49 17.86 -0.45 -11.04
CA GLN B 49 17.48 -1.14 -9.82
C GLN B 49 15.98 -1.39 -9.80
N ILE B 50 15.30 -0.88 -10.82
CA ILE B 50 13.86 -1.04 -10.96
C ILE B 50 13.52 -1.65 -12.32
N SER B 51 13.29 -2.95 -12.34
CA SER B 51 12.86 -3.62 -13.56
C SER B 51 11.34 -3.70 -13.59
N SER B 52 10.75 -4.10 -12.48
CA SER B 52 9.31 -4.23 -12.37
C SER B 52 8.79 -3.38 -11.21
N PRO B 53 7.46 -3.18 -11.11
CA PRO B 53 6.83 -2.50 -9.97
C PRO B 53 7.18 -3.17 -8.65
N SER B 54 7.48 -4.47 -8.71
CA SER B 54 7.87 -5.22 -7.53
C SER B 54 9.21 -4.72 -7.00
N ASP B 55 10.12 -4.39 -7.92
CA ASP B 55 11.44 -3.84 -7.57
C ASP B 55 11.27 -2.58 -6.75
N LEU B 56 10.39 -1.70 -7.22
CA LEU B 56 10.12 -0.43 -6.55
C LEU B 56 9.67 -0.65 -5.12
N ARG B 57 8.79 -1.63 -4.94
CA ARG B 57 8.27 -1.97 -3.62
C ARG B 57 9.40 -2.26 -2.63
N GLU B 58 10.31 -3.14 -3.03
CA GLU B 58 11.36 -3.63 -2.15
C GLU B 58 12.27 -2.49 -1.67
N LYS B 59 12.36 -1.43 -2.45
CA LYS B 59 13.13 -0.25 -2.06
C LYS B 59 12.33 0.63 -1.11
N LEU B 60 11.04 0.76 -1.39
CA LEU B 60 10.16 1.64 -0.62
C LEU B 60 9.88 1.09 0.77
N SER B 61 9.54 -0.20 0.84
CA SER B 61 9.25 -0.86 2.12
C SER B 61 10.46 -0.77 3.05
N GLU B 62 11.64 -0.85 2.46
CA GLU B 62 12.90 -0.80 3.20
C GLU B 62 13.12 0.57 3.85
N LEU B 63 12.91 1.63 3.07
CA LEU B 63 13.18 2.97 3.55
C LEU B 63 12.25 3.37 4.69
N ALA B 64 11.03 2.85 4.66
CA ALA B 64 10.02 3.18 5.66
C ALA B 64 10.46 2.79 7.07
N ASP B 65 11.06 1.59 7.19
CA ASP B 65 11.48 1.07 8.49
C ASP B 65 12.51 1.98 9.15
N ALA B 66 13.54 2.35 8.39
CA ALA B 66 14.66 3.14 8.93
C ALA B 66 14.24 4.56 9.27
N LYS B 67 13.08 4.96 8.77
CA LYS B 67 12.57 6.29 9.04
C LYS B 67 11.50 6.25 10.12
N GLY B 68 11.20 5.05 10.61
CA GLY B 68 10.20 4.89 11.65
C GLY B 68 8.80 5.07 11.13
N GLY B 69 8.61 4.75 9.86
CA GLY B 69 7.30 4.91 9.24
C GLY B 69 6.57 3.60 9.12
N LYS B 70 5.27 3.66 8.91
CA LYS B 70 4.47 2.47 8.77
C LYS B 70 3.85 2.39 7.40
N TYR B 71 3.06 3.37 7.06
CA TYR B 71 2.40 3.41 5.77
C TYR B 71 2.89 4.63 5.01
N TYR B 72 2.68 4.65 3.70
CA TYR B 72 3.13 5.78 2.91
C TYR B 72 2.22 6.00 1.72
N HIS B 73 2.26 7.21 1.19
CA HIS B 73 1.43 7.58 0.07
C HIS B 73 2.31 8.19 -1.03
N ILE B 74 2.49 7.44 -2.11
CA ILE B 74 3.41 7.85 -3.17
C ILE B 74 2.76 8.93 -4.04
N ILE B 75 3.39 10.10 -4.11
CA ILE B 75 2.84 11.23 -4.85
C ILE B 75 3.65 11.57 -6.09
N ALA B 76 4.93 11.24 -6.09
CA ALA B 76 5.79 11.57 -7.21
C ALA B 76 6.68 10.40 -7.59
N ALA B 77 6.95 10.28 -8.89
CA ALA B 77 7.76 9.19 -9.41
C ALA B 77 8.11 9.47 -10.88
N ARG B 78 9.38 9.62 -11.17
CA ARG B 78 9.82 9.93 -12.53
C ARG B 78 11.26 9.48 -12.76
N GLU B 79 11.53 8.91 -13.92
CA GLU B 79 12.89 8.56 -14.30
C GLU B 79 13.63 9.83 -14.73
N HIS B 80 14.29 10.46 -13.78
CA HIS B 80 14.98 11.70 -14.03
C HIS B 80 16.38 11.41 -14.54
N GLY B 81 16.50 11.29 -15.85
CA GLY B 81 17.76 10.90 -16.45
C GLY B 81 18.13 9.48 -16.08
N PRO B 82 19.27 9.29 -15.39
CA PRO B 82 19.71 7.99 -14.93
C PRO B 82 19.20 7.67 -13.52
N ASN B 83 18.49 8.60 -12.90
CA ASN B 83 18.02 8.43 -11.55
C ASN B 83 16.50 8.46 -11.48
N PHE B 84 15.91 7.34 -11.09
CA PHE B 84 14.47 7.28 -10.88
C PHE B 84 14.13 7.89 -9.54
N GLU B 85 13.42 9.00 -9.58
CA GLU B 85 13.07 9.74 -8.36
C GLU B 85 11.65 9.42 -7.93
N ALA B 86 11.52 8.77 -6.77
CA ALA B 86 10.21 8.51 -6.20
C ALA B 86 10.04 9.28 -4.90
N VAL B 87 8.88 9.90 -4.72
CA VAL B 87 8.59 10.67 -3.51
C VAL B 87 7.30 10.18 -2.88
N ALA B 88 7.36 9.87 -1.60
CA ALA B 88 6.18 9.35 -0.90
C ALA B 88 6.00 10.04 0.45
N GLU B 89 4.75 10.13 0.88
CA GLU B 89 4.41 10.71 2.17
C GLU B 89 4.40 9.62 3.23
N VAL B 90 5.24 9.76 4.24
CA VAL B 90 5.39 8.71 5.27
C VAL B 90 4.49 9.00 6.47
N TYR B 91 3.63 8.04 6.81
CA TYR B 91 2.70 8.20 7.91
C TYR B 91 2.75 7.03 8.88
N ASN B 92 2.44 7.31 10.13
CA ASN B 92 2.32 6.28 11.15
C ASN B 92 0.85 6.06 11.49
N ASP B 93 0.53 4.88 11.98
CA ASP B 93 -0.74 4.65 12.63
C ASP B 93 -0.65 5.23 14.04
N ALA B 94 -1.78 5.51 14.67
CA ALA B 94 -1.79 6.15 15.98
C ALA B 94 -1.40 5.18 17.10
N THR B 95 -0.40 4.36 16.82
CA THR B 95 0.09 3.39 17.79
C THR B 95 1.61 3.55 17.99
N LYS B 96 2.34 3.76 16.88
CA LYS B 96 3.78 3.98 16.91
C LYS B 96 4.54 2.85 17.59
N LEU B 97 4.03 1.64 17.47
CA LEU B 97 4.71 0.48 18.02
C LEU B 97 5.30 -0.36 16.90
N GLU B 98 6.63 -0.39 16.83
CA GLU B 98 7.31 -1.05 15.73
C GLU B 98 7.91 -2.39 16.18
N HIS B 99 7.65 -2.75 17.41
CA HIS B 99 8.17 -4.01 17.96
C HIS B 99 7.03 -5.02 18.11
N HIS B 100 7.27 -6.24 17.65
CA HIS B 100 6.29 -7.33 17.71
C HIS B 100 5.10 -7.04 16.81
N HIS B 101 5.27 -7.34 15.53
CA HIS B 101 4.18 -7.20 14.57
C HIS B 101 3.33 -8.45 14.62
N HIS B 102 4.01 -9.59 14.73
CA HIS B 102 3.33 -10.87 14.90
C HIS B 102 4.21 -11.74 15.81
N HIS B 103 5.45 -11.93 15.40
CA HIS B 103 6.48 -12.52 16.26
C HIS B 103 7.61 -11.53 16.45
N HIS B 104 8.00 -10.91 15.34
CA HIS B 104 9.05 -9.90 15.36
C HIS B 104 8.44 -8.52 15.15
N MET A 1 -15.83 18.56 -2.88
CA MET A 1 -16.50 17.69 -1.88
C MET A 1 -15.99 18.03 -0.49
N LYS A 2 -14.91 17.34 -0.10
CA LYS A 2 -14.23 17.61 1.15
C LYS A 2 -12.73 17.58 0.91
N LYS A 3 -12.07 18.66 1.29
CA LYS A 3 -10.66 18.83 0.99
C LYS A 3 -9.79 18.08 1.99
N ARG A 4 -9.49 16.83 1.67
CA ARG A 4 -8.64 16.00 2.51
C ARG A 4 -7.17 16.32 2.22
N ILE A 5 -6.82 17.60 2.37
CA ILE A 5 -5.47 18.07 2.11
C ILE A 5 -4.55 17.77 3.29
N ILE A 6 -3.34 18.31 3.25
CA ILE A 6 -2.39 18.12 4.33
C ILE A 6 -1.64 19.42 4.63
N ALA A 7 -1.58 19.78 5.90
CA ALA A 7 -0.84 20.96 6.32
C ALA A 7 -0.09 20.66 7.62
N ALA A 8 0.07 19.37 7.90
CA ALA A 8 0.78 18.92 9.09
C ALA A 8 2.23 18.60 8.74
N ALA A 9 3.13 18.91 9.65
CA ALA A 9 4.55 18.70 9.42
C ALA A 9 5.23 18.10 10.63
N LEU A 10 5.34 16.78 10.64
CA LEU A 10 5.99 16.08 11.73
C LEU A 10 7.15 15.26 11.20
N LEU A 11 8.34 15.51 11.72
CA LEU A 11 9.52 14.77 11.32
C LEU A 11 10.11 14.04 12.53
N ALA A 12 10.01 12.73 12.53
CA ALA A 12 10.48 11.93 13.65
C ALA A 12 11.19 10.67 13.16
N THR A 13 11.61 9.85 14.11
CA THR A 13 12.24 8.58 13.80
C THR A 13 11.86 7.56 14.88
N VAL A 14 11.00 6.63 14.51
CA VAL A 14 10.48 5.67 15.46
C VAL A 14 10.61 4.24 14.95
N ALA A 15 9.90 3.32 15.61
CA ALA A 15 9.90 1.90 15.25
C ALA A 15 11.24 1.23 15.50
N SER A 16 11.26 -0.09 15.37
CA SER A 16 12.44 -0.89 15.62
C SER A 16 12.20 -2.30 15.09
N PHE A 17 10.98 -2.78 15.28
CA PHE A 17 10.57 -4.07 14.73
C PHE A 17 9.46 -3.87 13.71
N SER A 18 9.79 -4.00 12.44
CA SER A 18 8.78 -3.93 11.38
C SER A 18 9.14 -4.89 10.24
N THR A 19 10.09 -4.47 9.41
CA THR A 19 10.55 -5.23 8.23
C THR A 19 9.41 -5.59 7.25
N LEU A 20 8.48 -6.43 7.67
CA LEU A 20 7.37 -6.83 6.82
C LEU A 20 6.26 -5.79 6.88
N ALA A 21 6.41 -4.72 6.11
CA ALA A 21 5.44 -3.64 6.09
C ALA A 21 5.62 -2.77 4.85
N ALA A 22 4.63 -1.91 4.58
CA ALA A 22 4.67 -0.96 3.49
C ALA A 22 4.50 -1.64 2.12
N GLU A 23 3.43 -1.28 1.43
CA GLU A 23 3.12 -1.86 0.13
C GLU A 23 2.35 -0.83 -0.72
N GLN A 24 1.99 -1.21 -1.95
CA GLN A 24 1.21 -0.39 -2.87
C GLN A 24 2.09 0.57 -3.65
N VAL A 25 1.76 0.71 -4.93
CA VAL A 25 2.46 1.64 -5.80
C VAL A 25 1.49 2.72 -6.29
N SER A 26 2.00 3.72 -6.98
CA SER A 26 1.17 4.84 -7.39
C SER A 26 0.70 4.67 -8.83
N LYS A 27 0.01 5.68 -9.34
CA LYS A 27 -0.51 5.66 -10.70
C LYS A 27 0.63 5.80 -11.71
N GLN A 28 1.76 6.31 -11.23
CA GLN A 28 2.93 6.52 -12.07
C GLN A 28 3.49 5.19 -12.56
N GLU A 29 3.62 4.24 -11.63
CA GLU A 29 4.13 2.91 -11.95
C GLU A 29 3.17 2.18 -12.87
N ILE A 30 1.89 2.26 -12.56
CA ILE A 30 0.84 1.63 -13.37
C ILE A 30 0.95 2.07 -14.82
N SER A 31 1.10 3.37 -15.02
CA SER A 31 1.14 3.96 -16.35
C SER A 31 2.41 3.54 -17.10
N HIS A 32 3.53 3.46 -16.39
CA HIS A 32 4.81 3.19 -17.04
C HIS A 32 5.02 1.71 -17.31
N PHE A 33 4.71 0.87 -16.34
CA PHE A 33 5.01 -0.55 -16.45
C PHE A 33 3.83 -1.33 -17.01
N LYS A 34 2.63 -0.76 -16.93
CA LYS A 34 1.41 -1.43 -17.39
C LYS A 34 1.17 -2.72 -16.59
N LEU A 35 0.58 -2.56 -15.40
CA LEU A 35 0.36 -3.69 -14.51
C LEU A 35 -0.93 -4.43 -14.84
N VAL A 36 -1.15 -5.55 -14.16
CA VAL A 36 -2.32 -6.37 -14.41
C VAL A 36 -3.43 -6.05 -13.42
N LYS A 37 -4.60 -5.71 -13.94
CA LYS A 37 -5.75 -5.37 -13.11
C LYS A 37 -6.48 -6.64 -12.69
N VAL A 38 -6.49 -6.92 -11.39
CA VAL A 38 -7.17 -8.10 -10.88
C VAL A 38 -8.59 -7.76 -10.42
N GLY A 39 -8.93 -6.48 -10.49
CA GLY A 39 -10.28 -6.07 -10.20
C GLY A 39 -10.36 -5.08 -9.05
N THR A 40 -11.42 -4.29 -9.05
CA THR A 40 -11.67 -3.33 -7.99
C THR A 40 -12.31 -4.02 -6.78
N ILE A 41 -12.05 -3.50 -5.60
CA ILE A 41 -12.73 -3.98 -4.40
C ILE A 41 -13.58 -2.87 -3.81
N ASN A 42 -14.81 -3.21 -3.45
CA ASN A 42 -15.74 -2.25 -2.89
C ASN A 42 -16.25 -2.72 -1.54
N VAL A 43 -15.94 -1.98 -0.50
CA VAL A 43 -16.33 -2.37 0.84
C VAL A 43 -17.41 -1.43 1.37
N SER A 44 -18.62 -1.93 1.49
CA SER A 44 -19.71 -1.17 2.06
C SER A 44 -19.80 -1.46 3.56
N GLN A 45 -19.11 -0.65 4.34
CA GLN A 45 -18.93 -0.92 5.75
C GLN A 45 -19.93 -0.15 6.61
N SER A 46 -20.32 -0.76 7.72
CA SER A 46 -21.15 -0.08 8.71
C SER A 46 -20.25 0.47 9.81
N GLY A 47 -20.71 1.51 10.49
CA GLY A 47 -19.95 2.09 11.59
C GLY A 47 -19.90 1.18 12.80
N GLY A 48 -19.03 0.17 12.73
CA GLY A 48 -18.88 -0.77 13.82
C GLY A 48 -17.77 -1.77 13.57
N GLN A 49 -17.62 -2.21 12.33
CA GLN A 49 -16.59 -3.19 12.00
C GLN A 49 -15.24 -2.52 11.82
N ILE A 50 -15.24 -1.25 11.49
CA ILE A 50 -14.01 -0.49 11.34
C ILE A 50 -13.91 0.56 12.44
N SER A 51 -12.99 0.35 13.37
CA SER A 51 -12.78 1.27 14.47
C SER A 51 -11.48 2.04 14.25
N SER A 52 -10.44 1.31 13.89
CA SER A 52 -9.13 1.90 13.66
C SER A 52 -8.62 1.49 12.27
N PRO A 53 -7.58 2.16 11.75
CA PRO A 53 -6.97 1.81 10.45
C PRO A 53 -6.56 0.34 10.40
N SER A 54 -6.27 -0.22 11.57
CA SER A 54 -5.94 -1.63 11.70
C SER A 54 -7.03 -2.50 11.11
N ASP A 55 -8.28 -2.26 11.54
CA ASP A 55 -9.43 -3.03 11.08
C ASP A 55 -9.57 -2.90 9.57
N LEU A 56 -9.38 -1.67 9.07
CA LEU A 56 -9.53 -1.39 7.65
C LEU A 56 -8.53 -2.19 6.82
N ARG A 57 -7.27 -2.21 7.26
CA ARG A 57 -6.23 -2.93 6.56
C ARG A 57 -6.59 -4.42 6.46
N GLU A 58 -7.06 -4.98 7.57
CA GLU A 58 -7.41 -6.39 7.64
C GLU A 58 -8.54 -6.71 6.66
N LYS A 59 -9.57 -5.87 6.65
CA LYS A 59 -10.73 -6.09 5.79
C LYS A 59 -10.37 -5.96 4.32
N LEU A 60 -9.48 -5.02 4.00
CA LEU A 60 -9.04 -4.83 2.63
C LEU A 60 -8.19 -6.02 2.18
N SER A 61 -7.31 -6.47 3.06
CA SER A 61 -6.45 -7.61 2.76
C SER A 61 -7.26 -8.90 2.68
N GLU A 62 -8.36 -8.96 3.44
CA GLU A 62 -9.26 -10.09 3.41
C GLU A 62 -9.80 -10.32 2.00
N LEU A 63 -10.24 -9.23 1.37
CA LEU A 63 -10.75 -9.31 0.01
C LEU A 63 -9.61 -9.49 -1.00
N ALA A 64 -8.48 -8.83 -0.72
CA ALA A 64 -7.33 -8.89 -1.60
C ALA A 64 -6.75 -10.31 -1.67
N ASP A 65 -6.87 -11.02 -0.57
CA ASP A 65 -6.39 -12.41 -0.48
C ASP A 65 -7.11 -13.29 -1.49
N ALA A 66 -8.42 -13.08 -1.63
CA ALA A 66 -9.23 -13.88 -2.55
C ALA A 66 -9.08 -13.38 -3.99
N LYS A 67 -8.54 -12.17 -4.14
CA LYS A 67 -8.29 -11.60 -5.46
C LYS A 67 -6.89 -11.97 -5.94
N GLY A 68 -6.06 -12.45 -5.02
CA GLY A 68 -4.68 -12.75 -5.34
C GLY A 68 -3.96 -11.53 -5.89
N GLY A 69 -4.10 -10.42 -5.19
CA GLY A 69 -3.53 -9.17 -5.67
C GLY A 69 -2.14 -8.92 -5.13
N LYS A 70 -1.50 -7.89 -5.68
CA LYS A 70 -0.16 -7.50 -5.24
C LYS A 70 -0.26 -6.32 -4.29
N TYR A 71 -1.04 -5.33 -4.68
CA TYR A 71 -1.22 -4.13 -3.89
C TYR A 71 -2.61 -3.57 -4.16
N TYR A 72 -2.95 -2.50 -3.48
CA TYR A 72 -4.25 -1.88 -3.67
C TYR A 72 -4.13 -0.37 -3.59
N HIS A 73 -4.62 0.28 -4.62
CA HIS A 73 -4.56 1.73 -4.70
C HIS A 73 -5.96 2.31 -4.47
N ILE A 74 -6.20 2.79 -3.26
CA ILE A 74 -7.51 3.30 -2.90
C ILE A 74 -7.79 4.63 -3.59
N ILE A 75 -8.84 4.66 -4.39
CA ILE A 75 -9.19 5.85 -5.14
C ILE A 75 -10.23 6.68 -4.40
N ALA A 76 -11.14 6.01 -3.70
CA ALA A 76 -12.21 6.71 -3.01
C ALA A 76 -12.60 5.99 -1.73
N ALA A 77 -12.30 6.60 -0.61
CA ALA A 77 -12.74 6.11 0.68
C ALA A 77 -13.81 7.06 1.19
N ARG A 78 -15.05 6.78 0.82
CA ARG A 78 -16.12 7.75 0.99
C ARG A 78 -16.90 7.54 2.28
N GLU A 79 -16.90 8.57 3.10
CA GLU A 79 -17.71 8.62 4.30
C GLU A 79 -19.18 8.77 3.92
N HIS A 80 -19.92 7.66 3.95
CA HIS A 80 -21.32 7.64 3.55
C HIS A 80 -22.22 7.99 4.74
N GLY A 81 -21.61 8.51 5.80
CA GLY A 81 -22.37 8.86 6.99
C GLY A 81 -22.24 7.80 8.06
N PRO A 82 -23.29 7.01 8.30
CA PRO A 82 -23.22 5.87 9.22
C PRO A 82 -22.50 4.67 8.58
N ASN A 83 -22.18 4.84 7.30
CA ASN A 83 -21.50 3.80 6.54
C ASN A 83 -20.20 4.34 5.97
N PHE A 84 -19.28 3.44 5.68
CA PHE A 84 -18.01 3.80 5.07
C PHE A 84 -17.79 2.91 3.85
N GLU A 85 -17.63 3.52 2.68
CA GLU A 85 -17.47 2.76 1.46
C GLU A 85 -16.05 2.91 0.93
N ALA A 86 -15.28 1.82 0.99
CA ALA A 86 -13.92 1.83 0.51
C ALA A 86 -13.83 1.28 -0.92
N VAL A 87 -13.38 2.12 -1.84
CA VAL A 87 -13.20 1.71 -3.22
C VAL A 87 -11.71 1.71 -3.57
N ALA A 88 -11.16 0.54 -3.82
CA ALA A 88 -9.74 0.40 -4.08
C ALA A 88 -9.46 -0.37 -5.36
N GLU A 89 -8.45 0.07 -6.09
CA GLU A 89 -8.02 -0.59 -7.31
C GLU A 89 -6.93 -1.61 -6.99
N VAL A 90 -7.21 -2.88 -7.24
CA VAL A 90 -6.25 -3.92 -6.94
C VAL A 90 -5.54 -4.34 -8.21
N TYR A 91 -4.22 -4.29 -8.18
CA TYR A 91 -3.39 -4.70 -9.29
C TYR A 91 -2.40 -5.77 -8.84
N ASN A 92 -1.89 -6.53 -9.78
CA ASN A 92 -0.87 -7.52 -9.50
C ASN A 92 0.38 -7.19 -10.33
N ASP A 93 1.47 -7.94 -10.11
CA ASP A 93 2.68 -7.75 -10.90
C ASP A 93 2.38 -7.92 -12.38
N ALA A 94 3.23 -7.34 -13.22
CA ALA A 94 3.05 -7.43 -14.66
C ALA A 94 3.45 -8.81 -15.17
N THR A 95 2.70 -9.83 -14.74
CA THR A 95 2.93 -11.20 -15.18
C THR A 95 1.62 -12.01 -15.12
N LYS A 96 1.52 -12.92 -14.14
CA LYS A 96 0.40 -13.86 -14.01
C LYS A 96 0.01 -14.50 -15.35
N LEU A 97 -0.97 -13.92 -16.02
CA LEU A 97 -1.47 -14.46 -17.27
C LEU A 97 -0.63 -13.99 -18.45
N GLU A 98 0.54 -14.61 -18.60
CA GLU A 98 1.45 -14.37 -19.72
C GLU A 98 1.73 -12.88 -19.91
N HIS A 99 2.60 -12.34 -19.07
CA HIS A 99 3.00 -10.94 -19.18
C HIS A 99 4.44 -10.74 -18.74
N HIS A 100 5.23 -10.12 -19.59
CA HIS A 100 6.56 -9.67 -19.25
C HIS A 100 6.84 -8.34 -19.92
N HIS A 101 6.76 -7.26 -19.14
CA HIS A 101 6.96 -5.93 -19.67
C HIS A 101 7.95 -5.16 -18.82
N HIS A 102 9.21 -5.55 -18.91
CA HIS A 102 10.28 -4.89 -18.17
C HIS A 102 10.75 -3.65 -18.91
N HIS A 103 10.34 -2.48 -18.44
CA HIS A 103 10.75 -1.22 -19.04
C HIS A 103 12.05 -0.76 -18.41
N HIS A 104 12.99 -0.32 -19.24
CA HIS A 104 14.26 0.17 -18.75
C HIS A 104 14.85 1.22 -19.70
N MET B 1 -11.78 11.75 -11.60
CA MET B 1 -13.09 11.55 -12.23
C MET B 1 -14.18 11.77 -11.20
N LYS B 2 -15.39 12.08 -11.67
CA LYS B 2 -16.54 12.15 -10.80
C LYS B 2 -17.59 11.13 -11.24
N LYS B 3 -17.15 10.19 -12.07
CA LYS B 3 -17.99 9.07 -12.46
C LYS B 3 -18.18 8.14 -11.26
N ARG B 4 -19.39 7.62 -11.09
CA ARG B 4 -19.68 6.72 -10.00
C ARG B 4 -19.29 5.31 -10.38
N ILE B 5 -19.69 4.92 -11.61
CA ILE B 5 -19.34 3.62 -12.18
C ILE B 5 -19.84 2.46 -11.34
N ILE B 6 -21.04 1.99 -11.66
CA ILE B 6 -21.61 0.82 -11.01
C ILE B 6 -21.76 -0.29 -12.05
N ALA B 7 -21.56 -1.53 -11.63
CA ALA B 7 -21.58 -2.65 -12.56
C ALA B 7 -21.66 -3.98 -11.82
N ALA B 8 -20.82 -4.13 -10.81
CA ALA B 8 -20.75 -5.36 -10.01
C ALA B 8 -20.26 -6.53 -10.87
N ALA B 9 -20.60 -7.76 -10.45
CA ALA B 9 -20.18 -8.98 -11.14
C ALA B 9 -18.69 -9.21 -10.99
N LEU B 10 -18.18 -8.93 -9.79
CA LEU B 10 -16.77 -9.09 -9.50
C LEU B 10 -16.51 -10.38 -8.73
N LEU B 11 -15.85 -11.32 -9.38
CA LEU B 11 -15.53 -12.60 -8.75
C LEU B 11 -14.14 -12.57 -8.13
N ALA B 12 -14.00 -13.28 -7.03
CA ALA B 12 -12.73 -13.35 -6.30
C ALA B 12 -12.49 -14.76 -5.81
N THR B 13 -11.76 -15.54 -6.59
CA THR B 13 -11.44 -16.91 -6.21
C THR B 13 -10.13 -17.36 -6.87
N VAL B 14 -9.03 -17.13 -6.16
CA VAL B 14 -7.72 -17.58 -6.59
C VAL B 14 -6.75 -17.56 -5.40
N ALA B 15 -5.88 -18.57 -5.34
CA ALA B 15 -4.95 -18.70 -4.23
C ALA B 15 -3.74 -17.78 -4.40
N SER B 16 -3.04 -17.93 -5.52
CA SER B 16 -1.83 -17.14 -5.81
C SER B 16 -0.74 -17.43 -4.77
N PHE B 17 0.24 -16.54 -4.66
CA PHE B 17 1.32 -16.72 -3.71
C PHE B 17 1.11 -15.82 -2.50
N SER B 18 1.20 -16.40 -1.31
CA SER B 18 0.99 -15.66 -0.09
C SER B 18 2.29 -14.99 0.38
N THR B 19 2.63 -13.90 -0.29
CA THR B 19 3.82 -13.14 0.03
C THR B 19 3.44 -11.87 0.78
N LEU B 20 4.42 -11.24 1.44
CA LEU B 20 4.17 -9.96 2.13
C LEU B 20 3.70 -8.92 1.13
N ALA B 21 2.45 -8.47 1.29
CA ALA B 21 1.85 -7.51 0.37
C ALA B 21 0.57 -6.94 0.98
N ALA B 22 -0.06 -6.02 0.25
CA ALA B 22 -1.32 -5.40 0.65
C ALA B 22 -1.21 -4.63 1.96
N GLU B 23 -0.84 -3.35 1.85
CA GLU B 23 -0.80 -2.45 3.00
C GLU B 23 -0.63 -1.00 2.51
N GLN B 24 -1.68 -0.20 2.67
CA GLN B 24 -1.68 1.16 2.17
C GLN B 24 -2.79 1.99 2.84
N VAL B 25 -2.52 3.28 3.01
CA VAL B 25 -3.56 4.23 3.37
C VAL B 25 -3.54 5.38 2.36
N SER B 26 -4.69 5.70 1.79
CA SER B 26 -4.75 6.74 0.80
C SER B 26 -4.96 8.10 1.46
N LYS B 27 -5.02 9.14 0.65
CA LYS B 27 -5.03 10.51 1.16
C LYS B 27 -6.30 10.80 1.95
N GLN B 28 -7.37 10.06 1.65
CA GLN B 28 -8.65 10.25 2.32
C GLN B 28 -8.57 9.75 3.75
N GLU B 29 -8.09 8.53 3.91
CA GLU B 29 -7.99 7.89 5.21
C GLU B 29 -7.00 8.63 6.11
N ILE B 30 -5.90 9.09 5.51
CA ILE B 30 -4.88 9.84 6.25
C ILE B 30 -5.49 11.04 6.97
N SER B 31 -6.20 11.87 6.22
CA SER B 31 -6.82 13.06 6.79
C SER B 31 -8.05 12.72 7.64
N HIS B 32 -8.63 11.56 7.40
CA HIS B 32 -9.84 11.15 8.12
C HIS B 32 -9.48 10.61 9.50
N PHE B 33 -8.44 9.77 9.56
CA PHE B 33 -8.00 9.19 10.82
C PHE B 33 -6.96 10.09 11.49
N LYS B 34 -6.51 11.10 10.77
CA LYS B 34 -5.49 12.03 11.25
C LYS B 34 -4.19 11.28 11.57
N LEU B 35 -3.73 10.50 10.60
CA LEU B 35 -2.52 9.69 10.78
C LEU B 35 -1.30 10.59 10.97
N VAL B 36 -0.34 10.08 11.73
CA VAL B 36 0.86 10.85 12.03
C VAL B 36 1.92 10.69 10.95
N LYS B 37 2.35 11.83 10.41
CA LYS B 37 3.41 11.86 9.42
C LYS B 37 4.75 11.65 10.09
N VAL B 38 5.52 10.69 9.58
CA VAL B 38 6.82 10.40 10.16
C VAL B 38 7.92 11.20 9.46
N GLY B 39 7.83 11.23 8.15
CA GLY B 39 8.82 11.94 7.36
C GLY B 39 8.56 11.78 5.88
N THR B 40 9.60 11.98 5.09
CA THR B 40 9.50 11.85 3.64
C THR B 40 10.68 11.06 3.09
N ILE B 41 10.41 10.16 2.16
CA ILE B 41 11.47 9.40 1.50
C ILE B 41 11.47 9.71 0.01
N ASN B 42 12.65 9.79 -0.57
CA ASN B 42 12.76 10.13 -1.98
C ASN B 42 13.71 9.19 -2.71
N VAL B 43 13.30 8.81 -3.91
CA VAL B 43 14.10 7.96 -4.78
C VAL B 43 14.74 8.81 -5.86
N SER B 44 16.02 8.58 -6.11
CA SER B 44 16.75 9.33 -7.11
C SER B 44 17.84 8.43 -7.70
N GLN B 45 17.44 7.22 -8.07
CA GLN B 45 18.38 6.23 -8.59
C GLN B 45 18.25 6.11 -10.09
N SER B 46 19.29 5.59 -10.73
CA SER B 46 19.32 5.45 -12.17
C SER B 46 18.74 4.11 -12.61
N GLY B 47 18.54 3.97 -13.93
CA GLY B 47 18.06 2.72 -14.48
C GLY B 47 18.92 1.55 -14.07
N GLY B 48 18.34 0.63 -13.32
CA GLY B 48 19.09 -0.49 -12.79
C GLY B 48 18.80 -0.72 -11.32
N GLN B 49 18.75 0.37 -10.56
CA GLN B 49 18.40 0.29 -9.15
C GLN B 49 16.92 0.00 -9.00
N ILE B 50 16.16 0.38 -10.02
CA ILE B 50 14.76 0.02 -10.11
C ILE B 50 14.56 -0.91 -11.29
N SER B 51 14.24 -2.15 -10.98
CA SER B 51 14.13 -3.18 -12.00
C SER B 51 12.68 -3.51 -12.32
N SER B 52 11.79 -3.13 -11.41
CA SER B 52 10.37 -3.44 -11.54
C SER B 52 9.55 -2.43 -10.77
N PRO B 53 8.23 -2.35 -11.02
CA PRO B 53 7.33 -1.47 -10.25
C PRO B 53 7.29 -1.87 -8.79
N SER B 54 7.24 -3.18 -8.55
CA SER B 54 7.23 -3.72 -7.21
C SER B 54 8.63 -3.64 -6.59
N ASP B 55 9.64 -3.50 -7.44
CA ASP B 55 11.02 -3.34 -6.98
C ASP B 55 11.20 -1.97 -6.35
N LEU B 56 10.47 -0.99 -6.89
CA LEU B 56 10.42 0.33 -6.28
C LEU B 56 9.87 0.22 -4.87
N ARG B 57 8.83 -0.59 -4.71
CA ARG B 57 8.23 -0.82 -3.41
C ARG B 57 9.24 -1.48 -2.48
N GLU B 58 10.04 -2.40 -3.01
CA GLU B 58 11.12 -3.04 -2.26
C GLU B 58 12.00 -1.99 -1.60
N LYS B 59 12.48 -1.05 -2.41
CA LYS B 59 13.34 0.03 -1.93
C LYS B 59 12.60 0.91 -0.91
N LEU B 60 11.34 1.21 -1.22
CA LEU B 60 10.54 2.10 -0.38
C LEU B 60 10.23 1.47 0.98
N SER B 61 9.85 0.19 0.99
CA SER B 61 9.56 -0.51 2.23
C SER B 61 10.83 -0.62 3.08
N GLU B 62 11.98 -0.72 2.42
CA GLU B 62 13.26 -0.80 3.09
C GLU B 62 13.55 0.51 3.84
N LEU B 63 13.24 1.62 3.19
CA LEU B 63 13.47 2.94 3.78
C LEU B 63 12.44 3.24 4.87
N ALA B 64 11.20 2.79 4.64
CA ALA B 64 10.10 3.03 5.58
C ALA B 64 10.41 2.44 6.94
N ASP B 65 11.01 1.25 6.96
CA ASP B 65 11.36 0.56 8.20
C ASP B 65 12.34 1.40 9.02
N ALA B 66 13.29 2.02 8.34
CA ALA B 66 14.35 2.79 9.01
C ALA B 66 13.83 4.12 9.54
N LYS B 67 12.69 4.57 9.00
CA LYS B 67 12.08 5.82 9.43
C LYS B 67 11.05 5.57 10.53
N GLY B 68 10.34 4.46 10.42
CA GLY B 68 9.37 4.11 11.44
C GLY B 68 7.95 4.33 10.98
N GLY B 69 7.59 3.70 9.87
CA GLY B 69 6.24 3.82 9.37
C GLY B 69 5.75 2.52 8.77
N LYS B 70 4.44 2.31 8.84
CA LYS B 70 3.83 1.12 8.25
C LYS B 70 3.34 1.42 6.85
N TYR B 71 2.81 2.62 6.67
CA TYR B 71 2.17 2.99 5.44
C TYR B 71 2.91 4.14 4.80
N TYR B 72 2.87 4.20 3.48
CA TYR B 72 3.47 5.31 2.76
C TYR B 72 2.63 5.62 1.54
N HIS B 73 2.71 6.85 1.06
CA HIS B 73 1.90 7.26 -0.07
C HIS B 73 2.76 8.09 -1.04
N ILE B 74 3.04 7.51 -2.19
CA ILE B 74 3.79 8.20 -3.23
C ILE B 74 2.99 9.39 -3.76
N ILE B 75 3.60 10.56 -3.76
CA ILE B 75 2.92 11.78 -4.18
C ILE B 75 3.42 12.27 -5.54
N ALA B 76 4.69 11.97 -5.84
CA ALA B 76 5.28 12.40 -7.09
C ALA B 76 6.38 11.45 -7.52
N ALA B 77 6.13 10.69 -8.58
CA ALA B 77 7.11 9.78 -9.11
C ALA B 77 7.34 10.06 -10.59
N ARG B 78 8.44 10.71 -10.90
CA ARG B 78 8.70 11.13 -12.26
C ARG B 78 9.99 10.55 -12.79
N GLU B 79 9.91 10.00 -13.98
CA GLU B 79 11.09 9.56 -14.69
C GLU B 79 11.80 10.78 -15.26
N HIS B 80 13.01 11.03 -14.78
CA HIS B 80 13.72 12.25 -15.11
C HIS B 80 14.81 11.97 -16.14
N GLY B 81 14.60 10.93 -16.93
CA GLY B 81 15.57 10.53 -17.92
C GLY B 81 16.37 9.32 -17.46
N PRO B 82 17.64 9.52 -17.08
CA PRO B 82 18.50 8.43 -16.60
C PRO B 82 18.15 8.02 -15.17
N ASN B 83 17.55 8.93 -14.43
CA ASN B 83 17.21 8.69 -13.03
C ASN B 83 15.70 8.72 -12.82
N PHE B 84 15.23 7.93 -11.87
CA PHE B 84 13.82 7.89 -11.53
C PHE B 84 13.62 8.56 -10.17
N GLU B 85 12.90 9.67 -10.18
CA GLU B 85 12.71 10.48 -8.99
C GLU B 85 11.34 10.21 -8.38
N ALA B 86 11.30 9.56 -7.23
CA ALA B 86 10.03 9.22 -6.60
C ALA B 86 9.96 9.73 -5.16
N VAL B 87 9.02 10.63 -4.91
CA VAL B 87 8.81 11.18 -3.58
C VAL B 87 7.59 10.55 -2.93
N ALA B 88 7.79 9.97 -1.75
CA ALA B 88 6.71 9.33 -1.03
C ALA B 88 6.66 9.82 0.42
N GLU B 89 5.46 10.00 0.94
CA GLU B 89 5.28 10.45 2.31
C GLU B 89 5.12 9.23 3.23
N VAL B 90 5.84 9.25 4.34
CA VAL B 90 5.83 8.14 5.28
C VAL B 90 4.87 8.44 6.43
N TYR B 91 3.93 7.53 6.66
CA TYR B 91 2.96 7.69 7.74
C TYR B 91 3.00 6.48 8.67
N ASN B 92 2.83 6.73 9.95
CA ASN B 92 2.81 5.66 10.93
C ASN B 92 1.38 5.20 11.15
N ASP B 93 1.21 4.06 11.81
CA ASP B 93 -0.13 3.52 12.09
C ASP B 93 -0.90 4.47 13.01
N ALA B 94 -0.13 5.25 13.78
CA ALA B 94 -0.66 6.28 14.67
C ALA B 94 -1.30 5.70 15.92
N THR B 95 -2.21 4.80 15.72
CA THR B 95 -2.92 4.19 16.83
C THR B 95 -2.24 2.90 17.29
N LYS B 96 -1.56 2.23 16.36
CA LYS B 96 -0.84 0.99 16.64
C LYS B 96 -1.82 -0.16 16.88
N LEU B 97 -2.55 -0.05 17.97
CA LEU B 97 -3.62 -0.97 18.31
C LEU B 97 -4.59 -0.29 19.26
N GLU B 98 -5.84 -0.69 19.20
CA GLU B 98 -6.87 -0.09 20.04
C GLU B 98 -6.98 -0.83 21.36
N HIS B 99 -7.42 -2.08 21.28
CA HIS B 99 -7.54 -2.94 22.44
C HIS B 99 -7.40 -4.38 22.00
N HIS B 100 -6.81 -4.55 20.82
CA HIS B 100 -6.60 -5.84 20.18
C HIS B 100 -7.88 -6.41 19.62
N HIS B 101 -7.97 -6.43 18.30
CA HIS B 101 -9.06 -7.06 17.60
C HIS B 101 -9.04 -8.55 17.92
N HIS B 102 -10.01 -8.99 18.71
CA HIS B 102 -9.99 -10.33 19.27
C HIS B 102 -10.00 -11.41 18.20
N HIS B 103 -8.94 -12.19 18.18
CA HIS B 103 -8.82 -13.31 17.27
C HIS B 103 -8.31 -14.54 18.02
N HIS B 104 -9.24 -15.43 18.36
CA HIS B 104 -8.91 -16.65 19.08
C HIS B 104 -9.73 -17.80 18.52
N MET A 1 -9.50 11.21 -7.62
CA MET A 1 -9.11 12.16 -8.69
C MET A 1 -8.11 13.18 -8.19
N LYS A 2 -8.31 13.67 -6.97
CA LYS A 2 -7.51 14.75 -6.44
C LYS A 2 -6.23 14.26 -5.75
N LYS A 3 -5.12 14.46 -6.41
CA LYS A 3 -3.82 14.23 -5.81
C LYS A 3 -3.11 15.57 -5.66
N ARG A 4 -3.47 16.27 -4.59
CA ARG A 4 -3.01 17.65 -4.39
C ARG A 4 -2.03 17.72 -3.23
N ILE A 5 -1.54 16.55 -2.81
CA ILE A 5 -0.61 16.48 -1.70
C ILE A 5 0.81 16.28 -2.20
N ILE A 6 1.64 17.29 -2.04
CA ILE A 6 3.06 17.18 -2.34
C ILE A 6 3.89 17.90 -1.28
N ALA A 7 4.17 17.21 -0.19
CA ALA A 7 4.99 17.77 0.87
C ALA A 7 6.35 17.10 0.89
N ALA A 8 7.30 17.72 0.21
CA ALA A 8 8.65 17.18 0.10
C ALA A 8 9.48 17.54 1.31
N ALA A 9 10.14 16.55 1.88
CA ALA A 9 10.97 16.74 3.05
C ALA A 9 12.13 15.75 3.05
N LEU A 10 13.21 16.12 3.72
CA LEU A 10 14.42 15.29 3.82
C LEU A 10 15.09 15.09 2.46
N LEU A 11 16.24 14.43 2.49
CA LEU A 11 16.98 14.12 1.27
C LEU A 11 18.07 13.11 1.60
N ALA A 12 18.31 12.18 0.68
CA ALA A 12 19.33 11.14 0.84
C ALA A 12 19.07 10.36 2.13
N THR A 13 17.99 9.61 2.14
CA THR A 13 17.63 8.81 3.30
C THR A 13 18.36 7.48 3.28
N VAL A 14 18.93 7.11 4.41
CA VAL A 14 19.69 5.88 4.52
C VAL A 14 18.85 4.76 5.10
N ALA A 15 19.17 3.52 4.73
CA ALA A 15 18.40 2.37 5.16
C ALA A 15 19.30 1.15 5.33
N SER A 16 19.54 0.76 6.58
CA SER A 16 20.36 -0.40 6.88
C SER A 16 19.52 -1.55 7.41
N PHE A 17 18.21 -1.43 7.23
CA PHE A 17 17.27 -2.45 7.65
C PHE A 17 16.12 -2.49 6.66
N SER A 18 15.80 -3.67 6.15
CA SER A 18 14.83 -3.78 5.07
C SER A 18 13.86 -4.93 5.29
N THR A 19 12.67 -4.62 5.81
CA THR A 19 11.62 -5.59 5.95
C THR A 19 10.46 -5.24 5.03
N LEU A 20 9.83 -6.26 4.44
CA LEU A 20 8.64 -6.04 3.63
C LEU A 20 7.48 -5.71 4.56
N ALA A 21 7.16 -4.42 4.65
CA ALA A 21 6.15 -3.97 5.60
C ALA A 21 5.25 -2.91 4.97
N ALA A 22 5.22 -2.86 3.65
CA ALA A 22 4.42 -1.87 2.93
C ALA A 22 4.39 -2.19 1.44
N GLU A 23 3.24 -1.94 0.80
CA GLU A 23 3.12 -2.18 -0.64
C GLU A 23 1.75 -1.74 -1.18
N GLN A 24 1.78 -0.72 -2.05
CA GLN A 24 0.60 -0.19 -2.73
C GLN A 24 1.00 1.06 -3.52
N VAL A 25 0.43 1.22 -4.72
CA VAL A 25 0.82 2.31 -5.61
C VAL A 25 -0.37 3.21 -5.95
N SER A 26 -0.07 4.46 -6.30
CA SER A 26 -1.10 5.46 -6.54
C SER A 26 -1.45 5.59 -8.03
N LYS A 27 -0.82 6.51 -8.72
CA LYS A 27 -1.18 6.80 -10.10
C LYS A 27 0.01 6.64 -11.05
N GLN A 28 1.01 7.50 -10.90
CA GLN A 28 2.10 7.58 -11.88
C GLN A 28 2.89 6.27 -11.97
N GLU A 29 2.93 5.54 -10.86
CA GLU A 29 3.58 4.23 -10.83
C GLU A 29 2.85 3.25 -11.73
N ILE A 30 1.52 3.28 -11.66
CA ILE A 30 0.68 2.40 -12.45
C ILE A 30 0.84 2.67 -13.94
N SER A 31 0.84 3.94 -14.32
CA SER A 31 0.97 4.31 -15.71
C SER A 31 2.36 3.97 -16.25
N HIS A 32 3.35 4.00 -15.38
CA HIS A 32 4.73 3.71 -15.79
C HIS A 32 4.93 2.23 -16.05
N PHE A 33 4.48 1.40 -15.13
CA PHE A 33 4.69 -0.04 -15.24
C PHE A 33 3.46 -0.74 -15.80
N LYS A 34 2.45 0.05 -16.17
CA LYS A 34 1.21 -0.42 -16.77
C LYS A 34 0.31 -1.14 -15.76
N LEU A 35 0.93 -2.04 -14.99
CA LEU A 35 0.24 -2.95 -14.07
C LEU A 35 -0.77 -3.86 -14.78
N VAL A 36 -1.19 -4.91 -14.08
CA VAL A 36 -2.07 -5.91 -14.67
C VAL A 36 -3.52 -5.66 -14.30
N LYS A 37 -3.76 -5.43 -13.01
CA LYS A 37 -5.10 -5.21 -12.45
C LYS A 37 -5.92 -6.50 -12.45
N VAL A 38 -6.45 -6.88 -11.30
CA VAL A 38 -7.16 -8.15 -11.18
C VAL A 38 -8.66 -7.97 -10.89
N GLY A 39 -9.03 -6.89 -10.20
CA GLY A 39 -10.44 -6.70 -9.88
C GLY A 39 -10.69 -5.60 -8.89
N THR A 40 -11.87 -5.62 -8.29
CA THR A 40 -12.30 -4.59 -7.36
C THR A 40 -12.66 -5.19 -6.00
N ILE A 41 -12.35 -4.48 -4.93
CA ILE A 41 -12.79 -4.88 -3.59
C ILE A 41 -13.68 -3.80 -3.00
N ASN A 42 -14.73 -4.22 -2.33
CA ASN A 42 -15.71 -3.28 -1.79
C ASN A 42 -15.84 -3.46 -0.28
N VAL A 43 -15.45 -2.43 0.45
CA VAL A 43 -15.56 -2.43 1.90
C VAL A 43 -16.71 -1.50 2.31
N SER A 44 -17.74 -2.08 2.90
CA SER A 44 -18.94 -1.33 3.22
C SER A 44 -19.59 -1.88 4.48
N GLN A 45 -19.35 -1.23 5.61
CA GLN A 45 -19.92 -1.64 6.89
C GLN A 45 -20.30 -0.43 7.71
N SER A 46 -21.23 -0.60 8.64
CA SER A 46 -21.64 0.49 9.51
C SER A 46 -20.54 0.81 10.52
N GLY A 47 -20.74 1.87 11.30
CA GLY A 47 -19.73 2.32 12.24
C GLY A 47 -19.65 1.45 13.48
N GLY A 48 -19.43 0.16 13.26
CA GLY A 48 -19.24 -0.77 14.34
C GLY A 48 -18.19 -1.80 13.99
N GLN A 49 -18.17 -2.21 12.73
CA GLN A 49 -17.18 -3.14 12.23
C GLN A 49 -15.88 -2.42 11.86
N ILE A 50 -15.98 -1.10 11.75
CA ILE A 50 -14.83 -0.25 11.48
C ILE A 50 -14.81 0.90 12.48
N SER A 51 -13.66 1.15 13.07
CA SER A 51 -13.54 2.18 14.09
C SER A 51 -12.32 3.05 13.88
N SER A 52 -11.24 2.44 13.40
CA SER A 52 -9.98 3.12 13.19
C SER A 52 -9.32 2.60 11.91
N PRO A 53 -8.26 3.26 11.40
CA PRO A 53 -7.56 2.81 10.18
C PRO A 53 -7.10 1.36 10.25
N SER A 54 -6.78 0.91 11.46
CA SER A 54 -6.29 -0.45 11.68
C SER A 54 -7.35 -1.49 11.28
N ASP A 55 -8.63 -1.17 11.47
CA ASP A 55 -9.70 -2.09 11.09
C ASP A 55 -9.69 -2.31 9.58
N LEU A 56 -9.71 -1.20 8.86
CA LEU A 56 -9.69 -1.23 7.39
C LEU A 56 -8.38 -1.85 6.90
N ARG A 57 -7.33 -1.66 7.69
CA ARG A 57 -5.99 -2.15 7.35
C ARG A 57 -5.99 -3.68 7.24
N GLU A 58 -6.83 -4.34 8.03
CA GLU A 58 -6.97 -5.79 7.94
C GLU A 58 -7.76 -6.16 6.71
N LYS A 59 -8.88 -5.48 6.50
CA LYS A 59 -9.80 -5.81 5.41
C LYS A 59 -9.14 -5.63 4.04
N LEU A 60 -8.36 -4.56 3.88
CA LEU A 60 -7.69 -4.30 2.61
C LEU A 60 -6.74 -5.43 2.26
N SER A 61 -6.08 -5.98 3.27
CA SER A 61 -5.11 -7.05 3.06
C SER A 61 -5.80 -8.38 2.78
N GLU A 62 -6.85 -8.69 3.54
CA GLU A 62 -7.50 -9.98 3.42
C GLU A 62 -8.24 -10.11 2.10
N LEU A 63 -8.84 -9.02 1.64
CA LEU A 63 -9.60 -9.03 0.38
C LEU A 63 -8.68 -9.06 -0.84
N ALA A 64 -7.67 -8.19 -0.87
CA ALA A 64 -6.82 -8.06 -2.04
C ALA A 64 -5.98 -9.31 -2.29
N ASP A 65 -5.42 -9.86 -1.21
CA ASP A 65 -4.60 -11.07 -1.33
C ASP A 65 -5.45 -12.26 -1.77
N ALA A 66 -6.69 -12.29 -1.31
CA ALA A 66 -7.62 -13.36 -1.66
C ALA A 66 -8.09 -13.24 -3.11
N LYS A 67 -7.76 -12.11 -3.74
CA LYS A 67 -8.09 -11.90 -5.14
C LYS A 67 -6.85 -12.01 -6.02
N GLY A 68 -5.72 -12.34 -5.39
CA GLY A 68 -4.49 -12.51 -6.13
C GLY A 68 -3.89 -11.20 -6.60
N GLY A 69 -3.60 -10.31 -5.67
CA GLY A 69 -2.98 -9.05 -6.02
C GLY A 69 -1.78 -8.74 -5.15
N LYS A 70 -1.18 -7.57 -5.38
CA LYS A 70 -0.04 -7.12 -4.58
C LYS A 70 -0.27 -5.70 -4.11
N TYR A 71 -0.88 -4.88 -4.95
CA TYR A 71 -1.21 -3.52 -4.59
C TYR A 71 -2.69 -3.28 -4.84
N TYR A 72 -3.20 -2.16 -4.37
CA TYR A 72 -4.57 -1.75 -4.66
C TYR A 72 -4.62 -0.24 -4.85
N HIS A 73 -5.70 0.27 -5.37
CA HIS A 73 -5.83 1.72 -5.48
C HIS A 73 -7.20 2.17 -5.01
N ILE A 74 -7.22 2.83 -3.87
CA ILE A 74 -8.43 3.40 -3.32
C ILE A 74 -8.91 4.56 -4.19
N ILE A 75 -10.17 4.55 -4.56
CA ILE A 75 -10.72 5.58 -5.42
C ILE A 75 -11.92 6.27 -4.78
N ALA A 76 -12.46 5.67 -3.73
CA ALA A 76 -13.63 6.23 -3.06
C ALA A 76 -13.73 5.72 -1.64
N ALA A 77 -13.44 6.58 -0.67
CA ALA A 77 -13.58 6.23 0.73
C ALA A 77 -14.32 7.33 1.48
N ARG A 78 -15.58 7.10 1.80
CA ARG A 78 -16.40 8.10 2.46
C ARG A 78 -17.50 7.44 3.29
N GLU A 79 -17.85 8.07 4.40
CA GLU A 79 -18.96 7.61 5.20
C GLU A 79 -20.28 8.04 4.57
N HIS A 80 -21.00 7.08 4.03
CA HIS A 80 -22.27 7.35 3.38
C HIS A 80 -23.41 6.99 4.32
N GLY A 81 -23.80 7.94 5.14
CA GLY A 81 -24.81 7.68 6.15
C GLY A 81 -24.20 7.00 7.36
N PRO A 82 -24.84 5.95 7.89
CA PRO A 82 -24.31 5.17 9.00
C PRO A 82 -23.32 4.10 8.56
N ASN A 83 -23.06 4.04 7.25
CA ASN A 83 -22.16 3.04 6.69
C ASN A 83 -20.92 3.67 6.09
N PHE A 84 -19.80 3.00 6.25
CA PHE A 84 -18.54 3.44 5.67
C PHE A 84 -18.33 2.77 4.32
N GLU A 85 -18.22 3.58 3.28
CA GLU A 85 -18.08 3.09 1.91
C GLU A 85 -16.64 3.25 1.42
N ALA A 86 -15.99 2.15 1.11
CA ALA A 86 -14.64 2.20 0.56
C ALA A 86 -14.52 1.32 -0.67
N VAL A 87 -14.25 1.95 -1.80
CA VAL A 87 -14.10 1.25 -3.06
C VAL A 87 -12.65 1.34 -3.53
N ALA A 88 -12.03 0.19 -3.73
CA ALA A 88 -10.66 0.13 -4.21
C ALA A 88 -10.50 -1.01 -5.20
N GLU A 89 -9.70 -0.80 -6.23
CA GLU A 89 -9.43 -1.85 -7.19
C GLU A 89 -8.04 -2.42 -6.95
N VAL A 90 -7.92 -3.73 -7.08
CA VAL A 90 -6.67 -4.42 -6.78
C VAL A 90 -5.81 -4.51 -8.02
N TYR A 91 -4.59 -4.02 -7.93
CA TYR A 91 -3.68 -4.03 -9.05
C TYR A 91 -2.53 -4.99 -8.80
N ASN A 92 -2.47 -6.04 -9.60
CA ASN A 92 -1.34 -6.94 -9.59
C ASN A 92 -0.29 -6.36 -10.53
N ASP A 93 0.97 -6.55 -10.21
CA ASP A 93 2.05 -5.94 -10.98
C ASP A 93 2.39 -6.80 -12.19
N ALA A 94 3.36 -6.35 -12.98
CA ALA A 94 3.75 -7.03 -14.22
C ALA A 94 4.49 -8.35 -13.95
N THR A 95 4.46 -8.80 -12.71
CA THR A 95 5.08 -10.05 -12.34
C THR A 95 4.04 -11.16 -12.35
N LYS A 96 2.82 -10.80 -11.93
CA LYS A 96 1.70 -11.75 -11.82
C LYS A 96 1.96 -12.77 -10.73
N LEU A 97 2.85 -13.70 -11.02
CA LEU A 97 3.27 -14.72 -10.07
C LEU A 97 4.73 -15.09 -10.32
N GLU A 98 5.27 -16.00 -9.53
CA GLU A 98 6.69 -16.34 -9.62
C GLU A 98 7.06 -16.96 -10.96
N HIS A 99 6.16 -17.76 -11.52
CA HIS A 99 6.44 -18.47 -12.77
C HIS A 99 6.41 -17.51 -13.96
N HIS A 100 7.57 -17.29 -14.57
CA HIS A 100 7.65 -16.44 -15.75
C HIS A 100 8.01 -17.27 -16.97
N HIS A 101 7.11 -17.29 -17.95
CA HIS A 101 7.29 -18.12 -19.13
C HIS A 101 7.17 -17.29 -20.40
N HIS A 102 8.21 -17.37 -21.23
CA HIS A 102 8.26 -16.66 -22.53
C HIS A 102 8.43 -15.15 -22.32
N HIS A 103 9.61 -14.65 -22.65
CA HIS A 103 9.94 -13.24 -22.43
C HIS A 103 10.70 -12.65 -23.61
N HIS A 104 10.94 -11.35 -23.56
CA HIS A 104 11.74 -10.68 -24.56
C HIS A 104 13.10 -10.32 -23.97
N MET B 1 19.64 4.50 -22.55
CA MET B 1 18.49 5.43 -22.64
C MET B 1 17.43 4.88 -23.58
N LYS B 2 16.26 4.54 -23.02
CA LYS B 2 15.12 4.05 -23.80
C LYS B 2 15.39 2.68 -24.42
N LYS B 3 14.88 1.63 -23.78
CA LYS B 3 15.00 0.29 -24.35
C LYS B 3 13.79 -0.02 -25.22
N ARG B 4 12.69 0.71 -24.98
CA ARG B 4 11.50 0.68 -25.84
C ARG B 4 10.78 -0.66 -25.77
N ILE B 5 11.09 -1.46 -24.76
CA ILE B 5 10.47 -2.77 -24.62
C ILE B 5 9.20 -2.67 -23.77
N ILE B 6 8.07 -2.58 -24.43
CA ILE B 6 6.79 -2.54 -23.73
C ILE B 6 6.15 -3.93 -23.74
N ALA B 7 6.59 -4.77 -22.82
CA ALA B 7 6.07 -6.12 -22.72
C ALA B 7 4.95 -6.19 -21.70
N ALA B 8 3.77 -5.76 -22.10
CA ALA B 8 2.60 -5.82 -21.25
C ALA B 8 1.79 -7.05 -21.63
N ALA B 9 1.86 -8.09 -20.82
CA ALA B 9 1.25 -9.36 -21.13
C ALA B 9 0.82 -10.07 -19.86
N LEU B 10 0.78 -11.41 -19.91
CA LEU B 10 0.47 -12.25 -18.75
C LEU B 10 -1.02 -12.23 -18.40
N LEU B 11 -1.58 -11.03 -18.30
CA LEU B 11 -2.99 -10.83 -17.94
C LEU B 11 -3.27 -11.32 -16.52
N ALA B 12 -4.52 -11.23 -16.09
CA ALA B 12 -4.90 -11.68 -14.77
C ALA B 12 -5.20 -13.16 -14.78
N THR B 13 -6.19 -13.54 -15.60
CA THR B 13 -6.59 -14.93 -15.78
C THR B 13 -7.20 -15.51 -14.50
N VAL B 14 -6.34 -15.91 -13.57
CA VAL B 14 -6.78 -16.54 -12.33
C VAL B 14 -6.12 -15.85 -11.13
N ALA B 15 -4.99 -15.20 -11.39
CA ALA B 15 -4.18 -14.57 -10.34
C ALA B 15 -3.69 -15.61 -9.33
N SER B 16 -3.00 -15.15 -8.30
CA SER B 16 -2.50 -16.03 -7.25
C SER B 16 -2.24 -15.24 -5.97
N PHE B 17 -2.46 -15.89 -4.83
CA PHE B 17 -2.21 -15.29 -3.53
C PHE B 17 -0.75 -14.87 -3.41
N SER B 18 -0.49 -13.84 -2.62
CA SER B 18 0.85 -13.33 -2.46
C SER B 18 1.30 -13.49 -1.01
N THR B 19 0.49 -14.23 -0.23
CA THR B 19 0.74 -14.47 1.18
C THR B 19 0.46 -13.21 2.01
N LEU B 20 1.14 -12.13 1.69
CA LEU B 20 0.89 -10.85 2.32
C LEU B 20 1.35 -9.75 1.37
N ALA B 21 0.40 -9.17 0.67
CA ALA B 21 0.70 -8.13 -0.31
C ALA B 21 -0.50 -7.23 -0.55
N ALA B 22 -0.66 -6.23 0.31
CA ALA B 22 -1.73 -5.23 0.21
C ALA B 22 -1.79 -4.37 1.47
N GLU B 23 -1.06 -3.25 1.46
CA GLU B 23 -1.07 -2.36 2.63
C GLU B 23 -0.37 -1.02 2.36
N GLN B 24 -1.17 0.04 2.44
CA GLN B 24 -0.72 1.42 2.29
C GLN B 24 -1.94 2.34 2.39
N VAL B 25 -1.72 3.64 2.53
CA VAL B 25 -2.80 4.60 2.67
C VAL B 25 -2.77 5.65 1.57
N SER B 26 -3.94 6.11 1.17
CA SER B 26 -4.05 7.11 0.11
C SER B 26 -4.40 8.48 0.70
N LYS B 27 -4.97 9.35 -0.12
CA LYS B 27 -5.31 10.71 0.31
C LYS B 27 -6.43 10.66 1.35
N GLN B 28 -7.40 9.79 1.11
CA GLN B 28 -8.61 9.70 1.92
C GLN B 28 -8.28 9.40 3.38
N GLU B 29 -7.45 8.39 3.61
CA GLU B 29 -7.11 7.97 4.96
C GLU B 29 -6.37 9.07 5.73
N ILE B 30 -5.49 9.78 5.04
CA ILE B 30 -4.68 10.81 5.68
C ILE B 30 -5.56 11.89 6.30
N SER B 31 -6.40 12.50 5.49
CA SER B 31 -7.22 13.63 5.94
C SER B 31 -8.35 13.19 6.86
N HIS B 32 -8.76 11.93 6.79
CA HIS B 32 -9.89 11.46 7.58
C HIS B 32 -9.46 10.77 8.87
N PHE B 33 -8.39 9.99 8.82
CA PHE B 33 -7.99 9.20 9.98
C PHE B 33 -6.85 9.87 10.76
N LYS B 34 -6.47 11.08 10.35
CA LYS B 34 -5.48 11.88 11.08
C LYS B 34 -4.16 11.13 11.19
N LEU B 35 -3.77 10.46 10.10
CA LEU B 35 -2.60 9.58 10.10
C LEU B 35 -1.33 10.30 10.55
N VAL B 36 -0.43 9.54 11.14
CA VAL B 36 0.81 10.08 11.69
C VAL B 36 1.94 9.98 10.68
N LYS B 37 2.37 11.12 10.17
CA LYS B 37 3.49 11.16 9.25
C LYS B 37 4.79 11.16 10.02
N VAL B 38 5.57 10.09 9.87
CA VAL B 38 6.82 9.96 10.59
C VAL B 38 7.97 10.64 9.85
N GLY B 39 7.86 10.70 8.53
CA GLY B 39 8.90 11.31 7.74
C GLY B 39 8.62 11.25 6.26
N THR B 40 9.61 11.61 5.46
CA THR B 40 9.47 11.60 4.01
C THR B 40 10.70 10.94 3.38
N ILE B 41 10.48 10.15 2.34
CA ILE B 41 11.58 9.48 1.66
C ILE B 41 11.56 9.83 0.17
N ASN B 42 12.74 9.87 -0.42
CA ASN B 42 12.87 10.19 -1.84
C ASN B 42 13.82 9.25 -2.55
N VAL B 43 13.46 8.90 -3.77
CA VAL B 43 14.23 7.99 -4.59
C VAL B 43 14.94 8.77 -5.69
N SER B 44 16.26 8.63 -5.74
CA SER B 44 17.05 9.26 -6.79
C SER B 44 18.18 8.31 -7.18
N GLN B 45 17.82 7.21 -7.81
CA GLN B 45 18.78 6.17 -8.14
C GLN B 45 19.05 6.12 -9.64
N SER B 46 20.22 5.65 -10.00
CA SER B 46 20.67 5.65 -11.39
C SER B 46 20.15 4.43 -12.17
N GLY B 47 18.87 4.12 -11.98
CA GLY B 47 18.24 3.06 -12.75
C GLY B 47 18.58 1.66 -12.27
N GLY B 48 19.85 1.44 -11.92
CA GLY B 48 20.30 0.11 -11.52
C GLY B 48 19.83 -0.30 -10.13
N GLN B 49 18.70 0.23 -9.73
CA GLN B 49 18.07 -0.12 -8.46
C GLN B 49 16.61 -0.44 -8.68
N ILE B 50 16.17 -0.27 -9.92
CA ILE B 50 14.78 -0.52 -10.30
C ILE B 50 14.75 -1.32 -11.58
N SER B 51 13.94 -2.38 -11.59
CA SER B 51 13.86 -3.26 -12.74
C SER B 51 12.40 -3.54 -13.08
N SER B 52 11.67 -4.08 -12.12
CA SER B 52 10.26 -4.36 -12.27
C SER B 52 9.46 -3.46 -11.33
N PRO B 53 8.12 -3.39 -11.47
CA PRO B 53 7.27 -2.63 -10.54
C PRO B 53 7.43 -3.10 -9.10
N SER B 54 7.86 -4.35 -8.94
CA SER B 54 8.13 -4.92 -7.63
C SER B 54 9.39 -4.30 -7.01
N ASP B 55 10.39 -4.01 -7.83
CA ASP B 55 11.64 -3.40 -7.35
C ASP B 55 11.37 -2.04 -6.75
N LEU B 56 10.45 -1.31 -7.36
CA LEU B 56 10.06 0.00 -6.85
C LEU B 56 9.53 -0.14 -5.43
N ARG B 57 8.74 -1.18 -5.20
CA ARG B 57 8.22 -1.46 -3.86
C ARG B 57 9.37 -1.79 -2.93
N GLU B 58 10.26 -2.66 -3.39
CA GLU B 58 11.38 -3.14 -2.58
C GLU B 58 12.18 -1.97 -2.03
N LYS B 59 12.55 -1.03 -2.89
CA LYS B 59 13.38 0.11 -2.49
C LYS B 59 12.59 1.06 -1.58
N LEU B 60 11.30 1.21 -1.85
CA LEU B 60 10.46 2.08 -1.05
C LEU B 60 10.19 1.49 0.33
N SER B 61 9.95 0.18 0.38
CA SER B 61 9.73 -0.51 1.64
C SER B 61 11.03 -0.54 2.43
N GLU B 62 12.16 -0.59 1.72
CA GLU B 62 13.48 -0.53 2.31
C GLU B 62 13.63 0.75 3.12
N LEU B 63 13.32 1.89 2.49
CA LEU B 63 13.43 3.18 3.13
C LEU B 63 12.35 3.36 4.20
N ALA B 64 11.14 2.92 3.88
CA ALA B 64 10.00 3.06 4.79
C ALA B 64 10.21 2.29 6.09
N ASP B 65 10.69 1.06 5.97
CA ASP B 65 10.91 0.21 7.13
C ASP B 65 12.01 0.78 8.02
N ALA B 66 13.00 1.39 7.39
CA ALA B 66 14.08 2.06 8.13
C ALA B 66 13.55 3.30 8.86
N LYS B 67 12.42 3.79 8.39
CA LYS B 67 11.77 4.93 9.03
C LYS B 67 10.71 4.46 10.02
N GLY B 68 10.53 3.15 10.10
CA GLY B 68 9.54 2.58 11.00
C GLY B 68 8.14 2.72 10.45
N GLY B 69 8.03 3.00 9.16
CA GLY B 69 6.74 3.17 8.54
C GLY B 69 6.22 1.90 7.92
N LYS B 70 4.90 1.74 7.91
CA LYS B 70 4.29 0.54 7.35
C LYS B 70 3.55 0.89 6.06
N TYR B 71 3.66 2.15 5.65
CA TYR B 71 2.97 2.64 4.47
C TYR B 71 3.82 3.72 3.81
N TYR B 72 3.84 3.74 2.48
CA TYR B 72 4.60 4.75 1.76
C TYR B 72 3.70 5.45 0.75
N HIS B 73 3.41 6.72 1.00
CA HIS B 73 2.46 7.46 0.19
C HIS B 73 3.18 8.18 -0.93
N ILE B 74 3.11 7.63 -2.13
CA ILE B 74 3.76 8.23 -3.29
C ILE B 74 3.00 9.48 -3.71
N ILE B 75 3.72 10.56 -3.93
CA ILE B 75 3.08 11.81 -4.33
C ILE B 75 3.57 12.26 -5.71
N ALA B 76 4.80 11.88 -6.06
CA ALA B 76 5.38 12.24 -7.35
C ALA B 76 6.48 11.26 -7.73
N ALA B 77 6.51 10.88 -9.00
CA ALA B 77 7.53 9.98 -9.51
C ALA B 77 7.71 10.16 -11.02
N ARG B 78 8.91 10.52 -11.43
CA ARG B 78 9.19 10.75 -12.85
C ARG B 78 10.60 10.30 -13.20
N GLU B 79 10.80 9.98 -14.47
CA GLU B 79 12.09 9.54 -14.97
C GLU B 79 13.00 10.75 -15.20
N HIS B 80 14.24 10.64 -14.75
CA HIS B 80 15.22 11.71 -14.91
C HIS B 80 16.43 11.21 -15.69
N GLY B 81 16.23 11.00 -16.99
CA GLY B 81 17.29 10.47 -17.83
C GLY B 81 17.67 9.06 -17.42
N PRO B 82 18.94 8.84 -17.04
CA PRO B 82 19.40 7.54 -16.54
C PRO B 82 19.02 7.30 -15.08
N ASN B 83 18.38 8.30 -14.48
CA ASN B 83 18.00 8.23 -13.08
C ASN B 83 16.48 8.21 -12.93
N PHE B 84 16.01 7.86 -11.76
CA PHE B 84 14.58 7.85 -11.48
C PHE B 84 14.29 8.62 -10.20
N GLU B 85 13.44 9.64 -10.32
CA GLU B 85 13.13 10.51 -9.19
C GLU B 85 11.73 10.20 -8.65
N ALA B 86 11.66 9.81 -7.38
CA ALA B 86 10.37 9.54 -6.75
C ALA B 86 10.33 10.12 -5.34
N VAL B 87 9.16 10.56 -4.91
CA VAL B 87 8.98 11.09 -3.57
C VAL B 87 7.79 10.41 -2.89
N ALA B 88 8.01 9.90 -1.69
CA ALA B 88 6.97 9.21 -0.95
C ALA B 88 6.98 9.62 0.52
N GLU B 89 5.80 9.68 1.11
CA GLU B 89 5.65 10.03 2.53
C GLU B 89 5.55 8.76 3.35
N VAL B 90 6.01 8.80 4.60
CA VAL B 90 5.95 7.63 5.47
C VAL B 90 4.96 7.88 6.61
N TYR B 91 3.96 6.99 6.74
CA TYR B 91 2.94 7.16 7.76
C TYR B 91 2.84 5.93 8.66
N ASN B 92 2.41 6.15 9.90
CA ASN B 92 2.07 5.08 10.84
C ASN B 92 0.60 5.16 11.21
N ASP B 93 0.06 4.05 11.73
CA ASP B 93 -1.32 4.02 12.22
C ASP B 93 -1.56 5.10 13.27
N ALA B 94 -2.71 5.76 13.16
CA ALA B 94 -3.09 6.78 14.13
C ALA B 94 -4.09 6.20 15.13
N THR B 95 -3.56 5.82 16.30
CA THR B 95 -4.36 5.21 17.35
C THR B 95 -4.83 3.80 16.96
N LYS B 96 -4.42 2.81 17.74
CA LYS B 96 -4.74 1.42 17.45
C LYS B 96 -6.19 1.10 17.83
N LEU B 97 -7.04 1.00 16.80
CA LEU B 97 -8.45 0.57 16.92
C LEU B 97 -9.13 1.04 18.22
N GLU B 98 -9.87 2.13 18.12
CA GLU B 98 -10.57 2.70 19.28
C GLU B 98 -11.47 1.69 19.97
N HIS B 99 -11.74 1.95 21.24
CA HIS B 99 -12.61 1.10 22.04
C HIS B 99 -13.71 1.94 22.69
N HIS B 100 -13.90 3.15 22.18
CA HIS B 100 -14.95 4.04 22.66
C HIS B 100 -16.33 3.41 22.42
N HIS B 101 -16.89 2.83 23.47
CA HIS B 101 -18.18 2.14 23.37
C HIS B 101 -19.31 3.14 23.40
N HIS B 102 -19.85 3.47 22.24
CA HIS B 102 -20.92 4.44 22.14
C HIS B 102 -22.25 3.77 21.89
N HIS B 103 -23.33 4.55 22.02
CA HIS B 103 -24.71 4.07 21.80
C HIS B 103 -25.16 3.14 22.92
N HIS B 104 -24.23 2.78 23.79
CA HIS B 104 -24.53 2.00 24.99
C HIS B 104 -23.34 2.06 25.93
#